data_8G30
#
_entry.id   8G30
#
_cell.length_a   1.00
_cell.length_b   1.00
_cell.length_c   1.00
_cell.angle_alpha   90.00
_cell.angle_beta   90.00
_cell.angle_gamma   90.00
#
_symmetry.space_group_name_H-M   'P 1'
#
loop_
_entity.id
_entity.type
_entity.pdbx_description
1 polymer 'FNI19 Fab heavy chain'
2 polymer 'FNI19 Fab light chain'
3 polymer Neuraminidase
4 branched beta-D-mannopyranose-(1-4)-2-acetamido-2-deoxy-beta-D-glucopyranose-(1-4)-2-acetamido-2-deoxy-beta-D-glucopyranose
5 branched alpha-D-mannopyranose-(1-6)-beta-D-mannopyranose-(1-4)-2-acetamido-2-deoxy-beta-D-glucopyranose-(1-4)-2-acetamido-2-deoxy-beta-D-glucopyranose
6 branched alpha-D-mannopyranose-(1-2)-alpha-D-mannopyranose-(1-3)-[alpha-D-mannopyranose-(1-3)-[alpha-D-mannopyranose-(1-6)]alpha-D-mannopyranose-(1-6)]beta-D-mannopyranose-(1-4)-2-acetamido-2-deoxy-beta-D-glucopyranose-(1-4)-2-acetamido-2-deoxy-beta-D-glucopyranose
7 branched 2-acetamido-2-deoxy-beta-D-glucopyranose-(1-4)-2-acetamido-2-deoxy-beta-D-glucopyranose
8 non-polymer 'CALCIUM ION'
#
loop_
_entity_poly.entity_id
_entity_poly.type
_entity_poly.pdbx_seq_one_letter_code
_entity_poly.pdbx_strand_id
1 'polypeptide(L)'
;QVQLVQSGAEVKRPGSSVRVSCKASEGTFNKYTLTWVRQAPGQGLEWMGGIIPISGIANYAQKFQGRVAITADESTTTAY
MELSSLRSEDSAVYYCATAVSDYFNRDLGWEDYYFPFWGQGTLVTVASASTKGPSVFPLAPSSKSTSGGTAALGCLVKDY
FPEPVTVSWNSGALTSGVHTFPAVLQSSGLYSLSSVVTVPSSSLGTQTYICNVNHKPSNTKVDKRVEPKSC
;
E,G,H,J
2 'polypeptide(L)'
;EIVMTQSPATLSVSPGARATLFCRASRSVSDNLAWYQQKPGQAPRLLIFGASTRATGVPARFSGSGSGTQFTLTISSLQS
EDFAVYYCQHYNIWPPWTFGQGTKVEIKRTVAAPSVFIFPPSDEQLKSGTASVVCLLNNFYPREAKVQWKVDNALQSGNS
QESVTEQDSKDSTYSLSSTLTLSKADYEKHKVYACEVTHQGLSSPVTKSFNRGEC
;
F,I,L,K
3 'polypeptide(L)'
;METDTLLLWVLLLWVPGSTGDHHHHHHGSGLNDIFEAQKIEWHEGSIINETADDIVYRLTVIIDDRYESLKNLITLRADR
LEMIINDNVSTILASGENLYFQGSAEYRNWSKPQCDITGFAPFSKDNSIRLSAGGDIWVTREPYVSCDPDKCYQFALGQG
TTLNNVHSNNTVRDRTPYRTLLMNELGVPFHLGTKQVCIAWSSSSCHDGKAWLHVCITGDDKNATASFIYNGRLVDSVVS
WSKEILRTQESECVCINGTCTVVMTDGSASGKADTKILFIEEGKIVHTSTLSGSAQHVEECSCYPRYPGVRCVCRDNWKG
SNRPIVDINIKDHSIVSSYVCSGLVGDTPRKNDSSSSSHCLDPNNEEGGHGVKGWAFDDGNDVWMGRTINETSRLGYETF
KVIEGWSNPKSKLQINRQVIVDRGNRSGYSGIFSVEGKSCINRCFYVELIRGRKEETEVLWTSNSIVVFCGTSGTYGTGS
WPDGADLNLMPI
;
M,N,O,P
#
loop_
_chem_comp.id
_chem_comp.type
_chem_comp.name
_chem_comp.formula
BMA D-saccharide, beta linking beta-D-mannopyranose 'C6 H12 O6'
CA non-polymer 'CALCIUM ION' 'Ca 2'
MAN D-saccharide, alpha linking alpha-D-mannopyranose 'C6 H12 O6'
NAG D-saccharide, beta linking 2-acetamido-2-deoxy-beta-D-glucopyranose 'C8 H15 N O6'
#
# COMPACT_ATOMS: atom_id res chain seq x y z
N VAL A 2 -42.43 12.06 -23.50
CA VAL A 2 -43.08 10.68 -23.27
C VAL A 2 -44.60 10.80 -23.45
N GLN A 3 -45.22 9.73 -23.94
CA GLN A 3 -46.70 9.65 -24.09
C GLN A 3 -47.23 8.38 -23.43
N LEU A 4 -48.43 8.48 -22.87
CA LEU A 4 -49.17 7.33 -22.29
C LEU A 4 -50.64 7.44 -22.70
N VAL A 5 -51.24 6.30 -23.04
CA VAL A 5 -52.65 6.23 -23.50
C VAL A 5 -53.29 5.05 -22.77
N GLN A 6 -54.53 5.21 -22.33
CA GLN A 6 -55.17 4.18 -21.48
C GLN A 6 -56.45 3.61 -22.12
N SER A 7 -56.81 2.39 -21.70
CA SER A 7 -58.08 1.71 -22.03
C SER A 7 -59.28 2.62 -21.76
N GLY A 8 -60.32 2.50 -22.57
CA GLY A 8 -61.58 3.27 -22.43
C GLY A 8 -62.28 3.03 -21.10
N ALA A 9 -63.33 3.81 -20.85
CA ALA A 9 -64.11 3.82 -19.59
C ALA A 9 -64.65 2.43 -19.23
N GLU A 10 -64.95 2.25 -17.95
CA GLU A 10 -65.44 0.96 -17.39
C GLU A 10 -66.67 1.15 -16.51
N VAL A 11 -67.56 0.17 -16.58
CA VAL A 11 -68.69 0.03 -15.63
C VAL A 11 -68.66 -1.42 -15.15
N LYS A 12 -68.69 -1.65 -13.84
CA LYS A 12 -68.41 -3.00 -13.29
C LYS A 12 -69.27 -3.33 -12.08
N ARG A 13 -69.58 -4.63 -11.93
CA ARG A 13 -70.45 -5.17 -10.85
C ARG A 13 -69.60 -5.33 -9.58
N PRO A 14 -70.10 -5.06 -8.36
CA PRO A 14 -69.34 -5.29 -7.13
C PRO A 14 -68.81 -6.74 -6.98
N GLY A 15 -67.69 -6.89 -6.26
CA GLY A 15 -67.01 -8.18 -6.07
C GLY A 15 -66.19 -8.64 -7.28
N SER A 16 -66.42 -8.05 -8.46
CA SER A 16 -65.64 -8.33 -9.70
C SER A 16 -64.21 -7.77 -9.62
N SER A 17 -63.41 -8.02 -10.66
CA SER A 17 -62.19 -7.23 -10.95
C SER A 17 -62.39 -6.32 -12.18
N VAL A 18 -61.51 -5.34 -12.33
CA VAL A 18 -61.43 -4.45 -13.54
C VAL A 18 -59.97 -4.39 -13.95
N ARG A 19 -59.68 -4.33 -15.25
CA ARG A 19 -58.28 -4.40 -15.72
C ARG A 19 -58.01 -3.25 -16.67
N VAL A 20 -57.64 -2.11 -16.09
CA VAL A 20 -57.27 -0.88 -16.83
C VAL A 20 -55.90 -1.11 -17.47
N SER A 21 -55.71 -0.67 -18.70
CA SER A 21 -54.42 -0.79 -19.42
C SER A 21 -53.86 0.59 -19.75
N CYS A 22 -52.55 0.66 -19.93
CA CYS A 22 -51.84 1.92 -20.25
C CYS A 22 -50.69 1.61 -21.19
N LYS A 23 -50.82 1.99 -22.46
CA LYS A 23 -49.72 1.86 -23.43
C LYS A 23 -48.83 3.08 -23.30
N ALA A 24 -47.61 2.87 -22.86
CA ALA A 24 -46.59 3.92 -22.76
C ALA A 24 -45.73 3.92 -24.03
N SER A 25 -45.07 5.04 -24.30
CA SER A 25 -44.13 5.21 -25.43
C SER A 25 -42.95 4.22 -25.31
N GLU A 26 -42.31 3.91 -26.42
CA GLU A 26 -41.14 3.00 -26.53
C GLU A 26 -40.09 3.26 -25.43
N GLY A 27 -39.64 2.19 -24.76
CA GLY A 27 -38.55 2.21 -23.76
C GLY A 27 -38.93 2.83 -22.42
N THR A 28 -40.17 3.29 -22.22
CA THR A 28 -40.57 4.00 -20.98
C THR A 28 -40.30 3.14 -19.74
N PHE A 29 -40.65 1.86 -19.77
CA PHE A 29 -40.55 1.00 -18.58
C PHE A 29 -39.10 0.70 -18.20
N ASN A 30 -38.12 1.13 -19.00
CA ASN A 30 -36.69 0.94 -18.68
C ASN A 30 -36.12 2.19 -18.00
N LYS A 31 -36.90 3.28 -17.91
CA LYS A 31 -36.40 4.59 -17.43
C LYS A 31 -37.22 5.10 -16.24
N TYR A 32 -38.55 5.09 -16.32
CA TYR A 32 -39.43 5.61 -15.26
C TYR A 32 -40.18 4.48 -14.57
N THR A 33 -40.30 4.52 -13.25
CA THR A 33 -41.25 3.63 -12.53
C THR A 33 -42.63 3.90 -13.12
N LEU A 34 -43.39 2.88 -13.48
CA LEU A 34 -44.80 3.16 -13.88
C LEU A 34 -45.68 3.03 -12.66
N THR A 35 -46.66 3.91 -12.54
CA THR A 35 -47.51 3.96 -11.33
C THR A 35 -48.96 4.17 -11.71
N TRP A 36 -49.82 3.76 -10.81
CA TRP A 36 -51.27 3.99 -10.96
C TRP A 36 -51.74 4.93 -9.85
N VAL A 37 -52.37 6.03 -10.24
CA VAL A 37 -52.88 7.02 -9.27
C VAL A 37 -54.38 7.24 -9.51
N ARG A 38 -55.15 7.08 -8.44
CA ARG A 38 -56.63 7.17 -8.43
C ARG A 38 -57.11 8.58 -8.13
N GLN A 39 -58.29 8.93 -8.62
CA GLN A 39 -58.99 10.17 -8.20
C GLN A 39 -60.49 9.88 -8.06
N ALA A 40 -60.94 9.61 -6.83
CA ALA A 40 -62.37 9.39 -6.51
C ALA A 40 -63.10 10.72 -6.76
N PRO A 41 -64.38 10.71 -7.20
CA PRO A 41 -64.98 11.83 -7.94
C PRO A 41 -64.84 13.26 -7.35
N GLY A 42 -65.01 13.44 -6.04
CA GLY A 42 -64.85 14.75 -5.36
C GLY A 42 -63.55 14.87 -4.57
N GLN A 43 -62.77 13.80 -4.49
CA GLN A 43 -61.64 13.58 -3.55
C GLN A 43 -60.29 14.00 -4.16
N GLY A 44 -59.24 13.83 -3.35
CA GLY A 44 -57.84 14.04 -3.78
C GLY A 44 -57.23 12.79 -4.41
N LEU A 45 -56.05 12.99 -5.01
CA LEU A 45 -55.26 11.94 -5.69
C LEU A 45 -54.78 10.90 -4.68
N GLU A 46 -54.64 9.67 -5.11
CA GLU A 46 -54.33 8.53 -4.23
C GLU A 46 -53.53 7.49 -5.00
N TRP A 47 -52.25 7.42 -4.72
CA TRP A 47 -51.32 6.48 -5.39
C TRP A 47 -51.64 5.05 -4.95
N MET A 48 -51.79 4.14 -5.90
CA MET A 48 -52.10 2.71 -5.63
C MET A 48 -50.84 1.86 -5.59
N GLY A 49 -49.85 2.23 -6.39
CA GLY A 49 -48.62 1.42 -6.49
C GLY A 49 -47.87 1.72 -7.75
N GLY A 50 -46.76 1.02 -7.93
CA GLY A 50 -45.96 1.18 -9.15
C GLY A 50 -45.01 0.03 -9.35
N ILE A 51 -44.31 0.06 -10.48
CA ILE A 51 -43.42 -1.04 -10.91
C ILE A 51 -42.06 -0.44 -11.29
N ILE A 52 -41.00 -1.00 -10.71
CA ILE A 52 -39.61 -0.46 -10.75
C ILE A 52 -39.02 -0.75 -12.14
N PRO A 53 -38.40 0.25 -12.80
CA PRO A 53 -38.03 0.17 -14.21
C PRO A 53 -36.74 -0.57 -14.58
N ILE A 54 -36.35 -1.61 -13.85
CA ILE A 54 -35.43 -2.65 -14.40
C ILE A 54 -35.94 -4.01 -13.98
N SER A 55 -36.06 -4.19 -12.68
CA SER A 55 -36.45 -5.46 -12.02
C SER A 55 -37.93 -5.82 -12.25
N GLY A 56 -38.77 -4.85 -12.62
CA GLY A 56 -40.21 -5.08 -12.77
C GLY A 56 -40.86 -5.48 -11.46
N ILE A 57 -40.18 -5.26 -10.34
CA ILE A 57 -40.77 -5.48 -8.99
C ILE A 57 -41.82 -4.42 -8.78
N ALA A 58 -42.99 -4.78 -8.26
CA ALA A 58 -44.06 -3.79 -8.03
C ALA A 58 -44.33 -3.63 -6.54
N ASN A 59 -44.61 -2.39 -6.16
CA ASN A 59 -44.84 -1.98 -4.76
C ASN A 59 -46.20 -1.29 -4.68
N TYR A 60 -47.00 -1.66 -3.68
CA TYR A 60 -48.42 -1.21 -3.59
C TYR A 60 -48.68 -0.43 -2.32
N ALA A 61 -49.64 0.49 -2.40
CA ALA A 61 -50.10 1.30 -1.26
C ALA A 61 -50.85 0.42 -0.24
N GLN A 62 -50.82 0.80 1.03
CA GLN A 62 -51.44 0.04 2.15
C GLN A 62 -52.88 -0.37 1.82
N LYS A 63 -53.69 0.58 1.34
CA LYS A 63 -55.14 0.40 1.08
C LYS A 63 -55.43 -0.63 -0.01
N PHE A 64 -54.48 -0.89 -0.90
CA PHE A 64 -54.70 -1.74 -2.09
C PHE A 64 -53.86 -3.01 -2.07
N GLN A 65 -52.87 -3.10 -1.21
CA GLN A 65 -51.95 -4.26 -1.14
C GLN A 65 -52.77 -5.52 -0.88
N GLY A 66 -52.51 -6.54 -1.70
CA GLY A 66 -53.21 -7.83 -1.64
C GLY A 66 -54.47 -7.89 -2.50
N ARG A 67 -54.88 -6.80 -3.16
CA ARG A 67 -56.05 -6.89 -4.10
C ARG A 67 -55.79 -6.20 -5.45
N VAL A 68 -54.85 -5.26 -5.57
CA VAL A 68 -54.37 -4.81 -6.91
C VAL A 68 -53.24 -5.73 -7.37
N ALA A 69 -53.13 -5.85 -8.67
CA ALA A 69 -51.94 -6.39 -9.34
C ALA A 69 -51.52 -5.37 -10.40
N ILE A 70 -50.26 -4.98 -10.37
CA ILE A 70 -49.69 -4.10 -11.44
C ILE A 70 -48.64 -4.93 -12.17
N THR A 71 -48.72 -4.93 -13.49
CA THR A 71 -47.81 -5.74 -14.32
C THR A 71 -47.53 -4.99 -15.62
N ALA A 72 -46.41 -5.25 -16.25
CA ALA A 72 -46.00 -4.53 -17.48
C ALA A 72 -45.29 -5.48 -18.45
N ASP A 73 -45.33 -5.12 -19.72
CA ASP A 73 -44.79 -5.95 -20.83
C ASP A 73 -44.10 -5.03 -21.85
N GLU A 74 -42.78 -5.16 -21.97
CA GLU A 74 -41.97 -4.36 -22.91
C GLU A 74 -42.24 -4.77 -24.37
N SER A 75 -42.81 -5.95 -24.63
CA SER A 75 -43.11 -6.39 -26.02
C SER A 75 -44.15 -5.45 -26.64
N THR A 76 -45.04 -4.92 -25.82
CA THR A 76 -46.16 -4.02 -26.21
C THR A 76 -46.01 -2.63 -25.59
N THR A 77 -45.05 -2.46 -24.66
CA THR A 77 -44.92 -1.29 -23.73
C THR A 77 -46.29 -0.91 -23.16
N THR A 78 -47.05 -1.92 -22.76
CA THR A 78 -48.31 -1.72 -22.00
C THR A 78 -48.12 -2.18 -20.58
N ALA A 79 -48.70 -1.44 -19.66
CA ALA A 79 -48.79 -1.84 -18.24
C ALA A 79 -50.26 -1.92 -17.89
N TYR A 80 -50.59 -2.78 -16.95
CA TYR A 80 -51.99 -3.07 -16.59
C TYR A 80 -52.14 -3.00 -15.09
N MET A 81 -53.27 -2.50 -14.65
CA MET A 81 -53.67 -2.61 -13.24
C MET A 81 -54.92 -3.46 -13.20
N GLU A 82 -54.86 -4.61 -12.55
CA GLU A 82 -56.09 -5.35 -12.23
C GLU A 82 -56.45 -5.05 -10.79
N LEU A 83 -57.62 -4.47 -10.58
CA LEU A 83 -58.14 -4.16 -9.23
C LEU A 83 -59.24 -5.17 -8.91
N SER A 84 -59.06 -5.97 -7.85
CA SER A 84 -59.96 -7.07 -7.42
C SER A 84 -60.96 -6.61 -6.34
N SER A 85 -62.03 -7.39 -6.15
CA SER A 85 -63.01 -7.23 -5.04
C SER A 85 -63.56 -5.79 -5.01
N LEU A 86 -63.90 -5.26 -6.20
CA LEU A 86 -64.42 -3.89 -6.41
C LEU A 86 -65.65 -3.61 -5.54
N ARG A 87 -65.71 -2.41 -4.97
CA ARG A 87 -66.91 -1.88 -4.26
C ARG A 87 -67.08 -0.41 -4.67
N SER A 88 -68.23 0.21 -4.42
CA SER A 88 -68.55 1.55 -4.97
C SER A 88 -67.50 2.60 -4.58
N GLU A 89 -66.77 2.40 -3.47
CA GLU A 89 -65.61 3.24 -3.04
C GLU A 89 -64.57 3.34 -4.18
N ASP A 90 -64.44 2.28 -4.98
CA ASP A 90 -63.46 2.19 -6.07
C ASP A 90 -63.95 2.92 -7.33
N SER A 91 -65.17 3.45 -7.37
CA SER A 91 -65.62 4.33 -8.47
C SER A 91 -64.72 5.56 -8.50
N ALA A 92 -63.87 5.67 -9.52
CA ALA A 92 -62.87 6.74 -9.60
C ALA A 92 -62.27 6.84 -11.00
N VAL A 93 -61.59 7.94 -11.29
CA VAL A 93 -60.70 7.99 -12.48
C VAL A 93 -59.37 7.35 -12.10
N TYR A 94 -58.84 6.47 -12.93
CA TYR A 94 -57.53 5.80 -12.70
C TYR A 94 -56.58 6.35 -13.76
N TYR A 95 -55.50 6.98 -13.32
CA TYR A 95 -54.43 7.49 -14.21
C TYR A 95 -53.22 6.57 -14.10
N CYS A 96 -52.62 6.19 -15.21
CA CYS A 96 -51.23 5.68 -15.18
C CYS A 96 -50.31 6.89 -15.23
N ALA A 97 -49.21 6.86 -14.49
CA ALA A 97 -48.23 7.96 -14.57
C ALA A 97 -46.82 7.41 -14.38
N THR A 98 -45.88 8.01 -15.10
CA THR A 98 -44.44 7.80 -14.89
C THR A 98 -44.06 8.37 -13.54
N ALA A 99 -43.17 7.73 -12.79
CA ALA A 99 -42.56 8.33 -11.60
C ALA A 99 -41.06 8.35 -11.83
N VAL A 100 -40.40 9.48 -11.62
CA VAL A 100 -38.95 9.64 -11.94
C VAL A 100 -38.08 8.65 -11.16
N SER A 101 -38.57 8.05 -10.09
CA SER A 101 -37.80 7.09 -9.29
C SER A 101 -37.30 5.95 -10.18
N ASP A 102 -35.99 5.82 -10.37
CA ASP A 102 -35.38 4.71 -11.16
C ASP A 102 -35.24 3.45 -10.32
N TYR A 103 -35.09 3.56 -9.00
CA TYR A 103 -34.38 2.55 -8.20
C TYR A 103 -34.79 2.66 -6.74
N PHE A 104 -34.75 1.53 -6.05
CA PHE A 104 -35.10 1.42 -4.62
C PHE A 104 -33.91 0.91 -3.82
N ASN A 105 -33.39 1.73 -2.89
CA ASN A 105 -32.36 1.25 -1.93
C ASN A 105 -33.06 0.45 -0.85
N ARG A 106 -32.66 -0.77 -0.60
CA ARG A 106 -33.35 -1.58 0.43
C ARG A 106 -33.19 -0.92 1.81
N ASP A 107 -32.24 -0.03 1.98
CA ASP A 107 -32.05 0.77 3.20
C ASP A 107 -32.64 2.20 3.10
N LEU A 108 -32.26 2.98 2.11
CA LEU A 108 -32.60 4.41 2.02
C LEU A 108 -33.93 4.69 1.29
N GLY A 109 -34.75 3.68 0.97
CA GLY A 109 -36.04 3.91 0.27
C GLY A 109 -35.91 4.43 -1.17
N TRP A 110 -36.83 5.31 -1.57
CA TRP A 110 -36.96 5.83 -2.95
C TRP A 110 -36.54 7.29 -3.04
N GLU A 111 -35.81 7.65 -4.08
CA GLU A 111 -35.66 9.08 -4.46
C GLU A 111 -36.70 9.41 -5.54
N ASP A 112 -37.00 10.69 -5.69
CA ASP A 112 -37.67 11.32 -6.87
C ASP A 112 -39.00 10.66 -7.26
N TYR A 113 -39.82 10.21 -6.33
CA TYR A 113 -41.13 9.61 -6.69
C TYR A 113 -42.16 10.71 -6.93
N TYR A 114 -41.99 11.47 -7.98
CA TYR A 114 -42.97 12.46 -8.46
C TYR A 114 -43.32 12.18 -9.92
N PHE A 115 -44.46 12.66 -10.36
CA PHE A 115 -45.13 12.16 -11.59
C PHE A 115 -45.09 13.18 -12.73
N PRO A 116 -44.05 13.22 -13.60
CA PRO A 116 -43.98 14.22 -14.65
C PRO A 116 -44.95 13.97 -15.83
N PHE A 117 -45.24 12.71 -16.16
CA PHE A 117 -46.14 12.37 -17.29
C PHE A 117 -47.29 11.45 -16.85
N TRP A 118 -48.49 11.81 -17.29
CA TRP A 118 -49.78 11.20 -16.89
C TRP A 118 -50.54 10.73 -18.12
N GLY A 119 -51.22 9.58 -18.03
CA GLY A 119 -52.17 9.11 -19.05
C GLY A 119 -53.42 9.98 -19.09
N GLN A 120 -54.31 9.78 -20.06
CA GLN A 120 -55.53 10.62 -20.20
C GLN A 120 -56.53 10.28 -19.08
N GLY A 121 -56.33 9.20 -18.32
CA GLY A 121 -57.24 8.81 -17.24
C GLY A 121 -58.42 7.97 -17.73
N THR A 122 -58.67 6.85 -17.06
CA THR A 122 -59.77 5.91 -17.36
C THR A 122 -60.82 6.05 -16.28
N LEU A 123 -62.04 6.45 -16.63
CA LEU A 123 -63.15 6.49 -15.65
C LEU A 123 -63.62 5.06 -15.37
N VAL A 124 -63.55 4.63 -14.11
CA VAL A 124 -64.12 3.33 -13.65
C VAL A 124 -65.32 3.64 -12.76
N THR A 125 -66.43 2.94 -12.99
CA THR A 125 -67.66 3.11 -12.18
C THR A 125 -68.07 1.75 -11.62
N VAL A 126 -68.43 1.70 -10.35
CA VAL A 126 -68.67 0.42 -9.64
C VAL A 126 -70.03 0.46 -8.96
N ALA A 127 -71.01 -0.17 -9.58
CA ALA A 127 -72.43 -0.09 -9.15
C ALA A 127 -73.20 -1.36 -9.54
N SER A 128 -74.20 -1.71 -8.73
CA SER A 128 -75.14 -2.83 -8.97
C SER A 128 -76.23 -2.42 -9.98
N ALA A 129 -76.41 -1.14 -10.26
CA ALA A 129 -77.40 -0.60 -11.23
C ALA A 129 -77.14 -1.14 -12.65
N SER A 130 -78.14 -1.13 -13.52
CA SER A 130 -78.08 -1.69 -14.89
C SER A 130 -78.18 -0.58 -15.94
N GLU B 1 -47.67 7.17 7.99
CA GLU B 1 -48.24 7.87 6.80
C GLU B 1 -48.21 9.39 7.03
N ILE B 2 -47.41 10.11 6.28
CA ILE B 2 -47.32 11.59 6.40
C ILE B 2 -48.61 12.19 5.85
N VAL B 3 -49.19 13.15 6.55
CA VAL B 3 -50.45 13.80 6.10
C VAL B 3 -50.13 15.19 5.56
N MET B 4 -50.44 15.38 4.28
CA MET B 4 -50.30 16.71 3.63
C MET B 4 -51.59 17.49 3.86
N THR B 5 -51.48 18.79 4.08
CA THR B 5 -52.65 19.66 4.34
C THR B 5 -52.48 20.93 3.53
N GLN B 6 -53.53 21.38 2.85
CA GLN B 6 -53.44 22.62 2.03
C GLN B 6 -54.44 23.66 2.49
N SER B 7 -54.06 24.91 2.39
CA SER B 7 -54.96 26.02 2.75
C SER B 7 -54.66 27.27 1.92
N PRO B 8 -55.69 28.11 1.66
CA PRO B 8 -57.09 27.80 1.96
C PRO B 8 -57.64 26.80 0.93
N ALA B 9 -58.76 26.14 1.23
CA ALA B 9 -59.37 25.14 0.33
C ALA B 9 -59.78 25.80 -0.99
N THR B 10 -60.24 27.05 -0.94
CA THR B 10 -60.79 27.78 -2.11
C THR B 10 -60.17 29.18 -2.16
N LEU B 11 -58.98 29.27 -2.73
CA LEU B 11 -58.21 30.53 -2.81
C LEU B 11 -58.76 31.39 -3.96
N SER B 12 -59.84 32.11 -3.71
CA SER B 12 -60.48 32.96 -4.75
C SER B 12 -59.60 34.18 -5.02
N VAL B 13 -59.14 34.34 -6.26
CA VAL B 13 -58.13 35.37 -6.68
C VAL B 13 -58.56 35.97 -8.02
N SER B 14 -58.36 37.27 -8.23
CA SER B 14 -58.73 37.92 -9.51
C SER B 14 -57.65 37.70 -10.57
N PRO B 15 -58.00 37.75 -11.89
CA PRO B 15 -57.00 37.68 -12.95
C PRO B 15 -55.99 38.84 -12.87
N GLY B 16 -54.76 38.55 -13.28
CA GLY B 16 -53.61 39.48 -13.20
C GLY B 16 -52.98 39.51 -11.81
N ALA B 17 -53.75 39.25 -10.74
CA ALA B 17 -53.26 39.30 -9.34
C ALA B 17 -52.31 38.12 -9.03
N ARG B 18 -51.63 38.16 -7.89
CA ARG B 18 -50.80 37.05 -7.37
C ARG B 18 -51.63 36.13 -6.47
N ALA B 19 -51.35 34.82 -6.52
CA ALA B 19 -51.88 33.82 -5.57
C ALA B 19 -50.72 33.12 -4.87
N THR B 20 -50.90 32.75 -3.60
CA THR B 20 -49.93 31.86 -2.90
C THR B 20 -50.70 30.75 -2.18
N LEU B 21 -50.32 29.52 -2.45
CA LEU B 21 -50.99 28.31 -1.92
C LEU B 21 -50.07 27.66 -0.90
N PHE B 22 -50.58 27.39 0.30
CA PHE B 22 -49.75 26.85 1.39
C PHE B 22 -49.95 25.35 1.48
N CYS B 23 -48.86 24.66 1.79
CA CYS B 23 -48.93 23.21 2.04
C CYS B 23 -48.11 22.87 3.28
N ARG B 24 -48.69 22.05 4.16
CA ARG B 24 -48.09 21.59 5.43
C ARG B 24 -47.92 20.09 5.36
N ALA B 25 -46.91 19.56 6.04
CA ALA B 25 -46.71 18.11 6.18
C ALA B 25 -46.72 17.74 7.67
N SER B 26 -47.30 16.60 8.03
CA SER B 26 -47.41 16.19 9.45
C SER B 26 -46.04 15.92 10.09
N ARG B 27 -44.98 15.78 9.28
CA ARG B 27 -43.58 15.88 9.79
C ARG B 27 -42.68 16.39 8.66
N SER B 28 -41.42 16.69 8.95
CA SER B 28 -40.50 17.24 7.94
C SER B 28 -40.36 16.27 6.77
N VAL B 29 -40.61 16.78 5.56
CA VAL B 29 -40.42 16.02 4.29
C VAL B 29 -39.19 16.55 3.55
N SER B 30 -38.28 17.26 4.23
CA SER B 30 -37.09 17.84 3.58
C SER B 30 -37.54 18.71 2.40
N ASP B 31 -36.85 18.69 1.26
CA ASP B 31 -37.30 19.41 0.04
C ASP B 31 -38.00 18.44 -0.91
N ASN B 32 -38.29 17.22 -0.46
CA ASN B 32 -38.92 16.15 -1.28
C ASN B 32 -40.41 16.45 -1.40
N LEU B 33 -40.76 17.47 -2.16
CA LEU B 33 -42.17 17.82 -2.36
C LEU B 33 -42.42 18.33 -3.77
N ALA B 34 -43.63 18.08 -4.28
CA ALA B 34 -44.03 18.47 -5.65
C ALA B 34 -45.42 19.09 -5.65
N TRP B 35 -45.72 19.84 -6.70
CA TRP B 35 -47.01 20.53 -6.88
C TRP B 35 -47.60 20.19 -8.23
N TYR B 36 -48.87 19.80 -8.29
CA TYR B 36 -49.58 19.45 -9.54
C TYR B 36 -50.76 20.36 -9.79
N GLN B 37 -50.77 21.04 -10.94
CA GLN B 37 -51.95 21.74 -11.46
C GLN B 37 -52.93 20.73 -12.02
N GLN B 38 -54.23 21.00 -11.99
CA GLN B 38 -55.22 20.11 -12.66
C GLN B 38 -56.40 20.93 -13.14
N LYS B 39 -56.54 21.11 -14.46
CA LYS B 39 -57.75 21.74 -15.04
C LYS B 39 -58.90 20.76 -14.82
N PRO B 40 -60.16 21.22 -14.70
CA PRO B 40 -61.29 20.31 -14.53
C PRO B 40 -61.39 19.30 -15.69
N GLY B 41 -61.23 18.01 -15.35
CA GLY B 41 -61.37 16.89 -16.30
C GLY B 41 -60.05 16.44 -16.93
N GLN B 42 -58.98 17.22 -16.86
CA GLN B 42 -57.67 16.81 -17.44
C GLN B 42 -56.86 16.00 -16.42
N ALA B 43 -55.81 15.33 -16.88
CA ALA B 43 -54.85 14.65 -15.97
C ALA B 43 -54.05 15.71 -15.23
N PRO B 44 -53.53 15.43 -14.01
CA PRO B 44 -52.68 16.39 -13.32
C PRO B 44 -51.42 16.74 -14.13
N ARG B 45 -50.86 17.92 -13.90
CA ARG B 45 -49.66 18.47 -14.60
C ARG B 45 -48.63 18.84 -13.54
N LEU B 46 -47.45 18.22 -13.55
CA LEU B 46 -46.38 18.57 -12.58
C LEU B 46 -45.96 20.00 -12.80
N LEU B 47 -45.95 20.83 -11.76
CA LEU B 47 -45.41 22.23 -11.86
C LEU B 47 -44.06 22.33 -11.17
N ILE B 48 -43.96 21.87 -9.93
CA ILE B 48 -42.72 22.05 -9.13
C ILE B 48 -42.31 20.67 -8.58
N PHE B 49 -41.02 20.43 -8.44
CA PHE B 49 -40.50 19.25 -7.69
C PHE B 49 -39.29 19.72 -6.90
N GLY B 50 -38.82 18.92 -5.95
CA GLY B 50 -37.76 19.34 -5.01
C GLY B 50 -38.11 20.65 -4.31
N ALA B 51 -39.40 20.85 -4.04
CA ALA B 51 -40.01 22.03 -3.41
C ALA B 51 -39.79 23.34 -4.18
N SER B 52 -38.84 23.44 -5.13
CA SER B 52 -38.55 24.73 -5.82
C SER B 52 -38.19 24.59 -7.31
N THR B 53 -37.76 23.42 -7.79
CA THR B 53 -37.38 23.24 -9.22
C THR B 53 -38.63 23.23 -10.10
N ARG B 54 -38.72 24.08 -11.11
CA ARG B 54 -39.89 24.05 -12.04
C ARG B 54 -39.75 22.83 -12.97
N ALA B 55 -40.86 22.18 -13.30
CA ALA B 55 -40.87 21.07 -14.28
C ALA B 55 -40.78 21.61 -15.72
N THR B 56 -40.63 20.70 -16.66
CA THR B 56 -40.25 20.98 -18.07
C THR B 56 -41.16 22.03 -18.71
N GLY B 57 -42.48 21.86 -18.66
CA GLY B 57 -43.42 22.70 -19.42
C GLY B 57 -43.85 23.96 -18.68
N VAL B 58 -43.11 24.43 -17.67
CA VAL B 58 -43.70 25.36 -16.66
C VAL B 58 -43.19 26.78 -16.85
N PRO B 59 -44.08 27.78 -17.08
CA PRO B 59 -43.66 29.15 -17.28
C PRO B 59 -43.18 29.81 -15.98
N ALA B 60 -42.44 30.91 -16.14
CA ALA B 60 -41.78 31.68 -15.05
C ALA B 60 -42.75 32.08 -13.94
N ARG B 61 -44.03 32.30 -14.27
CA ARG B 61 -45.03 32.86 -13.32
C ARG B 61 -45.37 31.87 -12.19
N PHE B 62 -44.95 30.61 -12.24
CA PHE B 62 -45.13 29.65 -11.12
C PHE B 62 -43.79 29.45 -10.42
N SER B 63 -43.72 29.68 -9.12
CA SER B 63 -42.46 29.50 -8.37
C SER B 63 -42.77 28.87 -7.01
N GLY B 64 -42.00 27.83 -6.68
CA GLY B 64 -42.17 27.09 -5.41
C GLY B 64 -41.10 27.46 -4.42
N SER B 65 -41.45 27.42 -3.13
CA SER B 65 -40.53 27.77 -2.03
C SER B 65 -40.88 27.02 -0.75
N GLY B 66 -39.91 26.95 0.15
CA GLY B 66 -40.07 26.30 1.45
C GLY B 66 -39.26 25.03 1.57
N SER B 67 -39.18 24.50 2.78
CA SER B 67 -38.48 23.24 3.10
C SER B 67 -38.91 22.78 4.49
N GLY B 68 -38.71 21.50 4.77
CA GLY B 68 -39.06 20.89 6.07
C GLY B 68 -40.54 20.58 6.15
N THR B 69 -41.32 21.36 6.88
CA THR B 69 -42.76 21.06 7.13
C THR B 69 -43.67 22.02 6.40
N GLN B 70 -43.19 23.17 5.91
CA GLN B 70 -44.10 24.17 5.29
C GLN B 70 -43.57 24.65 3.95
N PHE B 71 -44.48 24.72 2.98
CA PHE B 71 -44.16 24.97 1.55
C PHE B 71 -45.19 25.88 0.94
N THR B 72 -44.79 26.61 -0.08
CA THR B 72 -45.69 27.55 -0.79
C THR B 72 -45.48 27.46 -2.30
N LEU B 73 -46.58 27.48 -3.04
CA LEU B 73 -46.54 27.72 -4.49
C LEU B 73 -46.99 29.17 -4.70
N THR B 74 -46.18 29.93 -5.39
CA THR B 74 -46.49 31.35 -5.72
C THR B 74 -46.78 31.45 -7.22
N ILE B 75 -47.87 32.12 -7.54
CA ILE B 75 -48.34 32.28 -8.94
C ILE B 75 -48.39 33.80 -9.15
N SER B 76 -47.34 34.36 -9.75
CA SER B 76 -46.97 35.81 -9.66
C SER B 76 -48.00 36.72 -10.34
N SER B 77 -48.68 36.27 -11.38
CA SER B 77 -49.73 37.05 -12.08
C SER B 77 -50.62 36.08 -12.84
N LEU B 78 -51.84 35.85 -12.35
CA LEU B 78 -52.69 34.76 -12.91
C LEU B 78 -53.27 35.11 -14.29
N GLN B 79 -52.98 34.24 -15.24
CA GLN B 79 -53.68 34.17 -16.55
C GLN B 79 -54.97 33.36 -16.36
N SER B 80 -55.94 33.46 -17.26
CA SER B 80 -57.18 32.63 -17.19
C SER B 80 -56.84 31.12 -17.20
N GLU B 81 -55.65 30.77 -17.70
CA GLU B 81 -55.10 29.39 -17.73
C GLU B 81 -54.90 28.83 -16.33
N ASP B 82 -54.71 29.66 -15.32
CA ASP B 82 -54.17 29.23 -14.00
C ASP B 82 -55.27 28.79 -13.01
N PHE B 83 -56.53 29.14 -13.27
CA PHE B 83 -57.65 28.81 -12.36
C PHE B 83 -57.92 27.32 -12.48
N ALA B 84 -57.46 26.58 -11.48
CA ALA B 84 -57.39 25.10 -11.46
C ALA B 84 -57.35 24.60 -10.02
N VAL B 85 -57.50 23.30 -9.83
CA VAL B 85 -57.14 22.68 -8.52
C VAL B 85 -55.63 22.50 -8.51
N TYR B 86 -55.00 22.71 -7.36
CA TYR B 86 -53.55 22.46 -7.18
C TYR B 86 -53.36 21.48 -6.04
N TYR B 87 -52.66 20.39 -6.30
CA TYR B 87 -52.39 19.33 -5.31
C TYR B 87 -50.93 19.39 -4.94
N CYS B 88 -50.69 19.37 -3.65
CA CYS B 88 -49.36 19.21 -3.03
C CYS B 88 -49.04 17.72 -2.94
N GLN B 89 -47.79 17.31 -2.89
CA GLN B 89 -47.46 15.87 -2.74
C GLN B 89 -46.05 15.68 -2.22
N HIS B 90 -45.87 14.91 -1.17
CA HIS B 90 -44.50 14.61 -0.71
C HIS B 90 -44.01 13.38 -1.42
N TYR B 91 -42.68 13.29 -1.55
CA TYR B 91 -42.05 12.07 -2.08
C TYR B 91 -40.85 11.69 -1.24
N ASN B 92 -40.94 12.02 0.04
CA ASN B 92 -39.83 11.92 1.01
C ASN B 92 -39.56 10.48 1.46
N ILE B 93 -38.56 9.84 0.87
CA ILE B 93 -37.94 8.59 1.37
C ILE B 93 -38.88 7.37 1.27
N TRP B 94 -40.13 7.42 1.71
CA TRP B 94 -40.90 6.17 1.91
C TRP B 94 -42.40 6.33 1.65
N PRO B 95 -43.11 5.26 1.20
CA PRO B 95 -44.54 5.32 0.97
C PRO B 95 -45.36 5.53 2.23
N PRO B 96 -46.64 5.94 2.10
CA PRO B 96 -47.25 6.32 0.83
C PRO B 96 -46.94 7.74 0.40
N TRP B 97 -46.91 7.95 -0.90
CA TRP B 97 -46.62 9.27 -1.52
C TRP B 97 -47.90 10.09 -1.50
N THR B 98 -48.32 10.48 -0.30
CA THR B 98 -49.63 11.13 -0.07
C THR B 98 -49.70 12.49 -0.74
N PHE B 99 -50.87 12.79 -1.26
CA PHE B 99 -51.19 14.11 -1.82
C PHE B 99 -51.98 14.94 -0.81
N GLY B 100 -51.98 16.26 -0.99
CA GLY B 100 -52.86 17.19 -0.28
C GLY B 100 -54.29 17.09 -0.80
N GLN B 101 -55.27 17.58 -0.07
CA GLN B 101 -56.68 17.50 -0.54
C GLN B 101 -56.93 18.50 -1.66
N GLY B 102 -55.97 19.39 -1.93
CA GLY B 102 -56.00 20.29 -3.09
C GLY B 102 -56.69 21.61 -2.81
N THR B 103 -56.14 22.67 -3.38
CA THR B 103 -56.72 24.04 -3.29
C THR B 103 -57.29 24.43 -4.65
N LYS B 104 -58.58 24.77 -4.72
CA LYS B 104 -59.14 25.34 -5.96
C LYS B 104 -58.84 26.83 -6.01
N VAL B 105 -58.14 27.26 -7.03
CA VAL B 105 -57.92 28.70 -7.26
C VAL B 105 -59.12 29.20 -8.07
N GLU B 106 -60.13 29.73 -7.38
CA GLU B 106 -61.32 30.32 -8.04
C GLU B 106 -60.98 31.69 -8.65
N ILE B 107 -61.75 32.12 -9.64
CA ILE B 107 -61.70 33.52 -10.13
C ILE B 107 -62.49 34.39 -9.16
N LYS B 108 -61.83 35.36 -8.51
CA LYS B 108 -62.53 36.38 -7.70
C LYS B 108 -63.04 37.50 -8.63
N ARG B 109 -64.28 37.93 -8.37
CA ARG B 109 -64.98 39.04 -9.07
C ARG B 109 -66.02 39.68 -8.13
N THR B 110 -66.77 40.67 -8.62
CA THR B 110 -67.82 41.38 -7.83
C THR B 110 -68.98 40.43 -7.54
N ALA C 105 -10.78 -27.49 17.28
CA ALA C 105 -11.70 -26.58 18.05
C ALA C 105 -13.13 -27.15 18.04
N GLU C 106 -13.85 -27.00 19.15
CA GLU C 106 -15.27 -27.48 19.27
C GLU C 106 -16.19 -26.44 18.64
N TYR C 107 -17.40 -26.86 18.26
CA TYR C 107 -18.43 -25.88 17.84
C TYR C 107 -18.74 -24.93 18.99
N ARG C 108 -19.05 -23.67 18.69
CA ARG C 108 -19.49 -22.67 19.68
C ARG C 108 -20.84 -23.03 20.30
N ASN C 109 -21.02 -22.72 21.58
CA ASN C 109 -22.32 -22.96 22.23
C ASN C 109 -22.87 -21.76 23.03
N TRP C 110 -22.07 -20.77 23.41
CA TRP C 110 -22.53 -19.61 24.21
C TRP C 110 -23.32 -19.98 25.48
N SER C 111 -23.04 -21.10 26.11
CA SER C 111 -23.79 -21.62 27.29
C SER C 111 -23.55 -20.71 28.51
N LYS C 112 -22.47 -19.94 28.51
CA LYS C 112 -22.11 -19.03 29.63
C LYS C 112 -23.19 -17.99 29.81
N PRO C 113 -23.42 -17.50 31.05
CA PRO C 113 -24.42 -16.46 31.28
C PRO C 113 -23.99 -15.12 30.67
N GLN C 114 -24.89 -14.21 30.49
CA GLN C 114 -24.55 -12.87 29.94
C GLN C 114 -23.92 -12.06 31.05
N CYS C 115 -22.97 -11.19 30.71
CA CYS C 115 -22.20 -10.35 31.66
C CYS C 115 -23.09 -9.35 32.39
N ASP C 116 -22.69 -8.97 33.61
CA ASP C 116 -23.37 -7.89 34.39
C ASP C 116 -23.02 -6.54 33.77
N ILE C 117 -23.65 -6.21 32.66
CA ILE C 117 -23.36 -4.95 31.94
C ILE C 117 -23.96 -3.78 32.70
N THR C 118 -23.19 -2.68 32.78
CA THR C 118 -23.60 -1.40 33.40
C THR C 118 -23.47 -0.28 32.40
N GLY C 119 -23.05 -0.61 31.20
CA GLY C 119 -22.88 0.33 30.09
C GLY C 119 -21.81 -0.20 29.19
N PHE C 120 -21.44 0.56 28.18
CA PHE C 120 -20.47 0.10 27.17
C PHE C 120 -19.23 1.00 27.18
N ALA C 121 -18.06 0.39 27.36
CA ALA C 121 -16.75 1.05 27.24
C ALA C 121 -16.28 1.01 25.80
N PRO C 122 -15.53 1.99 25.27
CA PRO C 122 -15.04 1.95 23.90
C PRO C 122 -14.08 0.77 23.69
N PHE C 123 -14.12 0.22 22.49
CA PHE C 123 -13.35 -0.99 22.12
C PHE C 123 -12.55 -0.75 20.84
N SER C 124 -13.09 -0.11 19.83
CA SER C 124 -12.33 0.09 18.57
C SER C 124 -12.95 1.17 17.69
N LYS C 125 -12.16 1.68 16.78
CA LYS C 125 -12.58 2.67 15.81
C LYS C 125 -11.65 2.51 14.63
N ASP C 126 -12.12 2.82 13.42
CA ASP C 126 -11.32 2.50 12.22
C ASP C 126 -10.70 3.73 11.60
N ASN C 127 -11.39 4.86 11.64
CA ASN C 127 -10.88 6.08 10.99
C ASN C 127 -10.77 5.84 9.48
N SER C 128 -11.47 4.85 8.91
CA SER C 128 -11.44 4.52 7.47
C SER C 128 -11.59 5.77 6.61
N ILE C 129 -12.48 6.67 6.92
CA ILE C 129 -12.65 7.83 6.01
C ILE C 129 -11.51 8.84 6.23
N ARG C 130 -10.99 9.01 7.44
CA ARG C 130 -9.85 9.93 7.65
C ARG C 130 -8.63 9.40 6.92
N LEU C 131 -8.41 8.07 6.96
CA LEU C 131 -7.26 7.43 6.28
C LEU C 131 -7.46 7.47 4.76
N SER C 132 -8.67 7.34 4.26
CA SER C 132 -9.01 7.42 2.82
C SER C 132 -8.51 8.72 2.18
N ALA C 133 -8.40 9.81 2.91
CA ALA C 133 -7.98 11.11 2.35
C ALA C 133 -6.51 11.07 1.92
N GLY C 134 -5.77 10.05 2.31
CA GLY C 134 -4.38 9.82 1.89
C GLY C 134 -4.02 8.38 2.04
N GLY C 135 -4.67 7.53 1.24
CA GLY C 135 -4.56 6.05 1.35
C GLY C 135 -5.51 5.32 0.43
N ASP C 136 -5.19 4.08 0.08
CA ASP C 136 -6.07 3.27 -0.79
C ASP C 136 -6.99 2.46 0.11
N ILE C 137 -8.05 3.11 0.58
CA ILE C 137 -9.05 2.47 1.47
C ILE C 137 -10.33 2.24 0.66
N TRP C 138 -10.92 1.06 0.86
CA TRP C 138 -12.18 0.61 0.21
C TRP C 138 -13.39 1.47 0.57
N VAL C 139 -14.28 1.69 -0.39
CA VAL C 139 -15.62 2.30 -0.14
C VAL C 139 -16.50 1.20 0.38
N THR C 140 -17.21 1.44 1.48
CA THR C 140 -18.09 0.40 2.07
C THR C 140 -19.42 1.00 2.49
N ARG C 141 -20.31 0.12 2.90
CA ARG C 141 -21.51 0.41 3.71
C ARG C 141 -21.96 -0.91 4.32
N GLU C 142 -22.94 -0.83 5.20
CA GLU C 142 -23.49 -2.00 5.93
C GLU C 142 -22.35 -2.79 6.55
N PRO C 143 -21.45 -2.17 7.33
CA PRO C 143 -20.41 -2.88 8.04
C PRO C 143 -20.96 -3.66 9.21
N TYR C 144 -20.15 -4.55 9.69
CA TYR C 144 -20.53 -5.36 10.86
C TYR C 144 -19.29 -6.00 11.46
N VAL C 145 -19.45 -6.50 12.67
CA VAL C 145 -18.32 -7.10 13.40
C VAL C 145 -18.75 -8.46 13.87
N SER C 146 -17.86 -9.41 13.74
CA SER C 146 -18.11 -10.78 14.23
C SER C 146 -16.76 -11.33 14.66
N CYS C 147 -16.72 -12.35 15.49
CA CYS C 147 -15.41 -12.77 16.05
C CYS C 147 -15.20 -14.27 15.91
N ASP C 148 -13.99 -14.68 15.64
CA ASP C 148 -13.65 -16.12 15.84
C ASP C 148 -13.35 -16.28 17.31
N PRO C 149 -13.10 -17.50 17.81
CA PRO C 149 -12.79 -17.69 19.23
C PRO C 149 -11.56 -16.92 19.74
N ASP C 150 -10.67 -16.50 18.85
CA ASP C 150 -9.38 -15.84 19.17
C ASP C 150 -9.45 -14.33 18.98
N LYS C 151 -10.11 -13.82 17.94
CA LYS C 151 -10.09 -12.37 17.63
C LYS C 151 -11.29 -11.92 16.78
N CYS C 152 -11.59 -10.64 16.85
CA CYS C 152 -12.76 -10.06 16.13
C CYS C 152 -12.36 -9.57 14.74
N TYR C 153 -13.29 -9.66 13.84
CA TYR C 153 -13.14 -9.22 12.46
C TYR C 153 -14.25 -8.26 12.11
N GLN C 154 -13.92 -7.32 11.29
CA GLN C 154 -14.85 -6.36 10.78
C GLN C 154 -15.12 -6.81 9.37
N PHE C 155 -16.38 -6.72 8.98
CA PHE C 155 -16.84 -7.01 7.63
C PHE C 155 -17.52 -5.78 7.08
N ALA C 156 -17.54 -5.67 5.79
CA ALA C 156 -18.36 -4.65 5.15
C ALA C 156 -18.69 -5.04 3.72
N LEU C 157 -19.76 -4.47 3.18
CA LEU C 157 -20.07 -4.70 1.76
C LEU C 157 -19.32 -3.61 1.03
N GLY C 158 -18.21 -3.98 0.44
CA GLY C 158 -17.40 -3.03 -0.31
C GLY C 158 -18.05 -2.75 -1.63
N GLN C 159 -18.14 -1.50 -2.04
CA GLN C 159 -18.66 -1.12 -3.35
C GLN C 159 -17.70 -1.46 -4.50
N GLY C 160 -16.84 -2.48 -4.38
CA GLY C 160 -15.96 -2.88 -5.49
C GLY C 160 -15.00 -1.77 -5.92
N THR C 161 -14.58 -0.91 -5.02
CA THR C 161 -13.72 0.26 -5.33
C THR C 161 -13.06 0.85 -4.08
N THR C 162 -11.94 1.55 -4.26
CA THR C 162 -11.34 2.38 -3.21
C THR C 162 -12.02 3.72 -3.27
N LEU C 163 -11.76 4.59 -2.30
CA LEU C 163 -12.50 5.85 -2.18
C LEU C 163 -11.90 6.94 -3.05
N ASN C 164 -10.59 7.11 -3.04
CA ASN C 164 -9.92 8.10 -3.91
C ASN C 164 -9.70 7.42 -5.27
N ASN C 165 -10.76 7.33 -6.06
CA ASN C 165 -10.90 6.44 -7.25
C ASN C 165 -12.02 6.99 -8.15
N VAL C 166 -12.04 6.69 -9.43
CA VAL C 166 -13.18 7.14 -10.30
C VAL C 166 -14.43 6.31 -9.99
N HIS C 167 -14.26 5.06 -9.58
CA HIS C 167 -15.38 4.11 -9.33
C HIS C 167 -16.08 4.40 -8.01
N SER C 168 -15.63 5.34 -7.19
CA SER C 168 -16.31 5.69 -5.92
C SER C 168 -17.53 6.58 -6.20
N ASN C 169 -17.60 7.25 -7.33
CA ASN C 169 -18.78 8.08 -7.69
C ASN C 169 -20.04 7.20 -7.72
N ASN C 170 -21.20 7.76 -7.38
CA ASN C 170 -22.52 7.07 -7.34
C ASN C 170 -22.46 5.77 -6.50
N THR C 171 -21.64 5.71 -5.45
CA THR C 171 -21.63 4.50 -4.57
C THR C 171 -22.78 4.49 -3.59
N VAL C 172 -23.80 5.32 -3.80
CA VAL C 172 -25.00 5.34 -2.92
C VAL C 172 -25.91 4.14 -3.22
N ARG C 173 -25.88 3.56 -4.43
CA ARG C 173 -26.72 2.36 -4.73
C ARG C 173 -26.26 1.19 -3.90
N ASP C 174 -27.21 0.49 -3.31
CA ASP C 174 -26.92 -0.56 -2.32
C ASP C 174 -26.76 -1.91 -3.02
N ARG C 175 -27.13 -2.04 -4.30
CA ARG C 175 -27.05 -3.33 -5.01
C ARG C 175 -26.45 -3.14 -6.38
N THR C 176 -25.25 -3.69 -6.59
CA THR C 176 -24.55 -3.70 -7.89
C THR C 176 -23.81 -5.02 -8.03
N PRO C 177 -23.39 -5.46 -9.23
CA PRO C 177 -22.70 -6.74 -9.37
C PRO C 177 -21.33 -6.80 -8.65
N TYR C 178 -20.75 -5.61 -8.43
CA TYR C 178 -19.38 -5.41 -7.91
C TYR C 178 -19.32 -5.51 -6.37
N ARG C 179 -20.41 -5.49 -5.64
CA ARG C 179 -20.34 -5.48 -4.17
C ARG C 179 -19.80 -6.82 -3.71
N THR C 180 -18.86 -6.75 -2.79
CA THR C 180 -18.20 -7.94 -2.26
C THR C 180 -18.07 -7.76 -0.75
N LEU C 181 -18.08 -8.84 -0.04
CA LEU C 181 -18.01 -8.82 1.42
C LEU C 181 -16.53 -8.76 1.80
N LEU C 182 -16.06 -7.58 2.18
CA LEU C 182 -14.67 -7.36 2.68
C LEU C 182 -14.58 -7.93 4.10
N MET C 183 -13.45 -8.47 4.47
CA MET C 183 -13.22 -9.00 5.82
C MET C 183 -11.81 -8.57 6.26
N ASN C 184 -11.65 -8.13 7.50
CA ASN C 184 -10.35 -7.79 8.10
C ASN C 184 -10.35 -8.15 9.59
N GLU C 185 -9.20 -8.27 10.24
CA GLU C 185 -9.18 -8.26 11.72
C GLU C 185 -9.69 -6.90 12.17
N LEU C 186 -10.35 -6.86 13.33
CA LEU C 186 -11.02 -5.61 13.73
C LEU C 186 -9.97 -4.51 13.94
N GLY C 187 -10.20 -3.36 13.38
CA GLY C 187 -9.29 -2.22 13.53
C GLY C 187 -8.33 -2.05 12.39
N VAL C 188 -8.01 -3.12 11.65
CA VAL C 188 -7.20 -3.00 10.38
C VAL C 188 -8.07 -2.36 9.31
N PRO C 189 -7.82 -1.13 8.88
CA PRO C 189 -8.78 -0.44 8.02
C PRO C 189 -8.90 -1.26 6.73
N PHE C 190 -9.94 -1.07 5.94
CA PHE C 190 -10.07 -1.85 4.69
C PHE C 190 -9.15 -1.23 3.61
N HIS C 191 -7.89 -1.63 3.61
CA HIS C 191 -6.86 -1.24 2.59
C HIS C 191 -6.89 -2.25 1.43
N LEU C 192 -6.10 -2.03 0.37
CA LEU C 192 -6.17 -2.92 -0.84
C LEU C 192 -5.84 -4.38 -0.53
N GLY C 193 -5.06 -4.69 0.47
CA GLY C 193 -4.78 -6.10 0.82
C GLY C 193 -5.93 -6.84 1.50
N THR C 194 -7.12 -6.23 1.60
CA THR C 194 -8.29 -6.81 2.30
C THR C 194 -8.85 -7.97 1.47
N LYS C 195 -9.20 -9.07 2.10
CA LYS C 195 -9.83 -10.20 1.36
C LYS C 195 -11.29 -9.95 1.03
N GLN C 196 -11.68 -9.97 -0.25
CA GLN C 196 -13.09 -10.01 -0.69
C GLN C 196 -13.59 -11.45 -0.49
N VAL C 197 -14.29 -11.71 0.58
CA VAL C 197 -14.74 -13.07 0.96
C VAL C 197 -15.66 -13.71 -0.06
N CYS C 198 -16.53 -12.94 -0.70
CA CYS C 198 -17.54 -13.48 -1.63
C CYS C 198 -18.27 -12.38 -2.36
N ILE C 199 -18.96 -12.72 -3.44
CA ILE C 199 -19.74 -11.66 -4.15
C ILE C 199 -21.00 -11.50 -3.35
N ALA C 200 -21.40 -10.26 -3.03
CA ALA C 200 -22.50 -10.01 -2.08
C ALA C 200 -22.94 -8.57 -2.10
N TRP C 201 -24.21 -8.28 -2.26
CA TRP C 201 -24.72 -6.91 -1.98
C TRP C 201 -25.55 -6.89 -0.69
N SER C 202 -25.71 -8.05 -0.05
CA SER C 202 -26.31 -8.22 1.28
C SER C 202 -25.62 -9.41 1.90
N SER C 203 -25.37 -9.43 3.19
CA SER C 203 -24.64 -10.59 3.76
C SER C 203 -24.72 -10.70 5.27
N SER C 204 -24.23 -11.80 5.72
CA SER C 204 -24.15 -12.10 7.15
C SER C 204 -22.99 -13.06 7.30
N SER C 205 -22.34 -13.10 8.45
CA SER C 205 -21.19 -14.00 8.67
C SER C 205 -21.20 -14.48 10.08
N CYS C 206 -20.57 -15.60 10.33
CA CYS C 206 -20.36 -16.02 11.71
C CYS C 206 -19.41 -17.20 11.73
N HIS C 207 -18.50 -17.17 12.66
CA HIS C 207 -17.65 -18.31 12.93
C HIS C 207 -18.44 -19.28 13.79
N ASP C 208 -18.47 -20.56 13.40
CA ASP C 208 -19.29 -21.57 14.11
C ASP C 208 -18.50 -22.25 15.23
N GLY C 209 -17.27 -21.83 15.49
CA GLY C 209 -16.37 -22.53 16.43
C GLY C 209 -15.32 -23.37 15.72
N LYS C 210 -15.57 -23.74 14.47
CA LYS C 210 -14.61 -24.45 13.59
C LYS C 210 -14.17 -23.57 12.42
N ALA C 211 -15.06 -22.87 11.75
CA ALA C 211 -14.71 -22.06 10.56
C ALA C 211 -15.76 -21.02 10.23
N TRP C 212 -15.39 -20.08 9.39
CA TRP C 212 -16.36 -19.01 9.02
C TRP C 212 -17.47 -19.55 8.14
N LEU C 213 -18.70 -19.16 8.41
CA LEU C 213 -19.84 -19.22 7.47
C LEU C 213 -20.11 -17.80 6.99
N HIS C 214 -20.19 -17.61 5.71
CA HIS C 214 -20.68 -16.34 5.15
C HIS C 214 -21.92 -16.65 4.35
N VAL C 215 -22.90 -15.77 4.42
CA VAL C 215 -24.11 -15.88 3.60
C VAL C 215 -24.04 -14.69 2.71
N CYS C 216 -23.86 -14.94 1.45
CA CYS C 216 -23.47 -13.91 0.48
C CYS C 216 -24.57 -13.82 -0.55
N ILE C 217 -25.25 -12.70 -0.65
CA ILE C 217 -26.45 -12.63 -1.52
C ILE C 217 -26.10 -11.75 -2.69
N THR C 218 -26.37 -12.23 -3.90
CA THR C 218 -26.06 -11.43 -5.10
C THR C 218 -26.98 -11.83 -6.24
N GLY C 219 -27.08 -10.96 -7.22
CA GLY C 219 -27.85 -11.27 -8.42
C GLY C 219 -28.72 -10.14 -8.82
N ASP C 220 -29.61 -10.42 -9.77
CA ASP C 220 -30.68 -9.49 -10.19
C ASP C 220 -31.63 -9.33 -9.02
N ASP C 221 -32.23 -8.15 -8.86
CA ASP C 221 -33.19 -7.84 -7.77
C ASP C 221 -34.35 -8.83 -7.79
N LYS C 222 -34.90 -9.07 -8.98
CA LYS C 222 -36.06 -9.97 -9.15
C LYS C 222 -35.68 -11.43 -8.99
N ASN C 223 -34.39 -11.79 -8.86
CA ASN C 223 -33.99 -13.21 -8.92
C ASN C 223 -32.64 -13.46 -8.25
N ALA C 224 -32.44 -12.99 -7.03
CA ALA C 224 -31.13 -13.09 -6.37
C ALA C 224 -30.83 -14.53 -5.95
N THR C 225 -29.56 -14.81 -5.79
CA THR C 225 -28.99 -16.08 -5.27
C THR C 225 -28.42 -15.77 -3.88
N ALA C 226 -28.63 -16.63 -2.91
CA ALA C 226 -27.86 -16.59 -1.66
C ALA C 226 -26.84 -17.71 -1.73
N SER C 227 -25.57 -17.43 -1.50
CA SER C 227 -24.49 -18.43 -1.47
C SER C 227 -24.02 -18.62 -0.04
N PHE C 228 -23.98 -19.83 0.44
CA PHE C 228 -23.49 -20.20 1.79
C PHE C 228 -22.05 -20.66 1.63
N ILE C 229 -21.11 -19.86 2.08
CA ILE C 229 -19.66 -20.15 1.94
C ILE C 229 -19.10 -20.52 3.28
N TYR C 230 -18.72 -21.75 3.46
CA TYR C 230 -18.30 -22.26 4.78
C TYR C 230 -16.94 -22.94 4.63
N ASN C 231 -16.06 -22.63 5.55
CA ASN C 231 -14.63 -23.04 5.54
C ASN C 231 -14.03 -22.63 4.20
N GLY C 232 -14.48 -21.49 3.66
CA GLY C 232 -13.87 -20.84 2.49
C GLY C 232 -14.23 -21.50 1.17
N ARG C 233 -15.25 -22.35 1.14
CA ARG C 233 -15.76 -22.92 -0.12
C ARG C 233 -17.29 -22.88 -0.17
N LEU C 234 -17.85 -22.64 -1.35
CA LEU C 234 -19.32 -22.52 -1.49
C LEU C 234 -19.98 -23.87 -1.27
N VAL C 235 -20.77 -24.00 -0.20
CA VAL C 235 -21.39 -25.29 0.22
C VAL C 235 -22.83 -25.42 -0.21
N ASP C 236 -23.53 -24.32 -0.40
CA ASP C 236 -24.97 -24.38 -0.73
C ASP C 236 -25.42 -23.06 -1.32
N SER C 237 -26.60 -23.05 -1.90
CA SER C 237 -27.18 -21.80 -2.40
C SER C 237 -28.68 -21.98 -2.52
N VAL C 238 -29.38 -20.85 -2.49
CA VAL C 238 -30.86 -20.86 -2.48
C VAL C 238 -31.32 -19.64 -3.21
N VAL C 239 -32.34 -19.82 -4.04
CA VAL C 239 -32.82 -18.73 -4.91
C VAL C 239 -33.89 -17.94 -4.16
N SER C 240 -33.98 -16.64 -4.46
CA SER C 240 -35.03 -15.71 -4.00
C SER C 240 -36.38 -16.38 -4.13
N TRP C 241 -37.09 -16.60 -3.03
CA TRP C 241 -38.39 -17.32 -3.03
C TRP C 241 -39.56 -16.42 -3.33
N SER C 242 -39.45 -15.10 -3.16
CA SER C 242 -40.55 -14.14 -3.47
C SER C 242 -40.15 -13.17 -4.57
N LYS C 243 -39.00 -13.39 -5.22
CA LYS C 243 -38.56 -12.67 -6.43
C LYS C 243 -38.57 -11.16 -6.20
N GLU C 244 -38.18 -10.69 -5.02
CA GLU C 244 -38.26 -9.24 -4.74
C GLU C 244 -37.20 -8.86 -3.70
N ILE C 245 -35.96 -8.84 -4.14
CA ILE C 245 -34.72 -8.49 -3.38
C ILE C 245 -34.53 -9.36 -2.14
N LEU C 246 -34.13 -10.60 -2.34
CA LEU C 246 -33.73 -11.48 -1.22
C LEU C 246 -32.72 -10.70 -0.41
N ARG C 247 -32.80 -10.71 0.93
CA ARG C 247 -31.88 -9.88 1.73
C ARG C 247 -31.70 -10.49 3.10
N THR C 248 -30.60 -10.15 3.77
CA THR C 248 -30.29 -10.76 5.09
C THR C 248 -29.82 -9.69 6.07
N GLN C 249 -29.28 -10.16 7.19
CA GLN C 249 -29.12 -9.37 8.42
C GLN C 249 -28.15 -8.18 8.34
N GLU C 250 -27.28 -8.09 7.34
CA GLU C 250 -26.16 -7.11 7.26
C GLU C 250 -25.41 -7.08 8.61
N SER C 251 -25.28 -8.24 9.24
CA SER C 251 -24.63 -8.37 10.54
C SER C 251 -24.40 -9.84 10.87
N GLU C 252 -23.78 -10.10 12.01
CA GLU C 252 -23.40 -11.48 12.28
C GLU C 252 -24.64 -12.35 12.43
N CYS C 253 -24.51 -13.57 11.91
CA CYS C 253 -25.45 -14.67 12.17
C CYS C 253 -25.07 -15.21 13.52
N VAL C 254 -25.72 -16.25 13.99
CA VAL C 254 -25.32 -16.87 15.27
C VAL C 254 -25.25 -18.35 15.08
N CYS C 255 -24.31 -19.04 15.69
CA CYS C 255 -24.21 -20.51 15.56
C CYS C 255 -24.18 -21.13 16.92
N ILE C 256 -24.98 -22.15 17.15
CA ILE C 256 -25.01 -22.89 18.44
C ILE C 256 -24.89 -24.38 18.11
N ASN C 257 -23.93 -25.08 18.71
CA ASN C 257 -23.64 -26.49 18.39
C ASN C 257 -23.60 -26.68 16.87
N GLY C 258 -22.95 -25.75 16.17
CA GLY C 258 -22.72 -25.88 14.72
C GLY C 258 -23.85 -25.40 13.84
N THR C 259 -25.10 -25.43 14.30
CA THR C 259 -26.24 -24.95 13.48
C THR C 259 -26.29 -23.42 13.49
N CYS C 260 -25.76 -22.80 12.47
CA CYS C 260 -25.89 -21.35 12.29
C CYS C 260 -27.30 -20.99 11.88
N THR C 261 -27.76 -19.81 12.25
CA THR C 261 -29.10 -19.36 11.83
C THR C 261 -28.96 -18.01 11.21
N VAL C 262 -29.64 -17.83 10.10
CA VAL C 262 -29.63 -16.52 9.44
C VAL C 262 -31.06 -16.18 9.09
N VAL C 263 -31.47 -14.97 9.44
CA VAL C 263 -32.83 -14.51 9.08
C VAL C 263 -32.71 -13.94 7.68
N MET C 264 -33.62 -14.33 6.80
CA MET C 264 -33.65 -13.79 5.42
C MET C 264 -35.06 -13.39 5.09
N THR C 265 -35.19 -12.35 4.33
CA THR C 265 -36.50 -11.81 3.96
C THR C 265 -36.51 -11.63 2.45
N ASP C 266 -37.70 -11.74 1.89
CA ASP C 266 -37.95 -11.45 0.46
C ASP C 266 -39.28 -10.69 0.38
N GLY C 267 -39.57 -10.05 -0.75
CA GLY C 267 -40.85 -9.34 -0.89
C GLY C 267 -40.79 -7.91 -0.36
N ALA C 273 -44.16 -8.73 3.92
CA ALA C 273 -42.90 -9.43 3.46
C ALA C 273 -42.98 -10.93 3.80
N ASP C 274 -42.14 -11.72 3.12
CA ASP C 274 -41.99 -13.18 3.40
C ASP C 274 -40.62 -13.42 4.04
N THR C 275 -40.60 -13.93 5.25
CA THR C 275 -39.35 -14.04 6.01
C THR C 275 -39.14 -15.49 6.40
N LYS C 276 -37.93 -15.97 6.21
CA LYS C 276 -37.59 -17.35 6.59
C LYS C 276 -36.34 -17.32 7.44
N ILE C 277 -36.23 -18.28 8.33
CA ILE C 277 -35.02 -18.47 9.15
C ILE C 277 -34.38 -19.73 8.61
N LEU C 278 -33.17 -19.63 8.12
CA LEU C 278 -32.42 -20.77 7.56
C LEU C 278 -31.51 -21.30 8.65
N PHE C 279 -31.56 -22.58 8.89
CA PHE C 279 -30.67 -23.30 9.83
C PHE C 279 -29.62 -23.98 8.96
N ILE C 280 -28.37 -23.68 9.21
CA ILE C 280 -27.23 -24.02 8.32
C ILE C 280 -26.20 -24.82 9.13
N GLU C 281 -25.78 -25.99 8.66
CA GLU C 281 -24.74 -26.77 9.35
C GLU C 281 -23.59 -26.93 8.37
N GLU C 282 -22.46 -26.33 8.70
CA GLU C 282 -21.25 -26.36 7.85
C GLU C 282 -21.58 -25.87 6.43
N GLY C 283 -22.48 -24.90 6.32
CA GLY C 283 -22.90 -24.30 5.04
C GLY C 283 -24.08 -24.99 4.38
N LYS C 284 -24.36 -26.24 4.70
CA LYS C 284 -25.53 -26.98 4.14
C LYS C 284 -26.81 -26.51 4.82
N ILE C 285 -27.80 -25.96 4.10
CA ILE C 285 -29.08 -25.56 4.75
C ILE C 285 -29.83 -26.82 5.22
N VAL C 286 -29.89 -27.07 6.53
CA VAL C 286 -30.51 -28.31 7.09
C VAL C 286 -32.00 -28.14 7.33
N HIS C 287 -32.47 -26.92 7.57
CA HIS C 287 -33.89 -26.65 7.80
C HIS C 287 -34.24 -25.21 7.43
N THR C 288 -35.51 -24.94 7.21
CA THR C 288 -35.98 -23.56 7.00
C THR C 288 -37.35 -23.44 7.63
N SER C 289 -37.52 -22.40 8.45
CA SER C 289 -38.77 -22.10 9.17
C SER C 289 -39.32 -20.79 8.68
N THR C 290 -40.60 -20.73 8.32
CA THR C 290 -41.21 -19.43 7.96
C THR C 290 -41.48 -18.68 9.26
N LEU C 291 -41.31 -17.35 9.23
CA LEU C 291 -41.50 -16.47 10.41
C LEU C 291 -42.92 -16.63 10.98
N SER C 292 -43.02 -16.76 12.30
CA SER C 292 -44.31 -17.00 13.01
C SER C 292 -44.38 -16.18 14.31
N GLY C 293 -45.56 -16.05 14.89
CA GLY C 293 -45.86 -15.00 15.89
C GLY C 293 -46.21 -13.67 15.21
N SER C 294 -46.17 -12.57 15.96
CA SER C 294 -46.84 -11.30 15.57
C SER C 294 -45.90 -10.25 14.99
N ALA C 295 -44.62 -10.49 14.77
CA ALA C 295 -43.78 -9.50 14.04
C ALA C 295 -44.31 -9.39 12.61
N GLN C 296 -44.66 -8.20 12.16
CA GLN C 296 -45.36 -8.04 10.86
C GLN C 296 -44.39 -7.63 9.74
N HIS C 297 -43.23 -7.11 10.07
CA HIS C 297 -42.18 -6.82 9.08
C HIS C 297 -40.84 -7.08 9.75
N VAL C 298 -39.87 -7.68 9.08
CA VAL C 298 -38.63 -8.15 9.76
C VAL C 298 -37.46 -8.07 8.80
N GLU C 299 -36.88 -6.89 8.70
CA GLU C 299 -35.62 -6.63 7.98
C GLU C 299 -34.42 -6.72 8.94
N GLU C 300 -33.26 -7.11 8.48
CA GLU C 300 -31.96 -6.69 9.06
C GLU C 300 -31.77 -7.06 10.54
N CYS C 301 -32.31 -8.16 10.97
CA CYS C 301 -32.15 -8.62 12.36
C CYS C 301 -30.69 -8.56 12.86
N SER C 302 -30.47 -7.87 13.97
CA SER C 302 -29.23 -7.97 14.77
C SER C 302 -29.43 -9.13 15.72
N CYS C 303 -28.79 -10.25 15.51
CA CYS C 303 -28.98 -11.41 16.38
C CYS C 303 -27.95 -11.47 17.50
N TYR C 304 -28.32 -12.15 18.57
CA TYR C 304 -27.40 -12.47 19.65
C TYR C 304 -27.73 -13.78 20.27
N PRO C 305 -26.73 -14.60 20.58
CA PRO C 305 -26.95 -15.90 21.21
C PRO C 305 -27.51 -15.71 22.63
N ARG C 306 -28.49 -16.53 22.95
CA ARG C 306 -29.25 -16.45 24.20
C ARG C 306 -29.60 -17.88 24.54
N TYR C 307 -28.53 -18.63 24.79
CA TYR C 307 -28.57 -20.10 24.96
C TYR C 307 -29.66 -20.49 25.96
N PRO C 308 -30.53 -21.49 25.67
CA PRO C 308 -30.44 -22.37 24.51
C PRO C 308 -30.87 -21.81 23.14
N GLY C 309 -31.49 -20.63 23.12
CA GLY C 309 -31.99 -20.04 21.87
C GLY C 309 -31.03 -19.05 21.24
N VAL C 310 -31.47 -18.51 20.11
CA VAL C 310 -30.89 -17.30 19.53
C VAL C 310 -32.01 -16.29 19.50
N ARG C 311 -31.71 -15.04 19.71
CA ARG C 311 -32.72 -13.97 19.75
C ARG C 311 -32.22 -12.89 18.82
N CYS C 312 -33.12 -12.16 18.20
CA CYS C 312 -32.72 -11.14 17.24
C CYS C 312 -33.66 -9.98 17.29
N VAL C 313 -33.13 -8.78 17.10
CA VAL C 313 -33.97 -7.58 17.15
C VAL C 313 -33.78 -6.93 15.79
N CYS C 314 -34.85 -6.55 15.15
CA CYS C 314 -34.86 -6.30 13.70
C CYS C 314 -35.36 -4.90 13.40
N ARG C 315 -35.67 -4.64 12.14
CA ARG C 315 -36.10 -3.33 11.65
C ARG C 315 -37.48 -3.54 11.03
N ASP C 316 -38.51 -2.93 11.59
CA ASP C 316 -39.83 -2.97 10.95
C ASP C 316 -39.88 -1.80 9.99
N ASN C 317 -39.74 -2.08 8.70
CA ASN C 317 -39.73 -1.02 7.66
C ASN C 317 -41.14 -0.58 7.31
N TRP C 318 -42.18 -1.25 7.82
CA TRP C 318 -43.56 -1.14 7.31
C TRP C 318 -44.46 -0.38 8.30
N LYS C 319 -44.61 -0.90 9.52
CA LYS C 319 -45.61 -0.36 10.48
C LYS C 319 -45.07 -0.11 11.90
N GLY C 320 -44.00 -0.78 12.34
CA GLY C 320 -43.44 -0.56 13.68
C GLY C 320 -42.33 0.49 13.73
N SER C 321 -42.38 1.45 14.64
CA SER C 321 -41.17 2.21 15.06
C SER C 321 -40.63 1.55 16.31
N ASN C 322 -41.43 0.70 16.96
CA ASN C 322 -40.91 -0.29 17.90
C ASN C 322 -40.19 -1.36 17.08
N ARG C 323 -39.14 -1.97 17.60
CA ARG C 323 -38.41 -3.02 16.85
C ARG C 323 -39.00 -4.38 17.05
N PRO C 324 -39.07 -5.25 16.01
CA PRO C 324 -39.51 -6.62 16.17
C PRO C 324 -38.43 -7.46 16.83
N ILE C 325 -38.85 -8.39 17.65
CA ILE C 325 -37.98 -9.41 18.26
C ILE C 325 -38.33 -10.73 17.57
N VAL C 326 -37.34 -11.48 17.16
CA VAL C 326 -37.55 -12.85 16.62
C VAL C 326 -36.82 -13.77 17.58
N ASP C 327 -37.50 -14.75 18.09
CA ASP C 327 -36.95 -15.63 19.15
C ASP C 327 -36.92 -17.03 18.56
N ILE C 328 -35.74 -17.58 18.37
CA ILE C 328 -35.48 -18.71 17.45
C ILE C 328 -35.02 -19.89 18.29
N ASN C 329 -35.65 -21.02 18.11
CA ASN C 329 -35.38 -22.23 18.92
C ASN C 329 -34.54 -23.23 18.13
N ILE C 330 -33.23 -23.20 18.27
CA ILE C 330 -32.29 -24.07 17.51
C ILE C 330 -32.64 -25.57 17.65
N LYS C 331 -33.10 -26.06 18.79
CA LYS C 331 -33.31 -27.51 19.00
C LYS C 331 -34.54 -28.05 18.26
N ASP C 332 -35.46 -27.21 17.80
CA ASP C 332 -36.66 -27.71 17.07
C ASP C 332 -37.09 -26.77 15.93
N HIS C 333 -36.24 -25.83 15.59
CA HIS C 333 -36.41 -24.84 14.50
C HIS C 333 -37.65 -23.97 14.67
N SER C 334 -38.38 -24.02 15.79
CA SER C 334 -39.59 -23.19 15.99
C SER C 334 -39.23 -21.70 16.12
N ILE C 335 -40.05 -20.85 15.56
CA ILE C 335 -39.88 -19.37 15.59
C ILE C 335 -41.08 -18.75 16.30
N VAL C 336 -40.83 -17.76 17.13
CA VAL C 336 -41.91 -16.88 17.68
C VAL C 336 -41.40 -15.46 17.61
N SER C 337 -42.29 -14.51 17.63
CA SER C 337 -41.89 -13.10 17.43
C SER C 337 -42.89 -12.16 18.07
N SER C 338 -42.43 -10.94 18.27
CA SER C 338 -43.07 -9.94 19.15
C SER C 338 -42.38 -8.61 18.91
N TYR C 339 -42.56 -7.64 19.79
CA TYR C 339 -41.87 -6.35 19.65
C TYR C 339 -41.24 -5.90 20.98
N VAL C 340 -40.24 -5.04 20.86
CA VAL C 340 -39.55 -4.37 22.00
C VAL C 340 -40.60 -3.52 22.71
N CYS C 341 -41.00 -3.95 23.90
CA CYS C 341 -42.08 -3.31 24.68
C CYS C 341 -41.73 -1.87 25.09
N SER C 342 -40.46 -1.49 25.15
CA SER C 342 -40.02 -0.17 25.64
C SER C 342 -40.84 0.99 25.07
N GLY C 343 -41.35 1.89 25.91
CA GLY C 343 -42.06 3.08 25.44
C GLY C 343 -41.09 4.01 24.72
N LEU C 344 -39.82 3.89 25.04
CA LEU C 344 -38.74 4.53 24.27
C LEU C 344 -38.42 3.56 23.14
N VAL C 345 -38.98 3.79 21.98
CA VAL C 345 -38.84 2.82 20.86
C VAL C 345 -37.50 3.05 20.16
N GLY C 346 -36.92 1.98 19.60
CA GLY C 346 -35.54 1.97 19.08
C GLY C 346 -35.37 2.39 17.61
N ASP C 347 -36.42 2.52 16.82
CA ASP C 347 -36.26 2.69 15.36
C ASP C 347 -36.18 4.17 15.00
N THR C 348 -35.88 4.44 13.75
CA THR C 348 -35.81 5.81 13.23
C THR C 348 -36.38 5.76 11.83
N PRO C 349 -37.38 6.60 11.47
CA PRO C 349 -37.98 7.59 12.36
C PRO C 349 -38.83 6.96 13.46
N ARG C 350 -39.20 7.78 14.44
CA ARG C 350 -40.10 7.45 15.57
C ARG C 350 -40.69 8.73 16.14
N LYS C 351 -41.75 8.65 16.95
CA LYS C 351 -42.25 9.86 17.63
C LYS C 351 -41.28 10.20 18.76
N ASN C 352 -41.19 11.47 19.17
CA ASN C 352 -40.26 11.85 20.26
C ASN C 352 -40.68 11.18 21.59
N ASP C 353 -39.78 11.15 22.56
CA ASP C 353 -39.97 10.34 23.80
C ASP C 353 -41.18 10.79 24.61
N SER C 354 -41.62 12.04 24.46
CA SER C 354 -42.83 12.57 25.16
C SER C 354 -44.08 11.83 24.67
N SER C 355 -44.13 11.52 23.37
CA SER C 355 -45.36 11.10 22.65
C SER C 355 -45.27 9.67 22.09
N SER C 356 -44.10 9.06 22.03
CA SER C 356 -43.94 7.64 21.59
C SER C 356 -44.62 6.66 22.53
N SER C 357 -44.96 5.50 22.01
CA SER C 357 -45.47 4.35 22.78
C SER C 357 -45.11 3.05 22.05
N SER C 358 -45.39 1.93 22.67
CA SER C 358 -45.10 0.61 22.08
C SER C 358 -46.20 -0.37 22.45
N HIS C 359 -46.11 -1.54 21.87
CA HIS C 359 -46.98 -2.68 22.17
C HIS C 359 -46.06 -3.89 22.15
N CYS C 360 -46.29 -4.86 23.02
CA CYS C 360 -45.43 -6.06 23.10
C CYS C 360 -45.69 -6.99 21.91
N LEU C 361 -46.85 -6.88 21.27
CA LEU C 361 -47.26 -7.82 20.21
C LEU C 361 -47.37 -7.14 18.85
N ASP C 362 -47.74 -5.89 18.75
CA ASP C 362 -48.07 -5.26 17.44
C ASP C 362 -47.11 -4.13 17.08
N PRO C 363 -46.96 -3.83 15.78
CA PRO C 363 -46.29 -2.62 15.37
C PRO C 363 -47.08 -1.47 15.97
N ASN C 364 -46.37 -0.52 16.54
CA ASN C 364 -47.00 0.60 17.27
C ASN C 364 -47.61 1.64 16.31
N ASN C 365 -47.42 1.52 14.99
CA ASN C 365 -47.96 2.41 13.93
C ASN C 365 -47.41 3.84 13.95
N GLU C 366 -46.90 4.32 15.07
CA GLU C 366 -46.33 5.67 15.22
C GLU C 366 -45.11 5.80 14.33
N GLU C 367 -45.14 6.66 13.29
CA GLU C 367 -43.99 6.80 12.34
C GLU C 367 -43.46 5.41 11.98
N GLY C 368 -44.34 4.47 11.71
CA GLY C 368 -44.00 3.05 11.54
C GLY C 368 -43.06 2.83 10.39
N GLY C 369 -43.43 3.34 9.21
CA GLY C 369 -42.73 3.15 7.95
C GLY C 369 -41.29 3.65 7.97
N HIS C 370 -40.46 2.98 7.18
CA HIS C 370 -38.98 3.13 7.14
C HIS C 370 -38.39 2.75 8.49
N GLY C 371 -37.08 2.81 8.59
CA GLY C 371 -36.41 2.31 9.80
C GLY C 371 -34.92 2.37 9.65
N VAL C 372 -34.22 1.87 10.67
CA VAL C 372 -32.75 1.77 10.61
C VAL C 372 -32.37 0.50 11.32
N LYS C 373 -31.32 -0.16 10.89
CA LYS C 373 -30.88 -1.39 11.54
C LYS C 373 -30.35 -0.98 12.91
N GLY C 374 -30.80 -1.67 13.95
CA GLY C 374 -30.38 -1.34 15.31
C GLY C 374 -30.36 -2.54 16.15
N TRP C 375 -30.40 -2.39 17.45
CA TRP C 375 -30.27 -3.54 18.36
C TRP C 375 -30.89 -3.15 19.70
N ALA C 376 -31.06 -4.18 20.52
CA ALA C 376 -31.48 -4.10 21.92
C ALA C 376 -31.24 -5.45 22.52
N PHE C 377 -31.09 -5.57 23.82
CA PHE C 377 -31.04 -6.89 24.45
C PHE C 377 -31.62 -6.88 25.84
N ASP C 378 -32.11 -8.03 26.25
CA ASP C 378 -32.75 -8.17 27.57
C ASP C 378 -31.68 -8.27 28.64
N ASP C 379 -32.03 -7.74 29.81
CA ASP C 379 -31.24 -7.81 31.05
C ASP C 379 -32.28 -8.05 32.15
N GLY C 380 -32.75 -9.28 32.26
CA GLY C 380 -33.98 -9.58 33.01
C GLY C 380 -35.14 -8.86 32.36
N ASN C 381 -35.86 -7.99 33.06
CA ASN C 381 -36.98 -7.22 32.48
C ASN C 381 -36.47 -5.89 31.91
N ASP C 382 -35.29 -5.46 32.27
CA ASP C 382 -34.73 -4.18 31.72
C ASP C 382 -34.25 -4.43 30.31
N VAL C 383 -34.27 -3.42 29.46
CA VAL C 383 -33.75 -3.60 28.08
C VAL C 383 -32.64 -2.59 27.83
N TRP C 384 -31.47 -3.08 27.49
CA TRP C 384 -30.39 -2.23 26.93
C TRP C 384 -30.70 -1.96 25.46
N MET C 385 -30.52 -0.77 25.00
CA MET C 385 -30.77 -0.53 23.58
C MET C 385 -30.05 0.71 23.09
N GLY C 386 -29.82 0.78 21.80
CA GLY C 386 -29.10 1.89 21.18
C GLY C 386 -29.94 2.44 20.06
N ARG C 387 -29.91 3.75 19.89
CA ARG C 387 -30.71 4.38 18.85
C ARG C 387 -30.11 5.71 18.43
N THR C 388 -30.50 6.18 17.27
CA THR C 388 -30.03 7.50 16.82
C THR C 388 -30.58 8.53 17.78
N ILE C 389 -29.85 9.60 18.04
CA ILE C 389 -30.33 10.62 19.01
C ILE C 389 -31.47 11.42 18.38
N ASN C 390 -31.38 11.67 17.09
CA ASN C 390 -32.43 12.37 16.35
C ASN C 390 -33.53 11.37 16.01
N GLU C 391 -34.77 11.81 15.86
CA GLU C 391 -35.91 10.88 15.57
C GLU C 391 -36.37 10.97 14.11
N THR C 392 -35.73 11.75 13.24
CA THR C 392 -36.17 11.89 11.83
C THR C 392 -34.99 11.78 10.85
N SER C 393 -33.80 11.56 11.36
CA SER C 393 -32.56 11.41 10.56
C SER C 393 -31.56 10.62 11.42
N ARG C 394 -30.55 10.04 10.81
CA ARG C 394 -29.66 9.13 11.55
C ARG C 394 -28.52 9.95 12.15
N LEU C 395 -28.83 11.11 12.71
CA LEU C 395 -27.81 11.93 13.40
C LEU C 395 -27.67 11.46 14.87
N GLY C 396 -26.44 11.47 15.33
CA GLY C 396 -26.09 11.07 16.68
C GLY C 396 -26.27 9.59 16.89
N TYR C 397 -25.93 9.15 18.09
CA TYR C 397 -26.21 7.80 18.57
C TYR C 397 -26.09 7.77 20.09
N GLU C 398 -27.02 7.14 20.76
CA GLU C 398 -27.05 7.00 22.23
C GLU C 398 -27.40 5.59 22.63
N THR C 399 -27.04 5.17 23.81
CA THR C 399 -27.50 3.88 24.36
C THR C 399 -28.02 4.11 25.77
N PHE C 400 -28.87 3.22 26.25
CA PHE C 400 -29.40 3.32 27.61
C PHE C 400 -30.10 2.06 28.03
N LYS C 401 -30.35 1.96 29.32
CA LYS C 401 -31.10 0.84 29.91
C LYS C 401 -32.49 1.38 30.20
N VAL C 402 -33.54 0.67 29.82
CA VAL C 402 -34.92 1.10 30.16
C VAL C 402 -35.40 0.15 31.22
N ILE C 403 -35.80 0.66 32.37
CA ILE C 403 -36.20 -0.22 33.51
C ILE C 403 -37.51 -0.91 33.14
N GLU C 404 -37.54 -2.24 33.24
CA GLU C 404 -38.68 -3.08 32.78
C GLU C 404 -39.03 -2.87 31.31
N GLY C 405 -38.24 -2.18 30.49
CA GLY C 405 -38.60 -1.88 29.09
C GLY C 405 -38.60 -3.12 28.18
N TRP C 406 -38.22 -4.28 28.64
CA TRP C 406 -38.39 -5.52 27.85
C TRP C 406 -39.77 -6.12 28.08
N SER C 407 -40.28 -6.06 29.31
CA SER C 407 -41.56 -6.72 29.73
C SER C 407 -42.74 -5.75 29.69
N ASN C 408 -42.52 -4.49 29.98
CA ASN C 408 -43.60 -3.51 30.24
C ASN C 408 -43.75 -2.59 29.04
N PRO C 409 -44.94 -2.53 28.38
CA PRO C 409 -45.14 -1.70 27.21
C PRO C 409 -45.16 -0.19 27.51
N LYS C 410 -45.33 0.19 28.78
CA LYS C 410 -45.56 1.60 29.18
C LYS C 410 -44.30 2.25 29.74
N SER C 411 -43.24 1.50 29.98
CA SER C 411 -42.01 2.02 30.66
C SER C 411 -41.28 3.08 29.83
N LYS C 412 -40.88 4.17 30.46
CA LYS C 412 -39.94 5.17 29.87
C LYS C 412 -38.88 5.59 30.89
N LEU C 413 -38.64 4.79 31.94
CA LEU C 413 -37.55 5.06 32.88
C LEU C 413 -36.23 4.65 32.22
N GLN C 414 -35.57 5.57 31.53
CA GLN C 414 -34.17 5.28 31.12
C GLN C 414 -33.19 5.56 32.26
N ILE C 415 -32.06 4.88 32.23
CA ILE C 415 -30.90 5.04 33.15
C ILE C 415 -29.64 4.63 32.39
N ASN C 416 -28.47 5.03 32.85
CA ASN C 416 -27.19 4.64 32.22
C ASN C 416 -27.13 5.12 30.75
N ARG C 417 -27.67 6.28 30.41
CA ARG C 417 -27.48 6.81 29.05
C ARG C 417 -25.99 7.00 28.74
N GLN C 418 -25.62 6.77 27.50
CA GLN C 418 -24.27 7.14 26.98
C GLN C 418 -24.42 7.72 25.60
N VAL C 419 -23.94 8.92 25.36
CA VAL C 419 -23.77 9.38 23.98
C VAL C 419 -22.56 8.63 23.44
N ILE C 420 -22.67 8.14 22.22
CA ILE C 420 -21.60 7.41 21.51
C ILE C 420 -21.15 8.28 20.36
N VAL C 421 -22.09 8.92 19.72
CA VAL C 421 -21.82 9.94 18.69
C VAL C 421 -22.76 11.07 19.00
N ASP C 422 -22.30 12.28 19.15
CA ASP C 422 -23.19 13.37 19.59
C ASP C 422 -24.21 13.71 18.49
N ARG C 423 -25.30 14.38 18.85
CA ARG C 423 -26.43 14.70 17.95
C ARG C 423 -26.01 15.52 16.70
N GLY C 424 -24.78 16.03 16.59
CA GLY C 424 -24.35 16.78 15.41
C GLY C 424 -23.72 15.88 14.36
N ASN C 425 -23.34 14.66 14.73
CA ASN C 425 -22.49 13.78 13.89
C ASN C 425 -23.27 12.55 13.43
N ARG C 426 -23.16 12.22 12.14
CA ARG C 426 -23.94 11.13 11.48
C ARG C 426 -23.59 9.78 12.04
N SER C 427 -24.58 8.91 12.13
CA SER C 427 -24.40 7.49 12.43
C SER C 427 -24.91 6.68 11.23
N GLY C 428 -25.76 5.71 11.45
CA GLY C 428 -26.14 4.72 10.45
C GLY C 428 -26.52 3.45 11.16
N TYR C 429 -26.21 2.33 10.55
CA TYR C 429 -26.58 1.03 11.14
C TYR C 429 -25.85 0.85 12.44
N SER C 430 -26.32 -0.10 13.20
CA SER C 430 -25.62 -0.52 14.41
C SER C 430 -26.03 -1.95 14.67
N GLY C 431 -25.20 -2.71 15.34
CA GLY C 431 -25.53 -4.13 15.52
C GLY C 431 -24.83 -4.73 16.68
N ILE C 432 -25.56 -5.46 17.49
CA ILE C 432 -24.93 -6.18 18.60
C ILE C 432 -24.03 -7.28 18.01
N PHE C 433 -22.93 -7.57 18.68
CA PHE C 433 -22.20 -8.83 18.51
C PHE C 433 -21.79 -9.33 19.85
N SER C 434 -21.55 -10.60 19.96
CA SER C 434 -21.35 -11.23 21.26
C SER C 434 -19.96 -11.81 21.31
N VAL C 435 -19.31 -11.62 22.44
CA VAL C 435 -17.89 -12.00 22.60
C VAL C 435 -17.82 -12.91 23.79
N GLU C 436 -17.25 -14.09 23.63
CA GLU C 436 -17.28 -15.07 24.74
C GLU C 436 -16.13 -14.78 25.70
N GLY C 437 -16.42 -14.13 26.82
CA GLY C 437 -15.42 -13.84 27.86
C GLY C 437 -15.07 -15.09 28.67
N LYS C 438 -14.32 -14.92 29.74
CA LYS C 438 -13.81 -16.05 30.54
C LYS C 438 -15.00 -16.78 31.20
N SER C 439 -16.01 -16.04 31.69
CA SER C 439 -17.12 -16.65 32.45
C SER C 439 -18.46 -15.95 32.19
N CYS C 440 -18.58 -15.17 31.12
CA CYS C 440 -19.86 -14.58 30.69
C CYS C 440 -19.77 -14.12 29.23
N ILE C 441 -20.89 -14.11 28.52
CA ILE C 441 -21.00 -13.59 27.13
C ILE C 441 -21.13 -12.07 27.19
N ASN C 442 -20.16 -11.35 26.73
CA ASN C 442 -20.27 -9.89 26.69
C ASN C 442 -21.09 -9.51 25.46
N ARG C 443 -21.83 -8.43 25.52
CA ARG C 443 -22.53 -7.86 24.37
C ARG C 443 -21.78 -6.62 23.98
N CYS C 444 -21.26 -6.60 22.80
CA CYS C 444 -20.61 -5.41 22.25
C CYS C 444 -21.56 -4.85 21.21
N PHE C 445 -21.37 -3.64 20.77
CA PHE C 445 -22.15 -3.20 19.61
C PHE C 445 -21.26 -2.33 18.76
N TYR C 446 -21.65 -2.14 17.52
CA TYR C 446 -20.89 -1.30 16.58
C TYR C 446 -21.82 -0.22 16.05
N VAL C 447 -21.28 0.85 15.55
CA VAL C 447 -22.09 1.87 14.88
C VAL C 447 -21.40 2.17 13.55
N GLU C 448 -22.14 2.06 12.49
CA GLU C 448 -21.70 2.50 11.18
C GLU C 448 -21.77 4.01 11.24
N LEU C 449 -20.75 4.69 10.74
CA LEU C 449 -20.74 6.16 10.75
C LEU C 449 -20.71 6.57 9.30
N ILE C 450 -21.88 6.66 8.70
CA ILE C 450 -21.98 6.93 7.24
C ILE C 450 -21.54 8.36 6.97
N ARG C 451 -20.84 8.59 5.87
CA ARG C 451 -20.49 9.94 5.40
C ARG C 451 -20.68 10.03 3.88
N GLY C 452 -20.82 11.26 3.40
CA GLY C 452 -20.98 11.54 1.98
C GLY C 452 -22.42 11.49 1.53
N ARG C 453 -22.63 11.17 0.26
CA ARG C 453 -23.95 11.27 -0.40
C ARG C 453 -25.01 10.39 0.29
N LYS C 454 -26.29 10.81 0.26
CA LYS C 454 -26.78 12.02 -0.43
C LYS C 454 -26.90 13.22 0.53
N GLU C 455 -26.69 13.02 1.84
CA GLU C 455 -26.83 14.06 2.87
C GLU C 455 -25.71 15.10 2.74
N GLU C 456 -24.49 14.64 2.46
CA GLU C 456 -23.31 15.51 2.35
C GLU C 456 -22.92 15.60 0.89
N THR C 457 -23.40 16.63 0.20
CA THR C 457 -23.13 16.86 -1.25
C THR C 457 -21.67 17.30 -1.52
N GLU C 458 -20.86 17.53 -0.50
CA GLU C 458 -19.46 18.01 -0.65
C GLU C 458 -18.58 16.97 -1.37
N VAL C 459 -18.95 15.69 -1.35
CA VAL C 459 -18.20 14.59 -2.03
C VAL C 459 -19.12 13.80 -2.94
N LEU C 460 -18.58 13.04 -3.88
CA LEU C 460 -19.40 12.21 -4.80
C LEU C 460 -19.62 10.82 -4.23
N TRP C 461 -18.87 10.39 -3.25
CA TRP C 461 -18.95 9.01 -2.74
C TRP C 461 -19.82 8.89 -1.48
N THR C 462 -20.12 7.68 -1.08
CA THR C 462 -20.79 7.39 0.20
C THR C 462 -19.98 6.27 0.81
N SER C 463 -19.55 6.44 2.05
CA SER C 463 -18.76 5.40 2.70
C SER C 463 -19.05 5.45 4.19
N ASN C 464 -18.43 4.57 4.96
CA ASN C 464 -18.63 4.60 6.41
C ASN C 464 -17.32 4.34 7.15
N SER C 465 -17.14 4.98 8.30
CA SER C 465 -16.22 4.49 9.34
C SER C 465 -17.04 3.55 10.22
N ILE C 466 -16.41 2.86 11.14
CA ILE C 466 -17.15 2.31 12.29
C ILE C 466 -16.50 2.72 13.60
N VAL C 467 -17.25 2.51 14.64
CA VAL C 467 -16.79 2.62 16.03
C VAL C 467 -17.44 1.47 16.74
N VAL C 468 -16.77 0.92 17.71
CA VAL C 468 -17.21 -0.35 18.36
C VAL C 468 -17.07 -0.21 19.87
N PHE C 469 -18.05 -0.66 20.61
CA PHE C 469 -18.12 -0.56 22.07
C PHE C 469 -18.41 -1.91 22.69
N CYS C 470 -17.92 -2.17 23.89
CA CYS C 470 -18.24 -3.44 24.57
C CYS C 470 -18.88 -3.21 25.92
N GLY C 471 -19.74 -4.12 26.30
CA GLY C 471 -20.37 -4.07 27.61
C GLY C 471 -19.33 -4.21 28.69
N THR C 472 -19.51 -3.46 29.76
CA THR C 472 -18.55 -3.46 30.88
C THR C 472 -19.30 -3.58 32.20
N SER C 473 -18.81 -4.42 33.09
CA SER C 473 -19.29 -4.49 34.49
C SER C 473 -18.65 -3.35 35.28
N GLY C 474 -17.44 -2.96 34.87
CA GLY C 474 -16.65 -1.87 35.46
C GLY C 474 -17.20 -0.51 35.13
N THR C 475 -16.69 0.53 35.76
CA THR C 475 -17.11 1.92 35.46
C THR C 475 -16.56 2.36 34.10
N TYR C 476 -17.12 3.44 33.62
CA TYR C 476 -16.76 4.04 32.34
C TYR C 476 -17.10 5.51 32.43
N GLY C 477 -16.64 6.29 31.49
CA GLY C 477 -16.79 7.76 31.59
C GLY C 477 -17.68 8.28 30.50
N THR C 478 -17.24 9.31 29.79
CA THR C 478 -18.01 9.92 28.69
C THR C 478 -17.08 10.29 27.55
N GLY C 479 -17.67 10.61 26.41
CA GLY C 479 -17.00 11.07 25.19
C GLY C 479 -17.97 11.25 24.06
N SER C 480 -17.45 11.26 22.85
CA SER C 480 -18.20 11.21 21.59
C SER C 480 -17.18 10.83 20.54
N TRP C 481 -17.42 9.75 19.82
CA TRP C 481 -16.42 9.22 18.87
C TRP C 481 -16.98 9.25 17.45
N PRO C 482 -17.17 10.43 16.87
CA PRO C 482 -17.74 10.54 15.54
C PRO C 482 -16.77 10.02 14.49
N ASP C 483 -17.21 10.03 13.26
CA ASP C 483 -16.39 9.58 12.10
C ASP C 483 -15.11 10.41 12.09
N GLY C 484 -15.22 11.72 12.03
CA GLY C 484 -14.03 12.59 12.18
C GLY C 484 -13.40 13.06 10.86
N ALA C 485 -13.89 12.66 9.71
CA ALA C 485 -13.33 13.14 8.43
C ALA C 485 -13.83 14.56 8.15
N ASP C 486 -13.01 15.36 7.47
CA ASP C 486 -13.43 16.70 7.00
C ASP C 486 -13.72 16.63 5.50
N LEU C 487 -14.97 16.46 5.15
CA LEU C 487 -15.34 16.31 3.73
C LEU C 487 -15.16 17.62 2.96
N ASN C 488 -14.90 18.74 3.60
CA ASN C 488 -14.64 20.00 2.84
C ASN C 488 -13.28 19.94 2.17
N LEU C 489 -12.38 19.08 2.68
CA LEU C 489 -10.96 19.04 2.27
C LEU C 489 -10.66 17.86 1.35
N MET C 490 -11.18 16.68 1.64
CA MET C 490 -10.71 15.45 0.97
C MET C 490 -11.28 15.30 -0.44
N PRO C 491 -10.83 14.27 -1.25
CA PRO C 491 -11.23 14.14 -2.65
C PRO C 491 -12.74 14.08 -2.94
N ILE C 492 -13.17 15.05 -3.76
CA ILE C 492 -14.60 15.24 -4.16
C ILE C 492 -14.94 14.18 -5.21
N VAL D 2 13.30 -0.98 -48.08
CA VAL D 2 13.83 -2.41 -48.01
C VAL D 2 13.91 -3.00 -49.43
N GLN D 3 14.90 -3.87 -49.65
CA GLN D 3 15.09 -4.57 -50.96
C GLN D 3 15.22 -6.07 -50.73
N LEU D 4 14.70 -6.85 -51.66
CA LEU D 4 14.81 -8.33 -51.67
C LEU D 4 15.12 -8.78 -53.10
N VAL D 5 16.00 -9.76 -53.24
CA VAL D 5 16.43 -10.30 -54.56
C VAL D 5 16.43 -11.82 -54.44
N GLN D 6 15.97 -12.51 -55.46
CA GLN D 6 15.80 -13.98 -55.38
C GLN D 6 16.63 -14.73 -56.42
N SER D 7 16.91 -16.00 -56.12
CA SER D 7 17.58 -16.97 -57.03
C SER D 7 16.85 -17.02 -58.39
N GLY D 8 17.61 -17.24 -59.46
CA GLY D 8 17.07 -17.37 -60.83
C GLY D 8 16.07 -18.50 -61.00
N ALA D 9 15.44 -18.57 -62.17
CA ALA D 9 14.38 -19.53 -62.52
C ALA D 9 14.82 -20.99 -62.31
N GLU D 10 13.83 -21.86 -62.15
CA GLU D 10 14.06 -23.30 -61.87
C GLU D 10 13.19 -24.20 -62.77
N VAL D 11 13.78 -25.34 -63.14
CA VAL D 11 13.06 -26.43 -63.82
C VAL D 11 13.42 -27.71 -63.07
N LYS D 12 12.43 -28.51 -62.68
CA LYS D 12 12.69 -29.63 -61.73
C LYS D 12 11.84 -30.87 -62.04
N ARG D 13 12.42 -32.03 -61.74
CA ARG D 13 11.82 -33.37 -61.97
C ARG D 13 10.84 -33.68 -60.83
N PRO D 14 9.66 -34.30 -61.07
CA PRO D 14 8.74 -34.63 -59.98
C PRO D 14 9.35 -35.51 -58.86
N GLY D 15 8.80 -35.38 -57.65
CA GLY D 15 9.29 -36.08 -56.44
C GLY D 15 10.54 -35.45 -55.84
N SER D 16 11.27 -34.63 -56.59
CA SER D 16 12.50 -33.91 -56.15
C SER D 16 12.16 -32.74 -55.22
N SER D 17 13.18 -32.05 -54.70
CA SER D 17 13.00 -30.74 -54.01
C SER D 17 13.56 -29.58 -54.85
N VAL D 18 13.16 -28.35 -54.53
CA VAL D 18 13.69 -27.10 -55.13
C VAL D 18 14.01 -26.15 -54.00
N ARG D 19 15.08 -25.37 -54.11
CA ARG D 19 15.52 -24.50 -52.98
C ARG D 19 15.70 -23.08 -53.48
N VAL D 20 14.61 -22.33 -53.47
CA VAL D 20 14.57 -20.89 -53.86
C VAL D 20 15.24 -20.10 -52.75
N SER D 21 16.05 -19.10 -53.10
CA SER D 21 16.73 -18.23 -52.11
C SER D 21 16.26 -16.78 -52.28
N CYS D 22 16.38 -16.01 -51.23
CA CYS D 22 15.97 -14.58 -51.21
C CYS D 22 16.93 -13.80 -50.32
N LYS D 23 17.80 -13.00 -50.93
CA LYS D 23 18.71 -12.10 -50.17
C LYS D 23 17.95 -10.82 -49.88
N ALA D 24 17.68 -10.58 -48.61
CA ALA D 24 17.03 -9.35 -48.12
C ALA D 24 18.10 -8.34 -47.71
N SER D 25 17.73 -7.06 -47.67
CA SER D 25 18.59 -5.95 -47.22
C SER D 25 19.01 -6.14 -45.75
N GLU D 26 20.13 -5.54 -45.36
CA GLU D 26 20.72 -5.60 -43.99
C GLU D 26 19.65 -5.41 -42.89
N GLY D 27 19.66 -6.31 -41.89
CA GLY D 27 18.81 -6.22 -40.68
C GLY D 27 17.34 -6.56 -40.92
N THR D 28 16.92 -6.92 -42.13
CA THR D 28 15.48 -7.17 -42.46
C THR D 28 14.89 -8.25 -41.55
N PHE D 29 15.61 -9.34 -41.33
CA PHE D 29 15.06 -10.49 -40.57
C PHE D 29 14.90 -10.18 -39.08
N ASN D 30 15.35 -9.00 -38.62
CA ASN D 30 15.19 -8.58 -37.21
C ASN D 30 13.96 -7.70 -37.05
N LYS D 31 13.30 -7.32 -38.14
CA LYS D 31 12.17 -6.35 -38.12
C LYS D 31 10.90 -6.93 -38.74
N TYR D 32 10.97 -7.54 -39.90
CA TYR D 32 9.79 -8.09 -40.61
C TYR D 32 9.81 -9.61 -40.63
N THR D 33 8.67 -10.25 -40.40
CA THR D 33 8.53 -11.71 -40.66
C THR D 33 8.88 -11.92 -42.13
N LEU D 34 9.73 -12.89 -42.47
CA LEU D 34 9.92 -13.18 -43.91
C LEU D 34 8.95 -14.27 -44.31
N THR D 35 8.38 -14.16 -45.50
CA THR D 35 7.34 -15.10 -45.94
C THR D 35 7.54 -15.48 -47.39
N TRP D 36 7.00 -16.63 -47.74
CA TRP D 36 7.00 -17.10 -49.14
C TRP D 36 5.57 -17.15 -49.64
N VAL D 37 5.30 -16.48 -50.75
CA VAL D 37 3.94 -16.45 -51.36
C VAL D 37 4.03 -16.91 -52.81
N ARG D 38 3.21 -17.91 -53.14
CA ARG D 38 3.17 -18.58 -54.45
C ARG D 38 2.15 -17.92 -55.39
N GLN D 39 2.38 -18.02 -56.69
CA GLN D 39 1.36 -17.63 -57.69
C GLN D 39 1.40 -18.61 -58.86
N ALA D 40 0.49 -19.59 -58.85
CA ALA D 40 0.34 -20.58 -59.95
C ALA D 40 -0.11 -19.83 -61.21
N PRO D 41 0.29 -20.24 -62.43
CA PRO D 41 0.22 -19.40 -63.64
C PRO D 41 -1.08 -18.62 -63.92
N GLY D 42 -2.27 -19.22 -63.75
CA GLY D 42 -3.57 -18.56 -63.95
C GLY D 42 -4.28 -18.19 -62.65
N GLN D 43 -3.75 -18.63 -61.50
CA GLN D 43 -4.42 -18.62 -60.18
C GLN D 43 -4.08 -17.38 -59.35
N GLY D 44 -4.68 -17.29 -58.16
CA GLY D 44 -4.40 -16.24 -57.17
C GLY D 44 -3.23 -16.59 -56.27
N LEU D 45 -2.83 -15.59 -55.47
CA LEU D 45 -1.69 -15.66 -54.52
C LEU D 45 -2.01 -16.66 -53.40
N GLU D 46 -0.97 -17.30 -52.88
CA GLU D 46 -1.12 -18.39 -51.90
C GLU D 46 0.10 -18.40 -50.98
N TRP D 47 -0.10 -17.95 -49.76
CA TRP D 47 0.96 -17.88 -48.73
C TRP D 47 1.35 -19.29 -48.31
N MET D 48 2.66 -19.60 -48.31
CA MET D 48 3.19 -20.93 -47.91
C MET D 48 3.61 -20.95 -46.45
N GLY D 49 4.10 -19.83 -45.96
CA GLY D 49 4.60 -19.78 -44.58
C GLY D 49 5.52 -18.60 -44.38
N GLY D 50 6.03 -18.48 -43.17
CA GLY D 50 6.97 -17.40 -42.86
C GLY D 50 7.77 -17.69 -41.61
N ILE D 51 8.70 -16.80 -41.31
CA ILE D 51 9.65 -16.97 -40.18
C ILE D 51 9.64 -15.67 -39.36
N ILE D 52 9.45 -15.83 -38.05
CA ILE D 52 9.24 -14.73 -37.08
C ILE D 52 10.57 -14.01 -36.86
N PRO D 53 10.59 -12.65 -36.89
CA PRO D 53 11.83 -11.89 -36.88
C PRO D 53 12.55 -11.65 -35.54
N ILE D 54 12.48 -12.59 -34.59
CA ILE D 54 13.45 -12.59 -33.45
C ILE D 54 13.84 -14.02 -33.18
N SER D 55 12.82 -14.84 -32.87
CA SER D 55 12.97 -16.28 -32.54
C SER D 55 13.33 -17.13 -33.76
N GLY D 56 13.14 -16.65 -34.99
CA GLY D 56 13.39 -17.46 -36.19
C GLY D 56 12.49 -18.68 -36.25
N ILE D 57 11.42 -18.71 -35.46
CA ILE D 57 10.41 -19.80 -35.52
C ILE D 57 9.65 -19.63 -36.82
N ALA D 58 9.42 -20.73 -37.55
CA ALA D 58 8.71 -20.66 -38.84
C ALA D 58 7.35 -21.36 -38.75
N ASN D 59 6.37 -20.75 -39.41
CA ASN D 59 4.97 -21.22 -39.42
C ASN D 59 4.54 -21.43 -40.86
N TYR D 60 3.90 -22.56 -41.16
CA TYR D 60 3.58 -22.96 -42.54
C TYR D 60 2.08 -23.12 -42.77
N ALA D 61 1.64 -22.85 -44.00
CA ALA D 61 0.24 -23.02 -44.43
C ALA D 61 -0.15 -24.50 -44.45
N GLN D 62 -1.42 -24.81 -44.24
CA GLN D 62 -1.96 -26.20 -44.19
C GLN D 62 -1.47 -27.05 -45.37
N LYS D 63 -1.57 -26.52 -46.58
CA LYS D 63 -1.27 -27.24 -47.84
C LYS D 63 0.20 -27.62 -47.96
N PHE D 64 1.10 -26.95 -47.26
CA PHE D 64 2.56 -27.14 -47.41
C PHE D 64 3.23 -27.67 -46.14
N GLN D 65 2.54 -27.64 -45.01
CA GLN D 65 3.10 -28.07 -43.72
C GLN D 65 3.54 -29.54 -43.84
N GLY D 66 4.77 -29.79 -43.40
CA GLY D 66 5.41 -31.12 -43.45
C GLY D 66 6.16 -31.38 -44.75
N ARG D 67 6.16 -30.48 -45.74
CA ARG D 67 7.01 -30.68 -46.95
C ARG D 67 7.80 -29.44 -47.34
N VAL D 68 7.39 -28.21 -46.95
CA VAL D 68 8.29 -27.03 -47.10
C VAL D 68 9.16 -26.89 -45.86
N ALA D 69 10.32 -26.31 -46.06
CA ALA D 69 11.20 -25.83 -44.98
C ALA D 69 11.54 -24.38 -45.31
N ILE D 70 11.32 -23.47 -44.36
CA ILE D 70 11.76 -22.06 -44.50
C ILE D 70 12.82 -21.82 -43.45
N THR D 71 13.93 -21.24 -43.85
CA THR D 71 15.07 -20.99 -42.94
C THR D 71 15.75 -19.70 -43.36
N ALA D 72 16.44 -19.04 -42.43
CA ALA D 72 17.10 -17.76 -42.71
C ALA D 72 18.43 -17.66 -41.96
N ASP D 73 19.32 -16.83 -42.49
CA ASP D 73 20.69 -16.64 -41.95
C ASP D 73 21.05 -15.15 -42.01
N GLU D 74 21.20 -14.52 -40.84
CA GLU D 74 21.57 -13.09 -40.74
C GLU D 74 23.01 -12.83 -41.18
N SER D 75 23.87 -13.86 -41.24
CA SER D 75 25.29 -13.67 -41.66
C SER D 75 25.32 -13.23 -43.14
N THR D 76 24.34 -13.67 -43.92
CA THR D 76 24.20 -13.40 -45.37
C THR D 76 22.92 -12.63 -45.67
N THR D 77 22.05 -12.45 -44.67
CA THR D 77 20.66 -11.92 -44.77
C THR D 77 19.94 -12.57 -45.95
N THR D 78 20.11 -13.88 -46.09
CA THR D 78 19.40 -14.70 -47.08
C THR D 78 18.44 -15.62 -46.35
N ALA D 79 17.27 -15.80 -46.94
CA ALA D 79 16.28 -16.79 -46.47
C ALA D 79 16.04 -17.75 -47.62
N TYR D 80 15.72 -18.98 -47.29
CA TYR D 80 15.60 -20.05 -48.30
C TYR D 80 14.30 -20.81 -48.06
N MET D 81 13.65 -21.18 -49.14
CA MET D 81 12.49 -22.08 -49.07
C MET D 81 12.87 -23.36 -49.80
N GLU D 82 12.91 -24.48 -49.10
CA GLU D 82 13.08 -25.78 -49.77
C GLU D 82 11.69 -26.42 -49.84
N LEU D 83 11.21 -26.66 -51.05
CA LEU D 83 9.89 -27.31 -51.27
C LEU D 83 10.16 -28.74 -51.74
N SER D 84 9.69 -29.72 -50.97
CA SER D 84 9.91 -31.17 -51.19
C SER D 84 8.75 -31.83 -51.94
N SER D 85 8.98 -33.02 -52.50
CA SER D 85 7.96 -33.88 -53.16
C SER D 85 7.19 -33.08 -54.23
N LEU D 86 7.93 -32.31 -55.05
CA LEU D 86 7.38 -31.47 -56.14
C LEU D 86 6.48 -32.25 -57.10
N ARG D 87 5.37 -31.66 -57.51
CA ARG D 87 4.48 -32.19 -58.57
C ARG D 87 4.07 -31.02 -59.47
N SER D 88 3.50 -31.26 -60.64
CA SER D 88 3.22 -30.18 -61.62
C SER D 88 2.33 -29.08 -61.02
N GLU D 89 1.53 -29.41 -59.99
CA GLU D 89 0.71 -28.45 -59.20
C GLU D 89 1.60 -27.32 -58.64
N ASP D 90 2.85 -27.65 -58.31
CA ASP D 90 3.81 -26.69 -57.71
C ASP D 90 4.45 -25.78 -58.75
N SER D 91 4.18 -25.97 -60.05
CA SER D 91 4.69 -25.05 -61.10
C SER D 91 4.06 -23.68 -60.85
N ALA D 92 4.86 -22.72 -60.42
CA ALA D 92 4.36 -21.40 -60.01
C ALA D 92 5.50 -20.39 -59.87
N VAL D 93 5.17 -19.11 -59.82
CA VAL D 93 6.16 -18.08 -59.40
C VAL D 93 6.17 -18.06 -57.86
N TYR D 94 7.34 -18.06 -57.26
CA TYR D 94 7.50 -18.02 -55.79
C TYR D 94 8.10 -16.66 -55.46
N TYR D 95 7.39 -15.86 -54.67
CA TYR D 95 7.87 -14.54 -54.21
C TYR D 95 8.25 -14.64 -52.74
N CYS D 96 9.40 -14.12 -52.34
CA CYS D 96 9.66 -13.86 -50.91
C CYS D 96 9.09 -12.49 -50.60
N ALA D 97 8.48 -12.33 -49.44
CA ALA D 97 7.93 -11.01 -49.06
C ALA D 97 8.04 -10.80 -47.57
N THR D 98 8.32 -9.56 -47.18
CA THR D 98 8.30 -9.11 -45.78
C THR D 98 6.85 -9.11 -45.32
N ALA D 99 6.57 -9.49 -44.09
CA ALA D 99 5.24 -9.33 -43.48
C ALA D 99 5.42 -8.46 -42.26
N VAL D 100 4.63 -7.40 -42.10
CA VAL D 100 4.82 -6.43 -40.98
C VAL D 100 4.69 -7.10 -39.61
N SER D 101 4.11 -8.28 -39.51
CA SER D 101 3.95 -8.98 -38.24
C SER D 101 5.31 -9.17 -37.55
N ASP D 102 5.54 -8.53 -36.42
CA ASP D 102 6.80 -8.66 -35.64
C ASP D 102 6.77 -9.89 -34.75
N TYR D 103 5.61 -10.34 -34.31
CA TYR D 103 5.48 -11.14 -33.07
C TYR D 103 4.18 -11.93 -33.11
N PHE D 104 4.20 -13.08 -32.42
CA PHE D 104 3.05 -13.99 -32.32
C PHE D 104 2.64 -14.15 -30.86
N ASN D 105 1.42 -13.74 -30.50
CA ASN D 105 0.86 -14.03 -29.15
C ASN D 105 0.38 -15.46 -29.13
N ARG D 106 0.81 -16.29 -28.21
CA ARG D 106 0.38 -17.69 -28.20
C ARG D 106 -1.14 -17.77 -27.99
N ASP D 107 -1.76 -16.72 -27.49
CA ASP D 107 -3.23 -16.62 -27.32
C ASP D 107 -3.90 -15.81 -28.45
N LEU D 108 -3.49 -14.59 -28.71
CA LEU D 108 -4.17 -13.66 -29.63
C LEU D 108 -3.70 -13.76 -31.10
N GLY D 109 -2.90 -14.76 -31.47
CA GLY D 109 -2.43 -14.90 -32.87
C GLY D 109 -1.50 -13.80 -33.37
N TRP D 110 -1.61 -13.42 -34.63
CA TRP D 110 -0.72 -12.45 -35.33
C TRP D 110 -1.42 -11.13 -35.61
N GLU D 111 -0.75 -10.03 -35.37
CA GLU D 111 -1.20 -8.73 -35.92
C GLU D 111 -0.45 -8.45 -37.23
N ASP D 112 -1.01 -7.56 -38.05
CA ASP D 112 -0.36 -6.91 -39.23
C ASP D 112 0.32 -7.86 -40.22
N TYR D 113 -0.24 -9.02 -40.49
CA TYR D 113 0.39 -9.95 -41.49
C TYR D 113 0.01 -9.54 -42.91
N TYR D 114 0.50 -8.41 -43.35
CA TYR D 114 0.36 -7.93 -44.75
C TYR D 114 1.75 -7.66 -45.31
N PHE D 115 1.87 -7.66 -46.64
CA PHE D 115 3.18 -7.76 -47.32
C PHE D 115 3.59 -6.47 -48.01
N PRO D 116 4.30 -5.52 -47.35
CA PRO D 116 4.67 -4.26 -47.99
C PRO D 116 5.80 -4.37 -49.02
N PHE D 117 6.75 -5.29 -48.86
CA PHE D 117 7.89 -5.46 -49.80
C PHE D 117 7.98 -6.90 -50.30
N TRP D 118 8.16 -7.03 -51.61
CA TRP D 118 8.15 -8.29 -52.37
C TRP D 118 9.44 -8.44 -53.18
N GLY D 119 9.99 -9.66 -53.26
CA GLY D 119 11.11 -10.00 -54.17
C GLY D 119 10.66 -9.96 -55.63
N GLN D 120 11.60 -10.09 -56.57
CA GLN D 120 11.27 -10.01 -58.02
C GLN D 120 10.51 -11.27 -58.46
N GLY D 121 10.44 -12.32 -57.63
CA GLY D 121 9.74 -13.56 -57.97
C GLY D 121 10.60 -14.53 -58.78
N THR D 122 10.63 -15.80 -58.35
CA THR D 122 11.38 -16.88 -59.00
C THR D 122 10.39 -17.81 -59.69
N LEU D 123 10.49 -17.95 -61.01
CA LEU D 123 9.63 -18.91 -61.75
C LEU D 123 10.14 -20.33 -61.49
N VAL D 124 9.29 -21.19 -60.93
CA VAL D 124 9.61 -22.63 -60.73
C VAL D 124 8.70 -23.43 -61.66
N THR D 125 9.26 -24.39 -62.38
CA THR D 125 8.49 -25.26 -63.31
C THR D 125 8.74 -26.72 -62.94
N VAL D 126 7.69 -27.51 -62.92
CA VAL D 126 7.79 -28.93 -62.46
C VAL D 126 7.16 -29.84 -63.52
N ALA D 127 8.03 -30.48 -64.31
CA ALA D 127 7.62 -31.33 -65.44
C ALA D 127 8.63 -32.45 -65.68
N SER D 128 8.15 -33.59 -66.18
CA SER D 128 8.95 -34.77 -66.57
C SER D 128 9.61 -34.56 -67.95
N ALA D 129 9.16 -33.57 -68.74
CA ALA D 129 9.73 -33.23 -70.07
C ALA D 129 11.22 -32.84 -69.97
N SER D 130 11.96 -32.94 -71.07
CA SER D 130 13.42 -32.67 -71.13
C SER D 130 13.70 -31.42 -71.97
N GLU E 1 -10.70 -21.81 -42.32
CA GLU E 1 -10.06 -21.02 -43.43
C GLU E 1 -11.08 -20.00 -43.96
N ILE E 2 -10.82 -18.72 -43.77
CA ILE E 2 -11.72 -17.65 -44.26
C ILE E 2 -11.58 -17.57 -45.78
N VAL E 3 -12.70 -17.49 -46.49
CA VAL E 3 -12.66 -17.42 -47.98
C VAL E 3 -12.94 -15.99 -48.43
N MET E 4 -11.97 -15.40 -49.12
CA MET E 4 -12.13 -14.06 -49.71
C MET E 4 -12.73 -14.22 -51.10
N THR E 5 -13.62 -13.31 -51.48
CA THR E 5 -14.30 -13.35 -52.80
C THR E 5 -14.29 -11.97 -53.39
N GLN E 6 -13.96 -11.83 -54.67
CA GLN E 6 -13.94 -10.49 -55.31
C GLN E 6 -14.88 -10.44 -56.51
N SER E 7 -15.46 -9.27 -56.71
CA SER E 7 -16.36 -9.06 -57.86
C SER E 7 -16.33 -7.61 -58.34
N PRO E 8 -16.55 -7.37 -59.65
CA PRO E 8 -16.65 -8.41 -60.67
C PRO E 8 -15.26 -8.95 -61.00
N ALA E 9 -15.17 -10.13 -61.63
CA ALA E 9 -13.87 -10.76 -61.97
C ALA E 9 -13.10 -9.86 -62.96
N THR E 10 -13.80 -9.18 -63.86
CA THR E 10 -13.19 -8.36 -64.94
C THR E 10 -13.89 -7.01 -65.00
N LEU E 11 -13.45 -6.09 -64.15
CA LEU E 11 -14.05 -4.74 -64.02
C LEU E 11 -13.54 -3.86 -65.16
N SER E 12 -14.14 -3.97 -66.33
CA SER E 12 -13.72 -3.16 -67.52
C SER E 12 -14.15 -1.71 -67.31
N VAL E 13 -13.19 -0.79 -67.31
CA VAL E 13 -13.40 0.66 -66.99
C VAL E 13 -12.58 1.52 -67.97
N SER E 14 -13.11 2.67 -68.39
CA SER E 14 -12.39 3.57 -69.33
C SER E 14 -11.38 4.43 -68.58
N PRO E 15 -10.30 4.91 -69.25
CA PRO E 15 -9.35 5.84 -68.63
C PRO E 15 -10.02 7.15 -68.19
N GLY E 16 -9.50 7.72 -67.09
CA GLY E 16 -10.04 8.93 -66.45
C GLY E 16 -11.22 8.64 -65.54
N ALA E 17 -12.00 7.58 -65.83
CA ALA E 17 -13.22 7.23 -65.04
C ALA E 17 -12.85 6.65 -63.66
N ARG E 18 -13.86 6.50 -62.79
CA ARG E 18 -13.71 5.86 -61.45
C ARG E 18 -13.98 4.35 -61.54
N ALA E 19 -13.25 3.55 -60.77
CA ALA E 19 -13.50 2.10 -60.60
C ALA E 19 -13.69 1.78 -59.12
N THR E 20 -14.56 0.83 -58.79
CA THR E 20 -14.69 0.32 -57.40
C THR E 20 -14.70 -1.20 -57.42
N LEU E 21 -13.82 -1.80 -56.64
CA LEU E 21 -13.63 -3.27 -56.59
C LEU E 21 -14.14 -3.76 -55.24
N PHE E 22 -15.01 -4.76 -55.25
CA PHE E 22 -15.65 -5.27 -54.02
C PHE E 22 -14.92 -6.51 -53.55
N CYS E 23 -14.82 -6.64 -52.24
CA CYS E 23 -14.25 -7.85 -51.63
C CYS E 23 -15.12 -8.29 -50.45
N ARG E 24 -15.42 -9.58 -50.39
CA ARG E 24 -16.25 -10.21 -49.34
C ARG E 24 -15.40 -11.22 -48.58
N ALA E 25 -15.68 -11.42 -47.32
CA ALA E 25 -15.02 -12.45 -46.49
C ALA E 25 -16.08 -13.42 -45.96
N SER E 26 -15.77 -14.72 -45.89
CA SER E 26 -16.75 -15.75 -45.43
C SER E 26 -17.15 -15.54 -43.97
N ARG E 27 -16.41 -14.74 -43.20
CA ARG E 27 -16.87 -14.22 -41.88
C ARG E 27 -16.20 -12.88 -41.60
N SER E 28 -16.60 -12.19 -40.55
CA SER E 28 -16.05 -10.84 -40.25
C SER E 28 -14.54 -10.95 -40.02
N VAL E 29 -13.78 -10.14 -40.78
CA VAL E 29 -12.30 -10.03 -40.64
C VAL E 29 -11.96 -8.68 -39.98
N SER E 30 -12.90 -8.02 -39.31
CA SER E 30 -12.68 -6.71 -38.68
C SER E 30 -12.13 -5.74 -39.74
N ASP E 31 -11.15 -4.90 -39.44
CA ASP E 31 -10.52 -4.01 -40.45
C ASP E 31 -9.20 -4.62 -40.92
N ASN E 32 -8.92 -5.87 -40.55
CA ASN E 32 -7.67 -6.59 -40.87
C ASN E 32 -7.72 -7.04 -42.32
N LEU E 33 -7.63 -6.11 -43.24
CA LEU E 33 -7.64 -6.45 -44.67
C LEU E 33 -6.73 -5.53 -45.47
N ALA E 34 -6.16 -6.07 -46.55
CA ALA E 34 -5.21 -5.36 -47.43
C ALA E 34 -5.54 -5.58 -48.89
N TRP E 35 -5.06 -4.69 -49.74
CA TRP E 35 -5.29 -4.73 -51.20
C TRP E 35 -3.95 -4.64 -51.93
N TYR E 36 -3.71 -5.53 -52.89
CA TYR E 36 -2.46 -5.55 -53.69
C TYR E 36 -2.71 -5.35 -55.17
N GLN E 37 -2.11 -4.33 -55.75
CA GLN E 37 -2.07 -4.13 -57.22
C GLN E 37 -1.04 -5.10 -57.81
N GLN E 38 -1.22 -5.55 -59.05
CA GLN E 38 -0.17 -6.38 -59.70
C GLN E 38 -0.19 -6.15 -61.21
N LYS E 39 0.82 -5.48 -61.74
CA LYS E 39 0.97 -5.33 -63.21
C LYS E 39 1.31 -6.71 -63.75
N PRO E 40 0.95 -7.05 -65.02
CA PRO E 40 1.29 -8.35 -65.58
C PRO E 40 2.81 -8.62 -65.55
N GLY E 41 3.21 -9.64 -64.79
CA GLY E 41 4.61 -10.10 -64.68
C GLY E 41 5.37 -9.51 -63.50
N GLN E 42 4.92 -8.42 -62.88
CA GLN E 42 5.63 -7.80 -61.73
C GLN E 42 5.19 -8.46 -60.41
N ALA E 43 5.93 -8.22 -59.34
CA ALA E 43 5.54 -8.67 -57.99
C ALA E 43 4.36 -7.84 -57.53
N PRO E 44 3.47 -8.36 -56.64
CA PRO E 44 2.37 -7.56 -56.12
C PRO E 44 2.87 -6.31 -55.37
N ARG E 45 2.05 -5.28 -55.32
CA ARG E 45 2.34 -3.96 -54.68
C ARG E 45 1.25 -3.66 -53.66
N LEU E 46 1.59 -3.54 -52.38
CA LEU E 46 0.58 -3.21 -51.34
C LEU E 46 0.00 -1.84 -51.61
N LEU E 47 -1.32 -1.71 -51.67
CA LEU E 47 -1.98 -0.38 -51.82
C LEU E 47 -2.62 0.04 -50.51
N ILE E 48 -3.42 -0.82 -49.90
CA ILE E 48 -4.19 -0.47 -48.68
C ILE E 48 -3.91 -1.52 -47.61
N PHE E 49 -3.90 -1.14 -46.36
CA PHE E 49 -3.90 -2.09 -45.22
C PHE E 49 -4.81 -1.53 -44.14
N GLY E 50 -5.17 -2.34 -43.16
CA GLY E 50 -6.18 -1.94 -42.14
C GLY E 50 -7.47 -1.48 -42.79
N ALA E 51 -7.81 -2.08 -43.92
CA ALA E 51 -9.01 -1.81 -44.76
C ALA E 51 -9.05 -0.37 -45.32
N SER E 52 -8.30 0.61 -44.80
CA SER E 52 -8.39 2.02 -45.28
C SER E 52 -7.07 2.79 -45.31
N THR E 53 -6.04 2.37 -44.58
CA THR E 53 -4.73 3.09 -44.56
C THR E 53 -3.98 2.87 -45.87
N ARG E 54 -3.59 3.93 -46.59
CA ARG E 54 -2.79 3.77 -47.82
C ARG E 54 -1.35 3.38 -47.45
N ALA E 55 -0.73 2.52 -48.25
CA ALA E 55 0.69 2.14 -48.05
C ALA E 55 1.61 3.27 -48.54
N THR E 56 2.91 3.11 -48.25
CA THR E 56 3.96 4.16 -48.43
C THR E 56 3.94 4.77 -49.84
N GLY E 57 3.99 3.95 -50.88
CA GLY E 57 4.17 4.46 -52.26
C GLY E 57 2.87 4.80 -52.97
N VAL E 58 1.77 5.06 -52.25
CA VAL E 58 0.41 5.00 -52.88
C VAL E 58 -0.16 6.39 -53.07
N PRO E 59 -0.51 6.79 -54.33
CA PRO E 59 -1.08 8.11 -54.58
C PRO E 59 -2.53 8.23 -54.08
N ALA E 60 -2.97 9.48 -53.94
CA ALA E 60 -4.31 9.87 -53.41
C ALA E 60 -5.46 9.16 -54.13
N ARG E 61 -5.30 8.85 -55.42
CA ARG E 61 -6.40 8.34 -56.28
C ARG E 61 -6.84 6.93 -55.85
N PHE E 62 -6.12 6.21 -54.98
CA PHE E 62 -6.57 4.90 -54.44
C PHE E 62 -7.06 5.08 -53.01
N SER E 63 -8.27 4.67 -52.70
CA SER E 63 -8.82 4.80 -51.34
C SER E 63 -9.62 3.56 -50.98
N GLY E 64 -9.34 2.99 -49.81
CA GLY E 64 -10.02 1.79 -49.32
C GLY E 64 -11.06 2.12 -48.28
N SER E 65 -12.13 1.33 -48.23
CA SER E 65 -13.25 1.54 -47.28
C SER E 65 -13.94 0.22 -46.94
N GLY E 66 -14.65 0.22 -45.82
CA GLY E 66 -15.42 -0.94 -45.35
C GLY E 66 -14.82 -1.53 -44.09
N SER E 67 -15.56 -2.44 -43.47
CA SER E 67 -15.15 -3.18 -42.25
C SER E 67 -16.08 -4.38 -42.07
N GLY E 68 -15.63 -5.36 -41.29
CA GLY E 68 -16.40 -6.58 -41.01
C GLY E 68 -16.30 -7.57 -42.13
N THR E 69 -17.33 -7.72 -42.95
CA THR E 69 -17.39 -8.77 -44.00
C THR E 69 -17.30 -8.17 -45.40
N GLN E 70 -17.48 -6.88 -45.59
CA GLN E 70 -17.49 -6.30 -46.97
C GLN E 70 -16.62 -5.05 -47.06
N PHE E 71 -15.83 -5.00 -48.12
CA PHE E 71 -14.78 -3.97 -48.33
C PHE E 71 -14.75 -3.54 -49.77
N THR E 72 -14.28 -2.32 -49.99
CA THR E 72 -14.21 -1.75 -51.36
C THR E 72 -12.90 -0.98 -51.55
N LEU E 73 -12.29 -1.17 -52.71
CA LEU E 73 -11.16 -0.31 -53.14
C LEU E 73 -11.72 0.63 -54.19
N THR E 74 -11.54 1.92 -53.98
CA THR E 74 -12.03 2.97 -54.91
C THR E 74 -10.82 3.59 -55.61
N ILE E 75 -10.91 3.71 -56.92
CA ILE E 75 -9.83 4.27 -57.77
C ILE E 75 -10.48 5.47 -58.47
N SER E 76 -10.26 6.67 -57.94
CA SER E 76 -11.08 7.89 -58.23
C SER E 76 -10.98 8.36 -59.69
N SER E 77 -9.86 8.14 -60.36
CA SER E 77 -9.67 8.53 -61.78
C SER E 77 -8.52 7.71 -62.36
N LEU E 78 -8.83 6.72 -63.20
CA LEU E 78 -7.80 5.75 -63.64
C LEU E 78 -6.82 6.35 -64.65
N GLN E 79 -5.54 6.30 -64.30
CA GLN E 79 -4.40 6.53 -65.21
C GLN E 79 -4.11 5.22 -65.94
N SER E 80 -3.40 5.23 -67.07
CA SER E 80 -3.02 3.97 -67.78
C SER E 80 -2.22 3.03 -66.87
N GLU E 81 -1.60 3.59 -65.82
CA GLU E 81 -0.84 2.86 -64.77
C GLU E 81 -1.73 1.90 -63.96
N ASP E 82 -3.03 2.14 -63.89
CA ASP E 82 -3.92 1.47 -62.90
C ASP E 82 -4.53 0.17 -63.43
N PHE E 83 -4.50 -0.07 -64.75
CA PHE E 83 -5.09 -1.29 -65.36
C PHE E 83 -4.18 -2.46 -65.01
N ALA E 84 -4.62 -3.23 -64.03
CA ALA E 84 -3.84 -4.30 -63.37
C ALA E 84 -4.78 -5.28 -62.67
N VAL E 85 -4.27 -6.42 -62.23
CA VAL E 85 -5.06 -7.31 -61.35
C VAL E 85 -4.96 -6.76 -59.93
N TYR E 86 -6.05 -6.82 -59.18
CA TYR E 86 -6.06 -6.38 -57.77
C TYR E 86 -6.50 -7.53 -56.89
N TYR E 87 -5.69 -7.87 -55.91
CA TYR E 87 -5.97 -8.99 -54.97
C TYR E 87 -6.31 -8.40 -53.62
N CYS E 88 -7.39 -8.89 -53.07
CA CYS E 88 -7.83 -8.64 -51.69
C CYS E 88 -7.11 -9.63 -50.77
N GLN E 89 -6.93 -9.34 -49.49
CA GLN E 89 -6.29 -10.31 -48.57
C GLN E 89 -6.62 -10.00 -47.13
N HIS E 90 -7.10 -10.97 -46.36
CA HIS E 90 -7.33 -10.73 -44.93
C HIS E 90 -6.07 -11.07 -44.17
N TYR E 91 -5.91 -10.43 -43.02
CA TYR E 91 -4.81 -10.75 -42.10
C TYR E 91 -5.32 -10.83 -40.68
N ASN E 92 -6.58 -11.24 -40.55
CA ASN E 92 -7.34 -11.23 -39.29
C ASN E 92 -6.95 -12.36 -38.34
N ILE E 93 -6.11 -12.06 -37.36
CA ILE E 93 -5.86 -12.92 -36.17
C ILE E 93 -5.13 -14.23 -36.51
N TRP E 94 -5.54 -15.02 -37.50
CA TRP E 94 -5.03 -16.41 -37.60
C TRP E 94 -4.89 -16.90 -39.05
N PRO E 95 -3.94 -17.82 -39.34
CA PRO E 95 -3.78 -18.38 -40.67
C PRO E 95 -4.96 -19.21 -41.14
N PRO E 96 -5.08 -19.47 -42.47
CA PRO E 96 -4.20 -18.91 -43.48
C PRO E 96 -4.59 -17.49 -43.92
N TRP E 97 -3.60 -16.72 -44.32
CA TRP E 97 -3.79 -15.33 -44.77
C TRP E 97 -4.24 -15.37 -46.23
N THR E 98 -5.47 -15.84 -46.44
CA THR E 98 -6.01 -16.10 -47.79
C THR E 98 -6.17 -14.83 -48.59
N PHE E 99 -5.89 -14.94 -49.86
CA PHE E 99 -6.12 -13.87 -50.84
C PHE E 99 -7.42 -14.11 -51.63
N GLY E 100 -7.96 -13.04 -52.22
CA GLY E 100 -9.07 -13.13 -53.18
C GLY E 100 -8.58 -13.65 -54.52
N GLN E 101 -9.46 -14.12 -55.39
CA GLN E 101 -9.03 -14.65 -56.71
C GLN E 101 -8.60 -13.51 -57.63
N GLY E 102 -8.84 -12.26 -57.23
CA GLY E 102 -8.35 -11.07 -57.93
C GLY E 102 -9.30 -10.57 -59.01
N THR E 103 -9.39 -9.25 -59.13
CA THR E 103 -10.20 -8.57 -60.17
C THR E 103 -9.28 -7.92 -61.19
N LYS E 104 -9.41 -8.26 -62.46
CA LYS E 104 -8.64 -7.58 -63.53
C LYS E 104 -9.36 -6.31 -63.91
N VAL E 105 -8.71 -5.17 -63.76
CA VAL E 105 -9.31 -3.89 -64.20
C VAL E 105 -8.91 -3.71 -65.66
N GLU E 106 -9.78 -4.13 -66.58
CA GLU E 106 -9.53 -3.98 -68.04
C GLU E 106 -9.77 -2.52 -68.48
N ILE E 107 -9.16 -2.13 -69.59
CA ILE E 107 -9.46 -0.83 -70.24
C ILE E 107 -10.76 -1.00 -71.05
N LYS E 108 -11.82 -0.26 -70.70
CA LYS E 108 -13.07 -0.27 -71.51
C LYS E 108 -12.93 0.72 -72.66
N ARG E 109 -13.37 0.30 -73.85
CA ARG E 109 -13.38 1.09 -75.11
C ARG E 109 -14.50 0.59 -76.05
N THR E 110 -14.63 1.18 -77.24
CA THR E 110 -15.66 0.80 -78.25
C THR E 110 -15.37 -0.61 -78.78
N ALA F 105 -0.02 -33.53 6.62
CA ALA F 105 -1.16 -33.69 5.65
C ALA F 105 -0.84 -34.80 4.64
N GLU F 106 -1.85 -35.59 4.25
CA GLU F 106 -1.69 -36.68 3.25
C GLU F 106 -1.72 -36.09 1.84
N TYR F 107 -1.18 -36.79 0.85
CA TYR F 107 -1.34 -36.37 -0.56
C TYR F 107 -2.82 -36.38 -0.93
N ARG F 108 -3.24 -35.45 -1.79
CA ARG F 108 -4.61 -35.38 -2.33
C ARG F 108 -4.94 -36.59 -3.19
N ASN F 109 -6.20 -37.04 -3.13
CA ASN F 109 -6.61 -38.17 -4.00
C ASN F 109 -7.93 -37.93 -4.76
N TRP F 110 -8.79 -36.99 -4.39
CA TRP F 110 -10.09 -36.73 -5.05
C TRP F 110 -10.96 -37.98 -5.26
N SER F 111 -10.89 -38.97 -4.37
CA SER F 111 -11.62 -40.26 -4.49
C SER F 111 -13.12 -40.04 -4.35
N LYS F 112 -13.54 -38.92 -3.74
CA LYS F 112 -14.96 -38.61 -3.49
C LYS F 112 -15.69 -38.45 -4.82
N PRO F 113 -17.00 -38.80 -4.90
CA PRO F 113 -17.73 -38.64 -6.14
C PRO F 113 -17.95 -37.17 -6.48
N GLN F 114 -18.29 -36.85 -7.71
CA GLN F 114 -18.51 -35.45 -8.11
C GLN F 114 -19.90 -35.04 -7.60
N CYS F 115 -20.06 -33.78 -7.23
CA CYS F 115 -21.31 -33.22 -6.65
C CYS F 115 -22.46 -33.24 -7.65
N ASP F 116 -23.69 -33.33 -7.14
CA ASP F 116 -24.92 -33.26 -7.99
C ASP F 116 -25.14 -31.80 -8.42
N ILE F 117 -24.37 -31.35 -9.39
CA ILE F 117 -24.44 -29.95 -9.85
C ILE F 117 -25.72 -29.72 -10.65
N THR F 118 -26.37 -28.58 -10.41
CA THR F 118 -27.58 -28.12 -11.12
C THR F 118 -27.35 -26.75 -11.72
N GLY F 119 -26.15 -26.24 -11.56
CA GLY F 119 -25.72 -24.94 -12.09
C GLY F 119 -24.67 -24.40 -11.18
N PHE F 120 -24.21 -23.18 -11.43
CA PHE F 120 -23.11 -22.59 -10.66
C PHE F 120 -23.58 -21.32 -9.95
N ALA F 121 -23.41 -21.28 -8.63
CA ALA F 121 -23.68 -20.09 -7.79
C ALA F 121 -22.44 -19.21 -7.75
N PRO F 122 -22.54 -17.88 -7.63
CA PRO F 122 -21.35 -17.04 -7.55
C PRO F 122 -20.53 -17.32 -6.28
N PHE F 123 -19.21 -17.20 -6.41
CA PHE F 123 -18.27 -17.53 -5.32
C PHE F 123 -17.31 -16.36 -5.06
N SER F 124 -16.80 -15.68 -6.07
CA SER F 124 -15.84 -14.59 -5.83
C SER F 124 -15.67 -13.68 -7.04
N LYS F 125 -15.17 -12.50 -6.81
CA LYS F 125 -14.88 -11.52 -7.85
C LYS F 125 -13.79 -10.63 -7.28
N ASP F 126 -12.94 -10.07 -8.12
CA ASP F 126 -11.76 -9.36 -7.61
C ASP F 126 -11.88 -7.85 -7.74
N ASN F 127 -12.53 -7.38 -8.79
CA ASN F 127 -12.64 -5.92 -9.03
C ASN F 127 -11.23 -5.35 -9.23
N SER F 128 -10.22 -6.16 -9.57
CA SER F 128 -8.82 -5.71 -9.79
C SER F 128 -8.76 -4.46 -10.68
N ILE F 129 -9.52 -4.39 -11.75
CA ILE F 129 -9.39 -3.20 -12.61
C ILE F 129 -10.09 -1.98 -11.97
N ARG F 130 -11.21 -2.18 -11.26
CA ARG F 130 -11.88 -1.04 -10.59
C ARG F 130 -10.97 -0.49 -9.50
N LEU F 131 -10.29 -1.37 -8.75
CA LEU F 131 -9.36 -0.97 -7.67
C LEU F 131 -8.11 -0.33 -8.27
N SER F 132 -7.62 -0.80 -9.40
CA SER F 132 -6.45 -0.21 -10.11
C SER F 132 -6.60 1.28 -10.37
N ALA F 133 -7.80 1.78 -10.54
CA ALA F 133 -8.01 3.22 -10.86
C ALA F 133 -7.63 4.11 -9.68
N GLY F 134 -7.42 3.54 -8.50
CA GLY F 134 -6.93 4.26 -7.30
C GLY F 134 -6.28 3.28 -6.36
N GLY F 135 -5.16 2.71 -6.79
CA GLY F 135 -4.47 1.63 -6.05
C GLY F 135 -3.30 1.05 -6.81
N ASP F 136 -2.34 0.46 -6.12
CA ASP F 136 -1.17 -0.17 -6.78
C ASP F 136 -1.49 -1.63 -7.01
N ILE F 137 -2.24 -1.90 -8.08
CA ILE F 137 -2.66 -3.27 -8.45
C ILE F 137 -1.85 -3.70 -9.68
N TRP F 138 -1.39 -4.95 -9.66
CA TRP F 138 -0.61 -5.59 -10.73
C TRP F 138 -1.37 -5.73 -12.06
N VAL F 139 -0.68 -5.55 -13.18
CA VAL F 139 -1.22 -5.87 -14.53
C VAL F 139 -1.07 -7.35 -14.71
N THR F 140 -2.14 -8.04 -15.12
CA THR F 140 -2.08 -9.51 -15.30
C THR F 140 -2.78 -9.93 -16.58
N ARG F 141 -2.64 -11.21 -16.89
CA ARG F 141 -3.46 -11.96 -17.85
C ARG F 141 -3.27 -13.43 -17.55
N GLU F 142 -4.06 -14.27 -18.20
CA GLU F 142 -4.03 -15.74 -18.01
C GLU F 142 -4.14 -16.06 -16.52
N PRO F 143 -5.14 -15.51 -15.80
CA PRO F 143 -5.35 -15.86 -14.40
C PRO F 143 -5.92 -17.23 -14.25
N TYR F 144 -5.85 -17.71 -13.05
CA TYR F 144 -6.40 -19.04 -12.73
C TYR F 144 -6.57 -19.19 -11.24
N VAL F 145 -7.33 -20.19 -10.85
CA VAL F 145 -7.62 -20.42 -9.42
C VAL F 145 -7.30 -21.84 -9.11
N SER F 146 -6.69 -22.05 -7.97
CA SER F 146 -6.37 -23.40 -7.49
C SER F 146 -6.44 -23.35 -5.97
N CYS F 147 -6.59 -24.47 -5.29
CA CYS F 147 -6.84 -24.39 -3.84
C CYS F 147 -5.93 -25.34 -3.07
N ASP F 148 -5.48 -24.92 -1.91
CA ASP F 148 -4.87 -25.90 -0.98
C ASP F 148 -6.03 -26.56 -0.25
N PRO F 149 -5.79 -27.56 0.61
CA PRO F 149 -6.88 -28.21 1.34
C PRO F 149 -7.73 -27.29 2.21
N ASP F 150 -7.20 -26.13 2.58
CA ASP F 150 -7.82 -25.16 3.52
C ASP F 150 -8.48 -23.98 2.78
N LYS F 151 -7.87 -23.45 1.72
CA LYS F 151 -8.39 -22.23 1.04
C LYS F 151 -7.92 -22.09 -0.40
N CYS F 152 -8.65 -21.33 -1.18
CA CYS F 152 -8.35 -21.14 -2.62
C CYS F 152 -7.44 -19.94 -2.84
N TYR F 153 -6.63 -20.04 -3.86
CA TYR F 153 -5.70 -19.00 -4.27
C TYR F 153 -5.92 -18.68 -5.73
N GLN F 154 -5.71 -17.43 -6.04
CA GLN F 154 -5.81 -16.94 -7.39
C GLN F 154 -4.37 -16.77 -7.81
N PHE F 155 -4.10 -17.12 -9.05
CA PHE F 155 -2.79 -16.95 -9.68
C PHE F 155 -2.99 -16.12 -10.93
N ALA F 156 -1.96 -15.45 -11.34
CA ALA F 156 -1.97 -14.80 -12.64
C ALA F 156 -0.55 -14.57 -13.14
N LEU F 157 -0.39 -14.42 -14.45
CA LEU F 157 0.92 -14.10 -15.00
C LEU F 157 0.97 -12.59 -14.99
N GLY F 158 1.65 -12.03 -14.03
CA GLY F 158 1.79 -10.59 -13.92
C GLY F 158 2.76 -10.09 -14.95
N GLN F 159 2.43 -9.02 -15.64
CA GLN F 159 3.33 -8.39 -16.60
C GLN F 159 4.48 -7.63 -15.92
N GLY F 160 4.93 -8.02 -14.72
CA GLY F 160 6.07 -7.35 -14.07
C GLY F 160 5.85 -5.87 -13.82
N THR F 161 4.62 -5.44 -13.57
CA THR F 161 4.26 -4.02 -13.38
C THR F 161 2.89 -3.84 -12.74
N THR F 162 2.67 -2.70 -12.09
CA THR F 162 1.34 -2.28 -11.64
C THR F 162 0.65 -1.59 -12.81
N LEU F 163 -0.62 -1.28 -12.68
CA LEU F 163 -1.39 -0.77 -13.82
C LEU F 163 -1.22 0.74 -13.98
N ASN F 164 -1.33 1.51 -12.90
CA ASN F 164 -1.13 2.97 -12.95
C ASN F 164 0.39 3.19 -12.83
N ASN F 165 1.11 2.97 -13.95
CA ASN F 165 2.59 2.80 -14.00
C ASN F 165 3.05 3.08 -15.44
N VAL F 166 4.29 3.45 -15.68
CA VAL F 166 4.79 3.62 -17.08
C VAL F 166 4.98 2.25 -17.73
N HIS F 167 5.31 1.24 -16.98
CA HIS F 167 5.59 -0.13 -17.48
C HIS F 167 4.32 -0.88 -17.87
N SER F 168 3.12 -0.34 -17.65
CA SER F 168 1.87 -1.01 -18.04
C SER F 168 1.61 -0.83 -19.55
N ASN F 169 2.22 0.15 -20.20
CA ASN F 169 2.08 0.35 -21.65
C ASN F 169 2.58 -0.90 -22.40
N ASN F 170 1.98 -1.22 -23.55
CA ASN F 170 2.32 -2.39 -24.41
C ASN F 170 2.30 -3.71 -23.60
N THR F 171 1.45 -3.84 -22.59
CA THR F 171 1.36 -5.13 -21.84
C THR F 171 0.53 -6.17 -22.58
N VAL F 172 0.26 -5.95 -23.86
CA VAL F 172 -0.49 -6.95 -24.69
C VAL F 172 0.40 -8.14 -25.06
N ARG F 173 1.73 -7.99 -25.11
CA ARG F 173 2.62 -9.14 -25.43
C ARG F 173 2.56 -10.17 -24.32
N ASP F 174 2.42 -11.43 -24.71
CA ASP F 174 2.16 -12.51 -23.76
C ASP F 174 3.47 -13.10 -23.24
N ARG F 175 4.61 -12.78 -23.85
CA ARG F 175 5.91 -13.37 -23.42
C ARG F 175 6.97 -12.28 -23.34
N THR F 176 7.44 -12.02 -22.12
CA THR F 176 8.55 -11.07 -21.85
C THR F 176 9.37 -11.61 -20.69
N PRO F 177 10.62 -11.16 -20.46
CA PRO F 177 11.42 -11.71 -19.36
C PRO F 177 10.84 -11.42 -17.96
N TYR F 178 10.03 -10.36 -17.89
CA TYR F 178 9.47 -9.78 -16.65
C TYR F 178 8.23 -10.53 -16.15
N ARG F 179 7.60 -11.40 -16.93
CA ARG F 179 6.36 -12.04 -16.47
C ARG F 179 6.68 -12.97 -15.32
N THR F 180 5.87 -12.90 -14.30
CA THR F 180 6.06 -13.70 -13.08
C THR F 180 4.69 -14.19 -12.65
N LEU F 181 4.66 -15.33 -12.02
CA LEU F 181 3.42 -15.96 -11.58
C LEU F 181 3.07 -15.36 -10.22
N LEU F 182 2.10 -14.44 -10.20
CA LEU F 182 1.58 -13.83 -8.94
C LEU F 182 0.68 -14.86 -8.26
N MET F 183 0.65 -14.88 -6.95
CA MET F 183 -0.20 -15.79 -6.17
C MET F 183 -0.80 -14.98 -5.01
N ASN F 184 -2.07 -15.16 -4.73
CA ASN F 184 -2.77 -14.55 -3.58
C ASN F 184 -3.85 -15.50 -3.05
N GLU F 185 -4.33 -15.33 -1.82
CA GLU F 185 -5.58 -16.01 -1.42
C GLU F 185 -6.69 -15.46 -2.30
N LEU F 186 -7.69 -16.30 -2.60
CA LEU F 186 -8.70 -15.90 -3.59
C LEU F 186 -9.47 -14.67 -3.06
N GLY F 187 -9.61 -13.68 -3.90
CA GLY F 187 -10.35 -12.46 -3.53
C GLY F 187 -9.47 -11.32 -3.07
N VAL F 188 -8.28 -11.62 -2.55
CA VAL F 188 -7.27 -10.54 -2.24
C VAL F 188 -6.70 -10.00 -3.53
N PRO F 189 -7.00 -8.77 -3.94
CA PRO F 189 -6.64 -8.33 -5.28
C PRO F 189 -5.11 -8.39 -5.38
N PHE F 190 -4.54 -8.39 -6.58
CA PHE F 190 -3.07 -8.45 -6.69
C PHE F 190 -2.50 -7.04 -6.44
N HIS F 191 -2.27 -6.71 -5.17
CA HIS F 191 -1.63 -5.45 -4.71
C HIS F 191 -0.10 -5.66 -4.62
N LEU F 192 0.68 -4.62 -4.30
CA LEU F 192 2.16 -4.73 -4.31
C LEU F 192 2.69 -5.80 -3.33
N GLY F 193 2.01 -6.11 -2.26
CA GLY F 193 2.48 -7.18 -1.34
C GLY F 193 2.30 -8.61 -1.86
N THR F 194 1.89 -8.79 -3.12
CA THR F 194 1.60 -10.12 -3.71
C THR F 194 2.93 -10.86 -3.94
N LYS F 195 2.99 -12.13 -3.62
CA LYS F 195 4.21 -12.92 -3.90
C LYS F 195 4.35 -13.31 -5.36
N GLN F 196 5.44 -12.92 -6.03
CA GLN F 196 5.83 -13.44 -7.36
C GLN F 196 6.44 -14.83 -7.15
N VAL F 197 5.67 -15.87 -7.37
CA VAL F 197 6.08 -17.27 -7.09
C VAL F 197 7.29 -17.72 -7.90
N CYS F 198 7.42 -17.28 -9.14
CA CYS F 198 8.48 -17.75 -10.05
C CYS F 198 8.51 -16.94 -11.33
N ILE F 199 9.61 -17.02 -12.08
CA ILE F 199 9.66 -16.29 -13.37
C ILE F 199 8.90 -17.17 -14.34
N ALA F 200 7.96 -16.60 -15.11
CA ALA F 200 7.03 -17.40 -15.92
C ALA F 200 6.26 -16.56 -16.89
N TRP F 201 6.24 -16.90 -18.18
CA TRP F 201 5.27 -16.26 -19.12
C TRP F 201 4.17 -17.24 -19.51
N SER F 202 4.23 -18.47 -18.99
CA SER F 202 3.19 -19.51 -19.10
C SER F 202 3.32 -20.34 -17.84
N SER F 203 2.24 -20.84 -17.28
CA SER F 203 2.39 -21.61 -16.01
C SER F 203 1.17 -22.42 -15.64
N SER F 204 1.37 -23.21 -14.63
CA SER F 204 0.33 -24.05 -14.06
C SER F 204 0.70 -24.26 -12.61
N SER F 205 -0.24 -24.51 -11.73
CA SER F 205 0.06 -24.70 -10.30
C SER F 205 -0.88 -25.72 -9.73
N CYS F 206 -0.49 -26.35 -8.66
CA CYS F 206 -1.43 -27.20 -7.93
C CYS F 206 -0.82 -27.62 -6.60
N HIS F 207 -1.63 -27.59 -5.59
CA HIS F 207 -1.25 -28.14 -4.30
C HIS F 207 -1.44 -29.64 -4.36
N ASP F 208 -0.44 -30.42 -3.96
CA ASP F 208 -0.50 -31.88 -4.07
C ASP F 208 -1.06 -32.53 -2.80
N GLY F 209 -1.51 -31.72 -1.84
CA GLY F 209 -1.93 -32.24 -0.50
C GLY F 209 -0.88 -32.00 0.55
N LYS F 210 0.37 -31.82 0.17
CA LYS F 210 1.49 -31.45 1.07
C LYS F 210 2.02 -30.05 0.78
N ALA F 211 2.20 -29.66 -0.47
CA ALA F 211 2.78 -28.34 -0.81
C ALA F 211 2.50 -27.94 -2.24
N TRP F 212 2.70 -26.67 -2.53
CA TRP F 212 2.45 -26.18 -3.90
C TRP F 212 3.47 -26.70 -4.90
N LEU F 213 3.03 -27.14 -6.06
CA LEU F 213 3.86 -27.32 -7.26
C LEU F 213 3.52 -26.21 -8.23
N HIS F 214 4.50 -25.51 -8.73
CA HIS F 214 4.30 -24.54 -9.81
C HIS F 214 5.12 -25.00 -10.98
N VAL F 215 4.61 -24.86 -12.17
CA VAL F 215 5.35 -25.17 -13.40
C VAL F 215 5.46 -23.84 -14.06
N CYS F 216 6.67 -23.35 -14.12
CA CYS F 216 6.93 -21.96 -14.49
C CYS F 216 7.75 -21.96 -15.74
N ILE F 217 7.24 -21.41 -16.83
CA ILE F 217 7.93 -21.54 -18.13
C ILE F 217 8.45 -20.18 -18.50
N THR F 218 9.73 -20.10 -18.85
CA THR F 218 10.32 -18.79 -19.23
C THR F 218 11.51 -19.01 -20.16
N GLY F 219 11.86 -17.97 -20.87
CA GLY F 219 13.04 -18.01 -21.72
C GLY F 219 12.77 -17.42 -23.08
N ASP F 220 13.71 -17.63 -23.98
CA ASP F 220 13.57 -17.26 -25.41
C ASP F 220 12.50 -18.17 -25.99
N ASP F 221 11.74 -17.66 -26.96
CA ASP F 221 10.64 -18.43 -27.64
C ASP F 221 11.20 -19.71 -28.24
N LYS F 222 12.33 -19.60 -28.93
CA LYS F 222 12.95 -20.75 -29.61
C LYS F 222 13.60 -21.72 -28.62
N ASN F 223 13.68 -21.41 -27.33
CA ASN F 223 14.50 -22.22 -26.40
C ASN F 223 14.06 -22.04 -24.94
N ALA F 224 12.78 -22.17 -24.65
CA ALA F 224 12.28 -21.91 -23.29
C ALA F 224 12.68 -23.03 -22.33
N THR F 225 12.70 -22.68 -21.06
CA THR F 225 12.95 -23.57 -19.90
C THR F 225 11.63 -23.71 -19.15
N ALA F 226 11.27 -24.90 -18.72
CA ALA F 226 10.18 -25.09 -17.76
C ALA F 226 10.82 -25.39 -16.43
N SER F 227 10.47 -24.67 -15.38
CA SER F 227 10.98 -24.88 -14.00
C SER F 227 9.87 -25.45 -13.13
N PHE F 228 10.12 -26.54 -12.47
CA PHE F 228 9.18 -27.21 -11.54
C PHE F 228 9.57 -26.77 -10.13
N ILE F 229 8.76 -25.93 -9.53
CA ILE F 229 9.03 -25.35 -8.18
C ILE F 229 8.10 -25.97 -7.19
N TYR F 230 8.61 -26.79 -6.30
CA TYR F 230 7.76 -27.55 -5.37
C TYR F 230 8.26 -27.31 -3.94
N ASN F 231 7.31 -27.08 -3.07
CA ASN F 231 7.55 -26.68 -1.66
C ASN F 231 8.46 -25.45 -1.65
N GLY F 232 8.31 -24.59 -2.65
CA GLY F 232 8.96 -23.26 -2.69
C GLY F 232 10.41 -23.32 -3.09
N ARG F 233 10.90 -24.44 -3.64
CA ARG F 233 12.26 -24.51 -4.19
C ARG F 233 12.28 -25.22 -5.55
N LEU F 234 13.15 -24.77 -6.45
CA LEU F 234 13.20 -25.33 -7.82
C LEU F 234 13.74 -26.76 -7.76
N VAL F 235 12.90 -27.74 -8.12
CA VAL F 235 13.24 -29.18 -8.01
C VAL F 235 13.67 -29.79 -9.33
N ASP F 236 13.23 -29.25 -10.44
CA ASP F 236 13.54 -29.85 -11.76
C ASP F 236 13.33 -28.81 -12.85
N SER F 237 13.82 -29.12 -14.04
CA SER F 237 13.58 -28.24 -15.19
C SER F 237 13.77 -29.06 -16.45
N VAL F 238 13.14 -28.58 -17.53
CA VAL F 238 13.14 -29.32 -18.81
C VAL F 238 13.11 -28.30 -19.91
N VAL F 239 13.90 -28.56 -20.94
CA VAL F 239 14.05 -27.58 -22.04
C VAL F 239 13.00 -27.88 -23.10
N SER F 240 12.55 -26.83 -23.80
CA SER F 240 11.66 -26.87 -24.97
C SER F 240 12.12 -27.98 -25.91
N TRP F 241 11.30 -29.00 -26.15
CA TRP F 241 11.70 -30.17 -26.97
C TRP F 241 11.46 -29.94 -28.45
N SER F 242 10.61 -28.99 -28.85
CA SER F 242 10.36 -28.68 -30.28
C SER F 242 10.80 -27.26 -30.64
N LYS F 243 11.45 -26.56 -29.73
CA LYS F 243 12.09 -25.25 -29.95
C LYS F 243 11.09 -24.24 -30.52
N GLU F 244 9.84 -24.26 -30.07
CA GLU F 244 8.81 -23.35 -30.65
C GLU F 244 7.74 -23.04 -29.63
N ILE F 245 8.12 -22.20 -28.68
CA ILE F 245 7.29 -21.67 -27.54
C ILE F 245 6.71 -22.80 -26.68
N LEU F 246 7.53 -23.41 -25.86
CA LEU F 246 7.05 -24.40 -24.87
C LEU F 246 5.94 -23.72 -24.09
N ARG F 247 4.84 -24.39 -23.81
CA ARG F 247 3.70 -23.70 -23.15
C ARG F 247 2.87 -24.70 -22.38
N THR F 248 2.11 -24.22 -21.39
CA THR F 248 1.34 -25.13 -20.51
C THR F 248 -0.08 -24.59 -20.31
N GLN F 249 -0.78 -25.19 -19.35
CA GLN F 249 -2.23 -25.10 -19.21
C GLN F 249 -2.78 -23.71 -18.85
N GLU F 250 -1.98 -22.74 -18.40
CA GLU F 250 -2.43 -21.43 -17.87
C GLU F 250 -3.59 -21.66 -16.87
N SER F 251 -3.51 -22.74 -16.10
CA SER F 251 -4.54 -23.12 -15.13
C SER F 251 -4.03 -24.24 -14.24
N GLU F 252 -4.85 -24.67 -13.29
CA GLU F 252 -4.34 -25.61 -12.31
C GLU F 252 -4.00 -26.93 -12.99
N CYS F 253 -2.92 -27.53 -12.51
CA CYS F 253 -2.54 -28.92 -12.82
C CYS F 253 -3.40 -29.76 -11.90
N VAL F 254 -3.23 -31.06 -11.91
CA VAL F 254 -3.99 -31.92 -10.98
C VAL F 254 -3.03 -32.89 -10.35
N CYS F 255 -3.18 -33.22 -9.09
CA CYS F 255 -2.28 -34.19 -8.42
C CYS F 255 -3.11 -35.27 -7.78
N ILE F 256 -2.76 -36.53 -7.99
CA ILE F 256 -3.45 -37.69 -7.36
C ILE F 256 -2.37 -38.56 -6.73
N ASN F 257 -2.51 -38.88 -5.44
CA ASN F 257 -1.49 -39.65 -4.69
C ASN F 257 -0.10 -39.05 -4.96
N GLY F 258 0.00 -37.73 -4.98
CA GLY F 258 1.28 -37.02 -5.11
C GLY F 258 1.76 -36.80 -6.53
N THR F 259 1.39 -37.66 -7.48
CA THR F 259 1.83 -37.50 -8.89
C THR F 259 1.03 -36.40 -9.58
N CYS F 260 1.56 -35.21 -9.65
CA CYS F 260 0.92 -34.12 -10.38
C CYS F 260 1.07 -34.36 -11.88
N THR F 261 0.14 -33.88 -12.67
CA THR F 261 0.24 -34.01 -14.14
C THR F 261 0.04 -32.66 -14.74
N VAL F 262 0.87 -32.35 -15.71
CA VAL F 262 0.74 -31.07 -16.40
C VAL F 262 0.86 -31.35 -17.89
N VAL F 263 -0.08 -30.82 -18.65
CA VAL F 263 -0.04 -31.00 -20.12
C VAL F 263 0.83 -29.85 -20.63
N MET F 264 1.78 -30.18 -21.49
CA MET F 264 2.67 -29.16 -22.09
C MET F 264 2.74 -29.40 -23.58
N THR F 265 2.82 -28.34 -24.32
CA THR F 265 2.85 -28.42 -25.77
C THR F 265 4.03 -27.59 -26.26
N ASP F 266 4.55 -27.99 -27.40
CA ASP F 266 5.61 -27.24 -28.12
C ASP F 266 5.28 -27.29 -29.61
N GLY F 267 5.90 -26.46 -30.42
CA GLY F 267 5.62 -26.51 -31.86
C GLY F 267 4.51 -25.56 -32.28
N SER F 268 4.20 -25.55 -33.59
CA SER F 268 3.26 -24.63 -34.27
C SER F 268 1.88 -24.62 -33.62
N ALA F 269 1.26 -23.45 -33.56
CA ALA F 269 -0.11 -23.26 -33.02
C ALA F 269 -1.18 -23.50 -34.11
N SER F 270 -1.07 -22.86 -35.26
CA SER F 270 -2.02 -23.06 -36.38
C SER F 270 -1.60 -24.28 -37.20
N GLY F 271 -0.96 -25.29 -36.58
CA GLY F 271 -0.40 -26.48 -37.26
C GLY F 271 -0.01 -27.59 -36.30
N LYS F 272 0.34 -28.75 -36.84
CA LYS F 272 0.65 -29.97 -36.05
C LYS F 272 1.68 -29.68 -34.94
N ALA F 273 1.23 -29.80 -33.69
CA ALA F 273 2.04 -29.54 -32.47
C ALA F 273 2.54 -30.84 -31.83
N ASP F 274 3.53 -30.73 -30.94
CA ASP F 274 4.06 -31.86 -30.13
C ASP F 274 3.64 -31.66 -28.69
N THR F 275 2.88 -32.60 -28.13
CA THR F 275 2.32 -32.42 -26.78
C THR F 275 2.77 -33.56 -25.92
N LYS F 276 3.19 -33.25 -24.71
CA LYS F 276 3.60 -34.28 -23.75
C LYS F 276 2.89 -34.02 -22.44
N ILE F 277 2.64 -35.09 -21.72
CA ILE F 277 2.04 -35.01 -20.37
C ILE F 277 3.16 -35.39 -19.42
N LEU F 278 3.51 -34.48 -18.53
CA LEU F 278 4.59 -34.69 -17.56
C LEU F 278 3.96 -35.15 -16.25
N PHE F 279 4.46 -36.22 -15.71
CA PHE F 279 4.05 -36.76 -14.39
C PHE F 279 5.15 -36.32 -13.43
N ILE F 280 4.78 -35.58 -12.40
CA ILE F 280 5.70 -34.88 -11.48
C ILE F 280 5.45 -35.34 -10.05
N GLU F 281 6.47 -35.78 -9.33
CA GLU F 281 6.32 -36.18 -7.92
C GLU F 281 7.23 -35.29 -7.10
N GLU F 282 6.63 -34.45 -6.26
CA GLU F 282 7.36 -33.48 -5.43
C GLU F 282 8.30 -32.61 -6.29
N GLY F 283 7.87 -32.29 -7.50
CA GLY F 283 8.62 -31.44 -8.45
C GLY F 283 9.54 -32.22 -9.38
N LYS F 284 9.94 -33.43 -9.03
CA LYS F 284 10.83 -34.27 -9.88
C LYS F 284 9.99 -34.87 -11.03
N ILE F 285 10.31 -34.62 -12.29
CA ILE F 285 9.56 -35.26 -13.41
C ILE F 285 9.83 -36.77 -13.40
N VAL F 286 8.85 -37.60 -13.02
CA VAL F 286 9.06 -39.08 -12.90
C VAL F 286 8.76 -39.80 -14.20
N HIS F 287 7.90 -39.23 -15.05
CA HIS F 287 7.55 -39.86 -16.35
C HIS F 287 7.09 -38.79 -17.33
N THR F 288 7.11 -39.12 -18.61
CA THR F 288 6.57 -38.24 -19.65
C THR F 288 5.97 -39.11 -20.73
N SER F 289 4.73 -38.81 -21.09
CA SER F 289 3.96 -39.55 -22.11
C SER F 289 3.68 -38.62 -23.27
N THR F 290 3.95 -39.04 -24.50
CA THR F 290 3.55 -38.21 -25.66
C THR F 290 2.06 -38.39 -25.88
N LEU F 291 1.37 -37.32 -26.28
CA LEU F 291 -0.09 -37.31 -26.51
C LEU F 291 -0.49 -38.40 -27.51
N SER F 292 -1.54 -39.15 -27.21
CA SER F 292 -2.03 -40.29 -28.02
C SER F 292 -3.55 -40.28 -28.12
N GLY F 293 -4.13 -41.06 -29.04
CA GLY F 293 -5.53 -40.91 -29.47
C GLY F 293 -5.68 -39.81 -30.52
N SER F 294 -6.90 -39.32 -30.73
CA SER F 294 -7.26 -38.54 -31.94
C SER F 294 -7.32 -37.04 -31.72
N ALA F 295 -6.99 -36.47 -30.56
CA ALA F 295 -6.90 -34.99 -30.43
C ALA F 295 -5.75 -34.52 -31.32
N GLN F 296 -6.01 -33.59 -32.25
CA GLN F 296 -4.99 -33.22 -33.25
C GLN F 296 -4.27 -31.93 -32.86
N HIS F 297 -4.82 -31.14 -31.97
CA HIS F 297 -4.14 -29.94 -31.43
C HIS F 297 -4.57 -29.80 -29.98
N VAL F 298 -3.68 -29.45 -29.06
CA VAL F 298 -4.02 -29.50 -27.61
C VAL F 298 -3.26 -28.41 -26.86
N GLU F 299 -3.79 -27.21 -26.89
CA GLU F 299 -3.32 -26.05 -26.10
C GLU F 299 -4.09 -25.95 -24.78
N GLU F 300 -3.46 -25.47 -23.72
CA GLU F 300 -4.16 -24.80 -22.59
C GLU F 300 -5.20 -25.66 -21.88
N CYS F 301 -5.00 -26.95 -21.80
CA CYS F 301 -5.93 -27.85 -21.11
C CYS F 301 -6.38 -27.34 -19.73
N SER F 302 -7.70 -27.23 -19.52
CA SER F 302 -8.32 -27.06 -18.19
C SER F 302 -8.51 -28.46 -17.64
N CYS F 303 -7.72 -28.86 -16.67
CA CYS F 303 -7.84 -30.23 -16.13
C CYS F 303 -8.74 -30.28 -14.90
N TYR F 304 -9.30 -31.45 -14.67
CA TYR F 304 -10.04 -31.73 -13.45
C TYR F 304 -9.88 -33.15 -13.02
N PRO F 305 -9.71 -33.42 -11.73
CA PRO F 305 -9.55 -34.79 -11.23
C PRO F 305 -10.84 -35.57 -11.43
N ARG F 306 -10.68 -36.80 -11.86
CA ARG F 306 -11.78 -37.71 -12.22
C ARG F 306 -11.30 -39.09 -11.83
N TYR F 307 -11.09 -39.22 -10.53
CA TYR F 307 -10.46 -40.41 -9.92
C TYR F 307 -11.09 -41.70 -10.44
N PRO F 308 -10.30 -42.72 -10.86
CA PRO F 308 -8.85 -42.78 -10.72
C PRO F 308 -8.00 -41.94 -11.68
N GLY F 309 -8.61 -41.38 -12.72
CA GLY F 309 -7.87 -40.61 -13.73
C GLY F 309 -7.91 -39.12 -13.51
N VAL F 310 -7.23 -38.41 -14.39
CA VAL F 310 -7.37 -36.96 -14.53
C VAL F 310 -7.86 -36.74 -15.93
N ARG F 311 -8.72 -35.77 -16.12
CA ARG F 311 -9.33 -35.50 -17.43
C ARG F 311 -9.12 -34.03 -17.70
N CYS F 312 -9.01 -33.65 -18.95
CA CYS F 312 -8.72 -32.25 -19.28
C CYS F 312 -9.40 -31.88 -20.56
N VAL F 313 -9.86 -30.66 -20.65
CA VAL F 313 -10.55 -30.21 -21.86
C VAL F 313 -9.75 -29.01 -22.32
N CYS F 314 -9.41 -28.95 -23.59
CA CYS F 314 -8.32 -28.09 -24.08
C CYS F 314 -8.82 -27.16 -25.17
N ARG F 315 -7.90 -26.55 -25.88
CA ARG F 315 -8.18 -25.56 -26.93
C ARG F 315 -7.55 -26.10 -28.21
N ASP F 316 -8.34 -26.40 -29.21
CA ASP F 316 -7.78 -26.79 -30.51
C ASP F 316 -7.60 -25.52 -31.31
N ASN F 317 -6.36 -25.05 -31.39
CA ASN F 317 -6.02 -23.79 -32.08
C ASN F 317 -5.95 -24.00 -33.59
N TRP F 318 -6.02 -25.24 -34.07
CA TRP F 318 -5.65 -25.59 -35.47
C TRP F 318 -6.89 -25.94 -36.30
N LYS F 319 -7.66 -26.97 -35.90
CA LYS F 319 -8.76 -27.50 -36.75
C LYS F 319 -10.09 -27.71 -36.01
N GLY F 320 -10.12 -27.88 -34.71
CA GLY F 320 -11.37 -28.08 -33.95
C GLY F 320 -11.97 -26.80 -33.39
N SER F 321 -13.26 -26.54 -33.59
CA SER F 321 -14.01 -25.56 -32.76
C SER F 321 -14.70 -26.36 -31.67
N ASN F 322 -14.80 -27.68 -31.83
CA ASN F 322 -15.09 -28.60 -30.73
C ASN F 322 -13.82 -28.65 -29.86
N ARG F 323 -13.94 -28.83 -28.56
CA ARG F 323 -12.75 -28.88 -27.67
C ARG F 323 -12.18 -30.28 -27.56
N PRO F 324 -10.85 -30.47 -27.55
CA PRO F 324 -10.25 -31.78 -27.33
C PRO F 324 -10.34 -32.17 -25.88
N ILE F 325 -10.54 -33.44 -25.64
CA ILE F 325 -10.53 -34.05 -24.30
C ILE F 325 -9.25 -34.88 -24.23
N VAL F 326 -8.49 -34.75 -23.16
CA VAL F 326 -7.31 -35.61 -22.92
C VAL F 326 -7.61 -36.37 -21.66
N ASP F 327 -7.53 -37.67 -21.71
CA ASP F 327 -7.94 -38.54 -20.59
C ASP F 327 -6.67 -39.27 -20.15
N ILE F 328 -6.23 -38.99 -18.94
CA ILE F 328 -4.84 -39.29 -18.47
C ILE F 328 -4.95 -40.31 -17.37
N ASN F 329 -4.19 -41.38 -17.50
CA ASN F 329 -4.22 -42.52 -16.54
C ASN F 329 -3.01 -42.47 -15.61
N ILE F 330 -3.14 -41.87 -14.44
CA ILE F 330 -2.03 -41.70 -13.46
C ILE F 330 -1.36 -43.04 -13.11
N LYS F 331 -2.07 -44.16 -13.02
CA LYS F 331 -1.46 -45.43 -12.54
C LYS F 331 -0.55 -46.09 -13.59
N ASP F 332 -0.61 -45.71 -14.86
CA ASP F 332 0.28 -46.32 -15.88
C ASP F 332 0.74 -45.31 -16.94
N HIS F 333 0.52 -44.03 -16.68
CA HIS F 333 0.92 -42.89 -17.52
C HIS F 333 0.30 -42.93 -18.92
N SER F 334 -0.62 -43.85 -19.23
CA SER F 334 -1.22 -43.92 -20.59
C SER F 334 -2.13 -42.71 -20.85
N ILE F 335 -2.10 -42.21 -22.07
CA ILE F 335 -2.91 -41.06 -22.52
C ILE F 335 -3.84 -41.51 -23.65
N VAL F 336 -5.08 -41.04 -23.62
CA VAL F 336 -6.02 -41.18 -24.78
C VAL F 336 -6.72 -39.86 -24.95
N SER F 337 -7.26 -39.62 -26.11
CA SER F 337 -7.85 -38.29 -26.39
C SER F 337 -8.91 -38.40 -27.48
N SER F 338 -9.73 -37.37 -27.53
CA SER F 338 -11.00 -37.35 -28.28
C SER F 338 -11.50 -35.91 -28.29
N TYR F 339 -12.76 -35.69 -28.62
CA TYR F 339 -13.34 -34.33 -28.59
C TYR F 339 -14.70 -34.32 -27.89
N VAL F 340 -15.07 -33.13 -27.41
CA VAL F 340 -16.38 -32.83 -26.79
C VAL F 340 -17.44 -33.04 -27.87
N CYS F 341 -18.21 -34.11 -27.72
CA CYS F 341 -19.21 -34.53 -28.72
C CYS F 341 -20.33 -33.50 -28.90
N SER F 342 -20.57 -32.62 -27.94
CA SER F 342 -21.69 -31.65 -27.97
C SER F 342 -21.84 -30.94 -29.32
N GLY F 343 -23.03 -30.91 -29.90
CA GLY F 343 -23.27 -30.17 -31.14
C GLY F 343 -23.15 -28.68 -30.89
N LEU F 344 -23.34 -28.29 -29.64
CA LEU F 344 -23.04 -26.92 -29.17
C LEU F 344 -21.57 -26.96 -28.78
N VAL F 345 -20.71 -26.53 -29.68
CA VAL F 345 -19.24 -26.64 -29.44
C VAL F 345 -18.77 -25.49 -28.55
N GLY F 346 -17.74 -25.73 -27.74
CA GLY F 346 -17.29 -24.81 -26.68
C GLY F 346 -16.25 -23.75 -27.09
N ASP F 347 -15.65 -23.81 -28.26
CA ASP F 347 -14.51 -22.93 -28.60
C ASP F 347 -15.01 -21.64 -29.24
N THR F 348 -14.10 -20.71 -29.42
CA THR F 348 -14.39 -19.42 -30.05
C THR F 348 -13.18 -19.07 -30.89
N PRO F 349 -13.33 -18.78 -32.21
CA PRO F 349 -14.61 -18.76 -32.91
C PRO F 349 -15.20 -20.16 -33.11
N ARG F 350 -16.47 -20.20 -33.50
CA ARG F 350 -17.24 -21.42 -33.85
C ARG F 350 -18.41 -21.02 -34.74
N LYS F 351 -19.05 -21.97 -35.42
CA LYS F 351 -20.28 -21.64 -36.19
C LYS F 351 -21.42 -21.44 -35.19
N ASN F 352 -22.44 -20.66 -35.53
CA ASN F 352 -23.56 -20.44 -34.58
C ASN F 352 -24.32 -21.76 -34.31
N ASP F 353 -25.12 -21.82 -33.26
CA ASP F 353 -25.73 -23.08 -32.78
C ASP F 353 -26.67 -23.71 -33.82
N SER F 354 -27.20 -22.93 -34.74
CA SER F 354 -28.09 -23.42 -35.84
C SER F 354 -27.30 -24.34 -36.77
N SER F 355 -26.03 -24.03 -37.03
CA SER F 355 -25.19 -24.62 -38.10
C SER F 355 -23.98 -25.39 -37.55
N SER F 356 -23.59 -25.22 -36.30
CA SER F 356 -22.45 -25.95 -35.70
C SER F 356 -22.72 -27.45 -35.60
N SER F 357 -21.65 -28.22 -35.57
CA SER F 357 -21.68 -29.69 -35.33
C SER F 357 -20.38 -30.13 -34.69
N SER F 358 -20.30 -31.38 -34.31
CA SER F 358 -19.11 -31.93 -33.65
C SER F 358 -18.90 -33.37 -34.10
N HIS F 359 -17.78 -33.91 -33.69
CA HIS F 359 -17.41 -35.32 -33.92
C HIS F 359 -16.77 -35.75 -32.62
N CYS F 360 -16.98 -36.98 -32.19
CA CYS F 360 -16.41 -37.48 -30.92
C CYS F 360 -14.90 -37.74 -31.06
N LEU F 361 -14.42 -37.95 -32.29
CA LEU F 361 -13.02 -38.33 -32.54
C LEU F 361 -12.24 -37.26 -33.27
N ASP F 362 -12.82 -36.47 -34.15
CA ASP F 362 -12.04 -35.57 -35.04
C ASP F 362 -12.35 -34.10 -34.79
N PRO F 363 -11.41 -33.20 -35.12
CA PRO F 363 -11.70 -31.79 -35.12
C PRO F 363 -12.83 -31.60 -36.13
N ASN F 364 -13.81 -30.81 -35.76
CA ASN F 364 -15.03 -30.64 -36.59
C ASN F 364 -14.77 -29.72 -37.80
N ASN F 365 -13.59 -29.10 -37.92
CA ASN F 365 -13.16 -28.22 -39.05
C ASN F 365 -13.95 -26.91 -39.15
N GLU F 366 -15.15 -26.83 -38.61
CA GLU F 366 -16.00 -25.62 -38.63
C GLU F 366 -15.32 -24.52 -37.85
N GLU F 367 -14.89 -23.42 -38.49
CA GLU F 367 -14.17 -22.32 -37.80
C GLU F 367 -13.12 -22.92 -36.84
N GLY F 368 -12.38 -23.92 -37.31
CA GLY F 368 -11.46 -24.70 -36.48
C GLY F 368 -10.38 -23.86 -35.88
N GLY F 369 -9.67 -23.11 -36.73
CA GLY F 369 -8.50 -22.29 -36.37
C GLY F 369 -8.78 -21.27 -35.31
N HIS F 370 -7.75 -20.98 -34.50
CA HIS F 370 -7.80 -20.12 -33.29
C HIS F 370 -8.74 -20.73 -32.27
N GLY F 371 -8.85 -20.11 -31.12
CA GLY F 371 -9.63 -20.69 -30.03
C GLY F 371 -9.53 -19.85 -28.78
N VAL F 372 -10.11 -20.35 -27.71
CA VAL F 372 -10.01 -19.67 -26.39
C VAL F 372 -9.94 -20.76 -25.36
N LYS F 373 -9.23 -20.52 -24.27
CA LYS F 373 -9.12 -21.51 -23.20
C LYS F 373 -10.49 -21.59 -22.56
N GLY F 374 -11.00 -22.81 -22.39
CA GLY F 374 -12.33 -22.99 -21.81
C GLY F 374 -12.40 -24.27 -21.06
N TRP F 375 -13.57 -24.77 -20.83
CA TRP F 375 -13.73 -25.98 -20.00
C TRP F 375 -15.06 -26.62 -20.34
N ALA F 376 -15.21 -27.84 -19.85
CA ALA F 376 -16.44 -28.63 -19.88
C ALA F 376 -16.22 -29.79 -18.96
N PHE F 377 -17.26 -30.41 -18.44
CA PHE F 377 -17.09 -31.65 -17.67
C PHE F 377 -18.27 -32.58 -17.82
N ASP F 378 -17.99 -33.86 -17.66
CA ASP F 378 -19.03 -34.89 -17.81
C ASP F 378 -19.89 -34.93 -16.54
N ASP F 379 -21.15 -35.25 -16.76
CA ASP F 379 -22.16 -35.52 -15.73
C ASP F 379 -22.96 -36.71 -16.26
N GLY F 380 -22.38 -37.89 -16.15
CA GLY F 380 -22.87 -39.07 -16.88
C GLY F 380 -22.71 -38.81 -18.36
N ASN F 381 -23.78 -38.84 -19.15
CA ASN F 381 -23.71 -38.55 -20.61
C ASN F 381 -23.93 -37.06 -20.86
N ASP F 382 -24.46 -36.32 -19.90
CA ASP F 382 -24.68 -34.87 -20.10
C ASP F 382 -23.35 -34.15 -19.95
N VAL F 383 -23.18 -33.02 -20.61
CA VAL F 383 -21.92 -32.25 -20.44
C VAL F 383 -22.24 -30.84 -19.97
N TRP F 384 -21.68 -30.47 -18.83
CA TRP F 384 -21.67 -29.07 -18.40
C TRP F 384 -20.58 -28.33 -19.16
N MET F 385 -20.82 -27.14 -19.62
CA MET F 385 -19.75 -26.43 -20.31
C MET F 385 -20.00 -24.94 -20.33
N GLY F 386 -18.94 -24.18 -20.49
CA GLY F 386 -19.01 -22.71 -20.49
C GLY F 386 -18.35 -22.20 -21.74
N ARG F 387 -18.92 -21.14 -22.30
CA ARG F 387 -18.38 -20.59 -23.54
C ARG F 387 -18.72 -19.12 -23.68
N THR F 388 -18.00 -18.43 -24.52
CA THR F 388 -18.32 -17.01 -24.77
C THR F 388 -19.69 -16.98 -25.43
N ILE F 389 -20.48 -15.95 -25.17
CA ILE F 389 -21.85 -15.88 -25.75
C ILE F 389 -21.74 -15.56 -27.24
N ASN F 390 -20.78 -14.74 -27.59
CA ASN F 390 -20.54 -14.39 -29.01
C ASN F 390 -19.72 -15.52 -29.63
N GLU F 391 -19.82 -15.73 -30.95
CA GLU F 391 -19.08 -16.83 -31.62
C GLU F 391 -17.89 -16.30 -32.46
N THR F 392 -17.58 -15.01 -32.44
CA THR F 392 -16.47 -14.46 -33.26
C THR F 392 -15.58 -13.51 -32.45
N SER F 393 -15.89 -13.33 -31.17
CA SER F 393 -15.14 -12.46 -30.24
C SER F 393 -15.43 -12.95 -28.83
N ARG F 394 -14.61 -12.60 -27.85
CA ARG F 394 -14.75 -13.18 -26.51
C ARG F 394 -15.69 -12.30 -25.71
N LEU F 395 -16.79 -11.86 -26.31
CA LEU F 395 -17.81 -11.06 -25.58
C LEU F 395 -18.79 -12.02 -24.87
N GLY F 396 -19.19 -11.63 -23.68
CA GLY F 396 -20.11 -12.38 -22.85
C GLY F 396 -19.50 -13.66 -22.35
N TYR F 397 -20.29 -14.37 -21.55
CA TYR F 397 -19.97 -15.73 -21.10
C TYR F 397 -21.23 -16.40 -20.59
N GLU F 398 -21.47 -17.63 -20.95
CA GLU F 398 -22.65 -18.43 -20.56
C GLU F 398 -22.21 -19.83 -20.16
N THR F 399 -22.99 -20.51 -19.37
CA THR F 399 -22.76 -21.94 -19.08
C THR F 399 -24.07 -22.69 -19.25
N PHE F 400 -24.00 -23.99 -19.51
CA PHE F 400 -25.22 -24.81 -19.65
C PHE F 400 -24.89 -26.28 -19.63
N LYS F 401 -25.93 -27.07 -19.47
CA LYS F 401 -25.83 -28.53 -19.50
C LYS F 401 -26.37 -28.96 -20.85
N VAL F 402 -25.68 -29.82 -21.56
CA VAL F 402 -26.19 -30.34 -22.86
C VAL F 402 -26.57 -31.76 -22.61
N ILE F 403 -27.82 -32.12 -22.87
CA ILE F 403 -28.33 -33.49 -22.54
C ILE F 403 -27.63 -34.47 -23.50
N GLU F 404 -27.00 -35.49 -22.94
CA GLU F 404 -26.18 -36.48 -23.70
C GLU F 404 -25.05 -35.81 -24.51
N GLY F 405 -24.73 -34.54 -24.32
CA GLY F 405 -23.70 -33.85 -25.13
C GLY F 405 -22.28 -34.34 -24.86
N TRP F 406 -22.05 -35.23 -23.92
CA TRP F 406 -20.71 -35.85 -23.77
C TRP F 406 -20.58 -37.08 -24.66
N SER F 407 -21.65 -37.85 -24.82
CA SER F 407 -21.64 -39.14 -25.55
C SER F 407 -22.16 -39.01 -26.99
N ASN F 408 -23.08 -38.09 -27.25
CA ASN F 408 -23.80 -38.02 -28.53
C ASN F 408 -23.26 -36.85 -29.35
N PRO F 409 -22.73 -37.08 -30.58
CA PRO F 409 -22.19 -36.00 -31.40
C PRO F 409 -23.25 -35.05 -31.96
N LYS F 410 -24.52 -35.45 -31.96
CA LYS F 410 -25.62 -34.72 -32.64
C LYS F 410 -26.46 -33.92 -31.65
N SER F 411 -26.27 -34.09 -30.34
CA SER F 411 -27.12 -33.42 -29.31
C SER F 411 -26.97 -31.89 -29.32
N LYS F 412 -28.08 -31.17 -29.24
CA LYS F 412 -28.11 -29.71 -29.00
C LYS F 412 -29.18 -29.34 -27.97
N LEU F 413 -29.63 -30.29 -27.15
CA LEU F 413 -30.60 -29.99 -26.07
C LEU F 413 -29.84 -29.34 -24.93
N GLN F 414 -29.74 -28.00 -24.92
CA GLN F 414 -29.23 -27.34 -23.69
C GLN F 414 -30.35 -27.17 -22.65
N ILE F 415 -29.95 -27.10 -21.38
CA ILE F 415 -30.81 -26.85 -20.21
C ILE F 415 -29.94 -26.18 -19.13
N ASN F 416 -30.55 -25.53 -18.16
CA ASN F 416 -29.82 -24.88 -17.05
C ASN F 416 -28.83 -23.83 -17.58
N ARG F 417 -29.16 -23.08 -18.62
CA ARG F 417 -28.30 -21.96 -19.05
C ARG F 417 -28.14 -20.93 -17.92
N GLN F 418 -26.96 -20.35 -17.82
CA GLN F 418 -26.72 -19.18 -16.93
C GLN F 418 -25.86 -18.18 -17.64
N VAL F 419 -26.30 -16.95 -17.79
CA VAL F 419 -25.38 -15.89 -18.21
C VAL F 419 -24.52 -15.58 -16.99
N ILE F 420 -23.23 -15.43 -17.21
CA ILE F 420 -22.24 -15.12 -16.17
C ILE F 420 -21.74 -13.72 -16.43
N VAL F 421 -21.53 -13.41 -17.69
CA VAL F 421 -21.21 -12.05 -18.14
C VAL F 421 -22.08 -11.82 -19.35
N ASP F 422 -22.85 -10.77 -19.41
CA ASP F 422 -23.80 -10.61 -20.52
C ASP F 422 -23.05 -10.36 -21.84
N ARG F 423 -23.71 -10.57 -22.98
CA ARG F 423 -23.13 -10.46 -24.33
C ARG F 423 -22.50 -9.06 -24.63
N GLY F 424 -22.69 -8.05 -23.80
CA GLY F 424 -22.10 -6.73 -24.03
C GLY F 424 -20.75 -6.58 -23.38
N ASN F 425 -20.40 -7.46 -22.45
CA ASN F 425 -19.21 -7.31 -21.58
C ASN F 425 -18.16 -8.38 -21.88
N ARG F 426 -16.90 -7.98 -21.99
CA ARG F 426 -15.76 -8.84 -22.39
C ARG F 426 -15.50 -9.94 -21.37
N SER F 427 -15.12 -11.10 -21.86
CA SER F 427 -14.62 -12.20 -21.01
C SER F 427 -13.17 -12.49 -21.42
N GLY F 428 -12.85 -13.73 -21.70
CA GLY F 428 -11.47 -14.18 -21.90
C GLY F 428 -11.39 -15.63 -21.52
N TYR F 429 -10.27 -16.03 -20.95
CA TYR F 429 -10.06 -17.44 -20.57
C TYR F 429 -11.07 -17.82 -19.52
N SER F 430 -11.21 -19.10 -19.33
CA SER F 430 -12.00 -19.63 -18.23
C SER F 430 -11.46 -21.01 -17.93
N GLY F 431 -11.62 -21.47 -16.72
CA GLY F 431 -11.02 -22.76 -16.36
C GLY F 431 -11.67 -23.40 -15.20
N ILE F 432 -11.96 -24.67 -15.33
CA ILE F 432 -12.52 -25.42 -14.19
C ILE F 432 -11.43 -25.52 -13.11
N PHE F 433 -11.84 -25.52 -11.85
CA PHE F 433 -11.02 -25.98 -10.74
C PHE F 433 -11.88 -26.78 -9.81
N SER F 434 -11.29 -27.65 -9.05
CA SER F 434 -12.06 -28.61 -8.27
C SER F 434 -11.79 -28.36 -6.80
N VAL F 435 -12.84 -28.43 -6.02
CA VAL F 435 -12.78 -28.10 -4.58
C VAL F 435 -13.30 -29.29 -3.83
N GLU F 436 -12.54 -29.81 -2.89
CA GLU F 436 -12.96 -31.06 -2.21
C GLU F 436 -13.94 -30.72 -1.09
N GLY F 437 -15.24 -30.89 -1.34
CA GLY F 437 -16.26 -30.68 -0.30
C GLY F 437 -16.29 -31.79 0.73
N LYS F 438 -17.29 -31.80 1.60
CA LYS F 438 -17.36 -32.75 2.72
C LYS F 438 -17.52 -34.17 2.17
N SER F 439 -18.31 -34.37 1.12
CA SER F 439 -18.61 -35.72 0.59
C SER F 439 -18.75 -35.76 -0.92
N CYS F 440 -18.27 -34.74 -1.64
CA CYS F 440 -18.23 -34.73 -3.11
C CYS F 440 -17.26 -33.66 -3.62
N ILE F 441 -16.68 -33.88 -4.80
CA ILE F 441 -15.76 -32.90 -5.45
C ILE F 441 -16.61 -31.89 -6.20
N ASN F 442 -16.60 -30.66 -5.76
CA ASN F 442 -17.36 -29.62 -6.47
C ASN F 442 -16.52 -29.16 -7.65
N ARG F 443 -17.16 -28.75 -8.73
CA ARG F 443 -16.49 -28.14 -9.89
C ARG F 443 -16.83 -26.69 -9.85
N CYS F 444 -15.84 -25.88 -9.72
CA CYS F 444 -16.01 -24.43 -9.79
C CYS F 444 -15.42 -23.99 -11.11
N PHE F 445 -15.71 -22.80 -11.57
CA PHE F 445 -14.97 -22.32 -12.74
C PHE F 445 -14.72 -20.84 -12.56
N TYR F 446 -13.78 -20.32 -13.31
CA TYR F 446 -13.41 -18.89 -13.22
C TYR F 446 -13.54 -18.30 -14.61
N VAL F 447 -13.69 -17.01 -14.71
CA VAL F 447 -13.68 -16.35 -16.02
C VAL F 447 -12.72 -15.17 -15.90
N GLU F 448 -11.76 -15.12 -16.79
CA GLU F 448 -10.90 -13.97 -16.93
C GLU F 448 -11.74 -12.91 -17.61
N LEU F 449 -11.68 -11.68 -17.12
CA LEU F 449 -12.48 -10.60 -17.72
C LEU F 449 -11.46 -9.62 -18.24
N ILE F 450 -11.01 -9.84 -19.45
CA ILE F 450 -9.91 -9.01 -20.03
C ILE F 450 -10.46 -7.62 -20.32
N ARG F 451 -9.65 -6.59 -20.09
CA ARG F 451 -9.98 -5.21 -20.48
C ARG F 451 -8.75 -4.52 -21.07
N GLY F 452 -8.99 -3.47 -21.84
CA GLY F 452 -7.94 -2.67 -22.47
C GLY F 452 -7.54 -3.20 -23.82
N ARG F 453 -6.29 -2.95 -24.21
CA ARG F 453 -5.79 -3.23 -25.57
C ARG F 453 -5.90 -4.71 -25.94
N LYS F 454 -6.10 -5.02 -27.23
CA LYS F 454 -6.16 -4.06 -28.34
C LYS F 454 -7.62 -3.68 -28.70
N GLU F 455 -8.60 -4.34 -28.09
CA GLU F 455 -10.05 -4.12 -28.37
C GLU F 455 -10.48 -2.74 -27.86
N GLU F 456 -10.01 -2.35 -26.69
CA GLU F 456 -10.37 -1.08 -26.04
C GLU F 456 -9.18 -0.14 -26.12
N THR F 457 -9.15 0.70 -27.15
CA THR F 457 -8.06 1.68 -27.39
C THR F 457 -8.06 2.84 -26.38
N GLU F 458 -9.05 2.94 -25.50
CA GLU F 458 -9.18 4.04 -24.51
C GLU F 458 -8.02 4.05 -23.51
N VAL F 459 -7.35 2.92 -23.30
CA VAL F 459 -6.18 2.80 -22.37
C VAL F 459 -4.99 2.19 -23.08
N LEU F 460 -3.79 2.33 -22.55
CA LEU F 460 -2.57 1.75 -23.16
C LEU F 460 -2.30 0.35 -22.63
N TRP F 461 -2.91 -0.06 -21.54
CA TRP F 461 -2.59 -1.35 -20.89
C TRP F 461 -3.61 -2.44 -21.28
N THR F 462 -3.29 -3.67 -20.92
CA THR F 462 -4.21 -4.82 -21.05
C THR F 462 -4.13 -5.52 -19.72
N SER F 463 -5.26 -5.76 -19.10
CA SER F 463 -5.26 -6.44 -17.80
C SER F 463 -6.55 -7.23 -17.67
N ASN F 464 -6.69 -7.96 -16.58
CA ASN F 464 -7.95 -8.71 -16.38
C ASN F 464 -8.43 -8.64 -14.95
N SER F 465 -9.74 -8.60 -14.75
CA SER F 465 -10.36 -8.96 -13.46
C SER F 465 -10.65 -10.45 -13.55
N ILE F 466 -11.07 -11.06 -12.46
CA ILE F 466 -11.73 -12.38 -12.58
C ILE F 466 -13.05 -12.39 -11.83
N VAL F 467 -13.82 -13.41 -12.13
CA VAL F 467 -15.05 -13.74 -11.41
C VAL F 467 -15.04 -15.23 -11.32
N VAL F 468 -15.57 -15.76 -10.23
CA VAL F 468 -15.44 -17.21 -9.94
C VAL F 468 -16.80 -17.74 -9.48
N PHE F 469 -17.17 -18.90 -9.96
CA PHE F 469 -18.46 -19.55 -9.66
C PHE F 469 -18.26 -20.96 -9.20
N CYS F 470 -19.12 -21.49 -8.36
CA CYS F 470 -19.02 -22.89 -7.92
C CYS F 470 -20.28 -23.68 -8.22
N GLY F 471 -20.12 -24.95 -8.50
CA GLY F 471 -21.27 -25.82 -8.72
C GLY F 471 -22.10 -25.91 -7.48
N THR F 472 -23.41 -25.94 -7.65
CA THR F 472 -24.35 -25.98 -6.53
C THR F 472 -25.40 -27.05 -6.78
N SER F 473 -25.71 -27.84 -5.77
CA SER F 473 -26.85 -28.78 -5.80
C SER F 473 -28.12 -28.01 -5.52
N GLY F 474 -28.00 -26.93 -4.74
CA GLY F 474 -29.09 -26.03 -4.34
C GLY F 474 -29.51 -25.13 -5.47
N THR F 475 -30.61 -24.40 -5.29
CA THR F 475 -31.09 -23.43 -6.30
C THR F 475 -30.18 -22.22 -6.36
N TYR F 476 -30.35 -21.47 -7.43
CA TYR F 476 -29.59 -20.26 -7.69
C TYR F 476 -30.46 -19.38 -8.59
N GLY F 477 -30.08 -18.13 -8.75
CA GLY F 477 -30.95 -17.18 -9.46
C GLY F 477 -30.29 -16.74 -10.74
N THR F 478 -30.25 -15.43 -10.99
CA THR F 478 -29.66 -14.85 -12.19
C THR F 478 -28.89 -13.59 -11.83
N GLY F 479 -28.09 -13.11 -12.77
CA GLY F 479 -27.31 -11.88 -12.70
C GLY F 479 -26.44 -11.70 -13.92
N SER F 480 -25.42 -10.89 -13.78
CA SER F 480 -24.33 -10.68 -14.76
C SER F 480 -23.24 -9.99 -13.99
N TRP F 481 -22.06 -10.56 -13.93
CA TRP F 481 -20.97 -10.01 -13.09
C TRP F 481 -19.79 -9.61 -13.96
N PRO F 482 -19.94 -8.56 -14.77
CA PRO F 482 -18.87 -8.15 -15.66
C PRO F 482 -17.70 -7.56 -14.87
N ASP F 483 -16.67 -7.19 -15.59
CA ASP F 483 -15.46 -6.59 -15.00
C ASP F 483 -15.88 -5.34 -14.22
N GLY F 484 -16.54 -4.39 -14.86
CA GLY F 484 -17.13 -3.25 -14.14
C GLY F 484 -16.28 -1.98 -14.18
N ALA F 485 -15.09 -1.97 -14.73
CA ALA F 485 -14.26 -0.75 -14.77
C ALA F 485 -14.77 0.19 -15.87
N ASP F 486 -14.62 1.50 -15.67
CA ASP F 486 -14.93 2.49 -16.70
C ASP F 486 -13.63 2.99 -17.32
N LEU F 487 -13.24 2.41 -18.44
CA LEU F 487 -11.96 2.78 -19.07
C LEU F 487 -12.01 4.19 -19.65
N ASN F 488 -13.16 4.85 -19.73
CA ASN F 488 -13.18 6.25 -20.23
C ASN F 488 -12.59 7.19 -19.19
N LEU F 489 -12.57 6.77 -17.93
CA LEU F 489 -12.21 7.63 -16.77
C LEU F 489 -10.81 7.33 -16.25
N MET F 490 -10.42 6.07 -16.14
CA MET F 490 -9.19 5.72 -15.39
C MET F 490 -7.91 5.98 -16.22
N PRO F 491 -6.69 5.84 -15.62
CA PRO F 491 -5.43 6.18 -16.28
C PRO F 491 -5.16 5.52 -17.64
N ILE F 492 -4.95 6.38 -18.65
CA ILE F 492 -4.72 5.99 -20.06
C ILE F 492 -3.27 5.51 -20.20
N VAL G 2 -14.67 41.27 23.99
CA VAL G 2 -15.13 40.51 25.24
C VAL G 2 -15.22 41.48 26.43
N GLN G 3 -16.18 41.22 27.33
CA GLN G 3 -16.37 42.03 28.56
C GLN G 3 -16.43 41.12 29.79
N LEU G 4 -15.90 41.59 30.91
CA LEU G 4 -15.95 40.90 32.21
C LEU G 4 -16.26 41.93 33.29
N VAL G 5 -17.11 41.55 34.24
CA VAL G 5 -17.54 42.44 35.35
C VAL G 5 -17.48 41.61 36.63
N GLN G 6 -17.02 42.20 37.72
CA GLN G 6 -16.78 41.44 38.97
C GLN G 6 -17.60 41.97 40.14
N SER G 7 -17.83 41.09 41.12
CA SER G 7 -18.47 41.41 42.43
C SER G 7 -17.78 42.61 43.09
N GLY G 8 -18.55 43.41 43.82
CA GLY G 8 -18.05 44.58 44.56
C GLY G 8 -17.00 44.24 45.62
N ALA G 9 -16.41 45.27 46.21
CA ALA G 9 -15.31 45.17 47.20
C ALA G 9 -15.68 44.27 48.39
N GLU G 10 -14.65 43.76 49.06
CA GLU G 10 -14.80 42.83 50.20
C GLU G 10 -13.93 43.23 51.39
N VAL G 11 -14.48 43.00 52.59
CA VAL G 11 -13.72 43.11 53.86
C VAL G 11 -14.01 41.83 54.63
N LYS G 12 -12.98 41.14 55.13
CA LYS G 12 -13.16 39.77 55.66
C LYS G 12 -12.27 39.50 56.88
N ARG G 13 -12.79 38.66 57.78
CA ARG G 13 -12.14 38.25 59.05
C ARG G 13 -11.12 37.14 58.75
N PRO G 14 -9.92 37.11 59.38
CA PRO G 14 -8.95 36.04 59.14
C PRO G 14 -9.50 34.61 59.39
N GLY G 15 -8.92 33.63 58.69
CA GLY G 15 -9.34 32.22 58.75
C GLY G 15 -10.61 31.93 57.94
N SER G 16 -11.40 32.95 57.60
CA SER G 16 -12.64 32.85 56.78
C SER G 16 -12.33 32.60 55.31
N SER G 17 -13.36 32.42 54.48
CA SER G 17 -13.22 32.44 52.99
C SER G 17 -13.85 33.70 52.39
N VAL G 18 -13.50 34.01 51.14
CA VAL G 18 -14.11 35.11 50.34
C VAL G 18 -14.44 34.55 48.97
N ARG G 19 -15.53 34.98 48.35
CA ARG G 19 -15.98 34.37 47.08
C ARG G 19 -16.25 35.46 46.06
N VAL G 20 -15.18 35.87 45.37
CA VAL G 20 -15.22 36.89 44.30
C VAL G 20 -15.89 36.26 43.09
N SER G 21 -16.76 37.01 42.40
CA SER G 21 -17.44 36.53 41.17
C SER G 21 -17.05 37.38 39.98
N CYS G 22 -17.17 36.81 38.79
CA CYS G 22 -16.82 37.48 37.52
C CYS G 22 -17.79 37.02 36.44
N LYS G 23 -18.71 37.90 36.04
CA LYS G 23 -19.63 37.62 34.92
C LYS G 23 -18.93 38.00 33.63
N ALA G 24 -18.64 37.01 32.81
CA ALA G 24 -18.03 37.19 31.49
C ALA G 24 -19.13 37.26 30.42
N SER G 25 -18.81 37.85 29.27
CA SER G 25 -19.71 37.94 28.10
C SER G 25 -20.08 36.53 27.58
N GLU G 26 -21.22 36.43 26.90
CA GLU G 26 -21.76 35.17 26.32
C GLU G 26 -20.68 34.33 25.60
N GLY G 27 -20.62 33.03 25.91
CA GLY G 27 -19.74 32.05 25.25
C GLY G 27 -18.27 32.16 25.62
N THR G 28 -17.86 33.07 26.50
CA THR G 28 -16.43 33.30 26.84
C THR G 28 -15.77 32.02 27.34
N PHE G 29 -16.43 31.28 28.22
CA PHE G 29 -15.82 30.09 28.86
C PHE G 29 -15.63 28.93 27.87
N ASN G 30 -16.12 29.07 26.63
CA ASN G 30 -15.94 28.03 25.58
C ASN G 30 -14.74 28.36 24.70
N LYS G 31 -14.13 29.53 24.87
CA LYS G 31 -13.05 30.01 23.97
C LYS G 31 -11.76 30.34 24.75
N TYR G 32 -11.83 31.07 25.84
CA TYR G 32 -10.66 31.49 26.61
C TYR G 32 -10.60 30.79 27.98
N THR G 33 -9.44 30.33 28.40
CA THR G 33 -9.24 29.88 29.80
C THR G 33 -9.62 31.05 30.69
N LEU G 34 -10.44 30.86 31.73
CA LEU G 34 -10.65 31.99 32.67
C LEU G 34 -9.65 31.86 33.80
N THR G 35 -9.11 32.98 34.24
CA THR G 35 -8.04 32.97 35.26
C THR G 35 -8.26 34.06 36.28
N TRP G 36 -7.68 33.86 37.44
CA TRP G 36 -7.70 34.86 38.52
C TRP G 36 -6.28 35.34 38.77
N VAL G 37 -6.07 36.65 38.70
CA VAL G 37 -4.73 37.25 38.93
C VAL G 37 -4.83 38.31 40.01
N ARG G 38 -3.99 38.16 41.03
CA ARG G 38 -3.94 39.00 42.25
C ARG G 38 -2.98 40.18 42.08
N GLN G 39 -3.24 41.27 42.79
CA GLN G 39 -2.26 42.38 42.89
C GLN G 39 -2.29 42.95 44.32
N ALA G 40 -1.34 42.52 45.15
CA ALA G 40 -1.18 43.02 46.54
C ALA G 40 -0.79 44.50 46.46
N PRO G 41 -1.21 45.37 47.41
CA PRO G 41 -1.20 46.83 47.25
C PRO G 41 0.06 47.51 46.65
N GLY G 42 1.27 47.12 47.07
CA GLY G 42 2.54 47.66 46.55
C GLY G 42 3.27 46.73 45.59
N GLN G 43 2.78 45.49 45.46
CA GLN G 43 3.49 44.35 44.80
C GLN G 43 3.11 44.20 43.32
N GLY G 44 3.74 43.22 42.66
CA GLY G 44 3.44 42.83 41.28
C GLY G 44 2.30 41.82 41.18
N LEU G 45 1.89 41.58 39.94
CA LEU G 45 0.78 40.65 39.58
C LEU G 45 1.17 39.21 39.92
N GLU G 46 0.18 38.41 40.27
CA GLU G 46 0.39 37.03 40.76
C GLU G 46 -0.79 36.16 40.36
N TRP G 47 -0.59 35.31 39.38
CA TRP G 47 -1.62 34.39 38.86
C TRP G 47 -1.94 33.34 39.91
N MET G 48 -3.23 33.14 40.22
CA MET G 48 -3.70 32.13 41.21
C MET G 48 -4.07 30.82 40.55
N GLY G 49 -4.60 30.90 39.35
CA GLY G 49 -5.07 29.68 38.66
C GLY G 49 -6.03 30.03 37.55
N GLY G 50 -6.52 29.00 36.88
CA GLY G 50 -7.49 29.19 35.81
C GLY G 50 -8.25 27.92 35.50
N ILE G 51 -9.21 28.04 34.59
CA ILE G 51 -10.12 26.93 34.24
C ILE G 51 -10.15 26.81 32.70
N ILE G 52 -9.91 25.59 32.21
CA ILE G 52 -9.73 25.27 30.78
C ILE G 52 -11.07 25.36 30.08
N PRO G 53 -11.17 26.01 28.90
CA PRO G 53 -12.43 26.32 28.25
C PRO G 53 -13.12 25.22 27.42
N ILE G 54 -12.99 23.95 27.80
CA ILE G 54 -13.93 22.90 27.28
C ILE G 54 -14.25 21.97 28.43
N SER G 55 -13.19 21.36 28.97
CA SER G 55 -13.26 20.38 30.08
C SER G 55 -13.62 21.03 31.43
N GLY G 56 -13.48 22.35 31.58
CA GLY G 56 -13.73 23.01 32.87
C GLY G 56 -12.78 22.53 33.95
N ILE G 57 -11.69 21.87 33.57
CA ILE G 57 -10.63 21.45 34.53
C ILE G 57 -9.92 22.71 34.99
N ALA G 58 -9.66 22.84 36.29
CA ALA G 58 -8.98 24.04 36.82
C ALA G 58 -7.59 23.69 37.35
N ASN G 59 -6.66 24.60 37.11
CA ASN G 59 -5.24 24.45 37.49
C ASN G 59 -4.84 25.64 38.35
N TYR G 60 -4.16 25.39 39.46
CA TYR G 60 -3.86 26.43 40.47
C TYR G 60 -2.35 26.62 40.67
N ALA G 61 -1.96 27.85 41.01
CA ALA G 61 -0.57 28.20 41.33
C ALA G 61 -0.12 27.54 42.63
N GLN G 62 1.17 27.27 42.77
CA GLN G 62 1.77 26.59 43.95
C GLN G 62 1.30 27.20 45.27
N LYS G 63 1.33 28.52 45.37
CA LYS G 63 1.03 29.28 46.62
C LYS G 63 -0.43 29.14 47.04
N PHE G 64 -1.33 28.80 46.15
CA PHE G 64 -2.78 28.78 46.42
C PHE G 64 -3.39 27.39 46.31
N GLN G 65 -2.68 26.44 45.72
CA GLN G 65 -3.19 25.07 45.52
C GLN G 65 -3.56 24.46 46.87
N GLY G 66 -4.77 23.91 46.92
CA GLY G 66 -5.35 23.29 48.12
C GLY G 66 -6.12 24.28 48.99
N ARG G 67 -6.18 25.57 48.66
CA ARG G 67 -7.06 26.51 49.44
C ARG G 67 -7.91 27.41 48.55
N VAL G 68 -7.55 27.66 47.28
CA VAL G 68 -8.50 28.31 46.33
C VAL G 68 -9.34 27.25 45.64
N ALA G 69 -10.54 27.65 45.26
CA ALA G 69 -11.40 26.89 44.35
C ALA G 69 -11.82 27.85 43.23
N ILE G 70 -11.61 27.45 41.98
CA ILE G 70 -12.11 28.23 40.82
C ILE G 70 -13.16 27.36 40.13
N THR G 71 -14.30 27.95 39.84
CA THR G 71 -15.42 27.22 39.22
C THR G 71 -16.18 28.16 38.30
N ALA G 72 -16.87 27.62 37.30
CA ALA G 72 -17.59 28.45 36.32
C ALA G 72 -18.90 27.78 35.91
N ASP G 73 -19.84 28.60 35.45
CA ASP G 73 -21.20 28.15 35.07
C ASP G 73 -21.63 28.90 33.79
N GLU G 74 -21.78 28.16 32.69
CA GLU G 74 -22.20 28.72 31.39
C GLU G 74 -23.67 29.17 31.41
N SER G 75 -24.49 28.70 32.37
CA SER G 75 -25.92 29.10 32.44
C SER G 75 -26.01 30.61 32.75
N THR G 76 -25.03 31.13 33.48
CA THR G 76 -24.94 32.54 33.93
C THR G 76 -23.71 33.23 33.37
N THR G 77 -22.82 32.47 32.70
CA THR G 77 -21.45 32.87 32.25
C THR G 77 -20.73 33.64 33.36
N THR G 78 -20.86 33.13 34.58
CA THR G 78 -20.14 33.64 35.76
C THR G 78 -19.12 32.61 36.20
N ALA G 79 -17.95 33.09 36.61
CA ALA G 79 -16.91 32.25 37.23
C ALA G 79 -16.66 32.82 38.61
N TYR G 80 -16.28 31.97 39.53
CA TYR G 80 -16.13 32.35 40.94
C TYR G 80 -14.80 31.84 41.46
N MET G 81 -14.16 32.64 42.29
CA MET G 81 -12.97 32.21 43.02
C MET G 81 -13.31 32.23 44.50
N GLU G 82 -13.28 31.08 45.15
CA GLU G 82 -13.40 31.05 46.62
C GLU G 82 -12.00 30.87 47.17
N LEU G 83 -11.53 31.84 47.96
CA LEU G 83 -10.20 31.78 48.59
C LEU G 83 -10.41 31.50 50.08
N SER G 84 -9.88 30.39 50.57
CA SER G 84 -10.05 29.89 51.96
C SER G 84 -8.88 30.29 52.87
N SER G 85 -9.07 30.21 54.19
CA SER G 85 -8.03 30.43 55.22
C SER G 85 -7.32 31.78 55.01
N LEU G 86 -8.11 32.83 54.74
CA LEU G 86 -7.63 34.21 54.50
C LEU G 86 -6.73 34.72 55.62
N ARG G 87 -5.65 35.42 55.26
CA ARG G 87 -4.77 36.14 56.21
C ARG G 87 -4.43 37.49 55.60
N SER G 88 -3.89 38.44 56.35
CA SER G 88 -3.68 39.82 55.85
C SER G 88 -2.82 39.86 54.58
N GLU G 89 -1.98 38.83 54.36
CA GLU G 89 -1.19 38.63 53.12
C GLU G 89 -2.11 38.63 51.89
N ASP G 90 -3.33 38.13 52.04
CA ASP G 90 -4.32 38.00 50.94
C ASP G 90 -5.02 39.32 50.66
N SER G 91 -4.78 40.39 51.43
CA SER G 91 -5.36 41.73 51.13
C SER G 91 -4.78 42.18 49.79
N ALA G 92 -5.61 42.23 48.76
CA ALA G 92 -5.16 42.51 47.39
C ALA G 92 -6.34 42.82 46.46
N VAL G 93 -6.06 43.39 45.31
CA VAL G 93 -7.09 43.46 44.22
C VAL G 93 -7.05 42.12 43.49
N TYR G 94 -8.21 41.54 43.22
CA TYR G 94 -8.33 40.26 42.50
C TYR G 94 -8.98 40.58 41.16
N TYR G 95 -8.29 40.30 40.07
CA TYR G 95 -8.81 40.50 38.71
C TYR G 95 -9.15 39.13 38.10
N CYS G 96 -10.31 38.99 37.48
CA CYS G 96 -10.55 37.84 36.58
C CYS G 96 -10.02 38.24 35.22
N ALA G 97 -9.39 37.32 34.51
CA ALA G 97 -8.89 37.63 33.15
C ALA G 97 -8.97 36.41 32.26
N THR G 98 -9.29 36.64 31.00
CA THR G 98 -9.25 35.62 29.93
C THR G 98 -7.80 35.29 29.68
N ALA G 99 -7.47 34.03 29.42
CA ALA G 99 -6.13 33.63 28.96
C ALA G 99 -6.32 32.95 27.62
N VAL G 100 -5.57 33.34 26.60
CA VAL G 100 -5.77 32.82 25.21
C VAL G 100 -5.57 31.30 25.14
N SER G 101 -4.94 30.68 26.13
CA SER G 101 -4.72 29.23 26.13
C SER G 101 -6.05 28.48 26.01
N ASP G 102 -6.28 27.78 24.91
CA ASP G 102 -7.52 26.97 24.69
C ASP G 102 -7.41 25.61 25.35
N TYR G 103 -6.22 25.06 25.51
CA TYR G 103 -6.02 23.60 25.62
C TYR G 103 -4.69 23.31 26.30
N PHE G 104 -4.64 22.17 26.99
CA PHE G 104 -3.45 21.70 27.71
C PHE G 104 -2.99 20.35 27.15
N ASN G 105 -1.78 20.28 26.59
CA ASN G 105 -1.18 18.99 26.19
C ASN G 105 -0.63 18.31 27.43
N ARG G 106 -1.01 17.09 27.73
CA ARG G 106 -0.52 16.44 28.95
C ARG G 106 1.01 16.28 28.88
N ASP G 107 1.60 16.36 27.70
CA ASP G 107 3.06 16.33 27.49
C ASP G 107 3.67 17.73 27.30
N LEU G 108 3.20 18.52 26.36
CA LEU G 108 3.82 19.80 25.95
C LEU G 108 3.31 21.01 26.76
N GLY G 109 2.54 20.84 27.83
CA GLY G 109 2.05 21.99 28.63
C GLY G 109 1.06 22.91 27.92
N TRP G 110 1.12 24.20 28.18
CA TRP G 110 0.17 25.23 27.69
C TRP G 110 0.80 26.12 26.64
N GLU G 111 0.09 26.42 25.58
CA GLU G 111 0.47 27.54 24.68
C GLU G 111 -0.32 28.79 25.08
N ASP G 112 0.18 29.95 24.68
CA ASP G 112 -0.53 31.28 24.67
C ASP G 112 -1.19 31.67 26.00
N TYR G 113 -0.60 31.38 27.14
CA TYR G 113 -1.21 31.79 28.43
C TYR G 113 -0.88 33.26 28.74
N TYR G 114 -1.44 34.15 27.96
CA TYR G 114 -1.35 35.62 28.20
C TYR G 114 -2.77 36.18 28.27
N PHE G 115 -2.92 37.34 28.89
CA PHE G 115 -4.24 37.84 29.34
C PHE G 115 -4.72 39.04 28.54
N PRO G 116 -5.46 38.87 27.41
CA PRO G 116 -5.90 40.02 26.62
C PRO G 116 -7.05 40.82 27.23
N PHE G 117 -7.95 40.20 27.98
CA PHE G 117 -9.11 40.90 28.61
C PHE G 117 -9.15 40.65 30.13
N TRP G 118 -9.36 41.75 30.86
CA TRP G 118 -9.32 41.81 32.33
C TRP G 118 -10.62 42.40 32.88
N GLY G 119 -11.11 41.87 34.01
CA GLY G 119 -12.24 42.47 34.76
C GLY G 119 -11.84 43.78 35.41
N GLN G 120 -12.78 44.51 35.99
CA GLN G 120 -12.50 45.84 36.60
C GLN G 120 -11.70 45.66 37.90
N GLY G 121 -11.56 44.44 38.43
CA GLY G 121 -10.81 44.18 39.67
C GLY G 121 -11.65 44.41 40.92
N THR G 122 -11.62 43.43 41.83
CA THR G 122 -12.34 43.45 43.12
C THR G 122 -11.33 43.67 44.24
N LEU G 123 -11.46 44.75 44.99
CA LEU G 123 -10.58 44.99 46.16
C LEU G 123 -11.02 44.07 47.30
N VAL G 124 -10.12 43.21 47.78
CA VAL G 124 -10.37 42.33 48.96
C VAL G 124 -9.45 42.81 50.08
N THR G 125 -9.99 42.98 51.28
CA THR G 125 -9.20 43.41 52.46
C THR G 125 -9.38 42.39 53.58
N VAL G 126 -8.29 42.03 54.24
CA VAL G 126 -8.32 40.96 55.27
C VAL G 126 -7.68 41.49 56.56
N ALA G 127 -8.54 41.84 57.52
CA ALA G 127 -8.11 42.46 58.80
C ALA G 127 -9.09 42.09 59.92
N SER G 128 -8.57 42.02 61.15
CA SER G 128 -9.33 41.77 62.39
C SER G 128 -10.04 43.05 62.87
N ALA G 129 -9.65 44.23 62.36
CA ALA G 129 -10.27 45.54 62.71
C ALA G 129 -11.77 45.57 62.35
N SER G 130 -12.53 46.47 62.99
CA SER G 130 -14.00 46.57 62.82
C SER G 130 -14.36 47.89 62.12
N GLU H 1 10.36 27.40 38.98
CA GLU H 1 9.66 28.72 38.82
C GLU H 1 10.62 29.72 38.16
N ILE H 2 10.30 30.15 36.94
CA ILE H 2 11.15 31.13 36.21
C ILE H 2 10.97 32.49 36.86
N VAL H 3 12.06 33.21 37.09
CA VAL H 3 11.98 34.55 37.74
C VAL H 3 12.19 35.63 36.69
N MET H 4 11.18 36.47 36.52
CA MET H 4 11.25 37.64 35.62
C MET H 4 11.83 38.82 36.40
N THR H 5 12.67 39.61 35.76
CA THR H 5 13.31 40.78 36.41
C THR H 5 13.23 41.96 35.47
N GLN H 6 12.86 43.13 35.96
CA GLN H 6 12.76 44.33 35.08
C GLN H 6 13.67 45.44 35.58
N SER H 7 14.20 46.20 34.64
CA SER H 7 15.06 47.36 34.97
C SER H 7 14.95 48.45 33.91
N PRO H 8 15.13 49.74 34.33
CA PRO H 8 15.24 50.14 35.72
C PRO H 8 13.87 50.12 36.39
N ALA H 9 13.81 50.11 37.73
CA ALA H 9 12.53 50.07 38.48
C ALA H 9 11.71 51.32 38.18
N THR H 10 12.35 52.47 37.99
CA THR H 10 11.68 53.77 37.79
C THR H 10 12.32 54.49 36.61
N LEU H 11 11.86 54.16 35.41
CA LEU H 11 12.40 54.72 34.15
C LEU H 11 11.83 56.11 33.92
N SER H 12 12.39 57.12 34.57
CA SER H 12 11.91 58.52 34.42
C SER H 12 12.29 59.05 33.04
N VAL H 13 11.29 59.45 32.25
CA VAL H 13 11.44 59.85 30.82
C VAL H 13 10.56 61.08 30.55
N SER H 14 11.02 62.02 29.73
CA SER H 14 10.24 63.25 29.40
C SER H 14 9.21 62.95 28.31
N PRO H 15 8.10 63.72 28.23
CA PRO H 15 7.12 63.56 27.14
C PRO H 15 7.75 63.83 25.76
N GLY H 16 7.23 63.11 24.76
CA GLY H 16 7.74 63.14 23.37
C GLY H 16 8.96 62.26 23.17
N ALA H 17 9.77 62.04 24.21
CA ALA H 17 11.02 61.24 24.12
C ALA H 17 10.72 59.74 23.98
N ARG H 18 11.74 58.93 23.67
CA ARG H 18 11.66 57.46 23.61
C ARG H 18 12.00 56.83 24.97
N ALA H 19 11.32 55.74 25.33
CA ALA H 19 11.64 54.92 26.52
C ALA H 19 11.88 53.47 26.09
N THR H 20 12.80 52.77 26.75
CA THR H 20 12.99 51.31 26.54
C THR H 20 13.07 50.61 27.89
N LEU H 21 12.23 49.61 28.07
CA LEU H 21 12.11 48.86 29.34
C LEU H 21 12.68 47.45 29.12
N PHE H 22 13.59 47.03 29.99
CA PHE H 22 14.28 45.74 29.83
C PHE H 22 13.62 44.71 30.72
N CYS H 23 13.56 43.49 30.22
CA CYS H 23 13.06 42.35 31.01
C CYS H 23 13.97 41.15 30.81
N ARG H 24 14.34 40.49 31.90
CA ARG H 24 15.22 39.31 31.94
C ARG H 24 14.42 38.13 32.49
N ALA H 25 14.75 36.92 32.06
CA ALA H 25 14.16 35.69 32.61
C ALA H 25 15.27 34.81 33.18
N SER H 26 15.02 34.12 34.29
CA SER H 26 16.06 33.28 34.95
C SER H 26 16.49 32.10 34.08
N ARG H 27 15.74 31.77 33.02
CA ARG H 27 16.22 30.88 31.93
C ARG H 27 15.49 31.24 30.63
N SER H 28 15.89 30.66 29.51
CA SER H 28 15.28 31.00 28.20
C SER H 28 13.79 30.69 28.23
N VAL H 29 12.97 31.70 27.90
CA VAL H 29 11.49 31.57 27.76
C VAL H 29 11.11 31.60 26.28
N SER H 30 12.05 31.37 25.36
CA SER H 30 11.77 31.42 23.91
C SER H 30 11.16 32.80 23.59
N ASP H 31 10.16 32.89 22.72
CA ASP H 31 9.47 34.18 22.44
C ASP H 31 8.15 34.22 23.21
N ASN H 32 7.93 33.29 24.14
CA ASN H 32 6.70 33.18 24.96
C ASN H 32 6.74 34.25 26.04
N LEU H 33 6.59 35.50 25.66
CA LEU H 33 6.58 36.60 26.65
C LEU H 33 5.60 37.70 26.25
N ALA H 34 5.04 38.37 27.24
CA ALA H 34 4.04 39.43 27.05
C ALA H 34 4.34 40.63 27.94
N TRP H 35 3.79 41.78 27.57
CA TRP H 35 3.98 43.06 28.30
C TRP H 35 2.62 43.68 28.60
N TYR H 36 2.40 44.10 29.85
CA TYR H 36 1.13 44.73 30.27
C TYR H 36 1.34 46.14 30.78
N GLN H 37 0.67 47.11 30.18
CA GLN H 37 0.58 48.49 30.70
C GLN H 37 -0.42 48.52 31.86
N GLN H 38 -0.25 49.40 32.84
CA GLN H 38 -1.28 49.54 33.90
C GLN H 38 -1.30 50.98 34.42
N LYS H 39 -2.35 51.71 34.11
CA LYS H 39 -2.55 53.07 34.67
C LYS H 39 -2.84 52.88 36.16
N PRO H 40 -2.51 53.85 37.05
CA PRO H 40 -2.81 53.71 38.47
C PRO H 40 -4.31 53.48 38.72
N GLY H 41 -4.64 52.32 39.27
CA GLY H 41 -6.02 51.95 39.66
C GLY H 41 -6.78 51.16 38.61
N GLN H 42 -6.34 51.15 37.34
CA GLN H 42 -7.06 50.40 36.27
C GLN H 42 -6.56 48.94 36.21
N ALA H 43 -7.29 48.09 35.52
CA ALA H 43 -6.84 46.70 35.26
C ALA H 43 -5.68 46.73 34.28
N PRO H 44 -4.75 45.74 34.29
CA PRO H 44 -3.67 45.71 33.31
C PRO H 44 -4.21 45.63 31.87
N ARG H 45 -3.43 46.10 30.92
CA ARG H 45 -3.76 46.16 29.46
C ARG H 45 -2.66 45.44 28.69
N LEU H 46 -2.98 44.35 27.98
CA LEU H 46 -1.95 43.64 27.17
C LEU H 46 -1.44 44.55 26.08
N LEU H 47 -0.12 44.72 25.96
CA LEU H 47 0.47 45.51 24.84
C LEU H 47 1.13 44.58 23.84
N ILE H 48 1.98 43.68 24.29
CA ILE H 48 2.76 42.80 23.37
C ILE H 48 2.56 41.36 23.81
N PHE H 49 2.57 40.43 22.88
CA PHE H 49 2.62 38.97 23.17
C PHE H 49 3.54 38.33 22.14
N GLY H 50 3.98 37.10 22.37
CA GLY H 50 4.98 36.43 21.52
C GLY H 50 6.23 37.28 21.37
N ALA H 51 6.58 38.02 22.44
CA ALA H 51 7.73 38.93 22.55
C ALA H 51 7.70 40.09 21.56
N SER H 52 6.91 40.07 20.47
CA SER H 52 6.94 41.17 19.46
C SER H 52 5.58 41.50 18.83
N THR H 53 4.58 40.62 18.88
CA THR H 53 3.25 40.88 18.28
C THR H 53 2.48 41.90 19.11
N ARG H 54 2.02 43.01 18.53
CA ARG H 54 1.20 44.00 19.29
C ARG H 54 -0.21 43.42 19.48
N ALA H 55 -0.82 43.69 20.64
CA ALA H 55 -2.21 43.28 20.90
C ALA H 55 -3.20 44.19 20.16
N THR H 56 -4.47 43.81 20.20
CA THR H 56 -5.57 44.41 19.40
C THR H 56 -5.61 45.94 19.53
N GLY H 57 -5.66 46.48 20.75
CA GLY H 57 -5.90 47.92 20.96
C GLY H 57 -4.63 48.76 20.95
N VAL H 58 -3.52 48.30 20.36
CA VAL H 58 -2.18 48.89 20.68
C VAL H 58 -1.67 49.74 19.52
N PRO H 59 -1.37 51.05 19.76
CA PRO H 59 -0.87 51.91 18.70
C PRO H 59 0.58 51.61 18.33
N ALA H 60 0.98 52.08 17.15
CA ALA H 60 2.30 51.86 16.51
C ALA H 60 3.47 52.22 17.45
N ARG H 61 3.29 53.19 18.34
CA ARG H 61 4.39 53.75 19.17
C ARG H 61 4.91 52.73 20.20
N PHE H 62 4.24 51.60 20.43
CA PHE H 62 4.76 50.51 21.32
C PHE H 62 5.27 49.36 20.47
N SER H 63 6.52 48.95 20.66
CA SER H 63 7.08 47.83 19.87
C SER H 63 7.96 46.97 20.78
N GLY H 64 7.73 45.66 20.73
CA GLY H 64 8.47 44.69 21.54
C GLY H 64 9.52 43.98 20.73
N SER H 65 10.63 43.60 21.37
CA SER H 65 11.76 42.92 20.72
C SER H 65 12.52 42.02 21.69
N GLY H 66 13.25 41.07 21.15
CA GLY H 66 14.08 40.14 21.92
C GLY H 66 13.55 38.72 21.86
N SER H 67 14.34 37.78 22.35
CA SER H 67 14.00 36.34 22.43
C SER H 67 14.98 35.67 23.38
N GLY H 68 14.60 34.50 23.89
CA GLY H 68 15.43 33.70 24.81
C GLY H 68 15.34 34.22 26.22
N THR H 69 16.36 34.91 26.72
CA THR H 69 16.44 35.35 28.12
C THR H 69 16.28 36.86 28.27
N GLN H 70 16.40 37.64 27.20
CA GLN H 70 16.35 39.12 27.34
C GLN H 70 15.41 39.75 26.31
N PHE H 71 14.60 40.69 26.79
CA PHE H 71 13.49 41.30 26.02
C PHE H 71 13.41 42.78 26.31
N THR H 72 12.89 43.53 25.36
CA THR H 72 12.75 45.00 25.50
C THR H 72 11.40 45.46 24.96
N LEU H 73 10.77 46.37 25.68
CA LEU H 73 9.60 47.11 25.17
C LEU H 73 10.10 48.50 24.83
N THR H 74 9.86 48.93 23.59
CA THR H 74 10.28 50.26 23.11
C THR H 74 9.03 51.11 22.92
N ILE H 75 9.08 52.32 23.42
CA ILE H 75 7.96 53.29 23.36
C ILE H 75 8.53 54.50 22.63
N SER H 76 8.28 54.60 21.32
CA SER H 76 9.03 55.46 20.37
C SER H 76 8.87 56.96 20.65
N SER H 77 7.74 57.40 21.20
CA SER H 77 7.50 58.83 21.53
C SER H 77 6.38 58.90 22.55
N LEU H 78 6.70 59.18 23.80
CA LEU H 78 5.71 59.07 24.90
C LEU H 78 4.68 60.20 24.87
N GLN H 79 3.41 59.81 24.79
CA GLN H 79 2.24 60.67 25.04
C GLN H 79 1.99 60.68 26.55
N SER H 80 1.25 61.64 27.11
CA SER H 80 0.90 61.66 28.55
C SER H 80 0.16 60.37 28.96
N GLU H 81 -0.44 59.69 28.00
CA GLU H 81 -1.14 58.39 28.16
C GLU H 81 -0.20 57.27 28.60
N ASP H 82 1.10 57.38 28.32
CA ASP H 82 2.04 56.23 28.42
C ASP H 82 2.69 56.11 29.80
N PHE H 83 2.64 57.15 30.63
CA PHE H 83 3.26 57.13 31.98
C PHE H 83 2.42 56.23 32.87
N ALA H 84 2.91 55.02 33.07
CA ALA H 84 2.20 53.90 33.72
C ALA H 84 3.20 52.87 34.23
N VAL H 85 2.75 51.92 35.03
CA VAL H 85 3.60 50.76 35.38
C VAL H 85 3.52 49.77 34.23
N TYR H 86 4.62 49.12 33.90
CA TYR H 86 4.66 48.09 32.84
C TYR H 86 5.17 46.80 33.42
N TYR H 87 4.40 45.73 33.28
CA TYR H 87 4.75 44.39 33.81
C TYR H 87 5.10 43.50 32.64
N CYS H 88 6.21 42.82 32.79
CA CYS H 88 6.68 41.75 31.90
C CYS H 88 6.03 40.44 32.36
N GLN H 89 5.87 39.44 31.50
CA GLN H 89 5.29 38.14 31.93
C GLN H 89 5.64 37.03 30.96
N HIS H 90 6.19 35.93 31.44
CA HIS H 90 6.44 34.79 30.55
C HIS H 90 5.23 33.90 30.51
N TYR H 91 5.06 33.18 29.41
CA TYR H 91 4.01 32.17 29.29
C TYR H 91 4.56 30.91 28.67
N ASN H 92 5.83 30.66 28.94
CA ASN H 92 6.63 29.59 28.31
C ASN H 92 6.31 28.20 28.87
N ILE H 93 5.48 27.44 28.17
CA ILE H 93 5.30 25.98 28.36
C ILE H 93 4.62 25.63 29.70
N TRP H 94 5.03 26.14 30.85
CA TRP H 94 4.58 25.55 32.13
C TRP H 94 4.43 26.59 33.25
N PRO H 95 3.51 26.37 34.22
CA PRO H 95 3.34 27.28 35.35
C PRO H 95 4.55 27.35 36.28
N PRO H 96 4.64 28.39 37.13
CA PRO H 96 3.71 29.51 37.14
C PRO H 96 4.03 30.59 36.10
N TRP H 97 3.00 31.26 35.64
CA TRP H 97 3.11 32.32 34.62
C TRP H 97 3.53 33.61 35.33
N THR H 98 4.77 33.62 35.82
CA THR H 98 5.28 34.71 36.67
C THR H 98 5.37 36.02 35.92
N PHE H 99 5.07 37.08 36.63
CA PHE H 99 5.22 38.47 36.14
C PHE H 99 6.51 39.09 36.69
N GLY H 100 6.99 40.14 36.02
CA GLY H 100 8.08 40.99 36.53
C GLY H 100 7.57 41.90 37.64
N GLN H 101 8.45 42.49 38.43
CA GLN H 101 8.01 43.38 39.54
C GLN H 101 7.50 44.71 38.98
N GLY H 102 7.70 44.95 37.68
CA GLY H 102 7.13 46.12 36.99
C GLY H 102 8.04 47.35 37.03
N THR H 103 8.07 48.07 35.93
CA THR H 103 8.82 49.35 35.79
C THR H 103 7.85 50.51 35.73
N LYS H 104 7.96 51.48 36.63
CA LYS H 104 7.13 52.70 36.56
C LYS H 104 7.78 53.68 35.60
N VAL H 105 7.09 54.05 34.55
CA VAL H 105 7.62 55.07 33.62
C VAL H 105 7.18 56.43 34.15
N GLU H 106 8.04 57.08 34.94
CA GLU H 106 7.75 58.42 35.50
C GLU H 106 7.91 59.50 34.42
N ILE H 107 7.25 60.64 34.62
CA ILE H 107 7.49 61.84 33.78
C ILE H 107 8.77 62.52 34.27
N LYS H 108 9.80 62.62 33.44
CA LYS H 108 11.03 63.37 33.79
C LYS H 108 10.82 64.86 33.47
N ARG H 109 11.24 65.73 34.40
CA ARG H 109 11.18 67.21 34.30
C ARG H 109 12.30 67.84 35.15
N THR H 110 12.37 69.17 35.19
CA THR H 110 13.40 69.92 35.97
C THR H 110 13.16 69.72 37.47
N ALA I 105 1.47 -21.67 26.38
CA ALA I 105 2.59 -20.85 26.94
C ALA I 105 2.29 -20.49 28.40
N GLU I 106 3.33 -20.46 29.25
CA GLU I 106 3.18 -20.12 30.70
C GLU I 106 3.16 -18.60 30.84
N TYR I 107 2.61 -18.10 31.94
CA TYR I 107 2.73 -16.65 32.24
C TYR I 107 4.20 -16.27 32.37
N ARG I 108 4.54 -15.04 31.96
CA ARG I 108 5.90 -14.48 32.12
C ARG I 108 6.27 -14.29 33.59
N ASN I 109 7.55 -14.49 33.93
CA ASN I 109 7.99 -14.25 35.32
C ASN I 109 9.28 -13.41 35.44
N TRP I 110 10.09 -13.26 34.41
CA TRP I 110 11.36 -12.48 34.47
C TRP I 110 12.29 -12.86 35.65
N SER I 111 12.28 -14.11 36.09
CA SER I 111 13.07 -14.59 37.26
C SER I 111 14.57 -14.54 36.96
N LYS I 112 14.95 -14.53 35.68
CA LYS I 112 16.36 -14.54 35.25
C LYS I 112 17.04 -13.26 35.73
N PRO I 113 18.36 -13.30 36.03
CA PRO I 113 19.06 -12.09 36.46
C PRO I 113 19.20 -11.09 35.32
N GLN I 114 19.50 -9.84 35.62
CA GLN I 114 19.64 -8.82 34.57
C GLN I 114 21.03 -9.01 33.93
N CYS I 115 21.14 -8.73 32.63
CA CYS I 115 22.38 -8.93 31.84
C CYS I 115 23.51 -8.00 32.30
N ASP I 116 24.75 -8.44 32.11
CA ASP I 116 25.95 -7.61 32.41
C ASP I 116 26.09 -6.54 31.33
N ILE I 117 25.28 -5.50 31.41
CA ILE I 117 25.28 -4.43 30.39
C ILE I 117 26.52 -3.56 30.54
N THR I 118 27.13 -3.20 29.41
CA THR I 118 28.31 -2.31 29.30
C THR I 118 28.00 -1.15 28.40
N GLY I 119 26.79 -1.10 27.90
CA GLY I 119 26.28 -0.03 27.02
C GLY I 119 25.24 -0.62 26.14
N PHE I 120 24.72 0.15 25.20
CA PHE I 120 23.61 -0.29 24.33
C PHE I 120 24.05 -0.30 22.87
N ALA I 121 23.91 -1.44 22.21
CA ALA I 121 24.14 -1.62 20.76
C ALA I 121 22.87 -1.29 19.99
N PRO I 122 22.91 -0.76 18.76
CA PRO I 122 21.69 -0.49 18.02
C PRO I 122 20.92 -1.77 17.69
N PHE I 123 19.60 -1.66 17.67
CA PHE I 123 18.70 -2.81 17.47
C PHE I 123 17.69 -2.53 16.35
N SER I 124 17.13 -1.34 16.24
CA SER I 124 16.13 -1.08 15.19
C SER I 124 15.88 0.41 14.98
N LYS I 125 15.35 0.74 13.84
CA LYS I 125 14.99 2.10 13.48
C LYS I 125 13.88 1.98 12.45
N ASP I 126 12.98 2.95 12.38
CA ASP I 126 11.78 2.78 11.54
C ASP I 126 11.84 3.61 10.27
N ASN I 127 12.43 4.79 10.34
CA ASN I 127 12.47 5.70 9.17
C ASN I 127 11.03 6.08 8.79
N SER I 128 10.05 5.95 9.69
CA SER I 128 8.63 6.30 9.44
C SER I 128 8.50 7.67 8.76
N ILE I 129 9.22 8.68 9.18
CA ILE I 129 9.01 9.99 8.54
C ILE I 129 9.68 10.03 7.16
N ARG I 130 10.82 9.37 6.97
CA ARG I 130 11.46 9.35 5.63
C ARG I 130 10.55 8.60 4.65
N LEU I 131 9.94 7.50 5.09
CA LEU I 131 9.02 6.70 4.25
C LEU I 131 7.73 7.47 3.99
N SER I 132 7.23 8.23 4.96
CA SER I 132 6.01 9.07 4.81
C SER I 132 6.09 10.01 3.62
N ALA I 133 7.27 10.45 3.22
CA ALA I 133 7.40 11.42 2.11
C ALA I 133 7.01 10.79 0.78
N GLY I 134 6.86 9.47 0.72
CA GLY I 134 6.38 8.74 -0.46
C GLY I 134 5.79 7.42 -0.04
N GLY I 135 4.68 7.48 0.70
CA GLY I 135 4.06 6.29 1.31
C GLY I 135 2.89 6.64 2.22
N ASP I 136 1.98 5.71 2.43
CA ASP I 136 0.83 5.94 3.33
C ASP I 136 1.21 5.46 4.72
N ILE I 137 1.94 6.31 5.45
CA ILE I 137 2.40 6.00 6.82
C ILE I 137 1.58 6.85 7.80
N TRP I 138 1.17 6.23 8.89
CA TRP I 138 0.40 6.83 10.00
C TRP I 138 1.12 7.96 10.72
N VAL I 139 0.40 9.00 11.11
CA VAL I 139 0.92 10.06 12.02
C VAL I 139 0.83 9.52 13.42
N THR I 140 1.92 9.60 14.19
CA THR I 140 1.92 9.06 15.57
C THR I 140 2.60 10.02 16.53
N ARG I 141 2.51 9.68 17.80
CA ARG I 141 3.34 10.21 18.90
C ARG I 141 3.23 9.24 20.06
N GLU I 142 4.03 9.45 21.08
CA GLU I 142 4.07 8.58 22.28
C GLU I 142 4.23 7.13 21.85
N PRO I 143 5.22 6.80 21.01
CA PRO I 143 5.49 5.41 20.65
C PRO I 143 6.12 4.65 21.77
N TYR I 144 6.10 3.36 21.62
CA TYR I 144 6.71 2.48 22.63
C TYR I 144 6.93 1.10 22.05
N VAL I 145 7.74 0.32 22.72
CA VAL I 145 8.09 -1.04 22.24
C VAL I 145 7.83 -1.99 23.36
N SER I 146 7.25 -3.13 23.01
CA SER I 146 7.01 -4.20 23.98
C SER I 146 7.11 -5.50 23.22
N CYS I 147 7.33 -6.63 23.88
CA CYS I 147 7.62 -7.86 23.11
C CYS I 147 6.77 -9.02 23.60
N ASP I 148 6.33 -9.87 22.70
CA ASP I 148 5.79 -11.17 23.13
C ASP I 148 6.99 -12.08 23.34
N PRO I 149 6.82 -13.32 23.82
CA PRO I 149 7.96 -14.21 24.02
C PRO I 149 8.79 -14.51 22.78
N ASP I 150 8.22 -14.31 21.59
CA ASP I 150 8.83 -14.65 20.28
C ASP I 150 9.41 -13.42 19.57
N LYS I 151 8.75 -12.26 19.63
CA LYS I 151 9.20 -11.06 18.86
C LYS I 151 8.68 -9.75 19.43
N CYS I 152 9.36 -8.67 19.11
CA CYS I 152 9.02 -7.33 19.63
C CYS I 152 8.05 -6.61 18.70
N TYR I 153 7.21 -5.79 19.29
CA TYR I 153 6.23 -4.98 18.60
C TYR I 153 6.40 -3.53 19.00
N GLN I 154 6.14 -2.68 18.06
CA GLN I 154 6.17 -1.25 18.26
C GLN I 154 4.72 -0.86 18.35
N PHE I 155 4.43 0.04 19.25
CA PHE I 155 3.11 0.62 19.43
C PHE I 155 3.23 2.12 19.28
N ALA I 156 2.16 2.75 18.93
CA ALA I 156 2.11 4.21 18.96
C ALA I 156 0.67 4.70 19.04
N LEU I 157 0.47 5.91 19.53
CA LEU I 157 -0.87 6.49 19.54
C LEU I 157 -0.98 7.20 18.21
N GLY I 158 -1.67 6.59 17.28
CA GLY I 158 -1.86 7.16 15.97
C GLY I 158 -2.88 8.27 16.04
N GLN I 159 -2.62 9.39 15.41
CA GLN I 159 -3.56 10.50 15.34
C GLN I 159 -4.73 10.20 14.38
N GLY I 160 -5.13 8.95 14.16
CA GLY I 160 -6.29 8.64 13.30
C GLY I 160 -6.12 9.13 11.87
N THR I 161 -4.90 9.16 11.34
CA THR I 161 -4.60 9.69 10.00
C THR I 161 -3.23 9.27 9.50
N THR I 162 -3.04 9.25 8.18
CA THR I 162 -1.71 9.11 7.55
C THR I 162 -1.09 10.49 7.50
N LEU I 163 0.17 10.58 7.12
CA LEU I 163 0.89 11.86 7.18
C LEU I 163 0.65 12.70 5.94
N ASN I 164 0.76 12.12 4.76
CA ASN I 164 0.47 12.85 3.49
C ASN I 164 -1.04 12.78 3.28
N ASN I 165 -1.77 13.63 4.03
CA ASN I 165 -3.24 13.53 4.24
C ASN I 165 -3.75 14.91 4.69
N VAL I 166 -5.02 15.24 4.51
CA VAL I 166 -5.56 16.53 5.03
C VAL I 166 -5.71 16.46 6.56
N HIS I 167 -5.97 15.29 7.10
CA HIS I 167 -6.21 15.08 8.55
C HIS I 167 -4.92 15.13 9.35
N SER I 168 -3.74 15.24 8.74
CA SER I 168 -2.47 15.32 9.48
C SER I 168 -2.27 16.74 10.04
N ASN I 169 -2.92 17.75 9.50
CA ASN I 169 -2.82 19.13 10.01
C ASN I 169 -3.29 19.18 11.48
N ASN I 170 -2.71 20.07 12.30
CA ASN I 170 -3.02 20.25 13.74
C ASN I 170 -2.92 18.91 14.51
N THR I 171 -2.04 17.99 14.13
CA THR I 171 -1.88 16.73 14.90
C THR I 171 -1.02 16.93 16.15
N VAL I 172 -0.80 18.16 16.56
CA VAL I 172 -0.02 18.46 17.80
C VAL I 172 -0.87 18.19 19.05
N ARG I 173 -2.21 18.24 18.98
CA ARG I 173 -3.05 17.95 20.17
C ARG I 173 -2.92 16.47 20.55
N ASP I 174 -2.74 16.23 21.83
CA ASP I 174 -2.40 14.90 22.33
C ASP I 174 -3.67 14.11 22.64
N ARG I 175 -4.85 14.74 22.67
CA ARG I 175 -6.10 14.04 23.02
C ARG I 175 -7.21 14.43 22.06
N THR I 176 -7.65 13.46 21.26
CA THR I 176 -8.80 13.62 20.32
C THR I 176 -9.57 12.31 20.27
N PRO I 177 -10.83 12.27 19.81
CA PRO I 177 -11.57 11.01 19.78
C PRO I 177 -10.97 9.94 18.84
N TYR I 178 -10.20 10.41 17.86
CA TYR I 178 -9.64 9.61 16.75
C TYR I 178 -8.36 8.88 17.14
N ARG I 179 -7.72 9.17 18.26
CA ARG I 179 -6.43 8.53 18.58
C ARG I 179 -6.68 7.06 18.85
N THR I 180 -5.85 6.22 18.28
CA THR I 180 -5.97 4.77 18.41
C THR I 180 -4.57 4.22 18.61
N LEU I 181 -4.48 3.13 19.31
CA LEU I 181 -3.19 2.50 19.62
C LEU I 181 -2.83 1.60 18.45
N LEU I 182 -1.92 2.05 17.60
CA LEU I 182 -1.38 1.26 16.45
C LEU I 182 -0.42 0.21 17.01
N MET I 183 -0.36 -0.95 16.41
CA MET I 183 0.54 -2.03 16.82
C MET I 183 1.14 -2.64 15.55
N ASN I 184 2.44 -2.92 15.52
CA ASN I 184 3.14 -3.61 14.43
C ASN I 184 4.26 -4.48 14.98
N GLU I 185 4.77 -5.45 14.23
CA GLU I 185 6.06 -6.08 14.62
C GLU I 185 7.12 -4.99 14.53
N LEU I 186 8.15 -5.09 15.38
CA LEU I 186 9.12 -3.98 15.47
C LEU I 186 9.84 -3.83 14.12
N GLY I 187 9.92 -2.62 13.64
CA GLY I 187 10.61 -2.34 12.37
C GLY I 187 9.69 -2.23 11.18
N VAL I 188 8.52 -2.89 11.22
CA VAL I 188 7.48 -2.70 10.15
C VAL I 188 6.86 -1.33 10.30
N PRO I 189 7.09 -0.38 9.40
CA PRO I 189 6.68 1.00 9.66
C PRO I 189 5.15 0.99 9.80
N PHE I 190 4.55 2.02 10.38
CA PHE I 190 3.08 2.03 10.53
C PHE I 190 2.45 2.44 9.18
N HIS I 191 2.25 1.47 8.30
CA HIS I 191 1.56 1.63 6.98
C HIS I 191 0.05 1.39 7.17
N LEU I 192 -0.77 1.57 6.13
CA LEU I 192 -2.24 1.45 6.26
C LEU I 192 -2.70 0.08 6.76
N GLY I 193 -1.98 -0.99 6.51
CA GLY I 193 -2.37 -2.33 7.02
C GLY I 193 -2.14 -2.53 8.52
N THR I 194 -1.76 -1.49 9.26
CA THR I 194 -1.43 -1.59 10.71
C THR I 194 -2.73 -1.79 11.50
N LYS I 195 -2.72 -2.68 12.47
CA LYS I 195 -3.92 -2.86 13.33
C LYS I 195 -4.08 -1.76 14.37
N GLN I 196 -5.20 -1.05 14.37
CA GLN I 196 -5.61 -0.14 15.47
C GLN I 196 -6.15 -1.01 16.61
N VAL I 197 -5.33 -1.27 17.62
CA VAL I 197 -5.68 -2.19 18.72
C VAL I 197 -6.89 -1.74 19.53
N CYS I 198 -7.07 -0.45 19.73
CA CYS I 198 -8.14 0.09 20.61
C CYS I 198 -8.23 1.59 20.50
N ILE I 199 -9.35 2.16 20.96
CA ILE I 199 -9.46 3.64 20.93
C ILE I 199 -8.68 4.11 22.15
N ALA I 200 -7.79 5.10 21.98
CA ALA I 200 -6.85 5.48 23.05
C ALA I 200 -6.15 6.76 22.75
N TRP I 201 -6.14 7.74 23.66
CA TRP I 201 -5.22 8.91 23.51
C TRP I 201 -4.10 8.83 24.53
N SER I 202 -4.09 7.80 25.37
CA SER I 202 -3.03 7.45 26.31
C SER I 202 -3.07 5.94 26.45
N SER I 203 -1.95 5.25 26.59
CA SER I 203 -2.03 3.77 26.67
C SER I 203 -0.77 3.11 27.18
N SER I 204 -0.92 1.84 27.40
CA SER I 204 0.17 0.99 27.85
C SER I 204 -0.15 -0.40 27.35
N SER I 205 0.82 -1.25 27.13
CA SER I 205 0.57 -2.62 26.63
C SER I 205 1.57 -3.56 27.23
N CYS I 206 1.24 -4.82 27.28
CA CYS I 206 2.23 -5.82 27.66
C CYS I 206 1.67 -7.21 27.42
N HIS I 207 2.51 -8.06 26.89
CA HIS I 207 2.19 -9.47 26.77
C HIS I 207 2.44 -10.11 28.12
N ASP I 208 1.48 -10.87 28.63
CA ASP I 208 1.60 -11.47 29.98
C ASP I 208 2.23 -12.87 29.93
N GLY I 209 2.67 -13.31 28.76
CA GLY I 209 3.14 -14.72 28.57
C GLY I 209 2.11 -15.58 27.88
N LYS I 210 0.84 -15.21 27.93
CA LYS I 210 -0.27 -15.87 27.23
C LYS I 210 -0.87 -14.97 26.13
N ALA I 211 -1.09 -13.71 26.39
CA ALA I 211 -1.73 -12.81 25.41
C ALA I 211 -1.52 -11.35 25.72
N TRP I 212 -1.78 -10.50 24.75
CA TRP I 212 -1.58 -9.05 24.96
C TRP I 212 -2.61 -8.46 25.91
N LEU I 213 -2.18 -7.63 26.84
CA LEU I 213 -3.03 -6.69 27.59
C LEU I 213 -2.76 -5.30 27.06
N HIS I 214 -3.78 -4.58 26.71
CA HIS I 214 -3.65 -3.16 26.36
C HIS I 214 -4.49 -2.39 27.34
N VAL I 215 -4.01 -1.24 27.77
CA VAL I 215 -4.76 -0.34 28.64
C VAL I 215 -4.96 0.86 27.79
N CYS I 216 -6.18 1.10 27.42
CA CYS I 216 -6.52 2.07 26.37
C CYS I 216 -7.37 3.13 26.99
N ILE I 217 -6.91 4.37 27.01
CA ILE I 217 -7.63 5.42 27.76
C ILE I 217 -8.22 6.37 26.75
N THR I 218 -9.52 6.66 26.87
CA THR I 218 -10.16 7.59 25.92
C THR I 218 -11.35 8.25 26.59
N GLY I 219 -11.78 9.35 26.02
CA GLY I 219 -12.98 10.03 26.49
C GLY I 219 -12.77 11.51 26.60
N ASP I 220 -13.73 12.17 27.24
CA ASP I 220 -13.63 13.61 27.59
C ASP I 220 -12.55 13.74 28.64
N ASP I 221 -11.83 14.87 28.63
CA ASP I 221 -10.72 15.15 29.60
C ASP I 221 -11.23 15.06 31.03
N LYS I 222 -12.39 15.66 31.29
CA LYS I 222 -12.98 15.69 32.63
C LYS I 222 -13.55 14.33 33.04
N ASN I 223 -13.62 13.34 32.15
CA ASN I 223 -14.37 12.10 32.45
C ASN I 223 -13.91 10.92 31.59
N ALA I 224 -12.61 10.65 31.53
CA ALA I 224 -12.09 9.60 30.64
C ALA I 224 -12.42 8.22 31.19
N THR I 225 -12.41 7.25 30.28
CA THR I 225 -12.59 5.81 30.52
C THR I 225 -11.25 5.14 30.25
N ALA I 226 -10.83 4.22 31.08
CA ALA I 226 -9.71 3.33 30.76
C ALA I 226 -10.31 1.98 30.42
N SER I 227 -9.96 1.41 29.28
CA SER I 227 -10.43 0.08 28.82
C SER I 227 -9.27 -0.90 28.89
N PHE I 228 -9.45 -2.01 29.54
CA PHE I 228 -8.46 -3.11 29.66
C PHE I 228 -8.83 -4.16 28.61
N ILE I 229 -8.04 -4.25 27.56
CA ILE I 229 -8.30 -5.18 26.43
C ILE I 229 -7.32 -6.31 26.48
N TYR I 230 -7.77 -7.49 26.78
CA TYR I 230 -6.87 -8.64 27.00
C TYR I 230 -7.34 -9.81 26.12
N ASN I 231 -6.37 -10.42 25.48
CA ASN I 231 -6.59 -11.49 24.47
C ASN I 231 -7.56 -10.95 23.41
N GLY I 232 -7.47 -9.64 23.11
CA GLY I 232 -8.18 -9.02 21.99
C GLY I 232 -9.63 -8.76 22.26
N ARG I 233 -10.09 -8.83 23.52
CA ARG I 233 -11.46 -8.44 23.88
C ARG I 233 -11.49 -7.58 25.15
N LEU I 234 -12.39 -6.61 25.19
CA LEU I 234 -12.47 -5.67 26.34
C LEU I 234 -12.93 -6.42 27.59
N VAL I 235 -12.06 -6.52 28.60
CA VAL I 235 -12.34 -7.32 29.83
C VAL I 235 -12.77 -6.47 31.00
N ASP I 236 -12.38 -5.22 31.03
CA ASP I 236 -12.70 -4.36 32.19
C ASP I 236 -12.57 -2.88 31.81
N SER I 237 -13.07 -2.01 32.64
CA SER I 237 -12.90 -0.58 32.41
C SER I 237 -13.09 0.14 33.74
N VAL I 238 -12.51 1.34 33.80
CA VAL I 238 -12.51 2.12 35.06
C VAL I 238 -12.55 3.57 34.69
N VAL I 239 -13.36 4.32 35.42
CA VAL I 239 -13.58 5.75 35.09
C VAL I 239 -12.54 6.58 35.82
N SER I 240 -12.16 7.71 35.23
CA SER I 240 -11.30 8.77 35.79
C SER I 240 -11.74 9.05 37.23
N TRP I 241 -10.88 8.82 38.21
CA TRP I 241 -11.24 8.96 39.64
C TRP I 241 -11.06 10.39 40.14
N SER I 242 -10.26 11.22 39.46
CA SER I 242 -10.06 12.65 39.86
C SER I 242 -10.57 13.61 38.79
N LYS I 243 -11.23 13.11 37.77
CA LYS I 243 -11.93 13.90 36.73
C LYS I 243 -10.99 14.92 36.09
N GLU I 244 -9.73 14.57 35.87
CA GLU I 244 -8.76 15.56 35.32
C GLU I 244 -7.67 14.84 34.51
N ILE I 245 -8.06 14.39 33.34
CA ILE I 245 -7.21 13.68 32.33
C ILE I 245 -6.57 12.41 32.88
N LEU I 246 -7.35 11.37 33.06
CA LEU I 246 -6.80 10.05 33.44
C LEU I 246 -5.71 9.74 32.44
N ARG I 247 -4.55 9.22 32.88
CA ARG I 247 -3.44 9.01 31.93
C ARG I 247 -2.54 7.90 32.42
N THR I 248 -1.78 7.28 31.51
CA THR I 248 -0.94 6.13 31.88
C THR I 248 0.45 6.26 31.27
N GLN I 249 1.19 5.16 31.32
CA GLN I 249 2.65 5.14 31.14
C GLN I 249 3.15 5.51 29.72
N GLU I 250 2.31 5.53 28.69
CA GLU I 250 2.72 5.70 27.27
C GLU I 250 3.92 4.77 26.97
N SER I 251 3.91 3.57 27.55
CA SER I 251 4.97 2.58 27.41
C SER I 251 4.53 1.25 27.98
N GLU I 252 5.39 0.25 27.88
CA GLU I 252 4.96 -1.09 28.27
C GLU I 252 4.65 -1.12 29.75
N CYS I 253 3.61 -1.88 30.08
CA CYS I 253 3.29 -2.28 31.46
C CYS I 253 4.20 -3.45 31.75
N VAL I 254 4.09 -4.06 32.91
CA VAL I 254 4.92 -5.26 33.19
C VAL I 254 4.01 -6.31 33.78
N CYS I 255 4.22 -7.57 33.47
CA CYS I 255 3.38 -8.66 34.03
C CYS I 255 4.26 -9.69 34.65
N ILE I 256 3.96 -10.11 35.86
CA ILE I 256 4.71 -11.19 36.55
C ILE I 256 3.69 -12.21 37.07
N ASN I 257 3.88 -13.47 36.73
CA ASN I 257 2.91 -14.55 37.07
C ASN I 257 1.49 -14.08 36.71
N GLY I 258 1.33 -13.45 35.56
CA GLY I 258 0.01 -13.05 35.04
C GLY I 258 -0.50 -11.73 35.54
N THR I 259 -0.12 -11.28 36.72
CA THR I 259 -0.60 -9.98 37.27
C THR I 259 0.14 -8.82 36.61
N CYS I 260 -0.45 -8.23 35.61
CA CYS I 260 0.12 -7.02 34.97
C CYS I 260 -0.05 -5.83 35.89
N THR I 261 0.83 -4.86 35.83
CA THR I 261 0.69 -3.64 36.65
C THR I 261 0.83 -2.46 35.73
N VAL I 262 -0.04 -1.51 35.94
CA VAL I 262 0.02 -0.28 35.14
C VAL I 262 -0.12 0.89 36.10
N VAL I 263 0.77 1.85 35.97
CA VAL I 263 0.69 3.06 36.82
C VAL I 263 -0.24 4.01 36.08
N MET I 264 -1.20 4.57 36.79
CA MET I 264 -2.15 5.54 36.21
C MET I 264 -2.24 6.73 37.13
N THR I 265 -2.39 7.89 36.55
CA THR I 265 -2.46 9.13 37.30
C THR I 265 -3.68 9.90 36.84
N ASP I 266 -4.22 10.69 37.74
CA ASP I 266 -5.32 11.62 37.45
C ASP I 266 -5.02 12.93 38.19
N GLY I 267 -5.71 14.00 37.86
CA GLY I 267 -5.46 15.27 38.58
C GLY I 267 -4.41 16.14 37.91
N SER I 268 -4.13 17.30 38.52
CA SER I 268 -3.25 18.37 38.01
C SER I 268 -1.85 17.87 37.65
N ALA I 269 -1.28 18.40 36.58
CA ALA I 269 0.09 18.07 36.12
C ALA I 269 1.14 18.96 36.82
N SER I 270 0.98 20.27 36.81
CA SER I 270 1.90 21.21 37.49
C SER I 270 1.51 21.33 38.97
N GLY I 271 0.93 20.29 39.57
CA GLY I 271 0.41 20.30 40.95
C GLY I 271 0.09 18.91 41.49
N LYS I 272 -0.22 18.82 42.78
CA LYS I 272 -0.46 17.53 43.48
C LYS I 272 -1.47 16.65 42.73
N ALA I 273 -0.99 15.51 42.23
CA ALA I 273 -1.77 14.52 41.44
C ALA I 273 -2.20 13.32 42.30
N ASP I 274 -3.17 12.55 41.80
CA ASP I 274 -3.63 11.28 42.43
C ASP I 274 -3.18 10.12 41.56
N THR I 275 -2.37 9.22 42.10
CA THR I 275 -1.77 8.14 41.29
C THR I 275 -2.15 6.83 41.90
N LYS I 276 -2.56 5.89 41.06
CA LYS I 276 -2.90 4.54 41.52
C LYS I 276 -2.16 3.54 40.65
N ILE I 277 -1.85 2.41 41.25
CA ILE I 277 -1.22 1.28 40.52
C ILE I 277 -2.30 0.23 40.43
N LEU I 278 -2.67 -0.14 39.23
CA LEU I 278 -3.71 -1.15 38.97
C LEU I 278 -3.02 -2.47 38.75
N PHE I 279 -3.46 -3.49 39.44
CA PHE I 279 -3.00 -4.89 39.28
C PHE I 279 -4.08 -5.57 38.47
N ILE I 280 -3.72 -6.12 37.32
CA ILE I 280 -4.65 -6.63 36.30
C ILE I 280 -4.34 -8.10 36.01
N GLU I 281 -5.32 -8.98 36.08
CA GLU I 281 -5.11 -10.40 35.76
C GLU I 281 -6.04 -10.75 34.61
N GLU I 282 -5.46 -11.07 33.46
CA GLU I 282 -6.21 -11.37 32.23
C GLU I 282 -7.20 -10.24 31.90
N GLY I 283 -6.82 -9.00 32.18
CA GLY I 283 -7.62 -7.80 31.91
C GLY I 283 -8.54 -7.39 33.06
N LYS I 284 -8.88 -8.29 33.96
CA LYS I 284 -9.75 -7.98 35.13
C LYS I 284 -8.92 -7.21 36.18
N ILE I 285 -9.28 -5.99 36.56
CA ILE I 285 -8.53 -5.27 37.64
C ILE I 285 -8.74 -6.01 38.97
N VAL I 286 -7.72 -6.70 39.50
CA VAL I 286 -7.85 -7.51 40.75
C VAL I 286 -7.56 -6.69 41.99
N HIS I 287 -6.75 -5.65 41.87
CA HIS I 287 -6.40 -4.78 43.02
C HIS I 287 -6.02 -3.39 42.54
N THR I 288 -6.07 -2.42 43.44
CA THR I 288 -5.58 -1.07 43.13
C THR I 288 -4.98 -0.50 44.40
N SER I 289 -3.76 0.01 44.28
CA SER I 289 -2.99 0.59 45.40
C SER I 289 -2.77 2.06 45.12
N THR I 290 -3.05 2.93 46.08
CA THR I 290 -2.73 4.37 45.89
C THR I 290 -1.22 4.53 46.10
N LEU I 291 -0.60 5.43 45.34
CA LEU I 291 0.85 5.71 45.40
C LEU I 291 1.27 6.09 46.82
N SER I 292 2.36 5.51 47.31
CA SER I 292 2.88 5.71 48.69
C SER I 292 4.41 5.86 48.70
N GLY I 293 4.98 6.33 49.80
CA GLY I 293 6.36 6.84 49.83
C GLY I 293 6.45 8.29 49.37
N SER I 294 7.63 8.76 49.00
CA SER I 294 7.92 10.21 48.87
C SER I 294 7.92 10.73 47.44
N ALA I 295 7.60 9.96 46.40
CA ALA I 295 7.46 10.54 45.05
C ALA I 295 6.26 11.50 45.08
N GLN I 296 6.46 12.76 44.70
CA GLN I 296 5.39 13.78 44.87
C GLN I 296 4.62 14.01 43.57
N HIS I 297 5.17 13.63 42.43
CA HIS I 297 4.44 13.69 41.15
C HIS I 297 4.91 12.50 40.32
N VAL I 298 4.03 11.81 39.60
CA VAL I 298 4.41 10.53 38.95
C VAL I 298 3.62 10.35 37.65
N GLU I 299 4.10 10.97 36.60
CA GLU I 299 3.60 10.79 35.21
C GLU I 299 4.39 9.72 34.48
N GLU I 300 3.78 8.99 33.57
CA GLU I 300 4.47 8.34 32.42
C GLU I 300 5.57 7.35 32.82
N CYS I 301 5.43 6.67 33.93
CA CYS I 301 6.41 5.67 34.36
C CYS I 301 6.87 4.73 33.25
N SER I 302 8.19 4.64 33.02
CA SER I 302 8.84 3.58 32.22
C SER I 302 9.10 2.44 33.19
N CYS I 303 8.36 1.37 33.11
CA CYS I 303 8.55 0.25 34.05
C CYS I 303 9.49 -0.82 33.49
N TYR I 304 10.10 -1.55 34.39
CA TYR I 304 10.89 -2.73 34.04
C TYR I 304 10.79 -3.78 35.10
N PRO I 305 10.67 -5.06 34.72
CA PRO I 305 10.58 -6.15 35.69
C PRO I 305 11.90 -6.29 36.44
N ARG I 306 11.79 -6.50 37.74
CA ARG I 306 12.91 -6.56 38.68
C ARG I 306 12.51 -7.58 39.72
N TYR I 307 12.33 -8.80 39.23
CA TYR I 307 11.77 -9.92 40.00
C TYR I 307 12.44 -10.04 41.37
N PRO I 308 11.69 -10.19 42.49
CA PRO I 308 10.25 -10.41 42.50
C PRO I 308 9.35 -9.20 42.24
N GLY I 309 9.89 -7.99 42.23
CA GLY I 309 9.09 -6.77 42.05
C GLY I 309 9.07 -6.26 40.63
N VAL I 310 8.35 -5.18 40.45
CA VAL I 310 8.41 -4.36 39.23
C VAL I 310 8.86 -3.00 39.69
N ARG I 311 9.67 -2.34 38.90
CA ARG I 311 10.24 -1.04 39.26
C ARG I 311 9.95 -0.12 38.11
N CYS I 312 9.79 1.16 38.36
CA CYS I 312 9.44 2.10 37.30
C CYS I 312 10.07 3.43 37.56
N VAL I 313 10.47 4.11 36.51
CA VAL I 313 11.11 5.42 36.68
C VAL I 313 10.25 6.35 35.86
N CYS I 314 9.87 7.48 36.42
CA CYS I 314 8.73 8.27 35.92
C CYS I 314 9.16 9.69 35.61
N ARG I 315 8.20 10.57 35.43
CA ARG I 315 8.41 11.97 35.05
C ARG I 315 7.77 12.82 36.15
N ASP I 316 8.55 13.58 36.87
CA ASP I 316 7.98 14.52 37.84
C ASP I 316 7.71 15.82 37.10
N ASN I 317 6.45 16.06 36.77
CA ASN I 317 6.04 17.25 35.99
C ASN I 317 5.93 18.47 36.89
N TRP I 318 6.05 18.32 38.21
CA TRP I 318 5.66 19.36 39.19
C TRP I 318 6.90 19.98 39.86
N LYS I 319 7.71 19.18 40.56
CA LYS I 319 8.82 19.72 41.39
C LYS I 319 10.17 19.04 41.19
N GLY I 320 10.23 17.80 40.72
CA GLY I 320 11.52 17.10 40.51
C GLY I 320 12.07 17.24 39.10
N SER I 321 13.35 17.59 38.93
CA SER I 321 14.08 17.36 37.66
C SER I 321 14.84 16.05 37.83
N ASN I 322 14.98 15.57 39.06
CA ASN I 322 15.34 14.18 39.34
C ASN I 322 14.10 13.34 39.01
N ARG I 323 14.26 12.11 38.54
CA ARG I 323 13.09 11.26 38.21
C ARG I 323 12.60 10.47 39.40
N PRO I 324 11.27 10.32 39.59
CA PRO I 324 10.74 9.49 40.65
C PRO I 324 10.88 8.02 40.31
N ILE I 325 11.15 7.23 41.31
CA ILE I 325 11.19 5.75 41.22
C ILE I 325 9.95 5.24 41.94
N VAL I 326 9.23 4.33 41.35
CA VAL I 326 8.08 3.66 42.02
C VAL I 326 8.44 2.20 42.08
N ASP I 327 8.42 1.63 43.25
CA ASP I 327 8.90 0.25 43.47
C ASP I 327 7.67 -0.54 43.94
N ILE I 328 7.24 -1.50 43.13
CA ILE I 328 5.89 -2.11 43.21
C ILE I 328 6.07 -3.56 43.58
N ASN I 329 5.34 -3.98 44.61
CA ASN I 329 5.46 -5.36 45.16
C ASN I 329 4.28 -6.21 44.70
N ILE I 330 4.40 -6.94 43.62
CA ILE I 330 3.32 -7.78 43.03
C ILE I 330 2.71 -8.76 44.06
N LYS I 331 3.48 -9.33 44.98
CA LYS I 331 2.94 -10.38 45.89
C LYS I 331 2.03 -9.81 46.99
N ASP I 332 2.02 -8.51 47.25
CA ASP I 332 1.15 -7.93 48.31
C ASP I 332 0.62 -6.54 47.93
N HIS I 333 0.79 -6.15 46.67
CA HIS I 333 0.32 -4.89 46.08
C HIS I 333 0.90 -3.65 46.76
N SER I 334 1.85 -3.77 47.69
CA SER I 334 2.43 -2.59 48.38
C SER I 334 3.27 -1.74 47.42
N ILE I 335 3.19 -0.44 47.56
CA ILE I 335 3.94 0.54 46.74
C ILE I 335 4.86 1.36 47.64
N VAL I 336 6.07 1.61 47.18
CA VAL I 336 6.99 2.60 47.83
C VAL I 336 7.62 3.41 46.73
N SER I 337 8.12 4.57 47.06
CA SER I 337 8.65 5.46 46.01
C SER I 337 9.69 6.42 46.60
N SER I 338 10.46 6.99 45.68
CA SER I 338 11.70 7.71 46.00
C SER I 338 12.15 8.42 44.72
N TYR I 339 13.38 8.87 44.65
CA TYR I 339 13.89 9.51 43.42
C TYR I 339 15.27 8.97 43.04
N VAL I 340 15.60 9.12 41.76
CA VAL I 340 16.91 8.77 41.17
C VAL I 340 17.96 9.66 41.84
N CYS I 341 18.78 9.06 42.69
CA CYS I 341 19.77 9.80 43.50
C CYS I 341 20.84 10.49 42.65
N SER I 342 21.07 10.07 41.42
CA SER I 342 22.15 10.59 40.55
C SER I 342 22.23 12.13 40.56
N GLY I 343 23.40 12.70 40.78
CA GLY I 343 23.57 14.17 40.70
C GLY I 343 23.39 14.64 39.28
N LEU I 344 23.59 13.73 38.34
CA LEU I 344 23.25 13.95 36.91
C LEU I 344 21.80 13.53 36.81
N VAL I 345 20.89 14.48 36.88
CA VAL I 345 19.44 14.15 36.90
C VAL I 345 18.94 13.89 35.48
N GLY I 346 17.94 13.03 35.33
CA GLY I 346 17.48 12.51 34.03
C GLY I 346 16.39 13.33 33.32
N ASP I 347 15.76 14.30 33.94
CA ASP I 347 14.57 14.96 33.36
C ASP I 347 15.00 16.15 32.52
N THR I 348 14.04 16.71 31.80
CA THR I 348 14.26 17.89 30.96
C THR I 348 13.01 18.75 31.09
N PRO I 349 13.11 20.05 31.46
CA PRO I 349 14.37 20.73 31.73
C PRO I 349 15.02 20.27 33.05
N ARG I 350 16.29 20.65 33.23
CA ARG I 350 17.10 20.42 34.45
C ARG I 350 18.23 21.44 34.49
N LYS I 351 18.90 21.61 35.64
CA LYS I 351 20.09 22.50 35.68
C LYS I 351 21.24 21.77 34.99
N ASN I 352 22.22 22.49 34.44
CA ASN I 352 23.36 21.81 33.76
C ASN I 352 24.18 20.99 34.77
N ASP I 353 25.00 20.07 34.29
CA ASP I 353 25.68 19.07 35.16
C ASP I 353 26.61 19.72 36.20
N SER I 354 27.10 20.93 35.94
CA SER I 354 27.96 21.69 36.87
C SER I 354 27.19 22.04 38.14
N SER I 355 25.91 22.37 38.01
CA SER I 355 25.07 22.99 39.06
C SER I 355 23.90 22.11 39.51
N SER I 356 23.54 21.06 38.77
CA SER I 356 22.44 20.14 39.17
C SER I 356 22.78 19.36 40.44
N SER I 357 21.75 18.91 41.13
CA SER I 357 21.86 18.02 42.32
C SER I 357 20.59 17.17 42.43
N SER I 358 20.58 16.26 43.35
CA SER I 358 19.42 15.36 43.56
C SER I 358 19.27 15.07 45.04
N HIS I 359 18.18 14.40 45.35
CA HIS I 359 17.87 13.91 46.70
C HIS I 359 17.28 12.54 46.49
N CYS I 360 17.56 11.58 47.37
CA CYS I 360 17.04 10.20 47.21
C CYS I 360 15.55 10.15 47.54
N LEU I 361 15.04 11.11 48.32
CA LEU I 361 13.66 11.08 48.82
C LEU I 361 12.81 12.19 48.23
N ASP I 362 13.33 13.37 47.96
CA ASP I 362 12.48 14.55 47.60
C ASP I 362 12.74 15.04 46.18
N PRO I 363 11.76 15.71 45.57
CA PRO I 363 11.98 16.39 44.32
C PRO I 363 13.07 17.43 44.60
N ASN I 364 14.03 17.51 43.71
CA ASN I 364 15.22 18.37 43.92
C ASN I 364 14.89 19.86 43.69
N ASN I 365 13.68 20.21 43.23
CA ASN I 365 13.18 21.60 43.01
C ASN I 365 13.91 22.34 41.87
N GLU I 366 15.12 21.95 41.52
CA GLU I 366 15.92 22.58 40.45
C GLU I 366 15.20 22.40 39.12
N GLU I 367 14.72 23.46 38.47
CA GLU I 367 13.97 23.33 37.19
C GLU I 367 12.97 22.16 37.29
N GLY I 368 12.27 22.07 38.41
CA GLY I 368 11.40 20.93 38.74
C GLY I 368 10.29 20.75 37.73
N GLY I 369 9.54 21.82 37.50
CA GLY I 369 8.34 21.84 36.64
C GLY I 369 8.60 21.40 35.22
N HIS I 370 7.59 20.79 34.61
CA HIS I 370 7.62 20.13 33.30
C HIS I 370 8.62 18.98 33.31
N GLY I 371 8.73 18.27 32.22
CA GLY I 371 9.57 17.06 32.18
C GLY I 371 9.46 16.36 30.87
N VAL I 372 10.09 15.20 30.78
CA VAL I 372 10.00 14.37 29.56
C VAL I 372 10.00 12.93 30.03
N LYS I 373 9.30 12.06 29.32
CA LYS I 373 9.27 10.65 29.70
C LYS I 373 10.66 10.11 29.42
N GLY I 374 11.22 9.40 30.40
CA GLY I 374 12.58 8.86 30.25
C GLY I 374 12.71 7.61 31.03
N TRP I 375 13.92 7.21 31.32
CA TRP I 375 14.15 5.91 31.99
C TRP I 375 15.50 5.97 32.68
N ALA I 376 15.71 4.97 33.52
CA ALA I 376 16.97 4.68 34.19
C ALA I 376 16.83 3.31 34.79
N PHE I 377 17.92 2.61 35.06
CA PHE I 377 17.81 1.33 35.79
C PHE I 377 19.02 1.07 36.65
N ASP I 378 18.81 0.32 37.70
CA ASP I 378 19.88 0.01 38.65
C ASP I 378 20.78 -1.09 38.07
N ASP I 379 22.05 -0.99 38.43
CA ASP I 379 23.10 -1.98 38.14
C ASP I 379 23.93 -2.05 39.41
N GLY I 380 23.41 -2.73 40.43
CA GLY I 380 23.93 -2.61 41.80
C GLY I 380 23.72 -1.20 42.27
N ASN I 381 24.77 -0.47 42.65
CA ASN I 381 24.64 0.95 43.08
C ASN I 381 24.79 1.88 41.88
N ASP I 382 25.32 1.41 40.76
CA ASP I 382 25.47 2.28 39.57
C ASP I 382 24.11 2.43 38.91
N VAL I 383 23.87 3.54 38.23
CA VAL I 383 22.59 3.70 37.51
C VAL I 383 22.86 3.96 36.03
N TRP I 384 22.31 3.11 35.18
CA TRP I 384 22.26 3.40 33.74
C TRP I 384 21.11 4.37 33.48
N MET I 385 21.29 5.34 32.64
CA MET I 385 20.17 6.24 32.39
C MET I 385 20.36 6.98 31.06
N GLY I 386 19.26 7.44 30.50
CA GLY I 386 19.27 8.12 29.21
C GLY I 386 18.56 9.43 29.37
N ARG I 387 19.06 10.45 28.69
CA ARG I 387 18.47 11.78 28.80
C ARG I 387 18.74 12.61 27.56
N THR I 388 17.97 13.65 27.37
CA THR I 388 18.22 14.55 26.23
C THR I 388 19.57 15.21 26.48
N ILE I 389 20.32 15.50 25.43
CA ILE I 389 21.67 16.10 25.61
C ILE I 389 21.51 17.56 26.04
N ASN I 390 20.50 18.22 25.51
CA ASN I 390 20.21 19.62 25.88
C ASN I 390 19.43 19.60 27.19
N GLU I 391 19.50 20.67 28.00
CA GLU I 391 18.79 20.71 29.30
C GLU I 391 17.56 21.64 29.27
N THR I 392 17.19 22.22 28.14
CA THR I 392 16.04 23.15 28.06
C THR I 392 15.13 22.85 26.87
N SER I 393 15.46 21.83 26.09
CA SER I 393 14.71 21.38 24.90
C SER I 393 15.05 19.92 24.66
N ARG I 394 14.24 19.20 23.91
CA ARG I 394 14.44 17.74 23.78
C ARG I 394 15.36 17.49 22.60
N LEU I 395 16.42 18.28 22.46
CA LEU I 395 17.43 18.06 21.40
C LEU I 395 18.47 17.03 21.88
N GLY I 396 18.88 16.18 20.96
CA GLY I 396 19.85 15.13 21.20
C GLY I 396 19.32 14.06 22.11
N TYR I 397 20.15 13.05 22.34
CA TYR I 397 19.90 12.01 23.33
C TYR I 397 21.21 11.29 23.64
N GLU I 398 21.48 11.04 24.90
CA GLU I 398 22.71 10.36 25.38
C GLU I 398 22.35 9.33 26.43
N THR I 399 23.18 8.35 26.64
CA THR I 399 23.02 7.41 27.77
C THR I 399 24.35 7.26 28.47
N PHE I 400 24.34 6.87 29.73
CA PHE I 400 25.58 6.67 30.49
C PHE I 400 25.32 5.94 31.78
N LYS I 401 26.39 5.46 32.38
CA LYS I 401 26.36 4.80 33.69
C LYS I 401 26.88 5.81 34.68
N VAL I 402 26.21 6.01 35.79
CA VAL I 402 26.71 6.92 36.85
C VAL I 402 27.16 6.04 37.98
N ILE I 403 28.42 6.15 38.38
CA ILE I 403 28.99 5.24 39.42
C ILE I 403 28.31 5.59 40.76
N GLU I 404 27.74 4.59 41.41
CA GLU I 404 26.94 4.76 42.66
C GLU I 404 25.77 5.74 42.48
N GLY I 405 25.40 6.15 41.29
CA GLY I 405 24.32 7.15 41.09
C GLY I 405 22.93 6.62 41.43
N TRP I 406 22.76 5.36 41.77
CA TRP I 406 21.45 4.87 42.28
C TRP I 406 21.36 5.07 43.78
N SER I 407 22.45 4.90 44.51
CA SER I 407 22.49 4.92 46.00
C SER I 407 22.95 6.29 46.54
N ASN I 408 23.83 6.98 45.84
CA ASN I 408 24.51 8.17 46.37
C ASN I 408 23.90 9.43 45.74
N PRO I 409 23.35 10.38 46.54
CA PRO I 409 22.73 11.58 46.00
C PRO I 409 23.74 12.58 45.39
N LYS I 410 25.03 12.44 45.71
CA LYS I 410 26.08 13.43 45.36
C LYS I 410 26.90 12.99 44.16
N SER I 411 26.76 11.74 43.70
CA SER I 411 27.60 11.18 42.60
C SER I 411 27.38 11.90 41.27
N LYS I 412 28.47 12.22 40.57
CA LYS I 412 28.43 12.70 39.16
C LYS I 412 29.52 12.02 38.32
N LEU I 413 30.03 10.87 38.76
CA LEU I 413 31.01 10.11 37.95
C LEU I 413 30.26 9.37 36.86
N GLN I 414 30.10 9.99 35.68
CA GLN I 414 29.59 9.20 34.53
C GLN I 414 30.73 8.41 33.86
N ILE I 415 30.36 7.31 33.21
CA ILE I 415 31.24 6.44 32.41
C ILE I 415 30.37 5.77 31.34
N ASN I 416 30.97 5.24 30.29
CA ASN I 416 30.25 4.54 29.21
C ASN I 416 29.20 5.46 28.56
N ARG I 417 29.47 6.75 28.38
CA ARG I 417 28.55 7.61 27.62
C ARG I 417 28.37 7.10 26.19
N GLN I 418 27.17 7.23 25.65
CA GLN I 418 26.91 6.99 24.21
C GLN I 418 25.98 8.06 23.69
N VAL I 419 26.37 8.78 22.67
CA VAL I 419 25.39 9.61 21.96
C VAL I 419 24.55 8.65 21.13
N ILE I 420 23.25 8.86 21.14
CA ILE I 420 22.27 8.05 20.39
C ILE I 420 21.70 8.92 19.30
N VAL I 421 21.46 10.16 19.62
CA VAL I 421 21.06 11.19 18.65
C VAL I 421 21.89 12.40 19.00
N ASP I 422 22.62 12.98 18.08
CA ASP I 422 23.53 14.08 18.45
C ASP I 422 22.73 15.32 18.88
N ARG I 423 23.37 16.25 19.58
CA ARG I 423 22.75 17.48 20.14
C ARG I 423 22.06 18.37 19.07
N GLY I 424 22.22 18.13 17.78
CA GLY I 424 21.56 18.93 16.74
C GLY I 424 20.22 18.37 16.33
N ASN I 425 19.94 17.12 16.68
CA ASN I 425 18.77 16.37 16.16
C ASN I 425 17.77 16.09 17.28
N ARG I 426 16.48 16.32 17.00
CA ARG I 426 15.37 16.21 17.99
C ARG I 426 15.19 14.78 18.47
N SER I 427 14.84 14.65 19.73
CA SER I 427 14.41 13.36 20.32
C SER I 427 12.97 13.52 20.80
N GLY I 428 12.69 13.17 22.04
CA GLY I 428 11.33 13.06 22.56
C GLY I 428 11.33 12.04 23.66
N TYR I 429 10.24 11.31 23.77
CA TYR I 429 10.10 10.31 24.83
C TYR I 429 11.15 9.24 24.65
N SER I 430 11.35 8.47 25.68
CA SER I 430 12.19 7.29 25.61
C SER I 430 11.72 6.35 26.69
N GLY I 431 11.93 5.06 26.52
CA GLY I 431 11.39 4.12 27.50
C GLY I 431 12.11 2.82 27.50
N ILE I 432 12.45 2.34 28.67
CA ILE I 432 13.08 1.01 28.77
C ILE I 432 12.01 -0.03 28.38
N PHE I 433 12.46 -1.12 27.77
CA PHE I 433 11.68 -2.35 27.67
C PHE I 433 12.60 -3.51 27.91
N SER I 434 12.07 -4.62 28.33
CA SER I 434 12.90 -5.72 28.79
C SER I 434 12.66 -6.91 27.88
N VAL I 435 13.74 -7.59 27.54
CA VAL I 435 13.70 -8.70 26.57
C VAL I 435 14.29 -9.89 27.25
N GLU I 436 13.57 -11.00 27.28
CA GLU I 436 14.07 -12.17 28.05
C GLU I 436 15.05 -12.96 27.19
N GLY I 437 16.35 -12.78 27.43
CA GLY I 437 17.39 -13.53 26.72
C GLY I 437 17.49 -14.97 27.22
N LYS I 438 18.52 -15.69 26.78
CA LYS I 438 18.66 -17.12 27.08
C LYS I 438 18.86 -17.30 28.59
N SER I 439 19.64 -16.43 29.24
CA SER I 439 19.98 -16.60 30.68
C SER I 439 20.08 -15.28 31.43
N CYS I 440 19.54 -14.19 30.89
CA CYS I 440 19.47 -12.89 31.57
C CYS I 440 18.44 -11.98 30.90
N ILE I 441 17.83 -11.07 31.66
CA ILE I 441 16.85 -10.07 31.14
C ILE I 441 17.64 -8.90 30.58
N ASN I 442 17.59 -8.71 29.29
CA ASN I 442 18.30 -7.56 28.70
C ASN I 442 17.40 -6.33 28.86
N ARG I 443 17.99 -5.17 29.00
CA ARG I 443 17.27 -3.88 29.03
C ARG I 443 17.54 -3.22 27.73
N CYS I 444 16.52 -2.99 26.97
CA CYS I 444 16.62 -2.24 25.73
C CYS I 444 15.99 -0.89 25.98
N PHE I 445 16.20 0.08 25.15
CA PHE I 445 15.42 1.31 25.29
C PHE I 445 15.10 1.84 23.91
N TYR I 446 14.12 2.71 23.84
CA TYR I 446 13.70 3.29 22.54
C TYR I 446 13.76 4.79 22.68
N VAL I 447 13.86 5.50 21.59
CA VAL I 447 13.78 6.96 21.63
C VAL I 447 12.77 7.38 20.56
N GLU I 448 11.80 8.13 20.96
CA GLU I 448 10.88 8.77 20.04
C GLU I 448 11.66 9.89 19.41
N LEU I 449 11.56 10.05 18.10
CA LEU I 449 12.29 11.13 17.40
C LEU I 449 11.21 12.00 16.81
N ILE I 450 10.74 12.95 17.60
CA ILE I 450 9.60 13.80 17.17
C ILE I 450 10.07 14.74 16.07
N ARG I 451 9.22 14.99 15.08
CA ARG I 451 9.49 15.99 14.04
C ARG I 451 8.21 16.79 13.75
N GLY I 452 8.39 17.97 13.17
CA GLY I 452 7.29 18.86 12.80
C GLY I 452 6.88 19.78 13.91
N ARG I 453 5.61 20.18 13.91
CA ARG I 453 5.08 21.23 14.81
C ARG I 453 5.25 20.85 16.29
N LYS I 454 5.43 21.85 17.17
CA LYS I 454 5.42 23.29 16.85
C LYS I 454 6.85 23.85 16.65
N GLU I 455 7.88 23.05 16.91
CA GLU I 455 9.30 23.46 16.81
C GLU I 455 9.70 23.68 15.35
N GLU I 456 9.22 22.81 14.45
CA GLU I 456 9.55 22.86 13.02
C GLU I 456 8.32 23.32 12.27
N THR I 457 8.23 24.63 12.01
CA THR I 457 7.09 25.25 11.30
C THR I 457 7.06 24.92 9.79
N GLU I 458 8.07 24.23 9.26
CA GLU I 458 8.18 23.89 7.82
C GLU I 458 7.04 22.95 7.37
N VAL I 459 6.42 22.20 8.28
CA VAL I 459 5.30 21.28 7.98
C VAL I 459 4.12 21.55 8.89
N LEU I 460 2.92 21.11 8.54
CA LEU I 460 1.71 21.32 9.37
C LEU I 460 1.52 20.18 10.36
N TRP I 461 2.17 19.05 10.18
CA TRP I 461 1.92 17.86 11.03
C TRP I 461 2.98 17.73 12.14
N THR I 462 2.73 16.82 13.06
CA THR I 462 3.70 16.43 14.11
C THR I 462 3.68 14.93 14.11
N SER I 463 4.83 14.31 13.99
CA SER I 463 4.90 12.84 13.97
C SER I 463 6.23 12.41 14.57
N ASN I 464 6.43 11.12 14.69
CA ASN I 464 7.72 10.65 15.22
C ASN I 464 8.23 9.44 14.47
N SER I 465 9.54 9.34 14.31
CA SER I 465 10.21 8.06 14.00
C SER I 465 10.56 7.45 15.34
N ILE I 466 11.04 6.22 15.35
CA ILE I 466 11.75 5.72 16.56
C ILE I 466 13.09 5.13 16.17
N VAL I 467 13.89 4.93 17.19
CA VAL I 467 15.15 4.20 17.11
C VAL I 467 15.21 3.41 18.38
N VAL I 468 15.79 2.23 18.32
CA VAL I 468 15.74 1.28 19.46
C VAL I 468 17.13 0.68 19.67
N PHE I 469 17.54 0.57 20.91
CA PHE I 469 18.87 0.07 21.31
C PHE I 469 18.73 -1.02 22.34
N CYS I 470 19.64 -1.97 22.38
CA CYS I 470 19.61 -3.03 23.40
C CYS I 470 20.90 -3.08 24.21
N GLY I 471 20.78 -3.44 25.46
CA GLY I 471 21.96 -3.61 26.31
C GLY I 471 22.83 -4.70 25.78
N THR I 472 24.14 -4.50 25.86
CA THR I 472 25.11 -5.48 25.33
C THR I 472 26.20 -5.72 26.36
N SER I 473 26.55 -6.97 26.57
CA SER I 473 27.74 -7.33 27.38
C SER I 473 28.99 -7.16 26.54
N GLY I 474 28.84 -7.34 25.23
CA GLY I 474 29.90 -7.22 24.21
C GLY I 474 30.25 -5.78 23.94
N THR I 475 31.32 -5.56 23.19
CA THR I 475 31.73 -4.18 22.81
C THR I 475 30.77 -3.60 21.78
N TYR I 476 30.88 -2.31 21.64
CA TYR I 476 30.06 -1.52 20.71
C TYR I 476 30.87 -0.28 20.34
N GLY I 477 30.43 0.43 19.33
CA GLY I 477 31.24 1.55 18.81
C GLY I 477 30.54 2.86 19.04
N THR I 478 30.42 3.68 18.01
CA THR I 478 29.77 5.00 18.08
C THR I 478 28.96 5.24 16.81
N GLY I 479 28.12 6.26 16.87
CA GLY I 479 27.30 6.75 15.77
C GLY I 479 26.38 7.86 16.21
N SER I 480 25.32 8.09 15.45
CA SER I 480 24.21 9.00 15.76
C SER I 480 23.11 8.60 14.82
N TRP I 481 21.95 8.22 15.32
CA TRP I 481 20.87 7.70 14.47
C TRP I 481 19.65 8.60 14.56
N PRO I 482 19.72 9.81 14.02
CA PRO I 482 18.62 10.74 14.11
C PRO I 482 17.45 10.29 13.24
N ASP I 483 16.38 11.04 13.29
CA ASP I 483 15.16 10.76 12.50
C ASP I 483 15.55 10.68 11.03
N GLY I 484 16.15 11.72 10.48
CA GLY I 484 16.70 11.65 9.12
C GLY I 484 15.80 12.24 8.04
N ALA I 485 14.60 12.69 8.32
CA ALA I 485 13.72 13.26 7.29
C ALA I 485 14.15 14.69 6.97
N ASP I 486 13.95 15.14 5.74
CA ASP I 486 14.20 16.53 5.34
C ASP I 486 12.86 17.25 5.23
N LEU I 487 12.47 17.94 6.27
CA LEU I 487 11.15 18.62 6.28
C LEU I 487 11.13 19.80 5.31
N ASN I 488 12.24 20.23 4.74
CA ASN I 488 12.19 21.33 3.75
C ASN I 488 11.59 20.83 2.44
N LEU I 489 11.62 19.52 2.21
CA LEU I 489 11.25 18.90 0.91
C LEU I 489 9.87 18.24 0.97
N MET I 490 9.54 17.53 2.04
CA MET I 490 8.35 16.65 2.03
C MET I 490 7.05 17.44 2.21
N PRO I 491 5.84 16.79 2.10
CA PRO I 491 4.56 17.48 2.13
C PRO I 491 4.28 18.36 3.37
N ILE I 492 4.01 19.64 3.09
CA ILE I 492 3.75 20.69 4.11
C ILE I 492 2.33 20.52 4.64
N VAL J 2 41.08 28.23 -0.59
CA VAL J 2 41.79 27.40 0.50
C VAL J 2 43.29 27.67 0.43
N GLN J 3 43.96 27.62 1.59
CA GLN J 3 45.42 27.80 1.70
C GLN J 3 46.04 26.66 2.51
N LEU J 4 47.25 26.26 2.14
CA LEU J 4 48.04 25.24 2.84
C LEU J 4 49.50 25.72 2.91
N VAL J 5 50.14 25.50 4.05
CA VAL J 5 51.54 25.93 4.31
C VAL J 5 52.24 24.75 4.97
N GLN J 6 53.49 24.49 4.59
CA GLN J 6 54.20 23.28 5.07
C GLN J 6 55.48 23.62 5.83
N SER J 7 55.90 22.69 6.68
CA SER J 7 57.19 22.72 7.42
C SER J 7 58.36 22.96 6.46
N GLY J 8 59.39 23.67 6.92
CA GLY J 8 60.61 23.95 6.15
C GLY J 8 61.37 22.70 5.70
N ALA J 9 62.39 22.90 4.88
CA ALA J 9 63.20 21.82 4.26
C ALA J 9 63.80 20.87 5.30
N GLU J 10 64.13 19.66 4.84
CA GLU J 10 64.66 18.59 5.71
C GLU J 10 65.91 17.92 5.09
N VAL J 11 66.82 17.55 5.97
CA VAL J 11 67.99 16.70 5.63
C VAL J 11 68.04 15.59 6.67
N LYS J 12 68.13 14.32 6.24
CA LYS J 12 67.93 13.19 7.18
C LYS J 12 68.85 12.01 6.87
N ARG J 13 69.21 11.30 7.95
CA ARG J 13 70.13 10.11 7.92
C ARG J 13 69.33 8.88 7.49
N PRO J 14 69.86 7.95 6.65
CA PRO J 14 69.12 6.75 6.27
C PRO J 14 68.64 5.89 7.46
N GLY J 15 67.55 5.15 7.25
CA GLY J 15 66.91 4.31 8.28
C GLY J 15 66.06 5.11 9.27
N SER J 16 66.26 6.42 9.37
CA SER J 16 65.50 7.35 10.26
C SER J 16 64.09 7.61 9.72
N SER J 17 63.28 8.38 10.45
CA SER J 17 62.00 8.93 9.94
C SER J 17 62.09 10.45 9.73
N VAL J 18 61.16 11.01 8.96
CA VAL J 18 61.00 12.47 8.74
C VAL J 18 59.53 12.80 8.92
N ARG J 19 59.21 13.96 9.49
CA ARG J 19 57.80 14.28 9.82
C ARG J 19 57.45 15.65 9.27
N VAL J 20 57.05 15.66 8.00
CA VAL J 20 56.61 16.88 7.27
C VAL J 20 55.24 17.28 7.81
N SER J 21 55.01 18.58 8.01
CA SER J 21 53.71 19.10 8.49
C SER J 21 53.09 20.01 7.45
N CYS J 22 51.77 20.15 7.51
CA CYS J 22 50.99 20.98 6.56
C CYS J 22 49.83 21.61 7.31
N LYS J 23 49.91 22.92 7.58
CA LYS J 23 48.80 23.67 8.19
C LYS J 23 47.86 24.11 7.08
N ALA J 24 46.66 23.56 7.08
CA ALA J 24 45.59 23.92 6.13
C ALA J 24 44.70 25.00 6.76
N SER J 25 43.99 25.74 5.90
CA SER J 25 43.01 26.77 6.32
C SER J 25 41.87 26.15 7.14
N GLU J 26 41.23 26.97 7.96
CA GLU J 26 40.10 26.57 8.86
C GLU J 26 39.06 25.67 8.15
N GLY J 27 38.70 24.55 8.80
CA GLY J 27 37.64 23.64 8.32
C GLY J 27 38.02 22.77 7.13
N THR J 28 39.24 22.87 6.59
CA THR J 28 39.64 22.13 5.36
C THR J 28 39.44 20.62 5.54
N PHE J 29 39.84 20.07 6.67
CA PHE J 29 39.82 18.60 6.88
C PHE J 29 38.39 18.07 6.99
N ASN J 30 37.38 18.93 7.02
CA ASN J 30 35.95 18.50 7.08
C ASN J 30 35.35 18.47 5.68
N LYS J 31 36.07 18.93 4.66
CA LYS J 31 35.53 19.09 3.29
C LYS J 31 36.36 18.32 2.25
N TYR J 32 37.67 18.44 2.26
CA TYR J 32 38.56 17.81 1.27
C TYR J 32 39.40 16.70 1.91
N THR J 33 39.55 15.56 1.25
CA THR J 33 40.54 14.53 1.66
C THR J 33 41.90 15.23 1.66
N LEU J 34 42.69 15.09 2.73
CA LEU J 34 44.07 15.65 2.63
C LEU J 34 44.99 14.55 2.14
N THR J 35 45.94 14.91 1.28
CA THR J 35 46.81 13.90 0.65
C THR J 35 48.24 14.40 0.60
N TRP J 36 49.15 13.46 0.51
CA TRP J 36 50.59 13.76 0.34
C TRP J 36 51.04 13.25 -1.02
N VAL J 37 51.62 14.13 -1.82
CA VAL J 37 52.11 13.77 -3.17
C VAL J 37 53.59 14.15 -3.29
N ARG J 38 54.39 13.17 -3.67
CA ARG J 38 55.87 13.26 -3.78
C ARG J 38 56.31 13.68 -5.19
N GLN J 39 57.45 14.33 -5.29
CA GLN J 39 58.09 14.58 -6.60
C GLN J 39 59.61 14.41 -6.46
N ALA J 40 60.12 13.25 -6.86
CA ALA J 40 61.58 12.96 -6.86
C ALA J 40 62.23 13.88 -7.89
N PRO J 41 63.50 14.34 -7.70
CA PRO J 41 64.07 15.48 -8.43
C PRO J 41 63.88 15.55 -9.96
N GLY J 42 64.06 14.45 -10.70
CA GLY J 42 63.87 14.39 -12.16
C GLY J 42 62.58 13.71 -12.59
N GLN J 43 61.84 13.11 -11.64
CA GLN J 43 60.72 12.16 -11.88
C GLN J 43 59.36 12.87 -11.88
N GLY J 44 58.31 12.08 -12.13
CA GLY J 44 56.91 12.53 -12.06
C GLY J 44 56.32 12.43 -10.65
N LEU J 45 55.13 12.99 -10.51
CA LEU J 45 54.36 13.05 -9.24
C LEU J 45 53.95 11.65 -8.81
N GLU J 46 53.85 11.44 -7.50
CA GLU J 46 53.60 10.11 -6.93
C GLU J 46 52.83 10.28 -5.62
N TRP J 47 51.56 9.94 -5.66
CA TRP J 47 50.66 10.03 -4.49
C TRP J 47 51.05 8.99 -3.46
N MET J 48 51.22 9.40 -2.19
CA MET J 48 51.59 8.50 -1.07
C MET J 48 50.37 8.01 -0.31
N GLY J 49 49.36 8.85 -0.22
CA GLY J 49 48.17 8.49 0.56
C GLY J 49 47.37 9.72 0.92
N GLY J 50 46.28 9.49 1.64
CA GLY J 50 45.44 10.60 2.09
C GLY J 50 44.54 10.19 3.24
N ILE J 51 43.81 11.18 3.76
CA ILE J 51 42.95 10.99 4.95
C ILE J 51 41.56 11.56 4.62
N ILE J 52 40.53 10.74 4.86
CA ILE J 52 39.13 10.99 4.48
C ILE J 52 38.56 12.08 5.39
N PRO J 53 37.85 13.10 4.86
CA PRO J 53 37.44 14.26 5.61
C PRO J 53 36.18 14.17 6.49
N ILE J 54 35.88 13.00 7.07
CA ILE J 54 34.92 12.95 8.21
C ILE J 54 35.46 11.95 9.22
N SER J 55 35.63 10.71 8.75
CA SER J 55 36.12 9.57 9.56
C SER J 55 37.61 9.69 9.93
N GLY J 56 38.39 10.52 9.22
CA GLY J 56 39.84 10.60 9.47
C GLY J 56 40.55 9.29 9.17
N ILE J 57 39.89 8.38 8.46
CA ILE J 57 40.52 7.11 8.01
C ILE J 57 41.54 7.46 6.94
N ALA J 58 42.73 6.88 7.00
CA ALA J 58 43.78 7.19 6.01
C ALA J 58 44.08 5.96 5.14
N ASN J 59 44.32 6.23 3.87
CA ASN J 59 44.57 5.21 2.84
C ASN J 59 45.91 5.51 2.17
N TYR J 60 46.75 4.50 2.01
CA TYR J 60 48.14 4.69 1.53
C TYR J 60 48.41 3.94 0.22
N ALA J 61 49.31 4.49 -0.58
CA ALA J 61 49.76 3.89 -1.85
C ALA J 61 50.58 2.62 -1.58
N GLN J 62 50.56 1.66 -2.51
CA GLN J 62 51.26 0.36 -2.39
C GLN J 62 52.71 0.52 -1.92
N LYS J 63 53.45 1.43 -2.54
CA LYS J 63 54.90 1.63 -2.31
C LYS J 63 55.21 2.13 -0.90
N PHE J 64 54.26 2.73 -0.22
CA PHE J 64 54.48 3.38 1.09
C PHE J 64 53.70 2.72 2.23
N GLN J 65 52.73 1.89 1.91
CA GLN J 65 51.87 1.24 2.92
C GLN J 65 52.75 0.44 3.89
N GLY J 66 52.52 0.65 5.17
CA GLY J 66 53.28 0.01 6.27
C GLY J 66 54.51 0.78 6.69
N ARG J 67 54.87 1.91 6.05
CA ARG J 67 56.00 2.74 6.56
C ARG J 67 55.66 4.23 6.63
N VAL J 68 54.68 4.76 5.88
CA VAL J 68 54.17 6.13 6.11
C VAL J 68 53.05 6.08 7.14
N ALA J 69 52.91 7.18 7.87
CA ALA J 69 51.74 7.46 8.71
C ALA J 69 51.24 8.84 8.32
N ILE J 70 49.96 8.97 8.01
CA ILE J 70 49.33 10.28 7.76
C ILE J 70 48.30 10.49 8.87
N THR J 71 48.33 11.66 9.48
CA THR J 71 47.43 11.97 10.61
C THR J 71 47.09 13.45 10.56
N ALA J 72 45.96 13.84 11.13
CA ALA J 72 45.51 15.24 11.10
C ALA J 72 44.83 15.62 12.41
N ASP J 73 44.83 16.92 12.71
CA ASP J 73 44.26 17.47 13.96
C ASP J 73 43.53 18.78 13.65
N GLU J 74 42.20 18.77 13.82
CA GLU J 74 41.34 19.95 13.57
C GLU J 74 41.59 21.06 14.61
N SER J 75 42.19 20.76 15.77
CA SER J 75 42.45 21.79 16.81
C SER J 75 43.45 22.81 16.27
N THR J 76 44.35 22.37 15.40
CA THR J 76 45.43 23.18 14.79
C THR J 76 45.28 23.25 13.27
N THR J 77 44.33 22.50 12.70
CA THR J 77 44.13 22.25 11.24
C THR J 77 45.48 21.97 10.57
N THR J 78 46.30 21.16 11.23
CA THR J 78 47.57 20.66 10.69
C THR J 78 47.45 19.17 10.43
N ALA J 79 48.04 18.73 9.33
CA ALA J 79 48.17 17.30 9.00
C ALA J 79 49.66 17.01 8.88
N TYR J 80 50.04 15.80 9.20
CA TYR J 80 51.46 15.42 9.27
C TYR J 80 51.66 14.12 8.52
N MET J 81 52.77 14.02 7.82
CA MET J 81 53.19 12.76 7.21
C MET J 81 54.50 12.34 7.87
N GLU J 82 54.50 11.22 8.57
CA GLU J 82 55.76 10.65 9.07
C GLU J 82 56.16 9.53 8.11
N LEU J 83 57.31 9.68 7.47
CA LEU J 83 57.84 8.66 6.53
C LEU J 83 59.01 7.95 7.24
N SER J 84 58.88 6.64 7.44
CA SER J 84 59.84 5.78 8.17
C SER J 84 60.83 5.08 7.24
N SER J 85 61.94 4.58 7.79
CA SER J 85 62.95 3.75 7.07
C SER J 85 63.44 4.45 5.79
N LEU J 86 63.71 5.76 5.90
CA LEU J 86 64.18 6.62 4.79
C LEU J 86 65.42 6.06 4.09
N ARG J 87 65.45 6.13 2.75
CA ARG J 87 66.62 5.80 1.92
C ARG J 87 66.75 6.87 0.84
N SER J 88 67.87 6.97 0.14
CA SER J 88 68.12 8.08 -0.81
C SER J 88 67.03 8.18 -1.88
N GLU J 89 66.33 7.06 -2.17
CA GLU J 89 65.15 7.00 -3.08
C GLU J 89 64.07 8.01 -2.63
N ASP J 90 63.97 8.23 -1.32
CA ASP J 90 62.95 9.12 -0.71
C ASP J 90 63.35 10.59 -0.81
N SER J 91 64.55 10.92 -1.30
CA SER J 91 64.94 12.34 -1.52
C SER J 91 64.00 12.92 -2.57
N ALA J 92 63.12 13.83 -2.16
CA ALA J 92 62.07 14.36 -3.03
C ALA J 92 61.41 15.60 -2.43
N VAL J 93 60.69 16.35 -3.23
CA VAL J 93 59.78 17.40 -2.68
C VAL J 93 58.47 16.71 -2.28
N TYR J 94 57.96 17.00 -1.10
CA TYR J 94 56.70 16.43 -0.59
C TYR J 94 55.69 17.57 -0.55
N TYR J 95 54.60 17.44 -1.29
CA TYR J 95 53.50 18.43 -1.29
C TYR J 95 52.31 17.85 -0.53
N CYS J 96 51.70 18.62 0.35
CA CYS J 96 50.36 18.28 0.85
C CYS J 96 49.37 18.86 -0.14
N ALA J 97 48.29 18.13 -0.43
CA ALA J 97 47.26 18.67 -1.35
C ALA J 97 45.89 18.17 -0.95
N THR J 98 44.92 19.05 -1.13
CA THR J 98 43.48 18.71 -0.97
C THR J 98 43.10 17.80 -2.10
N ALA J 99 42.25 16.81 -1.87
CA ALA J 99 41.65 15.99 -2.93
C ALA J 99 40.15 16.15 -2.81
N VAL J 100 39.45 16.46 -3.89
CA VAL J 100 37.99 16.75 -3.84
C VAL J 100 37.18 15.55 -3.32
N SER J 101 37.74 14.36 -3.31
CA SER J 101 37.03 13.16 -2.82
C SER J 101 36.55 13.38 -1.38
N ASP J 102 35.25 13.43 -1.15
CA ASP J 102 34.67 13.59 0.22
C ASP J 102 34.57 12.26 0.94
N TYR J 103 34.44 11.15 0.22
CA TYR J 103 33.82 9.92 0.76
C TYR J 103 34.26 8.72 -0.04
N PHE J 104 34.31 7.57 0.62
CA PHE J 104 34.71 6.28 0.03
C PHE J 104 33.56 5.28 0.13
N ASN J 105 33.03 4.82 -1.02
CA ASN J 105 32.05 3.71 -1.02
C ASN J 105 32.80 2.40 -0.85
N ARG J 106 32.46 1.58 0.12
CA ARG J 106 33.20 0.33 0.32
C ARG J 106 33.06 -0.58 -0.91
N ASP J 107 32.08 -0.34 -1.75
CA ASP J 107 31.88 -1.06 -3.03
C ASP J 107 32.41 -0.28 -4.25
N LEU J 108 31.97 0.95 -4.47
CA LEU J 108 32.24 1.72 -5.69
C LEU J 108 33.55 2.56 -5.62
N GLY J 109 34.40 2.39 -4.60
CA GLY J 109 35.65 3.17 -4.51
C GLY J 109 35.48 4.68 -4.28
N TRP J 110 36.35 5.48 -4.87
CA TRP J 110 36.43 6.96 -4.68
C TRP J 110 35.95 7.72 -5.91
N GLU J 111 35.17 8.75 -5.72
CA GLU J 111 34.93 9.75 -6.79
C GLU J 111 35.89 10.92 -6.61
N ASP J 112 36.11 11.69 -7.68
CA ASP J 112 36.75 13.04 -7.70
C ASP J 112 38.11 13.13 -6.97
N TYR J 113 38.96 12.13 -7.04
CA TYR J 113 40.29 12.22 -6.37
C TYR J 113 41.28 13.00 -7.25
N TYR J 114 41.04 14.27 -7.40
CA TYR J 114 41.97 15.21 -8.09
C TYR J 114 42.30 16.35 -7.14
N PHE J 115 43.41 17.03 -7.39
CA PHE J 115 44.05 17.92 -6.39
C PHE J 115 43.94 19.39 -6.75
N PRO J 116 42.88 20.12 -6.34
CA PRO J 116 42.74 21.53 -6.71
C PRO J 116 43.68 22.49 -5.96
N PHE J 117 44.02 22.20 -4.70
CA PHE J 117 44.91 23.08 -3.89
C PHE J 117 46.10 22.30 -3.33
N TRP J 118 47.27 22.90 -3.46
CA TRP J 118 48.59 22.31 -3.14
C TRP J 118 49.36 23.22 -2.18
N GLY J 119 50.08 22.63 -1.22
CA GLY J 119 51.03 23.35 -0.36
C GLY J 119 52.24 23.83 -1.14
N GLN J 120 53.11 24.64 -0.53
CA GLN J 120 54.29 25.20 -1.22
C GLN J 120 55.34 24.11 -1.48
N GLY J 121 55.20 22.92 -0.89
CA GLY J 121 56.16 21.82 -1.06
C GLY J 121 57.35 21.91 -0.13
N THR J 122 57.67 20.80 0.53
CA THR J 122 58.81 20.66 1.47
C THR J 122 59.89 19.82 0.81
N LEU J 123 61.07 20.38 0.61
CA LEU J 123 62.21 19.59 0.07
C LEU J 123 62.75 18.67 1.17
N VAL J 124 62.73 17.37 0.94
CA VAL J 124 63.34 16.36 1.86
C VAL J 124 64.55 15.76 1.15
N THR J 125 65.68 15.67 1.85
CA THR J 125 66.92 15.09 1.30
C THR J 125 67.39 13.96 2.22
N VAL J 126 67.80 12.84 1.63
CA VAL J 126 68.17 11.64 2.43
C VAL J 126 69.55 11.15 1.98
N ALA J 127 70.56 11.47 2.79
CA ALA J 127 71.97 11.17 2.49
C ALA J 127 72.78 10.96 3.78
N SER J 128 73.81 10.11 3.70
CA SER J 128 74.76 9.82 4.78
C SER J 128 75.81 10.95 4.91
N ALA J 129 75.95 11.82 3.91
CA ALA J 129 76.90 12.96 3.90
C ALA J 129 76.60 13.94 5.06
N SER J 130 77.59 14.74 5.46
CA SER J 130 77.50 15.68 6.60
C SER J 130 77.54 17.14 6.12
N GLU K 1 47.33 -1.57 -11.33
CA GLU K 1 47.85 -0.16 -11.40
C GLU K 1 47.75 0.33 -12.85
N ILE K 2 46.90 1.32 -13.10
CA ILE K 2 46.75 1.90 -14.46
C ILE K 2 47.99 2.72 -14.77
N VAL K 3 48.55 2.58 -15.96
CA VAL K 3 49.77 3.33 -16.35
C VAL K 3 49.39 4.45 -17.30
N MET K 4 49.65 5.69 -16.89
CA MET K 4 49.43 6.88 -17.73
C MET K 4 50.69 7.11 -18.56
N THR K 5 50.53 7.52 -19.81
CA THR K 5 51.67 7.77 -20.72
C THR K 5 51.42 9.07 -21.46
N GLN K 6 52.43 9.92 -21.56
CA GLN K 6 52.26 11.22 -22.26
C GLN K 6 53.23 11.35 -23.42
N SER K 7 52.80 12.02 -24.47
CA SER K 7 53.65 12.26 -25.65
C SER K 7 53.27 13.56 -26.34
N PRO K 8 54.25 14.25 -26.98
CA PRO K 8 55.67 13.91 -26.89
C PRO K 8 56.25 14.35 -25.54
N ALA K 9 57.40 13.82 -25.15
CA ALA K 9 58.03 14.15 -23.84
C ALA K 9 58.38 15.65 -23.81
N THR K 10 58.78 16.23 -24.94
CA THR K 10 59.25 17.63 -25.03
C THR K 10 58.58 18.31 -26.22
N LEU K 11 57.37 18.81 -25.99
CA LEU K 11 56.54 19.44 -27.03
C LEU K 11 57.03 20.88 -27.26
N SER K 12 58.09 21.05 -28.05
CA SER K 12 58.65 22.39 -28.32
C SER K 12 57.71 23.16 -29.25
N VAL K 13 57.21 24.31 -28.80
CA VAL K 13 56.16 25.13 -29.49
C VAL K 13 56.53 26.62 -29.40
N SER K 14 56.27 27.39 -30.44
CA SER K 14 56.59 28.85 -30.43
C SER K 14 55.49 29.64 -29.71
N PRO K 15 55.80 30.83 -29.15
CA PRO K 15 54.78 31.69 -28.54
C PRO K 15 53.71 32.13 -29.55
N GLY K 16 52.49 32.29 -29.05
CA GLY K 16 51.29 32.61 -29.85
C GLY K 16 50.68 31.40 -30.52
N ALA K 17 51.48 30.37 -30.84
CA ALA K 17 51.01 29.14 -31.54
C ALA K 17 50.14 28.27 -30.63
N ARG K 18 49.49 27.25 -31.21
CA ARG K 18 48.70 26.23 -30.46
C ARG K 18 49.58 25.03 -30.10
N ALA K 19 49.36 24.44 -28.93
CA ALA K 19 49.99 23.16 -28.50
C ALA K 19 48.91 22.14 -28.14
N THR K 20 49.14 20.87 -28.42
CA THR K 20 48.24 19.78 -27.95
C THR K 20 49.07 18.66 -27.34
N LEU K 21 48.73 18.29 -26.11
CA LEU K 21 49.47 17.29 -25.33
C LEU K 21 48.60 16.04 -25.21
N PHE K 22 49.14 14.88 -25.56
CA PHE K 22 48.37 13.63 -25.59
C PHE K 22 48.64 12.85 -24.31
N CYS K 23 47.60 12.19 -23.82
CA CYS K 23 47.73 11.29 -22.66
C CYS K 23 46.97 10.00 -22.94
N ARG K 24 47.61 8.86 -22.64
CA ARG K 24 47.06 7.50 -22.83
C ARG K 24 46.96 6.84 -21.47
N ALA K 25 46.00 5.95 -21.29
CA ALA K 25 45.85 5.14 -20.08
C ALA K 25 45.92 3.66 -20.45
N SER K 26 46.55 2.82 -19.63
CA SER K 26 46.73 1.37 -19.94
C SER K 26 45.37 0.64 -19.99
N ARG K 27 44.30 1.24 -19.47
CA ARG K 27 42.91 0.77 -19.75
C ARG K 27 41.96 1.96 -19.64
N SER K 28 40.70 1.79 -20.00
CA SER K 28 39.72 2.91 -19.99
C SER K 28 39.59 3.47 -18.58
N VAL K 29 39.79 4.78 -18.44
CA VAL K 29 39.61 5.53 -17.18
C VAL K 29 38.33 6.38 -17.26
N SER K 30 37.42 6.08 -18.18
CA SER K 30 36.18 6.87 -18.36
C SER K 30 36.58 8.34 -18.56
N ASP K 31 35.86 9.32 -17.99
CA ASP K 31 36.26 10.75 -18.09
C ASP K 31 36.93 11.17 -16.78
N ASN K 32 37.29 10.21 -15.93
CA ASN K 32 37.94 10.45 -14.62
C ASN K 32 39.42 10.77 -14.86
N LEU K 33 39.71 11.93 -15.41
CA LEU K 33 41.10 12.33 -15.66
C LEU K 33 41.30 13.83 -15.45
N ALA K 34 42.49 14.21 -15.02
CA ALA K 34 42.85 15.61 -14.73
C ALA K 34 44.21 15.96 -15.30
N TRP K 35 44.45 17.25 -15.47
CA TRP K 35 45.71 17.79 -16.03
C TRP K 35 46.28 18.86 -15.10
N TYR K 36 47.57 18.76 -14.77
CA TYR K 36 48.25 19.73 -13.89
C TYR K 36 49.39 20.45 -14.58
N GLN K 37 49.34 21.77 -14.63
CA GLN K 37 50.47 22.62 -15.06
C GLN K 37 51.49 22.69 -13.92
N GLN K 38 52.78 22.84 -14.22
CA GLN K 38 53.78 23.05 -13.13
C GLN K 38 54.93 23.91 -13.64
N LYS K 39 55.02 25.15 -13.18
CA LYS K 39 56.18 26.02 -13.50
C LYS K 39 57.38 25.41 -12.77
N PRO K 40 58.63 25.58 -13.28
CA PRO K 40 59.80 25.05 -12.58
C PRO K 40 59.91 25.59 -11.14
N GLY K 41 59.83 24.67 -10.17
CA GLY K 41 59.98 24.98 -8.74
C GLY K 41 58.66 25.23 -8.01
N GLN K 42 57.56 25.53 -8.69
CA GLN K 42 56.26 25.79 -8.02
C GLN K 42 55.49 24.48 -7.79
N ALA K 43 54.46 24.53 -6.96
CA ALA K 43 53.56 23.36 -6.75
C ALA K 43 52.72 23.18 -8.01
N PRO K 44 52.25 21.95 -8.33
CA PRO K 44 51.38 21.76 -9.48
C PRO K 44 50.08 22.58 -9.37
N ARG K 45 49.49 22.91 -10.51
CA ARG K 45 48.24 23.73 -10.63
C ARG K 45 47.22 22.93 -11.43
N LEU K 46 46.07 22.59 -10.85
CA LEU K 46 45.02 21.86 -11.59
C LEU K 46 44.51 22.71 -12.73
N LEU K 47 44.49 22.18 -13.96
CA LEU K 47 43.92 22.91 -15.12
C LEU K 47 42.57 22.30 -15.51
N ILE K 48 42.52 20.99 -15.70
CA ILE K 48 41.30 20.31 -16.19
C ILE K 48 40.97 19.16 -15.22
N PHE K 49 39.70 18.87 -15.05
CA PHE K 49 39.24 17.63 -14.34
C PHE K 49 38.03 17.10 -15.10
N GLY K 50 37.63 15.87 -14.82
CA GLY K 50 36.56 15.20 -15.59
C GLY K 50 36.86 15.21 -17.08
N ALA K 51 38.14 15.13 -17.43
CA ALA K 51 38.69 15.14 -18.80
C ALA K 51 38.40 16.42 -19.58
N SER K 52 37.44 17.28 -19.20
CA SER K 52 37.10 18.50 -19.99
C SER K 52 36.72 19.73 -19.16
N THR K 53 36.33 19.59 -17.89
CA THR K 53 35.92 20.73 -17.04
C THR K 53 37.15 21.56 -16.65
N ARG K 54 37.18 22.85 -16.94
CA ARG K 54 38.33 23.71 -16.50
C ARG K 54 38.22 23.96 -14.98
N ALA K 55 39.35 24.01 -14.29
CA ALA K 55 39.38 24.33 -12.85
C ALA K 55 39.19 25.84 -12.63
N THR K 56 39.03 26.23 -11.37
CA THR K 56 38.62 27.59 -10.94
C THR K 56 39.48 28.69 -11.58
N GLY K 57 40.81 28.60 -11.46
CA GLY K 57 41.71 29.70 -11.88
C GLY K 57 42.11 29.64 -13.35
N VAL K 58 41.38 28.96 -14.22
CA VAL K 58 41.94 28.54 -15.54
C VAL K 58 41.36 29.38 -16.68
N PRO K 59 42.20 30.08 -17.48
CA PRO K 59 41.70 30.89 -18.59
C PRO K 59 41.23 30.04 -19.77
N ALA K 60 40.44 30.67 -20.63
CA ALA K 60 39.77 30.06 -21.81
C ALA K 60 40.76 29.31 -22.72
N ARG K 61 42.01 29.75 -22.79
CA ARG K 61 43.01 29.23 -23.76
C ARG K 61 43.41 27.78 -23.45
N PHE K 62 43.05 27.20 -22.30
CA PHE K 62 43.29 25.76 -22.00
C PHE K 62 41.99 24.99 -22.12
N SER K 63 41.95 23.94 -22.93
CA SER K 63 40.73 23.14 -23.10
C SER K 63 41.09 21.66 -23.19
N GLY K 64 40.40 20.84 -22.41
CA GLY K 64 40.63 19.39 -22.38
C GLY K 64 39.57 18.64 -23.15
N SER K 65 39.96 17.51 -23.73
CA SER K 65 39.04 16.66 -24.53
C SER K 65 39.45 15.19 -24.50
N GLY K 66 38.51 14.34 -24.82
CA GLY K 66 38.73 12.88 -24.88
C GLY K 66 37.99 12.15 -23.79
N SER K 67 37.95 10.83 -23.89
CA SER K 67 37.33 9.91 -22.92
C SER K 67 37.81 8.50 -23.18
N GLY K 68 37.67 7.64 -22.18
CA GLY K 68 38.09 6.22 -22.27
C GLY K 68 39.57 6.07 -22.07
N THR K 69 40.34 5.83 -23.12
CA THR K 69 41.79 5.52 -23.01
C THR K 69 42.65 6.67 -23.54
N GLN K 70 42.11 7.61 -24.29
CA GLN K 70 42.95 8.68 -24.90
C GLN K 70 42.37 10.07 -24.68
N PHE K 71 43.24 10.99 -24.30
CA PHE K 71 42.87 12.35 -23.86
C PHE K 71 43.86 13.36 -24.40
N THR K 72 43.39 14.59 -24.56
CA THR K 72 44.24 15.69 -25.08
C THR K 72 43.99 16.98 -24.31
N LEU K 73 45.07 17.69 -24.00
CA LEU K 73 44.98 19.07 -23.50
C LEU K 73 45.37 19.97 -24.65
N THR K 74 44.50 20.91 -24.97
CA THR K 74 44.72 21.88 -26.07
C THR K 74 44.98 23.25 -25.47
N ILE K 75 46.02 23.91 -25.94
CA ILE K 75 46.44 25.25 -25.45
C ILE K 75 46.39 26.13 -26.70
N SER K 76 45.31 26.88 -26.87
CA SER K 76 44.89 27.51 -28.16
C SER K 76 45.88 28.59 -28.65
N SER K 77 46.57 29.29 -27.76
CA SER K 77 47.56 30.33 -28.14
C SER K 77 48.49 30.56 -26.95
N LEU K 78 49.72 30.07 -27.02
CA LEU K 78 50.62 30.07 -25.84
C LEU K 78 51.15 31.46 -25.50
N GLN K 79 50.88 31.88 -24.28
CA GLN K 79 51.53 33.04 -23.62
C GLN K 79 52.85 32.56 -23.02
N SER K 80 53.80 33.43 -22.69
CA SER K 80 55.07 33.03 -22.03
C SER K 80 54.80 32.31 -20.70
N GLU K 81 53.61 32.53 -20.12
CA GLU K 81 53.12 31.88 -18.88
C GLU K 81 52.95 30.36 -19.05
N ASP K 82 52.76 29.87 -20.26
CA ASP K 82 52.28 28.48 -20.49
C ASP K 82 53.43 27.47 -20.63
N PHE K 83 54.67 27.92 -20.85
CA PHE K 83 55.83 27.01 -21.01
C PHE K 83 56.16 26.43 -19.64
N ALA K 84 55.75 25.20 -19.45
CA ALA K 84 55.76 24.48 -18.15
C ALA K 84 55.70 22.98 -18.38
N VAL K 85 55.93 22.18 -17.34
CA VAL K 85 55.67 20.73 -17.44
C VAL K 85 54.17 20.52 -17.21
N TYR K 86 53.57 19.60 -17.93
CA TYR K 86 52.14 19.25 -17.75
C TYR K 86 52.01 17.79 -17.43
N TYR K 87 51.37 17.47 -16.32
CA TYR K 87 51.17 16.08 -15.85
C TYR K 87 49.71 15.71 -16.04
N CYS K 88 49.51 14.57 -16.63
CA CYS K 88 48.21 13.89 -16.75
C CYS K 88 47.95 13.09 -15.48
N GLN K 89 46.73 12.79 -15.11
CA GLN K 89 46.46 11.97 -13.90
C GLN K 89 45.08 11.36 -13.93
N HIS K 90 44.95 10.06 -13.76
CA HIS K 90 43.60 9.45 -13.68
C HIS K 90 43.15 9.47 -12.25
N TYR K 91 41.84 9.49 -12.07
CA TYR K 91 41.23 9.35 -10.73
C TYR K 91 40.08 8.38 -10.77
N ASN K 92 40.19 7.41 -11.66
CA ASN K 92 39.11 6.46 -12.00
C ASN K 92 38.92 5.37 -10.94
N ILE K 93 37.93 5.55 -10.07
CA ILE K 93 37.38 4.49 -9.18
C ILE K 93 38.37 4.04 -8.10
N TRP K 94 39.63 3.72 -8.38
CA TRP K 94 40.46 2.99 -7.39
C TRP K 94 41.94 3.37 -7.45
N PRO K 95 42.68 3.30 -6.32
CA PRO K 95 44.11 3.59 -6.30
C PRO K 95 44.95 2.61 -7.11
N PRO K 96 46.21 2.98 -7.44
CA PRO K 96 46.76 4.31 -7.18
C PRO K 96 46.38 5.35 -8.22
N TRP K 97 46.31 6.59 -7.79
CA TRP K 97 45.94 7.73 -8.64
C TRP K 97 47.20 8.16 -9.41
N THR K 98 47.63 7.31 -10.33
CA THR K 98 48.90 7.48 -11.05
C THR K 98 48.90 8.71 -11.93
N PHE K 99 50.04 9.35 -11.98
CA PHE K 99 50.29 10.50 -12.88
C PHE K 99 51.08 10.04 -14.12
N GLY K 100 51.01 10.83 -15.19
CA GLY K 100 51.87 10.67 -16.37
C GLY K 100 53.27 11.15 -16.08
N GLN K 101 54.26 10.78 -16.88
CA GLN K 101 55.66 11.22 -16.63
C GLN K 101 55.83 12.70 -16.97
N GLY K 102 54.82 13.31 -17.59
CA GLY K 102 54.79 14.75 -17.84
C GLY K 102 55.43 15.16 -19.16
N THR K 103 54.82 16.14 -19.82
CA THR K 103 55.33 16.73 -21.08
C THR K 103 55.85 18.13 -20.82
N LYS K 104 57.12 18.41 -21.12
CA LYS K 104 57.65 19.78 -21.01
C LYS K 104 57.29 20.55 -22.27
N VAL K 105 56.56 21.63 -22.14
CA VAL K 105 56.25 22.48 -23.31
C VAL K 105 57.38 23.50 -23.42
N GLU K 106 58.38 23.19 -24.24
CA GLU K 106 59.54 24.10 -24.48
C GLU K 106 59.13 25.26 -25.40
N ILE K 107 59.86 26.36 -25.32
CA ILE K 107 59.71 27.48 -26.30
C ILE K 107 60.48 27.09 -27.57
N LYS K 108 59.79 26.94 -28.70
CA LYS K 108 60.48 26.71 -30.00
C LYS K 108 60.93 28.04 -30.60
N ARG K 109 62.16 28.07 -31.12
CA ARG K 109 62.81 29.23 -31.78
C ARG K 109 63.86 28.75 -32.80
N THR K 110 64.55 29.68 -33.47
CA THR K 110 65.60 29.36 -34.48
C THR K 110 66.81 28.71 -33.79
N ALA L 105 12.25 -27.72 15.71
CA ALA L 105 13.15 -27.96 14.52
C ALA L 105 14.60 -28.15 14.99
N GLU L 106 15.35 -29.04 14.34
CA GLU L 106 16.78 -29.30 14.67
C GLU L 106 17.65 -28.23 14.03
N TYR L 107 18.85 -28.02 14.54
CA TYR L 107 19.83 -27.13 13.85
C TYR L 107 20.13 -27.70 12.45
N ARG L 108 20.37 -26.81 11.49
CA ARG L 108 20.79 -27.19 10.12
C ARG L 108 22.17 -27.84 10.11
N ASN L 109 22.36 -28.82 9.21
CA ASN L 109 23.70 -29.44 9.09
C ASN L 109 24.22 -29.56 7.64
N TRP L 110 23.39 -29.47 6.60
CA TRP L 110 23.82 -29.60 5.19
C TRP L 110 24.66 -30.86 4.90
N SER L 111 24.44 -31.96 5.61
CA SER L 111 25.22 -33.22 5.47
C SER L 111 24.98 -33.86 4.11
N LYS L 112 23.87 -33.53 3.44
CA LYS L 112 23.49 -34.12 2.14
C LYS L 112 24.53 -33.73 1.09
N PRO L 113 24.78 -34.59 0.07
CA PRO L 113 25.75 -34.26 -0.96
C PRO L 113 25.25 -33.13 -1.85
N GLN L 114 26.12 -32.49 -2.60
CA GLN L 114 25.71 -31.38 -3.49
C GLN L 114 25.06 -32.00 -4.73
N CYS L 115 24.07 -31.31 -5.29
CA CYS L 115 23.28 -31.79 -6.46
C CYS L 115 24.13 -31.90 -7.72
N ASP L 116 23.76 -32.81 -8.62
CA ASP L 116 24.43 -32.97 -9.94
C ASP L 116 24.01 -31.81 -10.85
N ILE L 117 24.60 -30.64 -10.63
CA ILE L 117 24.23 -29.43 -11.39
C ILE L 117 24.78 -29.51 -12.80
N THR L 118 23.97 -29.11 -13.78
CA THR L 118 24.32 -29.03 -15.21
C THR L 118 24.10 -27.64 -15.74
N GLY L 119 23.69 -26.74 -14.86
CA GLY L 119 23.45 -25.33 -15.17
C GLY L 119 22.39 -24.84 -14.24
N PHE L 120 21.95 -23.60 -14.41
CA PHE L 120 20.98 -22.97 -13.49
C PHE L 120 19.71 -22.61 -14.24
N ALA L 121 18.57 -23.10 -13.76
CA ALA L 121 17.22 -22.76 -14.26
C ALA L 121 16.71 -21.51 -13.54
N PRO L 122 15.90 -20.64 -14.15
CA PRO L 122 15.38 -19.47 -13.44
C PRO L 122 14.47 -19.87 -12.28
N PHE L 123 14.51 -19.08 -11.21
CA PHE L 123 13.77 -19.36 -9.97
C PHE L 123 12.92 -18.15 -9.55
N SER L 124 13.41 -16.93 -9.65
CA SER L 124 12.63 -15.77 -9.21
C SER L 124 13.17 -14.44 -9.75
N LYS L 125 12.34 -13.44 -9.75
CA LYS L 125 12.69 -12.10 -10.17
C LYS L 125 11.74 -11.17 -9.45
N ASP L 126 12.15 -9.95 -9.16
CA ASP L 126 11.34 -9.08 -8.29
C ASP L 126 10.64 -7.97 -9.06
N ASN L 127 11.28 -7.45 -10.09
CA ASN L 127 10.71 -6.32 -10.85
C ASN L 127 10.56 -5.11 -9.92
N SER L 128 11.28 -5.06 -8.79
CA SER L 128 11.24 -3.94 -7.81
C SER L 128 11.32 -2.58 -8.52
N ILE L 129 12.18 -2.40 -9.49
CA ILE L 129 12.26 -1.05 -10.09
C ILE L 129 11.08 -0.80 -11.04
N ARG L 130 10.59 -1.82 -11.75
CA ARG L 130 9.41 -1.63 -12.63
C ARG L 130 8.19 -1.28 -11.77
N LEU L 131 8.03 -1.95 -10.62
CA LEU L 131 6.91 -1.70 -9.70
C LEU L 131 7.07 -0.33 -9.02
N SER L 132 8.28 0.09 -8.71
CA SER L 132 8.56 1.42 -8.11
C SER L 132 7.99 2.57 -8.93
N ALA L 133 7.86 2.43 -10.23
CA ALA L 133 7.36 3.53 -11.09
C ALA L 133 5.90 3.83 -10.81
N GLY L 134 5.20 2.96 -10.09
CA GLY L 134 3.80 3.17 -9.65
C GLY L 134 3.53 2.34 -8.43
N GLY L 135 4.20 2.66 -7.32
CA GLY L 135 4.15 1.87 -6.09
C GLY L 135 5.10 2.37 -5.03
N ASP L 136 4.83 2.08 -3.76
CA ASP L 136 5.73 2.50 -2.66
C ASP L 136 6.71 1.37 -2.39
N ILE L 137 7.76 1.31 -3.21
CA ILE L 137 8.81 0.26 -3.10
C ILE L 137 10.07 0.92 -2.55
N TRP L 138 10.72 0.22 -1.62
CA TRP L 138 11.98 0.62 -0.96
C TRP L 138 13.16 0.77 -1.90
N VAL L 139 14.02 1.76 -1.68
CA VAL L 139 15.33 1.88 -2.37
C VAL L 139 16.28 0.95 -1.68
N THR L 140 16.99 0.11 -2.43
CA THR L 140 17.93 -0.86 -1.82
C THR L 140 19.23 -0.92 -2.59
N ARG L 141 20.18 -1.65 -2.02
CA ARG L 141 21.39 -2.15 -2.68
C ARG L 141 21.93 -3.29 -1.83
N GLU L 142 22.92 -3.99 -2.33
CA GLU L 142 23.54 -5.15 -1.65
C GLU L 142 22.45 -6.12 -1.21
N PRO L 143 21.55 -6.55 -2.13
CA PRO L 143 20.56 -7.56 -1.80
C PRO L 143 21.16 -8.92 -1.69
N TYR L 144 20.40 -9.80 -1.11
CA TYR L 144 20.85 -11.19 -0.95
C TYR L 144 19.66 -12.08 -0.64
N VAL L 145 19.87 -13.38 -0.79
CA VAL L 145 18.79 -14.36 -0.58
C VAL L 145 19.28 -15.39 0.38
N SER L 146 18.43 -15.77 1.30
CA SER L 146 18.75 -16.83 2.26
C SER L 146 17.44 -17.53 2.58
N CYS L 147 17.47 -18.75 3.09
CA CYS L 147 16.19 -19.49 3.22
C CYS L 147 16.05 -20.10 4.61
N ASP L 148 14.85 -20.11 5.14
CA ASP L 148 14.58 -20.96 6.32
C ASP L 148 14.32 -22.36 5.77
N PRO L 149 14.13 -23.38 6.62
CA PRO L 149 13.86 -24.73 6.14
C PRO L 149 12.63 -24.88 5.24
N ASP L 150 11.70 -23.93 5.32
CA ASP L 150 10.39 -23.97 4.62
C ASP L 150 10.38 -23.07 3.37
N LYS L 151 10.99 -21.89 3.40
CA LYS L 151 10.92 -20.93 2.26
C LYS L 151 12.06 -19.92 2.23
N CYS L 152 12.30 -19.36 1.08
CA CYS L 152 13.42 -18.41 0.88
C CYS L 152 12.97 -16.97 1.11
N TYR L 153 13.88 -16.17 1.60
CA TYR L 153 13.67 -14.76 1.87
C TYR L 153 14.74 -13.95 1.16
N GLN L 154 14.34 -12.79 0.74
CA GLN L 154 15.21 -11.84 0.09
C GLN L 154 15.48 -10.81 1.16
N PHE L 155 16.71 -10.37 1.23
CA PHE L 155 17.15 -9.30 2.12
C PHE L 155 17.76 -8.21 1.28
N ALA L 156 17.75 -7.02 1.80
CA ALA L 156 18.50 -5.94 1.17
C ALA L 156 18.81 -4.84 2.18
N LEU L 157 19.83 -4.05 1.91
CA LEU L 157 20.12 -2.90 2.77
C LEU L 157 19.31 -1.77 2.19
N GLY L 158 18.20 -1.47 2.81
CA GLY L 158 17.34 -0.40 2.37
C GLY L 158 17.94 0.93 2.73
N GLN L 159 17.95 1.88 1.82
CA GLN L 159 18.43 3.23 2.08
C GLN L 159 17.45 4.03 2.96
N GLY L 160 16.64 3.41 3.83
CA GLY L 160 15.74 4.17 4.71
C GLY L 160 14.73 5.03 3.97
N THR L 161 14.29 4.62 2.79
CA THR L 161 13.38 5.40 1.94
C THR L 161 12.74 4.56 0.84
N THR L 162 11.58 5.00 0.34
CA THR L 162 10.96 4.44 -0.88
C THR L 162 11.60 5.15 -2.06
N LEU L 163 11.31 4.70 -3.27
CA LEU L 163 12.00 5.23 -4.46
C LEU L 163 11.33 6.49 -4.97
N ASN L 164 10.01 6.50 -5.10
CA ASN L 164 9.26 7.71 -5.54
C ASN L 164 9.05 8.56 -4.28
N ASN L 165 10.11 9.26 -3.86
CA ASN L 165 10.25 9.90 -2.52
C ASN L 165 11.32 10.99 -2.61
N VAL L 166 11.33 11.99 -1.74
CA VAL L 166 12.41 13.01 -1.74
C VAL L 166 13.71 12.41 -1.18
N HIS L 167 13.60 11.46 -0.28
CA HIS L 167 14.76 10.84 0.40
C HIS L 167 15.49 9.84 -0.50
N SER L 168 15.01 9.55 -1.71
CA SER L 168 15.71 8.62 -2.63
C SER L 168 16.88 9.33 -3.32
N ASN L 169 16.90 10.65 -3.37
CA ASN L 169 18.04 11.41 -3.96
C ASN L 169 19.33 11.07 -3.20
N ASN L 170 20.48 11.09 -3.89
CA ASN L 170 21.83 10.78 -3.34
C ASN L 170 21.84 9.42 -2.59
N THR L 171 21.05 8.44 -3.01
CA THR L 171 21.11 7.10 -2.36
C THR L 171 22.29 6.27 -2.85
N VAL L 172 23.26 6.89 -3.50
CA VAL L 172 24.49 6.17 -3.97
C VAL L 172 25.43 5.91 -2.79
N ARG L 173 25.40 6.69 -1.70
CA ARG L 173 26.29 6.43 -0.54
C ARG L 173 25.90 5.13 0.12
N ASP L 174 26.90 4.32 0.43
CA ASP L 174 26.68 2.94 0.89
C ASP L 174 26.56 2.92 2.41
N ARG L 175 26.90 3.99 3.13
CA ARG L 175 26.85 4.01 4.61
C ARG L 175 26.21 5.28 5.10
N THR L 176 25.04 5.14 5.72
CA THR L 176 24.30 6.26 6.37
C THR L 176 23.61 5.73 7.61
N PRO L 177 23.18 6.56 8.57
CA PRO L 177 22.54 6.04 9.78
C PRO L 177 21.20 5.32 9.53
N TYR L 178 20.57 5.67 8.41
CA TYR L 178 19.22 5.24 8.00
C TYR L 178 19.19 3.85 7.36
N ARG L 179 20.31 3.26 6.98
CA ARG L 179 20.27 1.96 6.28
C ARG L 179 19.80 0.91 7.24
N THR L 180 18.89 0.08 6.78
CA THR L 180 18.29 -0.98 7.59
C THR L 180 18.20 -2.22 6.71
N LEU L 181 18.27 -3.36 7.33
CA LEU L 181 18.23 -4.64 6.62
C LEU L 181 16.77 -5.01 6.43
N LEU L 182 16.25 -4.81 5.22
CA LEU L 182 14.86 -5.20 4.83
C LEU L 182 14.84 -6.73 4.66
N MET L 183 13.74 -7.36 4.98
CA MET L 183 13.57 -8.80 4.82
C MET L 183 12.16 -9.05 4.28
N ASN L 184 12.01 -9.94 3.31
CA ASN L 184 10.72 -10.37 2.75
C ASN L 184 10.77 -11.84 2.35
N GLU L 185 9.64 -12.51 2.18
CA GLU L 185 9.66 -13.82 1.48
C GLU L 185 10.12 -13.56 0.05
N LEU L 186 10.82 -14.52 -0.55
CA LEU L 186 11.44 -14.27 -1.86
C LEU L 186 10.33 -13.98 -2.89
N GLY L 187 10.52 -12.94 -3.65
CA GLY L 187 9.56 -12.57 -4.70
C GLY L 187 8.56 -11.51 -4.28
N VAL L 188 8.27 -11.38 -2.98
CA VAL L 188 7.43 -10.25 -2.47
C VAL L 188 8.23 -8.97 -2.54
N PRO L 189 7.92 -8.02 -3.42
CA PRO L 189 8.82 -6.89 -3.64
C PRO L 189 8.94 -6.14 -2.31
N PHE L 190 9.96 -5.30 -2.13
CA PHE L 190 10.08 -4.57 -0.85
C PHE L 190 9.11 -3.37 -0.87
N HIS L 191 7.87 -3.61 -0.48
CA HIS L 191 6.80 -2.58 -0.32
C HIS L 191 6.84 -2.02 1.13
N LEU L 192 6.02 -1.02 1.46
CA LEU L 192 6.08 -0.38 2.79
C LEU L 192 5.83 -1.35 3.94
N GLY L 193 5.09 -2.42 3.77
CA GLY L 193 4.89 -3.41 4.86
C GLY L 193 6.09 -4.30 5.15
N THR L 194 7.25 -4.05 4.54
CA THR L 194 8.46 -4.89 4.69
C THR L 194 9.05 -4.68 6.09
N LYS L 195 9.46 -5.74 6.75
CA LYS L 195 10.12 -5.59 8.08
C LYS L 195 11.56 -5.12 7.98
N GLN L 196 11.92 -4.00 8.59
CA GLN L 196 13.32 -3.56 8.80
C GLN L 196 13.89 -4.39 9.96
N VAL L 197 14.63 -5.44 9.66
CA VAL L 197 15.14 -6.39 10.67
C VAL L 197 16.07 -5.75 11.70
N CYS L 198 16.88 -4.79 11.29
CA CYS L 198 17.90 -4.18 12.18
C CYS L 198 18.55 -2.98 11.53
N ILE L 199 19.23 -2.15 12.33
CA ILE L 199 19.93 -0.99 11.73
C ILE L 199 21.22 -1.56 11.18
N ALA L 200 21.56 -1.24 9.92
CA ALA L 200 22.68 -1.91 9.23
C ALA L 200 23.05 -1.22 7.96
N TRP L 201 24.32 -0.88 7.74
CA TRP L 201 24.77 -0.44 6.38
C TRP L 201 25.62 -1.53 5.73
N SER L 202 25.84 -2.64 6.43
CA SER L 202 26.49 -3.86 5.94
C SER L 202 25.88 -5.00 6.71
N SER L 203 25.65 -6.16 6.12
CA SER L 203 25.00 -7.24 6.90
C SER L 203 25.12 -8.61 6.28
N SER L 204 24.69 -9.56 7.05
CA SER L 204 24.66 -10.96 6.64
C SER L 204 23.54 -11.61 7.43
N SER L 205 22.93 -12.66 6.95
CA SER L 205 21.82 -13.33 7.66
C SER L 205 21.89 -14.80 7.41
N CYS L 206 21.31 -15.57 8.30
CA CYS L 206 21.15 -17.00 8.03
C CYS L 206 20.26 -17.63 9.08
N HIS L 207 19.38 -18.47 8.63
CA HIS L 207 18.59 -19.29 9.53
C HIS L 207 19.44 -20.46 9.96
N ASP L 208 19.52 -20.72 11.26
CA ASP L 208 20.40 -21.78 11.79
C ASP L 208 19.67 -23.13 11.90
N GLY L 209 18.43 -23.20 11.43
CA GLY L 209 17.57 -24.40 11.63
C GLY L 209 16.55 -24.21 12.72
N LYS L 210 16.78 -23.27 13.63
CA LYS L 210 15.82 -22.89 14.70
C LYS L 210 15.32 -21.45 14.50
N ALA L 211 16.17 -20.50 14.17
CA ALA L 211 15.75 -19.09 14.03
C ALA L 211 16.74 -18.26 13.25
N TRP L 212 16.31 -17.09 12.83
CA TRP L 212 17.21 -16.22 12.04
C TRP L 212 18.33 -15.63 12.89
N LEU L 213 19.54 -15.63 12.38
CA LEU L 213 20.66 -14.80 12.86
C LEU L 213 20.88 -13.70 11.84
N HIS L 214 20.93 -12.47 12.28
CA HIS L 214 21.33 -11.36 11.41
C HIS L 214 22.56 -10.75 12.02
N VAL L 215 23.49 -10.34 11.20
CA VAL L 215 24.70 -9.62 11.65
C VAL L 215 24.54 -8.29 11.03
N CYS L 216 24.33 -7.30 11.85
CA CYS L 216 23.90 -5.98 11.41
C CYS L 216 24.96 -4.99 11.80
N ILE L 217 25.59 -4.34 10.84
CA ILE L 217 26.75 -3.49 11.15
C ILE L 217 26.34 -2.06 10.95
N THR L 218 26.59 -1.20 11.94
CA THR L 218 26.22 0.22 11.80
C THR L 218 27.13 1.07 12.67
N GLY L 219 27.16 2.35 12.37
CA GLY L 219 27.91 3.29 13.19
C GLY L 219 28.73 4.23 12.36
N ASP L 220 29.61 4.96 13.03
CA ASP L 220 30.62 5.82 12.37
C ASP L 220 31.60 4.90 11.66
N ASP L 221 32.15 5.35 10.54
CA ASP L 221 33.13 4.56 9.72
C ASP L 221 34.33 4.18 10.57
N LYS L 222 34.85 5.13 11.34
CA LYS L 222 36.04 4.91 12.18
C LYS L 222 35.72 4.05 13.40
N ASN L 223 34.47 3.72 13.68
CA ASN L 223 34.12 3.09 14.98
C ASN L 223 32.79 2.33 14.91
N ALA L 224 32.60 1.47 13.92
CA ALA L 224 31.32 0.78 13.73
C ALA L 224 31.11 -0.29 14.80
N THR L 225 29.84 -0.62 15.00
CA THR L 225 29.35 -1.69 15.90
C THR L 225 28.78 -2.79 15.00
N ALA L 226 29.05 -4.04 15.30
CA ALA L 226 28.34 -5.17 14.67
C ALA L 226 27.38 -5.69 15.72
N SER L 227 26.10 -5.82 15.39
CA SER L 227 25.05 -6.37 16.28
C SER L 227 24.62 -7.74 15.78
N PHE L 228 24.65 -8.73 16.62
CA PHE L 228 24.22 -10.12 16.33
C PHE L 228 22.79 -10.26 16.85
N ILE L 229 21.83 -10.31 15.95
CA ILE L 229 20.38 -10.38 16.30
C ILE L 229 19.88 -11.76 16.02
N TYR L 230 19.56 -12.52 17.02
CA TYR L 230 19.19 -13.94 16.85
C TYR L 230 17.85 -14.18 17.56
N ASN L 231 16.98 -14.88 16.87
CA ASN L 231 15.58 -15.13 17.28
C ASN L 231 14.92 -13.77 17.57
N GLY L 232 15.30 -12.74 16.81
CA GLY L 232 14.63 -11.43 16.82
C GLY L 232 15.00 -10.58 18.00
N ARG L 233 16.06 -10.91 18.74
CA ARG L 233 16.56 -10.04 19.82
C ARG L 233 18.09 -9.92 19.77
N LEU L 234 18.61 -8.74 20.10
CA LEU L 234 20.07 -8.48 20.03
C LEU L 234 20.79 -9.30 21.10
N VAL L 235 21.62 -10.27 20.68
CA VAL L 235 22.29 -11.21 21.60
C VAL L 235 23.73 -10.84 21.88
N ASP L 236 24.38 -10.14 20.98
CA ASP L 236 25.82 -9.81 21.16
C ASP L 236 26.19 -8.64 20.26
N SER L 237 27.35 -8.08 20.50
CA SER L 237 27.86 -7.01 19.62
C SER L 237 29.36 -6.93 19.80
N VAL L 238 30.01 -6.39 18.76
CA VAL L 238 31.49 -6.34 18.73
C VAL L 238 31.88 -5.09 17.99
N VAL L 239 32.88 -4.41 18.52
CA VAL L 239 33.29 -3.10 17.96
C VAL L 239 34.34 -3.35 16.88
N SER L 240 34.38 -2.48 15.87
CA SER L 240 35.39 -2.40 14.81
C SER L 240 36.78 -2.55 15.42
N TRP L 241 37.52 -3.59 15.07
CA TRP L 241 38.84 -3.88 15.68
C TRP L 241 39.97 -3.13 14.99
N SER L 242 39.80 -2.66 13.75
CA SER L 242 40.84 -1.89 13.03
C SER L 242 40.38 -0.46 12.73
N LYS L 243 39.24 -0.05 13.26
CA LYS L 243 38.73 1.33 13.20
C LYS L 243 38.67 1.84 11.76
N GLU L 244 38.30 1.01 10.79
CA GLU L 244 38.31 1.45 9.37
C GLU L 244 37.27 0.67 8.58
N ILE L 245 36.02 1.03 8.81
CA ILE L 245 34.79 0.48 8.16
C ILE L 245 34.65 -1.03 8.35
N LEU L 246 34.29 -1.46 9.55
CA LEU L 246 33.98 -2.88 9.79
C LEU L 246 32.95 -3.28 8.75
N ARG L 247 33.08 -4.46 8.13
CA ARG L 247 32.15 -4.82 7.04
C ARG L 247 32.03 -6.32 6.93
N THR L 248 30.94 -6.80 6.33
CA THR L 248 30.69 -8.25 6.26
C THR L 248 30.22 -8.65 4.86
N GLN L 249 29.73 -9.88 4.75
CA GLN L 249 29.56 -10.60 3.48
C GLN L 249 28.51 -10.00 2.52
N GLU L 250 27.62 -9.11 2.94
CA GLU L 250 26.47 -8.61 2.15
C GLU L 250 25.75 -9.81 1.49
N SER L 251 25.67 -10.93 2.21
CA SER L 251 25.06 -12.17 1.73
C SER L 251 24.91 -13.16 2.88
N GLU L 252 24.33 -14.31 2.58
CA GLU L 252 24.00 -15.22 3.68
C GLU L 252 25.29 -15.70 4.34
N CYS L 253 25.20 -15.84 5.66
CA CYS L 253 26.20 -16.54 6.48
C CYS L 253 25.88 -18.00 6.33
N VAL L 254 26.59 -18.87 7.01
CA VAL L 254 26.25 -20.31 6.95
C VAL L 254 26.24 -20.85 8.35
N CYS L 255 25.35 -21.76 8.69
CA CYS L 255 25.31 -22.34 10.05
C CYS L 255 25.34 -23.83 9.95
N ILE L 256 26.19 -24.48 10.72
CA ILE L 256 26.27 -25.96 10.77
C ILE L 256 26.21 -26.38 12.24
N ASN L 257 25.29 -27.27 12.58
CA ASN L 257 25.07 -27.69 13.99
C ASN L 257 24.98 -26.44 14.87
N GLY L 258 24.29 -25.41 14.41
CA GLY L 258 24.02 -24.19 15.20
C GLY L 258 25.11 -23.15 15.16
N THR L 259 26.37 -23.52 14.94
CA THR L 259 27.48 -22.53 14.89
C THR L 259 27.47 -21.80 13.55
N CYS L 260 26.89 -20.63 13.50
CA CYS L 260 26.93 -19.79 12.29
C CYS L 260 28.32 -19.20 12.13
N THR L 261 28.73 -18.93 10.91
CA THR L 261 30.05 -18.30 10.67
C THR L 261 29.83 -17.12 9.77
N VAL L 262 30.48 -16.04 10.12
CA VAL L 262 30.39 -14.84 9.29
C VAL L 262 31.79 -14.30 9.11
N VAL L 263 32.15 -14.01 7.87
CA VAL L 263 33.49 -13.43 7.60
C VAL L 263 33.31 -11.93 7.76
N MET L 264 34.21 -11.30 8.49
CA MET L 264 34.18 -9.84 8.68
C MET L 264 35.56 -9.29 8.45
N THR L 265 35.62 -8.12 7.89
CA THR L 265 36.89 -7.48 7.56
C THR L 265 36.86 -6.07 8.12
N ASP L 266 38.03 -5.57 8.44
CA ASP L 266 38.24 -4.18 8.86
C ASP L 266 39.53 -3.68 8.21
N GLY L 267 39.77 -2.39 8.19
CA GLY L 267 41.02 -1.89 7.58
C GLY L 267 40.86 -1.54 6.11
N SER L 268 41.96 -1.08 5.50
CA SER L 268 42.04 -0.55 4.12
C SER L 268 41.49 -1.51 3.08
N ALA L 269 40.81 -0.98 2.07
CA ALA L 269 40.25 -1.77 0.94
C ALA L 269 41.30 -1.96 -0.18
N SER L 270 41.93 -0.91 -0.65
CA SER L 270 42.99 -1.00 -1.69
C SER L 270 44.34 -1.31 -1.03
N GLY L 271 44.34 -2.02 0.10
CA GLY L 271 45.56 -2.31 0.90
C GLY L 271 45.34 -3.38 1.96
N LYS L 272 46.42 -3.82 2.61
CA LYS L 272 46.40 -4.93 3.59
C LYS L 272 45.31 -4.72 4.66
N ALA L 273 44.32 -5.62 4.65
CA ALA L 273 43.14 -5.60 5.56
C ALA L 273 43.30 -6.61 6.71
N ASP L 274 42.49 -6.45 7.76
CA ASP L 274 42.41 -7.40 8.90
C ASP L 274 41.09 -8.13 8.83
N THR L 275 41.12 -9.45 8.71
CA THR L 275 39.88 -10.23 8.50
C THR L 275 39.76 -11.25 9.59
N LYS L 276 38.57 -11.37 10.15
CA LYS L 276 38.31 -12.38 11.19
C LYS L 276 37.06 -13.15 10.80
N ILE L 277 37.02 -14.39 11.22
CA ILE L 277 35.84 -15.25 11.02
C ILE L 277 35.25 -15.41 12.39
N LEU L 278 34.01 -14.99 12.56
CA LEU L 278 33.30 -15.07 13.84
C LEU L 278 32.44 -16.32 13.82
N PHE L 279 32.55 -17.13 14.85
CA PHE L 279 31.72 -18.34 15.07
C PHE L 279 30.68 -17.92 16.09
N ILE L 280 29.42 -18.04 15.73
CA ILE L 280 28.27 -17.49 16.48
C ILE L 280 27.30 -18.63 16.83
N GLU L 281 26.93 -18.78 18.10
CA GLU L 281 25.95 -19.80 18.49
C GLU L 281 24.78 -19.09 19.14
N GLU L 282 23.62 -19.15 18.49
CA GLU L 282 22.40 -18.47 18.94
C GLU L 282 22.67 -16.97 19.17
N GLY L 283 23.52 -16.38 18.35
CA GLY L 283 23.86 -14.95 18.40
C GLY L 283 25.07 -14.63 19.28
N LYS L 284 25.42 -15.49 20.23
CA LYS L 284 26.59 -15.28 21.12
C LYS L 284 27.88 -15.59 20.34
N ILE L 285 28.82 -14.66 20.18
CA ILE L 285 30.10 -14.97 19.49
C ILE L 285 30.90 -15.96 20.36
N VAL L 286 31.02 -17.23 19.96
CA VAL L 286 31.71 -18.28 20.78
C VAL L 286 33.20 -18.35 20.47
N HIS L 287 33.61 -17.96 19.27
CA HIS L 287 35.04 -17.99 18.88
C HIS L 287 35.30 -16.97 17.78
N THR L 288 36.55 -16.61 17.60
CA THR L 288 36.97 -15.74 16.49
C THR L 288 38.34 -16.17 16.05
N SER L 289 38.49 -16.40 14.75
CA SER L 289 39.75 -16.84 14.11
C SER L 289 40.22 -15.76 13.17
N THR L 290 41.49 -15.37 13.26
CA THR L 290 42.03 -14.40 12.27
C THR L 290 42.31 -15.18 10.98
N LEU L 291 42.08 -14.53 9.83
CA LEU L 291 42.26 -15.14 8.50
C LEU L 291 43.69 -15.66 8.33
N SER L 292 43.83 -16.87 7.82
CA SER L 292 45.13 -17.58 7.65
C SER L 292 45.21 -18.28 6.29
N GLY L 293 46.40 -18.70 5.87
CA GLY L 293 46.68 -19.08 4.47
C GLY L 293 46.99 -17.86 3.61
N SER L 294 46.90 -18.00 2.29
CA SER L 294 47.51 -17.04 1.34
C SER L 294 46.51 -16.06 0.72
N ALA L 295 45.23 -16.02 1.08
CA ALA L 295 44.34 -14.96 0.56
C ALA L 295 44.83 -13.62 1.14
N GLN L 296 45.12 -12.64 0.29
CA GLN L 296 45.77 -11.39 0.76
C GLN L 296 44.76 -10.27 0.96
N HIS L 297 43.57 -10.37 0.38
CA HIS L 297 42.48 -9.41 0.62
C HIS L 297 41.17 -10.19 0.57
N VAL L 298 40.22 -9.93 1.44
CA VAL L 298 39.01 -10.80 1.54
C VAL L 298 37.80 -9.97 1.95
N GLU L 299 37.18 -9.34 0.98
CA GLU L 299 35.89 -8.63 1.12
C GLU L 299 34.72 -9.54 0.76
N GLU L 300 33.57 -9.37 1.38
CA GLU L 300 32.25 -9.74 0.80
C GLU L 300 32.12 -11.23 0.43
N CYS L 301 32.74 -12.11 1.16
CA CYS L 301 32.64 -13.55 0.90
C CYS L 301 31.20 -14.03 0.66
N SER L 302 30.96 -14.70 -0.47
CA SER L 302 29.75 -15.50 -0.73
C SER L 302 30.02 -16.88 -0.17
N CYS L 303 29.43 -17.24 0.93
CA CYS L 303 29.70 -18.56 1.54
C CYS L 303 28.69 -19.61 1.10
N TYR L 304 29.12 -20.85 1.16
CA TYR L 304 28.24 -22.00 0.95
C TYR L 304 28.64 -23.16 1.80
N PRO L 305 27.68 -23.87 2.40
CA PRO L 305 27.99 -25.03 3.22
C PRO L 305 28.58 -26.15 2.38
N ARG L 306 29.60 -26.78 2.91
CA ARG L 306 30.39 -27.82 2.25
C ARG L 306 30.80 -28.78 3.33
N TYR L 307 29.77 -29.38 3.92
CA TYR L 307 29.89 -30.24 5.12
C TYR L 307 31.03 -31.25 4.96
N PRO L 308 31.93 -31.42 5.96
CA PRO L 308 31.84 -30.81 7.29
C PRO L 308 32.20 -29.34 7.42
N GLY L 309 32.79 -28.74 6.39
CA GLY L 309 33.22 -27.34 6.45
C GLY L 309 32.24 -26.36 5.86
N VAL L 310 32.61 -25.10 5.92
CA VAL L 310 31.95 -24.03 5.17
C VAL L 310 33.02 -23.46 4.27
N ARG L 311 32.66 -23.08 3.07
CA ARG L 311 33.61 -22.57 2.09
C ARG L 311 33.06 -21.26 1.59
N CYS L 312 33.91 -20.34 1.20
CA CYS L 312 33.44 -19.02 0.78
C CYS L 312 34.32 -18.48 -0.29
N VAL L 313 33.74 -17.77 -1.23
CA VAL L 313 34.53 -17.20 -2.34
C VAL L 313 34.27 -15.72 -2.26
N CYS L 314 35.32 -14.92 -2.32
CA CYS L 314 35.27 -13.52 -1.86
C CYS L 314 35.70 -12.57 -2.96
N ARG L 315 35.97 -11.34 -2.60
CA ARG L 315 36.33 -10.26 -3.53
C ARG L 315 37.70 -9.76 -3.10
N ASP L 316 38.70 -9.90 -3.92
CA ASP L 316 40.02 -9.31 -3.62
C ASP L 316 40.01 -7.91 -4.20
N ASN L 317 39.83 -6.92 -3.33
CA ASN L 317 39.74 -5.50 -3.74
C ASN L 317 41.13 -4.92 -3.99
N TRP L 318 42.20 -5.64 -3.66
CA TRP L 318 43.57 -5.07 -3.56
C TRP L 318 44.45 -5.55 -4.72
N LYS L 319 44.67 -6.87 -4.85
CA LYS L 319 45.66 -7.41 -5.82
C LYS L 319 45.15 -8.55 -6.70
N GLY L 320 44.14 -9.30 -6.30
CA GLY L 320 43.60 -10.42 -7.11
C GLY L 320 42.45 -10.03 -8.02
N SER L 321 42.49 -10.37 -9.30
CA SER L 321 41.25 -10.41 -10.15
C SER L 321 40.77 -11.85 -10.13
N ASN L 322 41.60 -12.80 -9.70
CA ASN L 322 41.16 -14.13 -9.28
C ASN L 322 40.46 -13.94 -7.94
N ARG L 323 39.45 -14.74 -7.62
CA ARG L 323 38.74 -14.60 -6.33
C ARG L 323 39.38 -15.41 -5.23
N PRO L 324 39.48 -14.90 -3.99
CA PRO L 324 39.99 -15.67 -2.87
C PRO L 324 38.98 -16.67 -2.40
N ILE L 325 39.46 -17.83 -1.99
CA ILE L 325 38.65 -18.89 -1.36
C ILE L 325 39.03 -18.90 0.11
N VAL L 326 38.06 -18.94 1.00
CA VAL L 326 38.32 -19.10 2.45
C VAL L 326 37.65 -20.39 2.84
N ASP L 327 38.39 -21.29 3.43
CA ASP L 327 37.91 -22.65 3.72
C ASP L 327 37.93 -22.77 5.25
N ILE L 328 36.75 -22.91 5.85
CA ILE L 328 36.52 -22.67 7.29
C ILE L 328 36.14 -23.99 7.92
N ASN L 329 36.82 -24.33 8.99
CA ASN L 329 36.62 -25.64 9.69
C ASN L 329 35.81 -25.44 10.96
N ILE L 330 34.50 -25.60 10.91
CA ILE L 330 33.58 -25.39 12.06
C ILE L 330 33.99 -26.21 13.30
N LYS L 331 34.52 -27.43 13.17
CA LYS L 331 34.80 -28.29 14.35
C LYS L 331 36.03 -27.84 15.14
N ASP L 332 36.90 -26.99 14.60
CA ASP L 332 38.10 -26.53 15.35
C ASP L 332 38.45 -25.07 15.05
N HIS L 333 37.55 -24.36 14.40
CA HIS L 333 37.65 -22.93 14.05
C HIS L 333 38.85 -22.61 13.16
N SER L 334 39.61 -23.59 12.66
CA SER L 334 40.80 -23.32 11.81
C SER L 334 40.36 -22.74 10.45
N ILE L 335 41.13 -21.80 9.94
CA ILE L 335 40.90 -21.14 8.64
C ILE L 335 42.09 -21.40 7.72
N VAL L 336 41.82 -21.67 6.46
CA VAL L 336 42.86 -21.70 5.39
C VAL L 336 42.30 -21.00 4.19
N SER L 337 43.15 -20.54 3.32
CA SER L 337 42.68 -19.73 2.17
C SER L 337 43.66 -19.82 1.02
N SER L 338 43.16 -19.44 -0.14
CA SER L 338 43.78 -19.70 -1.46
C SER L 338 43.02 -18.88 -2.49
N TYR L 339 43.17 -19.19 -3.77
CA TYR L 339 42.42 -18.49 -4.82
C TYR L 339 41.82 -19.46 -5.83
N VAL L 340 40.78 -18.99 -6.52
CA VAL L 340 40.10 -19.71 -7.62
C VAL L 340 41.11 -19.89 -8.74
N CYS L 341 41.57 -21.12 -8.93
CA CYS L 341 42.63 -21.45 -9.89
C CYS L 341 42.23 -21.15 -11.34
N SER L 342 40.95 -21.08 -11.66
CA SER L 342 40.46 -20.90 -13.05
C SER L 342 41.21 -19.82 -13.83
N GLY L 343 41.69 -20.12 -15.03
CA GLY L 343 42.34 -19.11 -15.88
C GLY L 343 41.33 -18.07 -16.31
N LEU L 344 40.07 -18.46 -16.31
CA LEU L 344 38.94 -17.53 -16.50
C LEU L 344 38.64 -17.01 -15.11
N VAL L 345 39.16 -15.85 -14.77
CA VAL L 345 39.02 -15.33 -13.38
C VAL L 345 37.66 -14.66 -13.22
N GLY L 346 37.10 -14.71 -12.00
CA GLY L 346 35.71 -14.30 -11.71
C GLY L 346 35.50 -12.82 -11.37
N ASP L 347 36.52 -12.02 -11.12
CA ASP L 347 36.33 -10.66 -10.58
C ASP L 347 36.18 -9.66 -11.71
N THR L 348 35.83 -8.44 -11.35
CA THR L 348 35.68 -7.34 -12.31
C THR L 348 36.21 -6.09 -11.62
N PRO L 349 37.16 -5.34 -12.22
CA PRO L 349 37.74 -5.63 -13.52
C PRO L 349 38.66 -6.85 -13.50
N ARG L 350 39.00 -7.33 -14.70
CA ARG L 350 39.95 -8.43 -14.96
C ARG L 350 40.50 -8.31 -16.37
N LYS L 351 41.59 -9.02 -16.72
CA LYS L 351 42.06 -9.02 -18.13
C LYS L 351 41.10 -9.90 -18.93
N ASN L 352 40.95 -9.68 -20.24
CA ASN L 352 40.01 -10.52 -21.01
C ASN L 352 40.52 -11.99 -21.07
N ASP L 353 39.67 -12.91 -21.45
CA ASP L 353 39.94 -14.37 -21.36
C ASP L 353 41.15 -14.79 -22.20
N SER L 354 41.50 -14.04 -23.24
CA SER L 354 42.69 -14.32 -24.10
C SER L 354 43.97 -14.18 -23.28
N SER L 355 44.02 -13.20 -22.37
CA SER L 355 45.25 -12.74 -21.69
C SER L 355 45.21 -12.96 -20.16
N SER L 356 44.06 -13.23 -19.56
CA SER L 356 43.94 -13.48 -18.11
C SER L 356 44.66 -14.76 -17.69
N SER L 357 45.06 -14.82 -16.43
CA SER L 357 45.63 -16.02 -15.79
C SER L 357 45.33 -16.02 -14.30
N SER L 358 45.67 -17.07 -13.61
CA SER L 358 45.41 -17.19 -12.18
C SER L 358 46.56 -17.94 -11.52
N HIS L 359 46.51 -17.97 -10.21
CA HIS L 359 47.45 -18.73 -9.36
C HIS L 359 46.59 -19.34 -8.28
N CYS L 360 46.87 -20.55 -7.85
CA CYS L 360 46.07 -21.23 -6.80
C CYS L 360 46.33 -20.61 -5.43
N LEU L 361 47.47 -19.95 -5.24
CA LEU L 361 47.90 -19.44 -3.92
C LEU L 361 47.93 -17.91 -3.88
N ASP L 362 48.26 -17.23 -4.95
CA ASP L 362 48.53 -15.76 -4.87
C ASP L 362 47.53 -14.94 -5.68
N PRO L 363 47.33 -13.66 -5.33
CA PRO L 363 46.58 -12.76 -6.17
C PRO L 363 47.33 -12.71 -7.50
N ASN L 364 46.60 -12.79 -8.58
CA ASN L 364 47.20 -12.87 -9.93
C ASN L 364 47.73 -11.51 -10.40
N ASN L 365 47.51 -10.42 -9.67
CA ASN L 365 47.99 -9.03 -9.96
C ASN L 365 47.37 -8.40 -11.21
N GLU L 366 46.88 -9.19 -12.16
CA GLU L 366 46.25 -8.70 -13.40
C GLU L 366 45.00 -7.92 -13.05
N GLU L 367 44.95 -6.60 -13.31
CA GLU L 367 43.78 -5.76 -12.95
C GLU L 367 43.29 -6.13 -11.54
N GLY L 368 44.23 -6.29 -10.61
CA GLY L 368 43.94 -6.80 -9.26
C GLY L 368 42.98 -5.92 -8.51
N GLY L 369 43.30 -4.63 -8.43
CA GLY L 369 42.56 -3.61 -7.65
C GLY L 369 41.11 -3.49 -8.04
N HIS L 370 40.28 -3.15 -7.06
CA HIS L 370 38.81 -3.11 -7.12
C HIS L 370 38.26 -4.50 -7.43
N GLY L 371 36.96 -4.63 -7.48
CA GLY L 371 36.34 -5.95 -7.63
C GLY L 371 34.84 -5.85 -7.56
N VAL L 372 34.20 -7.01 -7.58
CA VAL L 372 32.73 -7.07 -7.43
C VAL L 372 32.43 -8.33 -6.65
N LYS L 373 31.39 -8.30 -5.83
CA LYS L 373 31.02 -9.48 -5.05
C LYS L 373 30.51 -10.51 -6.05
N GLY L 374 31.02 -11.73 -5.93
CA GLY L 374 30.62 -12.79 -6.87
C GLY L 374 30.68 -14.11 -6.20
N TRP L 375 30.74 -15.17 -6.95
CA TRP L 375 30.69 -16.52 -6.37
C TRP L 375 31.33 -17.49 -7.36
N ALA L 376 31.57 -18.69 -6.85
CA ALA L 376 32.01 -19.86 -7.60
C ALA L 376 31.85 -21.04 -6.69
N PHE L 377 31.75 -22.25 -7.21
CA PHE L 377 31.76 -23.43 -6.33
C PHE L 377 32.38 -24.63 -7.01
N ASP L 378 32.93 -25.50 -6.20
CA ASP L 378 33.60 -26.70 -6.72
C ASP L 378 32.56 -27.76 -7.11
N ASP L 379 32.91 -28.50 -8.14
CA ASP L 379 32.18 -29.67 -8.64
C ASP L 379 33.26 -30.69 -8.98
N GLY L 380 33.80 -31.34 -7.95
CA GLY L 380 35.05 -32.10 -8.09
C GLY L 380 36.16 -31.14 -8.44
N ASN L 381 36.85 -31.32 -9.56
CA ASN L 381 37.92 -30.40 -10.01
C ASN L 381 37.34 -29.29 -10.88
N ASP L 382 36.13 -29.45 -11.40
CA ASP L 382 35.52 -28.40 -12.25
C ASP L 382 35.02 -27.28 -11.35
N VAL L 383 34.97 -26.06 -11.84
CA VAL L 383 34.42 -24.96 -11.02
C VAL L 383 33.26 -24.30 -11.76
N TRP L 384 32.11 -24.27 -11.13
CA TRP L 384 30.99 -23.44 -11.59
C TRP L 384 31.24 -22.00 -11.14
N MET L 385 30.99 -21.04 -11.96
CA MET L 385 31.19 -19.67 -11.50
C MET L 385 30.41 -18.68 -12.35
N GLY L 386 30.14 -17.53 -11.79
CA GLY L 386 29.36 -16.49 -12.45
C GLY L 386 30.14 -15.20 -12.42
N ARG L 387 30.05 -14.44 -13.50
CA ARG L 387 30.79 -13.18 -13.58
C ARG L 387 30.13 -12.21 -14.53
N THR L 388 30.47 -10.95 -14.42
CA THR L 388 29.93 -9.95 -15.35
C THR L 388 30.46 -10.30 -16.73
N ILE L 389 29.68 -10.06 -17.77
CA ILE L 389 30.15 -10.40 -19.15
C ILE L 389 31.23 -9.42 -19.57
N ASN L 390 31.10 -8.18 -19.17
CA ASN L 390 32.11 -7.15 -19.48
C ASN L 390 33.24 -7.29 -18.46
N GLU L 391 34.47 -6.88 -18.81
CA GLU L 391 35.63 -7.01 -17.89
C GLU L 391 36.05 -5.65 -17.29
N THR L 392 35.35 -4.56 -17.55
CA THR L 392 35.74 -3.23 -17.02
C THR L 392 34.56 -2.47 -16.43
N SER L 393 33.38 -3.07 -16.44
CA SER L 393 32.12 -2.49 -15.90
C SER L 393 31.19 -3.66 -15.57
N ARG L 394 30.19 -3.45 -14.75
CA ARG L 394 29.35 -4.56 -14.28
C ARG L 394 28.20 -4.75 -15.26
N LEU L 395 28.48 -4.69 -16.56
CA LEU L 395 27.43 -4.95 -17.58
C LEU L 395 27.35 -6.47 -17.85
N GLY L 396 26.13 -6.92 -18.05
CA GLY L 396 25.83 -8.32 -18.32
C GLY L 396 26.09 -9.19 -17.13
N TYR L 397 25.80 -10.48 -17.30
CA TYR L 397 26.14 -11.52 -16.34
C TYR L 397 26.07 -12.88 -17.04
N GLU L 398 27.03 -13.74 -16.82
CA GLU L 398 27.12 -15.09 -17.41
C GLU L 398 27.54 -16.09 -16.35
N THR L 399 27.23 -17.34 -16.54
CA THR L 399 27.75 -18.41 -15.67
C THR L 399 28.29 -19.53 -16.55
N PHE L 400 29.21 -20.33 -16.02
CA PHE L 400 29.77 -21.47 -16.77
C PHE L 400 30.53 -22.39 -15.88
N LYS L 401 30.82 -23.56 -16.40
CA LYS L 401 31.63 -24.59 -15.72
C LYS L 401 32.99 -24.53 -16.37
N VAL L 402 34.06 -24.49 -15.60
CA VAL L 402 35.43 -24.52 -16.17
C VAL L 402 35.98 -25.87 -15.84
N ILE L 403 36.39 -26.63 -16.86
CA ILE L 403 36.85 -28.04 -16.64
C ILE L 403 38.18 -27.97 -15.88
N GLU L 404 38.26 -28.68 -14.76
CA GLU L 404 39.43 -28.65 -13.83
C GLU L 404 39.75 -27.23 -13.34
N GLY L 405 38.92 -26.22 -13.54
CA GLY L 405 39.24 -24.83 -13.14
C GLY L 405 39.27 -24.61 -11.63
N TRP L 406 38.95 -25.60 -10.81
CA TRP L 406 39.15 -25.46 -9.35
C TRP L 406 40.56 -25.89 -8.96
N SER L 407 41.11 -26.92 -9.61
CA SER L 407 42.42 -27.52 -9.27
C SER L 407 43.56 -27.00 -10.15
N ASN L 408 43.29 -26.67 -11.39
CA ASN L 408 44.33 -26.36 -12.39
C ASN L 408 44.41 -24.85 -12.63
N PRO L 409 45.57 -24.19 -12.39
CA PRO L 409 45.68 -22.75 -12.58
C PRO L 409 45.65 -22.31 -14.05
N LYS L 410 45.86 -23.24 -14.99
CA LYS L 410 46.04 -22.92 -16.43
C LYS L 410 44.78 -23.19 -17.23
N SER L 411 43.76 -23.84 -16.65
CA SER L 411 42.53 -24.24 -17.39
C SER L 411 41.72 -23.04 -17.90
N LYS L 412 41.27 -23.10 -19.15
CA LYS L 412 40.28 -22.15 -19.71
C LYS L 412 39.22 -22.87 -20.54
N LEU L 413 39.03 -24.18 -20.32
CA LEU L 413 37.96 -24.93 -21.00
C LEU L 413 36.64 -24.61 -20.31
N GLN L 414 35.92 -23.59 -20.77
CA GLN L 414 34.53 -23.42 -20.28
C GLN L 414 33.56 -24.33 -21.05
N ILE L 415 32.45 -24.67 -20.40
CA ILE L 415 31.33 -25.46 -20.94
C ILE L 415 30.06 -25.04 -20.18
N ASN L 416 28.89 -25.30 -20.72
CA ASN L 416 27.60 -24.98 -20.07
C ASN L 416 27.49 -23.48 -19.78
N ARG L 417 27.97 -22.61 -20.65
CA ARG L 417 27.73 -21.16 -20.48
C ARG L 417 26.23 -20.86 -20.47
N GLN L 418 25.83 -19.89 -19.66
CA GLN L 418 24.46 -19.32 -19.70
C GLN L 418 24.53 -17.83 -19.55
N VAL L 419 23.99 -17.08 -20.48
CA VAL L 419 23.78 -15.65 -20.23
C VAL L 419 22.58 -15.57 -19.29
N ILE L 420 22.69 -14.72 -18.28
CA ILE L 420 21.64 -14.49 -17.28
C ILE L 420 21.12 -13.09 -17.49
N VAL L 421 22.01 -12.17 -17.77
CA VAL L 421 21.67 -10.80 -18.17
C VAL L 421 22.57 -10.50 -19.35
N ASP L 422 22.06 -10.08 -20.47
CA ASP L 422 22.91 -9.91 -21.66
C ASP L 422 23.90 -8.74 -21.45
N ARG L 423 24.97 -8.70 -22.24
CA ARG L 423 26.05 -7.69 -22.14
C ARG L 423 25.56 -6.23 -22.25
N GLY L 424 24.32 -5.95 -22.61
CA GLY L 424 23.81 -4.58 -22.71
C GLY L 424 23.17 -4.11 -21.42
N ASN L 425 22.86 -5.02 -20.51
CA ASN L 425 22.04 -4.73 -19.30
C ASN L 425 22.89 -4.86 -18.03
N ARG L 426 22.75 -3.90 -17.12
CA ARG L 426 23.55 -3.79 -15.87
C ARG L 426 23.27 -4.94 -14.93
N SER L 427 24.31 -5.38 -14.24
CA SER L 427 24.18 -6.34 -13.13
C SER L 427 24.68 -5.65 -11.85
N GLY L 428 25.59 -6.28 -11.13
CA GLY L 428 25.99 -5.84 -9.79
C GLY L 428 26.45 -7.05 -9.03
N TYR L 429 26.18 -7.05 -7.74
CA TYR L 429 26.62 -8.16 -6.88
C TYR L 429 25.93 -9.43 -7.31
N SER L 430 26.45 -10.52 -6.85
CA SER L 430 25.81 -11.82 -7.03
C SER L 430 26.29 -12.71 -5.91
N GLY L 431 25.51 -13.69 -5.54
CA GLY L 431 25.90 -14.51 -4.39
C GLY L 431 25.26 -15.84 -4.39
N ILE L 432 26.05 -16.87 -4.15
CA ILE L 432 25.49 -18.22 -4.03
C ILE L 432 24.63 -18.26 -2.75
N PHE L 433 23.56 -19.05 -2.78
CA PHE L 433 22.87 -19.50 -1.57
C PHE L 433 22.51 -20.94 -1.74
N SER L 434 22.33 -21.64 -0.68
CA SER L 434 22.18 -23.09 -0.74
C SER L 434 20.81 -23.47 -0.23
N VAL L 435 20.19 -24.40 -0.90
CA VAL L 435 18.79 -24.79 -0.61
C VAL L 435 18.80 -26.27 -0.38
N GLU L 436 18.28 -26.72 0.76
CA GLU L 436 18.38 -28.16 1.08
C GLU L 436 17.25 -28.92 0.39
N GLY L 437 17.55 -29.57 -0.73
CA GLY L 437 16.56 -30.39 -1.45
C GLY L 437 16.27 -31.70 -0.74
N LYS L 438 15.55 -32.61 -1.38
CA LYS L 438 15.11 -33.87 -0.75
C LYS L 438 16.34 -34.73 -0.44
N SER L 439 17.33 -34.78 -1.33
CA SER L 439 18.50 -35.68 -1.16
C SER L 439 19.80 -35.07 -1.67
N CYS L 440 19.86 -33.75 -1.86
CA CYS L 440 21.10 -33.04 -2.22
C CYS L 440 20.96 -31.54 -1.95
N ILE L 441 22.07 -30.86 -1.67
CA ILE L 441 22.10 -29.39 -1.44
C ILE L 441 22.19 -28.71 -2.79
N ASN L 442 21.16 -28.01 -3.19
CA ASN L 442 21.21 -27.30 -4.47
C ASN L 442 21.96 -25.98 -4.24
N ARG L 443 22.65 -25.50 -5.24
CA ARG L 443 23.31 -24.18 -5.22
C ARG L 443 22.50 -23.28 -6.11
N CYS L 444 21.95 -22.27 -5.55
CA CYS L 444 21.23 -21.25 -6.31
C CYS L 444 22.12 -20.03 -6.33
N PHE L 445 21.87 -19.08 -7.19
CA PHE L 445 22.60 -17.81 -7.06
C PHE L 445 21.66 -16.68 -7.41
N TYR L 446 22.02 -15.49 -7.00
CA TYR L 446 21.18 -14.30 -7.25
C TYR L 446 22.04 -13.28 -7.97
N VAL L 447 21.43 -12.36 -8.67
CA VAL L 447 22.19 -11.26 -9.27
C VAL L 447 21.45 -9.97 -8.90
N GLU L 448 22.18 -9.06 -8.32
CA GLU L 448 21.68 -7.72 -8.08
C GLU L 448 21.68 -7.03 -9.43
N LEU L 449 20.62 -6.33 -9.76
CA LEU L 449 20.55 -5.64 -11.06
C LEU L 449 20.46 -4.18 -10.72
N ILE L 450 21.61 -3.55 -10.55
CA ILE L 450 21.66 -2.14 -10.09
C ILE L 450 21.15 -1.24 -11.22
N ARG L 451 20.41 -0.20 -10.88
CA ARG L 451 20.00 0.84 -11.84
C ARG L 451 20.14 2.23 -11.21
N GLY L 452 20.22 3.24 -12.06
CA GLY L 452 20.32 4.64 -11.64
C GLY L 452 21.75 5.07 -11.43
N ARG L 453 21.95 6.05 -10.55
CA ARG L 453 23.24 6.73 -10.35
C ARG L 453 24.35 5.75 -9.94
N LYS L 454 25.60 6.02 -10.32
CA LYS L 454 26.03 7.22 -11.07
C LYS L 454 26.14 6.95 -12.58
N GLU L 455 25.97 5.70 -13.01
CA GLU L 455 26.08 5.28 -14.43
C GLU L 455 24.92 5.84 -15.25
N GLU L 456 23.71 5.82 -14.68
CA GLU L 456 22.49 6.27 -15.37
C GLU L 456 22.06 7.59 -14.74
N THR L 457 22.48 8.71 -15.33
CA THR L 457 22.16 10.07 -14.84
C THR L 457 20.69 10.46 -15.06
N GLU L 458 19.89 9.63 -15.74
CA GLU L 458 18.46 9.93 -16.05
C GLU L 458 17.61 10.03 -14.77
N VAL L 459 18.04 9.44 -13.65
CA VAL L 459 17.31 9.48 -12.36
C VAL L 459 18.25 9.95 -11.25
N LEU L 460 17.72 10.40 -10.12
CA LEU L 460 18.55 10.85 -8.98
C LEU L 460 18.85 9.70 -8.03
N TRP L 461 18.14 8.60 -8.10
CA TRP L 461 18.29 7.50 -7.11
C TRP L 461 19.19 6.38 -7.64
N THR L 462 19.55 5.46 -6.77
CA THR L 462 20.28 4.23 -7.14
C THR L 462 19.53 3.13 -6.42
N SER L 463 19.13 2.11 -7.14
CA SER L 463 18.39 1.00 -6.52
C SER L 463 18.71 -0.28 -7.28
N ASN L 464 18.17 -1.39 -6.82
CA ASN L 464 18.41 -2.65 -7.55
C ASN L 464 17.16 -3.50 -7.62
N SER L 465 16.97 -4.21 -8.72
CA SER L 465 16.07 -5.37 -8.78
C SER L 465 16.94 -6.58 -8.43
N ILE L 466 16.35 -7.74 -8.26
CA ILE L 466 17.16 -8.98 -8.32
C ILE L 466 16.53 -9.98 -9.27
N VAL L 467 17.32 -10.96 -9.59
CA VAL L 467 16.89 -12.16 -10.34
C VAL L 467 17.61 -13.29 -9.68
N VAL L 468 16.98 -14.44 -9.64
CA VAL L 468 17.51 -15.59 -8.86
C VAL L 468 17.40 -16.86 -9.69
N PHE L 469 18.42 -17.67 -9.66
CA PHE L 469 18.52 -18.92 -10.45
C PHE L 469 18.88 -20.09 -9.55
N CYS L 470 18.45 -21.28 -9.87
CA CYS L 470 18.83 -22.47 -9.09
C CYS L 470 19.51 -23.53 -9.94
N GLY L 471 20.42 -24.25 -9.34
CA GLY L 471 21.07 -25.36 -10.04
C GLY L 471 20.07 -26.41 -10.40
N THR L 472 20.23 -26.99 -11.58
CA THR L 472 19.30 -28.01 -12.08
C THR L 472 20.08 -29.19 -12.62
N SER L 473 19.65 -30.39 -12.28
CA SER L 473 20.19 -31.63 -12.90
C SER L 473 19.53 -31.82 -14.26
N GLY L 474 18.30 -31.33 -14.40
CA GLY L 474 17.48 -31.39 -15.61
C GLY L 474 17.95 -30.41 -16.65
N THR L 475 17.40 -30.50 -17.86
CA THR L 475 17.76 -29.55 -18.95
C THR L 475 17.14 -28.18 -18.67
N TYR L 476 17.65 -27.23 -19.41
CA TYR L 476 17.23 -25.83 -19.32
C TYR L 476 17.51 -25.19 -20.68
N GLY L 477 16.98 -24.01 -20.90
CA GLY L 477 17.08 -23.41 -22.25
C GLY L 477 17.91 -22.16 -22.20
N THR L 478 17.43 -21.06 -22.76
CA THR L 478 18.14 -19.78 -22.81
C THR L 478 17.16 -18.64 -22.57
N GLY L 479 17.70 -17.46 -22.32
CA GLY L 479 16.97 -16.21 -22.13
C GLY L 479 17.91 -15.08 -21.76
N SER L 480 17.36 -14.04 -21.17
CA SER L 480 18.08 -12.90 -20.57
C SER L 480 17.06 -12.22 -19.71
N TRP L 481 17.31 -12.08 -18.42
CA TRP L 481 16.31 -11.54 -17.49
C TRP L 481 16.83 -10.26 -16.85
N PRO L 482 16.96 -9.18 -17.62
CA PRO L 482 17.49 -7.94 -17.10
C PRO L 482 16.51 -7.29 -16.12
N ASP L 483 16.92 -6.19 -15.56
CA ASP L 483 16.10 -5.42 -14.61
C ASP L 483 14.77 -5.07 -15.29
N GLY L 484 14.81 -4.40 -16.42
CA GLY L 484 13.59 -4.18 -17.22
C GLY L 484 12.94 -2.81 -17.01
N ALA L 485 13.41 -1.96 -16.13
CA ALA L 485 12.78 -0.64 -15.92
C ALA L 485 13.21 0.31 -17.04
N ASP L 486 12.34 1.26 -17.40
CA ASP L 486 12.69 2.32 -18.36
C ASP L 486 12.94 3.61 -17.59
N LEU L 487 14.20 3.90 -17.31
CA LEU L 487 14.54 5.10 -16.51
C LEU L 487 14.27 6.38 -17.29
N ASN L 488 13.99 6.33 -18.59
CA ASN L 488 13.66 7.59 -19.32
C ASN L 488 12.28 8.09 -18.92
N LEU L 489 11.43 7.20 -18.40
CA LEU L 489 10.00 7.48 -18.13
C LEU L 489 9.73 7.71 -16.64
N MET L 490 10.31 6.91 -15.76
CA MET L 490 9.86 6.91 -14.34
C MET L 490 10.41 8.11 -13.57
N PRO L 491 9.99 8.32 -12.28
CA PRO L 491 10.36 9.50 -11.50
C PRO L 491 11.87 9.79 -11.35
N ILE L 492 12.26 10.99 -11.79
CA ILE L 492 13.66 11.48 -11.80
C ILE L 492 14.03 11.90 -10.38
C1 NAG M . -20.22 -25.59 25.77
C2 NAG M . -20.54 -26.79 26.63
C3 NAG M . -19.44 -26.88 27.70
C4 NAG M . -18.04 -26.88 27.09
C5 NAG M . -17.88 -25.79 26.05
C6 NAG M . -16.58 -25.89 25.25
C7 NAG M . -22.93 -27.28 26.85
C8 NAG M . -24.23 -26.96 27.52
N2 NAG M . -21.84 -26.63 27.25
O3 NAG M . -19.59 -28.02 28.55
O4 NAG M . -17.11 -26.56 28.16
O5 NAG M . -18.96 -25.80 25.13
O6 NAG M . -16.41 -24.68 24.48
O7 NAG M . -22.88 -28.11 25.97
C1 NAG M . -16.26 -27.63 28.61
C2 NAG M . -14.96 -27.03 29.17
C3 NAG M . -14.03 -28.13 29.64
C4 NAG M . -14.75 -28.98 30.70
C5 NAG M . -16.11 -29.50 30.17
C6 NAG M . -16.91 -30.23 31.24
C7 NAG M . -14.11 -24.85 28.37
C8 NAG M . -13.36 -24.12 27.29
N2 NAG M . -14.25 -26.18 28.20
O3 NAG M . -12.84 -27.55 30.19
O4 NAG M . -13.91 -30.09 31.17
O5 NAG M . -16.91 -28.43 29.62
O6 NAG M . -17.19 -29.34 32.33
O7 NAG M . -14.55 -24.26 29.34
C1 BMA M . -12.94 -29.79 32.22
C2 BMA M . -12.80 -31.03 33.12
C3 BMA M . -11.80 -30.74 34.25
C4 BMA M . -10.44 -30.33 33.71
C5 BMA M . -10.60 -29.16 32.70
C6 BMA M . -9.29 -28.81 31.96
O2 BMA M . -12.38 -32.14 32.33
O3 BMA M . -11.64 -31.87 35.15
O4 BMA M . -9.58 -30.00 34.82
O5 BMA M . -11.63 -29.43 31.72
O6 BMA M . -9.54 -27.76 31.02
C1 NAG N . -20.49 11.06 -11.22
C2 NAG N . -19.88 11.91 -12.31
C3 NAG N . -20.91 12.79 -12.99
C4 NAG N . -22.19 12.04 -13.37
C5 NAG N . -22.69 11.15 -12.24
C6 NAG N . -23.85 10.24 -12.71
C7 NAG N . -17.58 12.37 -11.67
C8 NAG N . -16.56 13.48 -11.40
N2 NAG N . -18.83 12.77 -11.79
O3 NAG N . -20.38 13.42 -14.17
O4 NAG N . -23.18 13.05 -13.70
O5 NAG N . -21.63 10.33 -11.71
O6 NAG N . -23.30 9.12 -13.44
O7 NAG N . -17.23 11.20 -11.81
C1 NAG N . -23.63 13.03 -15.08
C2 NAG N . -24.78 14.03 -15.26
C3 NAG N . -25.24 14.05 -16.72
C4 NAG N . -24.05 14.30 -17.65
C5 NAG N . -22.89 13.32 -17.38
C6 NAG N . -21.64 13.64 -18.20
C7 NAG N . -26.54 14.58 -13.63
C8 NAG N . -27.38 13.99 -12.52
N2 NAG N . -25.86 13.69 -14.35
O3 NAG N . -26.22 15.07 -16.95
O4 NAG N . -24.49 14.18 -19.04
O5 NAG N . -22.55 13.30 -15.98
O6 NAG N . -21.21 14.98 -17.90
O7 NAG N . -26.47 15.79 -13.84
C1 BMA N . -24.39 15.40 -19.80
C2 BMA N . -24.50 15.06 -21.29
C3 BMA N . -24.49 16.31 -22.18
C4 BMA N . -25.50 17.38 -21.71
C5 BMA N . -25.39 17.61 -20.20
C6 BMA N . -26.50 18.55 -19.68
O2 BMA N . -25.71 14.30 -21.50
O3 BMA N . -24.78 15.93 -23.54
O4 BMA N . -25.30 18.61 -22.43
O5 BMA N . -25.42 16.35 -19.48
O6 BMA N . -26.88 18.21 -18.35
C1 MAN N . -27.93 19.04 -17.80
C2 MAN N . -28.20 18.65 -16.33
C3 MAN N . -28.81 17.24 -16.28
C4 MAN N . -30.12 17.21 -17.05
C5 MAN N . -29.91 17.74 -18.49
C6 MAN N . -31.24 17.91 -19.26
O2 MAN N . -29.07 19.64 -15.76
O3 MAN N . -28.94 16.75 -14.93
O4 MAN N . -30.64 15.86 -17.06
O5 MAN N . -29.17 18.99 -18.50
O6 MAN N . -31.67 16.65 -19.80
C1 NAG O . -34.51 -16.80 -12.22
C2 NAG O . -34.92 -16.76 -13.68
C3 NAG O . -35.11 -18.13 -14.28
C4 NAG O . -33.89 -18.98 -14.01
C5 NAG O . -33.56 -19.01 -12.53
C6 NAG O . -32.26 -19.78 -12.32
C7 NAG O . -36.07 -14.63 -14.14
C8 NAG O . -37.38 -13.96 -14.42
N2 NAG O . -36.13 -15.95 -13.85
O3 NAG O . -35.25 -18.01 -15.71
O4 NAG O . -34.17 -20.34 -14.45
O5 NAG O . -33.41 -17.70 -11.98
O6 NAG O . -31.23 -19.17 -13.09
O7 NAG O . -34.98 -14.04 -14.20
C1 NAG O . -33.33 -20.80 -15.54
C2 NAG O . -33.38 -22.30 -15.59
C3 NAG O . -32.68 -22.86 -16.83
C4 NAG O . -33.11 -22.17 -18.09
C5 NAG O . -33.05 -20.65 -17.95
C6 NAG O . -33.63 -19.90 -19.15
C7 NAG O . -33.41 -23.50 -13.47
C8 NAG O . -32.54 -24.23 -12.47
N2 NAG O . -32.73 -22.89 -14.42
O3 NAG O . -32.97 -24.28 -16.98
O4 NAG O . -32.21 -22.65 -19.11
O5 NAG O . -33.77 -20.25 -16.77
O6 NAG O . -32.59 -19.83 -20.15
O7 NAG O . -34.65 -23.55 -13.47
C1 BMA O . -32.88 -23.00 -20.32
C2 BMA O . -31.94 -22.88 -21.50
C3 BMA O . -32.80 -23.00 -22.76
C4 BMA O . -33.50 -24.34 -22.79
C5 BMA O . -34.27 -24.59 -21.50
C6 BMA O . -34.65 -26.04 -21.37
O2 BMA O . -30.93 -23.92 -21.34
O3 BMA O . -31.89 -22.85 -23.84
O4 BMA O . -34.32 -24.39 -23.93
O5 BMA O . -33.48 -24.34 -20.31
O6 BMA O . -35.64 -26.18 -20.32
C1 MAN O . -32.45 -22.07 -24.88
C2 MAN O . -31.58 -22.18 -26.13
C3 MAN O . -30.30 -21.40 -25.93
C4 MAN O . -30.63 -19.93 -25.62
C5 MAN O . -31.40 -19.92 -24.29
C6 MAN O . -31.81 -18.50 -23.89
O2 MAN O . -32.40 -21.61 -27.17
O3 MAN O . -29.49 -21.57 -27.09
O4 MAN O . -29.45 -19.11 -25.59
O5 MAN O . -32.57 -20.71 -24.45
O6 MAN O . -32.71 -18.56 -22.77
C1 MAN O . -32.31 -22.20 -28.47
C2 MAN O . -33.24 -21.41 -29.40
C3 MAN O . -34.70 -21.67 -29.01
C4 MAN O . -34.99 -23.17 -29.03
C5 MAN O . -34.00 -23.97 -28.19
C6 MAN O . -34.18 -25.48 -28.38
O2 MAN O . -33.02 -21.75 -30.78
O3 MAN O . -35.58 -20.98 -29.89
O4 MAN O . -36.34 -23.41 -28.56
O5 MAN O . -32.64 -23.60 -28.49
O6 MAN O . -33.83 -25.91 -29.71
C1 MAN O . -36.98 -26.03 -20.85
C2 MAN O . -37.97 -26.19 -19.69
C3 MAN O . -37.87 -27.62 -19.13
C4 MAN O . -38.06 -28.66 -20.21
C5 MAN O . -37.22 -28.35 -21.44
C6 MAN O . -37.56 -29.27 -22.59
O2 MAN O . -39.31 -25.90 -20.09
O3 MAN O . -38.85 -27.85 -18.08
O4 MAN O . -37.69 -29.94 -19.65
O5 MAN O . -37.37 -26.98 -21.87
O6 MAN O . -38.91 -28.97 -22.97
C1 MAN O . -38.32 -27.79 -16.73
C2 MAN O . -39.43 -28.20 -15.75
C3 MAN O . -40.53 -27.14 -15.75
C4 MAN O . -40.00 -25.73 -15.47
C5 MAN O . -38.75 -25.38 -16.30
C6 MAN O . -38.03 -24.14 -15.78
O2 MAN O . -38.89 -28.39 -14.43
O3 MAN O . -41.53 -27.48 -14.77
O4 MAN O . -41.03 -24.77 -15.76
O5 MAN O . -37.81 -26.48 -16.39
O6 MAN O . -37.10 -23.66 -16.78
C1 MAN O . -39.34 -29.73 -24.13
C2 MAN O . -40.70 -29.17 -24.61
C3 MAN O . -41.79 -29.52 -23.61
C4 MAN O . -41.77 -31.02 -23.24
C5 MAN O . -40.38 -31.49 -22.82
C6 MAN O . -40.30 -33.00 -22.54
O2 MAN O . -41.07 -29.68 -25.91
O3 MAN O . -43.06 -29.14 -24.15
O4 MAN O . -42.73 -31.27 -22.18
O5 MAN O . -39.42 -31.13 -23.84
O6 MAN O . -39.01 -33.35 -22.00
C1 NAG P . -25.69 -28.17 22.60
C2 NAG P . -27.14 -28.44 23.05
C3 NAG P . -27.14 -29.05 24.45
C4 NAG P . -26.26 -30.29 24.53
C5 NAG P . -24.87 -30.01 23.94
C6 NAG P . -24.00 -31.28 23.78
C7 NAG P . -28.34 -26.64 21.89
C8 NAG P . -29.01 -25.30 21.95
N2 NAG P . -27.93 -27.20 23.04
O3 NAG P . -28.47 -29.38 24.88
O4 NAG P . -26.11 -30.69 25.92
O5 NAG P . -25.00 -29.42 22.66
O6 NAG P . -22.65 -30.90 23.55
O7 NAG P . -28.19 -27.13 20.78
C1 NAG P . -26.47 -32.08 26.21
C2 NAG P . -25.66 -32.64 27.39
C3 NAG P . -25.97 -34.14 27.55
C4 NAG P . -27.48 -34.42 27.65
C5 NAG P . -28.29 -33.63 26.60
C6 NAG P . -29.80 -33.69 26.90
C7 NAG P . -23.52 -31.45 27.57
C8 NAG P . -22.05 -31.45 27.23
N2 NAG P . -24.22 -32.50 27.17
O3 NAG P . -25.27 -34.64 28.70
O4 NAG P . -27.79 -35.84 27.46
O5 NAG P . -27.87 -32.24 26.46
O6 NAG P . -30.09 -32.90 28.06
O7 NAG P . -24.03 -30.52 28.18
C1 BMA P . -27.46 -36.77 28.52
C2 BMA P . -28.50 -37.92 28.49
C3 BMA P . -28.15 -39.08 29.43
C4 BMA P . -26.73 -39.59 29.14
C5 BMA P . -25.71 -38.44 29.19
C6 BMA P . -24.30 -38.87 28.73
O2 BMA P . -28.58 -38.36 27.13
O3 BMA P . -29.08 -40.20 29.38
O4 BMA P . -26.42 -40.62 30.09
O5 BMA P . -26.12 -37.32 28.39
O6 BMA P . -23.37 -37.82 28.99
C1 NAG Q . -43.32 15.30 20.95
C2 NAG Q . -42.89 16.77 20.94
C3 NAG Q . -44.06 17.75 21.08
C4 NAG Q . -45.18 17.42 20.12
C5 NAG Q . -45.58 15.94 20.20
C6 NAG Q . -46.60 15.58 19.10
C7 NAG Q . -40.73 17.59 21.79
C8 NAG Q . -39.89 17.84 23.00
N2 NAG Q . -41.93 17.04 22.00
O3 NAG Q . -43.63 19.10 20.83
O4 NAG Q . -46.33 18.24 20.44
O5 NAG Q . -44.44 15.06 20.08
O6 NAG Q . -46.02 15.84 17.81
O7 NAG Q . -40.33 17.89 20.67
C1 NAG Q . -46.66 19.26 19.48
C2 NAG Q . -48.06 19.84 19.75
C3 NAG Q . -48.40 20.98 18.79
C4 NAG Q . -47.27 22.02 18.72
C5 NAG Q . -45.91 21.35 18.49
C6 NAG Q . -44.74 22.35 18.50
C7 NAG Q . -49.46 18.06 20.73
C8 NAG Q . -50.43 16.94 20.46
N2 NAG Q . -49.06 18.77 19.67
O3 NAG Q . -49.64 21.59 19.18
O4 NAG Q . -47.50 22.98 17.67
O5 NAG Q . -45.68 20.31 19.47
O6 NAG Q . -43.52 21.67 18.17
O7 NAG Q . -49.05 18.30 21.86
C1 NAG R . -32.81 16.26 13.58
C2 NAG R . -32.88 17.61 14.31
C3 NAG R . -33.42 18.67 13.37
C4 NAG R . -32.70 18.70 12.01
C5 NAG R . -32.53 17.29 11.42
C6 NAG R . -31.62 17.27 10.18
C7 NAG R . -33.33 16.84 16.60
C8 NAG R . -34.36 16.62 17.67
N2 NAG R . -33.73 17.50 15.49
O3 NAG R . -33.33 19.98 13.95
O4 NAG R . -33.51 19.47 11.06
O5 NAG R . -32.03 16.36 12.39
O6 NAG R . -30.38 17.91 10.48
O7 NAG R . -32.21 16.38 16.82
C1 NAG R . -32.81 20.53 10.37
C2 NAG R . -33.46 20.86 9.02
C3 NAG R . -32.75 22.03 8.32
C4 NAG R . -32.73 23.26 9.24
C5 NAG R . -32.15 22.90 10.62
C6 NAG R . -32.24 24.07 11.60
C7 NAG R . -34.55 19.02 7.74
C8 NAG R . -34.33 17.85 6.82
N2 NAG R . -33.45 19.69 8.13
O3 NAG R . -33.37 22.35 7.08
O4 NAG R . -31.99 24.34 8.63
O5 NAG R . -32.79 21.73 11.19
O6 NAG R . -31.63 23.72 12.85
O7 NAG R . -35.68 19.30 8.13
C1 NAG S . -8.22 -40.69 -0.13
C2 NAG S . -8.28 -42.14 0.33
C3 NAG S . -9.12 -42.17 1.60
C4 NAG S . -8.55 -41.23 2.66
C5 NAG S . -8.33 -39.85 2.10
C6 NAG S . -7.63 -38.88 3.04
C7 NAG S . -8.18 -43.65 -1.60
C8 NAG S . -8.94 -44.48 -2.60
N2 NAG S . -8.89 -42.98 -0.70
O3 NAG S . -9.29 -43.50 2.11
O4 NAG S . -9.54 -41.08 3.75
O5 NAG S . -7.60 -39.92 0.90
O6 NAG S . -7.65 -37.56 2.44
O7 NAG S . -6.97 -43.61 -1.65
C1 NAG S . -9.45 -42.01 4.85
C2 NAG S . -9.67 -41.24 6.15
C3 NAG S . -9.70 -42.21 7.33
C4 NAG S . -10.88 -43.17 7.14
C5 NAG S . -10.68 -43.94 5.82
C6 NAG S . -11.87 -44.85 5.49
C7 NAG S . -8.95 -38.96 6.73
C8 NAG S . -7.81 -38.08 7.14
N2 NAG S . -8.64 -40.22 6.37
O3 NAG S . -9.76 -41.48 8.57
O4 NAG S . -11.08 -44.11 8.24
O5 NAG S . -10.44 -43.05 4.69
O6 NAG S . -13.01 -44.05 5.16
O7 NAG S . -10.11 -38.55 6.77
C1 BMA S . -11.38 -43.61 9.58
C2 BMA S . -12.38 -44.54 10.28
C3 BMA S . -12.45 -44.31 11.80
C4 BMA S . -11.06 -44.33 12.44
C5 BMA S . -10.22 -43.21 11.77
C6 BMA S . -8.78 -43.01 12.29
O2 BMA S . -11.98 -45.88 9.96
O3 BMA S . -13.35 -45.22 12.48
O4 BMA S . -11.15 -44.18 13.88
O5 BMA S . -10.16 -43.48 10.35
O6 BMA S . -8.23 -41.74 11.89
C1 NAG T . 3.46 3.36 -25.30
C2 NAG T . 3.91 4.80 -25.37
C3 NAG T . 3.99 5.30 -26.81
C4 NAG T . 4.76 4.35 -27.71
C5 NAG T . 4.28 2.90 -27.53
C6 NAG T . 5.17 1.91 -28.32
C7 NAG T . 3.15 5.92 -23.34
C8 NAG T . 2.35 7.11 -22.81
N2 NAG T . 3.02 5.69 -24.64
O3 NAG T . 4.57 6.60 -26.92
O4 NAG T . 4.52 4.80 -29.07
O5 NAG T . 4.28 2.53 -26.15
O6 NAG T . 6.37 1.65 -27.58
O7 NAG T . 3.91 5.28 -22.62
C1 NAG T . 5.70 5.09 -29.84
C2 NAG T . 5.32 5.37 -31.30
C3 NAG T . 6.56 5.66 -32.14
C4 NAG T . 7.46 6.73 -31.50
C5 NAG T . 7.67 6.48 -30.00
C6 NAG T . 8.38 7.66 -29.30
C7 NAG T . 3.25 4.24 -31.99
C8 NAG T . 2.63 2.95 -32.45
N2 NAG T . 4.58 4.24 -31.85
O3 NAG T . 6.13 6.06 -33.45
O4 NAG T . 8.77 6.78 -32.13
O5 NAG T . 6.42 6.22 -29.31
O6 NAG T . 7.53 8.81 -29.31
O7 NAG T . 2.57 5.23 -31.77
C1 BMA T . 8.92 7.59 -33.31
C2 BMA T . 10.38 7.99 -33.51
C3 BMA T . 10.58 8.85 -34.80
C4 BMA T . 9.90 8.21 -36.04
C5 BMA T . 8.50 7.68 -35.71
C6 BMA T . 7.92 6.80 -36.82
O2 BMA T . 11.16 6.79 -33.62
O3 BMA T . 11.98 9.09 -35.02
O4 BMA T . 9.75 9.14 -37.16
O5 BMA T . 8.51 6.90 -34.49
O6 BMA T . 6.72 6.15 -36.36
C1 NAG U . 19.21 -23.61 -26.22
C2 NAG U . 20.41 -23.09 -26.99
C3 NAG U . 21.66 -23.92 -26.74
C4 NAG U . 21.89 -24.06 -25.25
C5 NAG U . 20.67 -24.61 -24.55
C6 NAG U . 20.91 -24.63 -23.05
C7 NAG U . 19.65 -21.88 -28.98
C8 NAG U . 19.54 -21.88 -30.47
N2 NAG U . 20.12 -23.01 -28.42
O3 NAG U . 22.79 -23.23 -27.29
O4 NAG U . 22.99 -24.99 -25.05
O5 NAG U . 19.49 -23.84 -24.82
O6 NAG U . 21.20 -23.30 -22.62
O7 NAG U . 19.39 -20.88 -28.29
C1 NAG U . 24.17 -24.40 -24.42
C2 NAG U . 25.02 -25.52 -23.85
C3 NAG U . 26.36 -25.00 -23.34
C4 NAG U . 27.05 -24.11 -24.33
C5 NAG U . 26.12 -23.04 -24.87
C6 NAG U . 26.73 -22.20 -26.01
C7 NAG U . 23.84 -27.38 -22.84
C8 NAG U . 23.39 -27.96 -21.52
N2 NAG U . 24.32 -26.18 -22.74
O3 NAG U . 27.24 -26.11 -23.05
O4 NAG U . 28.17 -23.54 -23.61
O5 NAG U . 24.91 -23.64 -25.35
O6 NAG U . 27.55 -21.19 -25.40
O7 NAG U . 23.85 -28.01 -23.90
C1 BMA U . 29.38 -23.57 -24.37
C2 BMA U . 30.30 -22.46 -23.91
C3 BMA U . 31.43 -22.38 -24.94
C4 BMA U . 32.19 -23.69 -25.00
C5 BMA U . 31.24 -24.85 -25.23
C6 BMA U . 31.91 -26.17 -24.93
O2 BMA U . 30.76 -22.82 -22.56
O3 BMA U . 32.26 -21.30 -24.49
O4 BMA U . 33.18 -23.61 -25.99
O5 BMA U . 30.10 -24.84 -24.33
O6 BMA U . 31.09 -27.24 -25.46
C1 MAN U . 32.73 -20.50 -25.55
C2 MAN U . 33.77 -19.52 -25.05
C3 MAN U . 33.13 -18.39 -24.27
C4 MAN U . 32.09 -17.69 -25.14
C5 MAN U . 31.00 -18.72 -25.45
C6 MAN U . 29.90 -18.13 -26.34
O2 MAN U . 34.42 -19.03 -26.25
O3 MAN U . 34.16 -17.52 -23.82
O4 MAN U . 31.59 -16.51 -24.50
O5 MAN U . 31.61 -19.82 -26.15
O6 MAN U . 29.03 -19.18 -26.80
C1 MAN U . 35.86 -19.02 -26.26
C2 MAN U . 36.35 -18.46 -27.59
C3 MAN U . 36.16 -19.48 -28.71
C4 MAN U . 36.80 -20.82 -28.31
C5 MAN U . 36.12 -21.30 -27.03
C6 MAN U . 36.54 -22.71 -26.56
O2 MAN U . 37.74 -18.10 -27.50
O3 MAN U . 36.72 -19.00 -29.94
O4 MAN U . 36.67 -21.79 -29.37
O5 MAN U . 36.38 -20.34 -26.00
O6 MAN U . 35.85 -22.98 -25.33
C1 MAN U . 31.45 -27.55 -26.83
C2 MAN U . 30.55 -28.69 -27.30
C3 MAN U . 30.83 -29.96 -26.48
C4 MAN U . 32.31 -30.32 -26.51
C5 MAN U . 33.18 -29.09 -26.24
C6 MAN U . 34.66 -29.41 -26.45
O2 MAN U . 30.70 -28.95 -28.70
O3 MAN U . 30.07 -31.09 -26.97
O4 MAN U . 32.53 -31.34 -25.52
O5 MAN U . 32.80 -27.96 -27.06
O6 MAN U . 34.81 -29.68 -27.86
C1 MAN U . 28.90 -31.42 -26.16
C2 MAN U . 28.29 -32.72 -26.69
C3 MAN U . 27.71 -32.49 -28.09
C4 MAN U . 26.73 -31.31 -28.14
C5 MAN U . 27.24 -30.07 -27.42
C6 MAN U . 26.14 -29.03 -27.17
O2 MAN U . 27.28 -33.22 -25.80
O3 MAN U . 27.06 -33.69 -28.56
O4 MAN U . 26.44 -30.99 -29.51
O5 MAN U . 27.92 -30.36 -26.17
O6 MAN U . 26.73 -27.76 -26.84
C1 MAN U . 36.19 -29.93 -28.22
C2 MAN U . 36.31 -29.96 -29.76
C3 MAN U . 35.63 -31.22 -30.29
C4 MAN U . 36.10 -32.50 -29.57
C5 MAN U . 36.00 -32.34 -28.04
C6 MAN U . 36.55 -33.56 -27.27
O2 MAN U . 37.67 -29.93 -30.21
O3 MAN U . 35.88 -31.32 -31.70
O4 MAN U . 35.33 -33.63 -30.01
O5 MAN U . 36.68 -31.14 -27.62
O6 MAN U . 36.29 -33.42 -25.86
C1 NAG V . -4.13 -43.87 -4.59
C2 NAG V . -4.38 -44.98 -5.61
C3 NAG V . -5.28 -46.04 -5.00
C4 NAG V . -4.67 -46.63 -3.75
C5 NAG V . -4.24 -45.55 -2.75
C6 NAG V . -3.32 -46.14 -1.66
C7 NAG V . -4.27 -43.76 -7.73
C8 NAG V . -4.99 -43.02 -8.83
N2 NAG V . -4.99 -44.41 -6.82
O3 NAG V . -5.55 -47.09 -5.94
O4 NAG V . -5.63 -47.52 -3.11
O5 NAG V . -3.58 -44.46 -3.40
O6 NAG V . -2.86 -45.14 -0.73
O7 NAG V . -3.06 -43.68 -7.70
C1 NAG V . -5.12 -48.81 -2.66
C2 NAG V . -5.89 -49.34 -1.45
C3 NAG V . -5.28 -50.66 -0.97
C4 NAG V . -5.15 -51.70 -2.11
C5 NAG V . -4.52 -51.06 -3.36
C6 NAG V . -4.59 -52.02 -4.57
C7 NAG V . -6.76 -47.40 -0.21
C8 NAG V . -6.54 -46.48 0.97
N2 NAG V . -5.88 -48.38 -0.35
O3 NAG V . -6.04 -51.22 0.12
O4 NAG V . -4.33 -52.82 -1.67
O5 NAG V . -5.11 -49.80 -3.71
O6 NAG V . -5.95 -52.12 -5.03
O7 NAG V . -7.68 -47.24 -1.00
C1 BMA V . -5.01 -54.04 -1.22
C2 BMA V . -4.02 -55.21 -1.34
C3 BMA V . -4.59 -56.52 -0.76
C4 BMA V . -5.06 -56.31 0.68
C5 BMA V . -6.06 -55.14 0.75
C6 BMA V . -6.52 -54.84 2.18
O2 BMA V . -2.82 -54.85 -0.65
O3 BMA V . -3.65 -57.64 -0.83
O4 BMA V . -5.64 -57.52 1.19
O5 BMA V . -5.51 -53.94 0.13
O6 BMA V . -5.42 -54.36 2.98
C1 NAG W . -25.98 -19.69 -38.43
C2 NAG W . -26.73 -18.44 -38.90
C3 NAG W . -27.22 -18.55 -40.34
C4 NAG W . -26.10 -19.03 -41.27
C5 NAG W . -25.41 -20.29 -40.75
C6 NAG W . -24.16 -20.61 -41.60
C7 NAG W . -27.96 -17.16 -37.21
C8 NAG W . -29.20 -17.11 -36.35
N2 NAG W . -27.87 -18.21 -38.03
O3 NAG W . -27.70 -17.26 -40.77
O4 NAG W . -26.61 -19.36 -42.59
O5 NAG W . -25.00 -20.15 -39.39
O6 NAG W . -23.25 -19.51 -41.55
O7 NAG W . -27.10 -16.31 -37.14
C1 NAG W . -26.73 -18.23 -43.50
C2 NAG W . -26.39 -18.66 -44.94
C3 NAG W . -26.61 -17.52 -45.93
C4 NAG W . -27.94 -16.77 -45.70
C5 NAG W . -28.21 -16.47 -44.21
C6 NAG W . -29.62 -15.91 -43.98
C7 NAG W . -24.59 -20.23 -45.62
C8 NAG W . -23.11 -20.52 -45.57
N2 NAG W . -24.99 -19.11 -45.00
O3 NAG W . -26.58 -18.03 -47.28
O4 NAG W . -27.90 -15.54 -46.43
O5 NAG W . -28.05 -17.68 -43.45
O6 NAG W . -29.91 -15.89 -42.57
O7 NAG W . -25.37 -20.98 -46.18
C1 NAG X . -20.30 -10.44 -31.67
C2 NAG X . -21.63 -9.82 -32.10
C3 NAG X . -21.41 -8.87 -33.26
C4 NAG X . -20.28 -7.87 -33.02
C5 NAG X . -19.02 -8.54 -32.43
C6 NAG X . -17.96 -7.54 -31.95
C7 NAG X . -23.16 -11.66 -31.54
C8 NAG X . -23.93 -12.85 -32.04
N2 NAG X . -22.57 -10.87 -32.46
O3 NAG X . -22.60 -8.13 -33.55
O4 NAG X . -19.88 -7.26 -34.27
O5 NAG X . -19.33 -9.42 -31.35
O6 NAG X . -18.55 -6.57 -31.09
O7 NAG X . -23.10 -11.54 -30.32
C1 NAG X . -19.86 -5.81 -34.28
C2 NAG X . -18.87 -5.25 -35.31
C3 NAG X . -18.89 -3.72 -35.30
C4 NAG X . -20.31 -3.20 -35.57
C5 NAG X . -21.31 -3.84 -34.58
C6 NAG X . -22.76 -3.46 -34.90
C7 NAG X . -16.83 -6.56 -35.87
C8 NAG X . -15.43 -6.91 -35.45
N2 NAG X . -17.50 -5.72 -35.07
O3 NAG X . -17.98 -3.19 -36.27
O4 NAG X . -20.37 -1.75 -35.48
O5 NAG X . -21.18 -5.28 -34.55
O6 NAG X . -23.64 -4.01 -33.92
O7 NAG X . -17.33 -7.06 -36.87
C1 NAG Y . 9.77 -18.83 35.69
C2 NAG Y . 9.97 -19.80 36.84
C3 NAG Y . 10.91 -20.92 36.37
C4 NAG Y . 10.40 -21.58 35.10
C5 NAG Y . 10.06 -20.52 34.06
C6 NAG Y . 9.41 -21.07 32.79
C7 NAG Y . 9.91 -18.90 39.12
C8 NAG Y . 10.63 -18.12 40.20
N2 NAG Y . 10.55 -19.10 37.98
O3 NAG Y . 11.15 -21.88 37.39
O4 NAG Y . 11.43 -22.45 34.53
O5 NAG Y . 9.21 -19.53 34.59
O6 NAG Y . 9.37 -20.01 31.82
O7 NAG Y . 8.79 -19.33 39.31
C1 NAG Y . 11.43 -23.85 34.94
C2 NAG Y . 11.89 -24.74 33.78
C3 NAG Y . 11.85 -26.21 34.19
C4 NAG Y . 12.74 -26.45 35.42
C5 NAG Y . 12.39 -25.44 36.54
C6 NAG Y . 13.41 -25.52 37.70
C7 NAG Y . 11.55 -23.91 31.49
C8 NAG Y . 10.65 -23.92 30.28
N2 NAG Y . 11.09 -24.54 32.57
O3 NAG Y . 12.27 -27.03 33.08
O4 NAG Y . 12.63 -27.81 35.96
O5 NAG Y . 12.30 -24.08 36.08
O6 NAG Y . 14.69 -25.08 37.25
O7 NAG Y . 12.64 -23.37 31.47
C1 BMA Y . 13.36 -28.90 35.31
C2 BMA Y . 13.66 -30.01 36.33
C3 BMA Y . 14.34 -31.22 35.69
C4 BMA Y . 13.56 -31.75 34.48
C5 BMA Y . 13.14 -30.61 33.53
C6 BMA Y . 12.07 -31.08 32.53
O2 BMA Y . 12.43 -30.39 36.95
O3 BMA Y . 14.55 -32.31 36.63
O4 BMA Y . 14.36 -32.72 33.77
O5 BMA Y . 12.60 -29.48 34.23
O6 BMA Y . 11.69 -30.03 31.64
C1 NAG Z . -4.45 23.71 9.16
C2 NAG Z . -5.00 24.47 7.98
C3 NAG Z . -5.16 25.95 8.28
C4 NAG Z . -5.84 26.23 9.62
C5 NAG Z . -5.30 25.34 10.74
C6 NAG Z . -6.17 25.48 12.00
C7 NAG Z . -4.18 23.32 5.98
C8 NAG Z . -3.40 23.51 4.69
N2 NAG Z . -4.11 24.34 6.82
O3 NAG Z . -5.90 26.62 7.24
O4 NAG Z . -5.58 27.61 9.92
O5 NAG Z . -5.24 23.97 10.33
O6 NAG Z . -7.34 24.67 11.86
O7 NAG Z . -4.86 22.33 6.19
C1 NAG Z . -6.74 28.47 10.01
C2 NAG Z . -6.30 29.88 10.41
C3 NAG Z . -7.47 30.86 10.44
C4 NAG Z . -8.24 30.82 9.12
C5 NAG Z . -8.61 29.37 8.74
C6 NAG Z . -9.25 29.29 7.34
C7 NAG Z . -4.32 30.08 11.85
C8 NAG Z . -3.76 29.86 13.24
N2 NAG Z . -5.63 29.84 11.71
O3 NAG Z . -7.01 32.20 10.70
O4 NAG Z . -9.43 31.62 9.21
O5 NAG Z . -7.47 28.50 8.77
O6 NAG Z . -8.33 29.81 6.37
O7 NAG Z . -3.60 30.45 10.94
C1 BMA Z . -9.37 32.88 8.49
C2 BMA Z . -10.79 33.38 8.22
C3 BMA Z . -10.77 34.69 7.42
C4 BMA Z . -9.84 35.75 8.06
C5 BMA Z . -8.49 35.16 8.53
C6 BMA Z . -7.68 36.11 9.43
O2 BMA Z . -11.44 33.55 9.49
O3 BMA Z . -12.10 35.22 7.27
O4 BMA Z . -9.59 36.80 7.09
O5 BMA Z . -8.68 33.91 9.21
O6 BMA Z . -6.94 35.32 10.41
C1 MAN Z . -6.03 36.00 11.30
C2 MAN Z . -5.26 34.93 12.12
C3 MAN Z . -6.14 34.38 13.27
C4 MAN Z . -6.77 35.49 14.11
C5 MAN Z . -7.55 36.46 13.19
C6 MAN Z . -8.20 37.63 13.95
O2 MAN Z . -4.01 35.45 12.61
O3 MAN Z . -5.41 33.49 14.13
O4 MAN Z . -7.60 34.89 15.12
O5 MAN Z . -6.69 36.97 12.14
O6 MAN Z . -9.09 38.37 13.09
C1 NAG AA . -19.01 11.08 33.71
C2 NAG AA . -20.26 11.95 33.64
C3 NAG AA . -21.46 11.29 34.29
C4 NAG AA . -21.64 9.91 33.73
C5 NAG AA . -20.37 9.08 33.83
C6 NAG AA . -20.58 7.74 33.16
C7 NAG AA . -19.60 14.31 33.49
C8 NAG AA . -19.52 15.63 34.21
N2 NAG AA . -20.00 13.26 34.24
O3 NAG AA . -22.64 12.05 33.97
O4 NAG AA . -22.70 9.24 34.46
O5 NAG AA . -19.25 9.74 33.25
O6 NAG AA . -20.93 7.96 31.80
O7 NAG AA . -19.36 14.19 32.29
C1 NAG AA . -23.88 8.91 33.69
C2 NAG AA . -24.66 7.84 34.42
C3 NAG AA . -26.02 7.58 33.75
C4 NAG AA . -26.77 8.84 33.46
C5 NAG AA . -25.90 9.86 32.76
C6 NAG AA . -26.57 11.23 32.56
C7 NAG AA . -23.38 6.12 35.55
C8 NAG AA . -22.86 4.70 35.42
N2 NAG AA . -23.91 6.58 34.44
O3 NAG AA . -26.85 6.75 34.62
O4 NAG AA . -27.89 8.42 32.65
O5 NAG AA . -24.69 10.06 33.47
O6 NAG AA . -27.43 11.14 31.40
O7 NAG AA . -23.39 6.75 36.61
C1 BMA AA . -29.12 9.03 33.06
C2 BMA AA . -30.08 9.10 31.90
C3 BMA AA . -31.24 10.00 32.33
C4 BMA AA . -31.94 9.41 33.54
C5 BMA AA . -30.94 9.10 34.65
C6 BMA AA . -31.55 8.18 35.68
O2 BMA AA . -30.48 7.72 31.59
O3 BMA AA . -32.10 10.07 31.21
O4 BMA AA . -32.96 10.27 33.96
O5 BMA AA . -29.78 8.37 34.18
O6 BMA AA . -30.70 8.17 36.85
C1 MAN AA . -32.64 11.36 31.01
C2 MAN AA . -33.73 11.35 29.96
C3 MAN AA . -33.14 11.21 28.57
C4 MAN AA . -32.15 12.35 28.32
C5 MAN AA . -31.01 12.19 29.33
C6 MAN AA . -29.96 13.28 29.18
O2 MAN AA . -34.42 12.61 30.11
O3 MAN AA . -34.23 11.17 27.65
O4 MAN AA . -31.69 12.35 26.95
O5 MAN AA . -31.57 12.26 30.65
O6 MAN AA . -29.05 13.24 30.29
C1 MAN AA . -35.86 12.55 30.14
C2 MAN AA . -36.41 13.98 30.30
C3 MAN AA . -36.19 14.49 31.72
C4 MAN AA . -36.74 13.49 32.73
C5 MAN AA . -36.03 12.16 32.53
C6 MAN AA . -36.37 11.06 33.55
O2 MAN AA . -37.81 14.01 29.99
O3 MAN AA . -36.78 15.78 31.88
O4 MAN AA . -36.58 13.97 34.08
O5 MAN AA . -36.33 11.69 31.20
O6 MAN AA . -35.66 9.87 33.18
C1 MAN AA . -31.07 9.22 37.79
C2 MAN AA . -30.13 9.13 38.99
C3 MAN AA . -30.35 7.80 39.72
C4 MAN AA . -31.81 7.59 40.09
C5 MAN AA . -32.73 7.89 38.92
C6 MAN AA . -34.19 7.87 39.33
O2 MAN AA . -30.31 10.23 39.89
O3 MAN AA . -29.55 7.72 40.94
O4 MAN AA . -31.96 6.23 40.52
O5 MAN AA . -32.42 9.16 38.30
O6 MAN AA . -34.37 8.97 40.24
C1 MAN AA . -28.35 6.91 40.81
C2 MAN AA . -27.70 6.79 42.19
C3 MAN AA . -27.17 8.16 42.63
C4 MAN AA . -26.24 8.79 41.60
C5 MAN AA . -26.79 8.73 40.17
C6 MAN AA . -25.72 9.04 39.11
O2 MAN AA . -26.64 5.82 42.18
O3 MAN AA . -26.48 8.04 43.89
O4 MAN AA . -26.00 10.17 41.95
O5 MAN AA . -27.41 7.46 39.86
O6 MAN AA . -26.35 9.33 37.85
C1 MAN AA . -35.75 9.11 40.66
C2 MAN AA . -35.89 10.45 41.42
C3 MAN AA . -35.17 10.35 42.77
C4 MAN AA . -35.58 9.09 43.56
C5 MAN AA . -35.45 7.82 42.69
C6 MAN AA . -35.94 6.55 43.41
O2 MAN AA . -37.27 10.80 41.64
O3 MAN AA . -35.47 11.53 43.52
O4 MAN AA . -34.77 8.97 44.74
O5 MAN AA . -36.17 7.99 41.46
O6 MAN AA . -35.64 5.38 42.62
C1 NAG BA . 5.74 -16.43 40.69
C2 NAG BA . 6.01 -16.03 42.16
C3 NAG BA . 6.93 -17.06 42.80
C4 NAG BA . 6.39 -18.49 42.65
C5 NAG BA . 6.01 -18.77 41.20
C6 NAG BA . 5.26 -20.10 41.01
C7 NAG BA . 5.87 -13.59 42.03
C8 NAG BA . 6.58 -12.27 41.97
N2 NAG BA . 6.59 -14.69 42.24
O3 NAG BA . 7.15 -16.78 44.20
O4 NAG BA . 7.41 -19.43 43.09
O5 NAG BA . 5.18 -17.73 40.71
O6 NAG BA . 5.23 -20.45 39.62
O7 NAG BA . 4.66 -13.57 41.85
C1 NAG BA . 6.97 -20.41 44.06
C2 NAG BA . 7.75 -21.72 43.93
C3 NAG BA . 7.20 -22.76 44.91
C4 NAG BA . 7.10 -22.23 46.35
C5 NAG BA . 6.47 -20.82 46.40
C6 NAG BA . 6.62 -20.21 47.81
C7 NAG BA . 8.57 -22.00 41.63
C8 NAG BA . 8.30 -22.61 40.28
N2 NAG BA . 7.67 -22.26 42.57
O3 NAG BA . 7.99 -23.96 44.83
O4 NAG BA . 6.34 -23.12 47.19
O5 NAG BA . 7.03 -19.93 45.41
O6 NAG BA . 7.98 -19.83 48.05
O7 NAG BA . 9.56 -21.31 41.83
C1 NAG CA . 25.66 25.69 34.87
C2 NAG CA . 26.36 26.61 33.86
C3 NAG CA . 26.93 27.90 34.46
C4 NAG CA . 25.91 28.59 35.34
C5 NAG CA . 25.24 27.64 36.34
C6 NAG CA . 24.07 28.33 37.07
C7 NAG CA . 27.51 25.69 31.89
C8 NAG CA . 28.71 24.93 31.39
N2 NAG CA . 27.44 25.88 33.20
O3 NAG CA . 27.34 28.81 33.43
O4 NAG CA . 26.61 29.62 36.08
O5 NAG CA . 24.77 26.43 35.74
O6 NAG CA . 23.06 28.68 36.11
O7 NAG CA . 26.67 26.10 31.12
C1 NAG CA . 26.31 31.01 35.76
C2 NAG CA . 26.77 31.91 36.91
C3 NAG CA . 26.58 33.39 36.59
C4 NAG CA . 27.15 33.78 35.23
C5 NAG CA . 26.67 32.79 34.15
C6 NAG CA . 27.31 33.08 32.78
C7 NAG CA . 26.48 30.69 39.04
C8 NAG CA . 25.60 30.43 40.22
N2 NAG CA . 26.04 31.58 38.14
O3 NAG CA . 27.19 34.20 37.61
O4 NAG CA . 26.70 35.12 34.86
O5 NAG CA . 26.93 31.42 34.52
O6 NAG CA . 26.67 32.28 31.78
O7 NAG CA . 27.55 30.11 38.91
C1 BMA CA . 27.58 36.24 35.14
C2 BMA CA . 27.17 37.45 34.28
C3 BMA CA . 27.98 38.70 34.61
C4 BMA CA . 27.92 39.03 36.11
C5 BMA CA . 28.32 37.79 36.93
C6 BMA CA . 28.11 37.99 38.43
O2 BMA CA . 25.77 37.68 34.49
O3 BMA CA . 27.54 39.82 33.80
O4 BMA CA . 28.76 40.15 36.48
O5 BMA CA . 27.57 36.63 36.53
O6 BMA CA . 26.71 37.98 38.73
C1 NAG DA . 19.73 23.82 23.67
C2 NAG DA . 21.03 24.55 23.30
C3 NAG DA . 20.74 26.01 23.02
C4 NAG DA . 19.57 26.22 22.05
C5 NAG DA . 18.36 25.33 22.40
C6 NAG DA . 17.27 25.35 21.31
C7 NAG DA . 22.65 23.24 24.62
C8 NAG DA . 23.46 23.17 25.88
N2 NAG DA . 22.00 24.41 24.38
O3 NAG DA . 21.89 26.66 22.48
O4 NAG DA . 19.13 27.60 22.11
O5 NAG DA . 18.74 23.97 22.64
O6 NAG DA . 17.84 25.07 20.04
O7 NAG DA . 22.61 22.23 23.94
C1 NAG DA . 19.06 28.28 20.83
C2 NAG DA . 18.02 29.42 20.85
C3 NAG DA . 18.01 30.13 19.49
C4 NAG DA . 19.40 30.66 19.12
C5 NAG DA . 20.44 29.52 19.21
C6 NAG DA . 21.87 30.04 19.00
C7 NAG DA . 16.03 29.23 22.31
C8 NAG DA . 14.64 28.65 22.44
N2 NAG DA . 16.68 28.93 21.17
O3 NAG DA . 17.04 31.21 19.51
O4 NAG DA . 19.42 31.26 17.81
O5 NAG DA . 20.35 28.82 20.48
O6 NAG DA . 22.79 28.95 19.03
O7 NAG DA . 16.51 29.90 23.21
C1 NAG EA . 21.75 -33.89 9.79
C2 NAG EA . 22.18 -35.20 10.41
C3 NAG EA . 21.16 -36.27 10.01
C4 NAG EA . 19.73 -35.83 10.36
C5 NAG EA . 19.45 -34.42 9.89
C6 NAG EA . 18.11 -33.86 10.36
C7 NAG EA . 24.58 -35.62 10.73
C8 NAG EA . 25.92 -35.86 10.08
N2 NAG EA . 23.51 -35.54 9.94
O3 NAG EA . 21.48 -37.55 10.55
O4 NAG EA . 18.78 -36.69 9.67
O5 NAG EA . 20.47 -33.55 10.32
O6 NAG EA . 17.88 -32.59 9.70
O7 NAG EA . 24.50 -35.47 11.93
C1 NAG EA . 18.30 -37.83 10.42
C2 NAG EA . 16.86 -38.15 10.01
C3 NAG EA . 16.32 -39.28 10.87
C4 NAG EA . 17.25 -40.51 10.82
C5 NAG EA . 18.73 -40.13 11.01
C6 NAG EA . 19.66 -41.31 10.65
C7 NAG EA . 15.23 -36.56 9.09
C8 NAG EA . 14.28 -35.43 9.39
N2 NAG EA . 15.96 -37.00 10.12
O3 NAG EA . 14.99 -39.61 10.42
O4 NAG EA . 16.89 -41.46 11.86
O5 NAG EA . 19.12 -38.98 10.23
O6 NAG EA . 21.01 -40.97 10.94
O7 NAG EA . 15.33 -37.03 7.97
C1 BMA EA . 15.69 -42.27 11.67
C2 BMA EA . 15.88 -43.59 12.44
C3 BMA EA . 14.63 -44.47 12.40
C4 BMA EA . 13.41 -43.70 12.90
C5 BMA EA . 13.25 -42.39 12.11
C6 BMA EA . 12.12 -41.49 12.63
O2 BMA EA . 16.22 -43.27 13.81
O3 BMA EA . 14.84 -45.67 13.17
O4 BMA EA . 12.22 -44.51 12.78
O5 BMA EA . 14.48 -41.63 12.12
O6 BMA EA . 11.99 -40.30 11.83
C1 NAG FA . 19.54 16.01 -4.95
C2 NAG FA . 18.88 17.35 -5.15
C3 NAG FA . 19.86 18.42 -5.62
C4 NAG FA . 21.16 18.44 -4.82
C5 NAG FA . 21.72 17.04 -4.58
C6 NAG FA . 22.89 17.07 -3.58
C7 NAG FA . 16.59 16.89 -5.83
C8 NAG FA . 15.56 17.13 -6.92
N2 NAG FA . 17.82 17.26 -6.15
O3 NAG FA . 19.28 19.73 -5.57
O4 NAG FA . 22.10 19.23 -5.60
O5 NAG FA . 20.70 16.15 -4.10
O6 NAG FA . 22.37 17.16 -2.23
O7 NAG FA . 16.28 16.44 -4.74
C1 NAG FA . 22.59 20.44 -4.98
C2 NAG FA . 23.64 21.10 -5.90
C3 NAG FA . 24.16 22.39 -5.28
C4 NAG FA . 23.00 23.34 -4.99
C5 NAG FA . 21.90 22.64 -4.15
C6 NAG FA . 20.65 23.51 -3.99
C7 NAG FA . 24.77 19.39 -7.25
C8 NAG FA . 25.93 18.45 -7.35
N2 NAG FA . 24.74 20.18 -6.16
O3 NAG FA . 25.11 23.05 -6.14
O4 NAG FA . 23.49 24.53 -4.31
O5 NAG FA . 21.51 21.37 -4.70
O6 NAG FA . 20.09 23.78 -5.29
O7 NAG FA . 23.91 19.44 -8.12
C1 BMA FA . 23.35 25.75 -5.06
C2 BMA FA . 23.66 26.94 -4.14
C3 BMA FA . 23.56 28.28 -4.88
C4 BMA FA . 24.35 28.29 -6.19
C5 BMA FA . 24.11 27.00 -7.01
C6 BMA FA . 25.08 26.87 -8.20
O2 BMA FA . 24.96 26.76 -3.56
O3 BMA FA . 24.02 29.36 -4.05
O4 BMA FA . 23.98 29.44 -6.97
O5 BMA FA . 24.24 25.82 -6.18
O6 BMA FA . 24.69 25.72 -8.95
C1 NAG GA . 34.70 4.30 19.70
C2 NAG GA . 35.07 5.63 20.33
C3 NAG GA . 35.31 5.51 21.82
C4 NAG GA . 34.13 4.83 22.47
C5 NAG GA . 33.83 3.50 21.82
C6 NAG GA . 32.58 2.90 22.43
C7 NAG GA . 36.09 7.08 18.64
C8 NAG GA . 37.36 7.71 18.15
N2 NAG GA . 36.24 6.21 19.67
O3 NAG GA . 35.41 6.83 22.38
O4 NAG GA . 34.46 4.59 23.87
O5 NAG GA . 33.65 3.62 20.41
O6 NAG GA . 31.50 3.83 22.26
O7 NAG GA . 34.99 7.36 18.19
C1 NAG GA . 33.62 5.30 24.82
C2 NAG GA . 33.74 4.64 26.18
C3 NAG GA . 33.02 5.44 27.26
C4 NAG GA . 33.39 6.90 27.24
C5 NAG GA . 33.27 7.48 25.84
C6 NAG GA . 33.79 8.93 25.72
C7 NAG GA . 33.87 2.22 26.19
C8 NAG GA . 33.06 0.96 26.38
N2 NAG GA . 33.14 3.30 26.14
O3 NAG GA . 33.37 4.92 28.57
O4 NAG GA . 32.48 7.52 28.16
O5 NAG GA . 33.99 6.67 24.90
O6 NAG GA . 32.73 9.79 26.19
O7 NAG GA . 35.10 2.24 26.18
C1 BMA GA . 33.13 8.46 29.03
C2 BMA GA . 32.15 9.51 29.50
C3 BMA GA . 32.97 10.61 30.18
C4 BMA GA . 33.73 10.04 31.35
C5 BMA GA . 34.55 8.82 30.95
C6 BMA GA . 34.99 8.04 32.16
O2 BMA GA . 31.19 8.83 30.39
O3 BMA GA . 32.01 11.59 30.57
O4 BMA GA . 34.52 11.05 31.93
O5 BMA GA . 33.78 7.86 30.18
O6 BMA GA . 36.01 7.10 31.76
C1 MAN GA . 32.48 12.91 30.38
C2 MAN GA . 31.56 13.91 31.04
C3 MAN GA . 30.29 14.07 30.23
C4 MAN GA . 30.63 14.49 28.79
C5 MAN GA . 31.43 13.34 28.18
C6 MAN GA . 31.85 13.65 26.74
O2 MAN GA . 32.31 15.15 31.06
O3 MAN GA . 29.46 15.01 30.93
O4 MAN GA . 29.44 14.82 28.03
O5 MAN GA . 32.61 13.15 28.97
O6 MAN GA . 32.79 12.67 26.29
C1 MAN GA . 32.31 15.86 32.32
C2 MAN GA . 33.14 17.14 32.16
C3 MAN GA . 34.63 16.81 32.10
C4 MAN GA . 35.02 15.95 33.31
C5 MAN GA . 34.19 14.67 33.28
C6 MAN GA . 34.54 13.62 34.34
O2 MAN GA . 32.89 18.05 33.25
O3 MAN GA . 35.41 18.01 32.05
O4 MAN GA . 36.44 15.65 33.31
O5 MAN GA . 32.81 15.04 33.40
O6 MAN GA . 33.65 12.51 34.19
C1 MAN GA . 37.34 7.69 31.84
C2 MAN GA . 38.34 6.62 31.41
C3 MAN GA . 38.33 5.45 32.39
C4 MAN GA . 38.55 5.92 33.82
C5 MAN GA . 37.67 7.12 34.15
C6 MAN GA . 38.02 7.72 35.50
O2 MAN GA . 39.67 7.16 31.27
O3 MAN GA . 39.35 4.47 32.07
O4 MAN GA . 38.25 4.82 34.70
O5 MAN GA . 37.75 8.15 33.13
O6 MAN GA . 39.35 8.26 35.38
C1 MAN GA . 38.85 3.28 31.41
C2 MAN GA . 39.99 2.27 31.27
C3 MAN GA . 41.05 2.81 30.30
C4 MAN GA . 40.46 3.21 28.95
C5 MAN GA . 39.18 4.05 29.06
C6 MAN GA . 38.40 4.14 27.74
O2 MAN GA . 39.51 0.99 30.83
O3 MAN GA . 42.08 1.84 30.12
O4 MAN GA . 41.44 3.95 28.21
O5 MAN GA . 38.29 3.57 30.11
O6 MAN GA . 37.45 5.22 27.81
C1 MAN GA . 39.78 8.92 36.58
C2 MAN GA . 41.10 9.66 36.29
C3 MAN GA . 42.23 8.64 36.09
C4 MAN GA . 42.30 7.60 37.22
C5 MAN GA . 40.92 6.95 37.47
C6 MAN GA . 40.92 5.97 38.66
O2 MAN GA . 41.47 10.55 37.35
O3 MAN GA . 43.47 9.35 35.97
O4 MAN GA . 43.27 6.59 36.91
O5 MAN GA . 39.93 7.98 37.68
O6 MAN GA . 39.66 5.30 38.74
C1 NAG HA . 27.30 -32.09 13.41
C2 NAG HA . 28.76 -32.55 13.42
C3 NAG HA . 28.83 -34.07 13.29
C4 NAG HA . 27.98 -34.77 14.33
C5 NAG HA . 26.56 -34.20 14.30
C6 NAG HA . 25.66 -34.76 15.42
C7 NAG HA . 29.86 -30.63 12.38
C8 NAG HA . 30.43 -29.98 11.16
N2 NAG HA . 29.49 -31.91 12.33
O3 NAG HA . 30.19 -34.55 13.39
O4 NAG HA . 27.94 -36.20 14.07
O5 NAG HA . 26.59 -32.79 14.44
O6 NAG HA . 26.25 -34.47 16.69
O7 NAG HA . 29.73 -29.91 13.37
C1 NAG HA . 28.29 -37.05 15.19
C2 NAG HA . 27.64 -38.43 15.09
C3 NAG HA . 28.01 -39.34 16.26
C4 NAG HA . 29.52 -39.33 16.62
C5 NAG HA . 30.12 -37.90 16.53
C6 NAG HA . 31.66 -37.96 16.62
C7 NAG HA . 25.49 -38.25 13.91
C8 NAG HA . 24.00 -38.14 14.05
N2 NAG HA . 26.18 -38.33 15.05
O3 NAG HA . 27.56 -40.68 15.96
O4 NAG HA . 29.76 -39.83 17.97
O5 NAG HA . 29.72 -37.18 15.34
O6 NAG HA . 32.18 -38.57 15.43
O7 NAG HA . 26.03 -38.27 12.82
C1 BMA HA . 29.50 -41.22 18.24
C2 BMA HA . 30.53 -41.73 19.27
C3 BMA HA . 30.26 -43.19 19.73
C4 BMA HA . 28.81 -43.36 20.20
C5 BMA HA . 27.82 -42.81 19.16
C6 BMA HA . 26.36 -42.80 19.64
O2 BMA HA . 30.49 -40.82 20.38
O3 BMA HA . 31.19 -43.64 20.76
O4 BMA HA . 28.57 -44.76 20.47
O5 BMA HA . 28.18 -41.46 18.76
O6 BMA HA . 25.49 -42.59 18.52
C1 NAG IA . 42.66 -9.41 -24.56
C2 NAG IA . 42.30 -8.66 -25.85
C3 NAG IA . 43.52 -8.41 -26.72
C4 NAG IA . 44.62 -7.78 -25.89
C5 NAG IA . 44.95 -8.53 -24.60
C6 NAG IA . 45.92 -7.71 -23.72
C7 NAG IA . 40.18 -8.93 -27.06
C8 NAG IA . 39.27 -9.88 -27.80
N2 NAG IA . 41.32 -9.44 -26.61
O3 NAG IA . 43.20 -7.54 -27.80
O4 NAG IA . 45.82 -7.76 -26.70
O5 NAG IA . 43.77 -8.83 -23.85
O6 NAG IA . 45.33 -6.44 -23.42
O7 NAG IA . 39.85 -7.77 -26.87
C1 NAG IA . 46.28 -6.43 -26.95
C2 NAG IA . 47.70 -6.48 -27.51
C3 NAG IA . 48.16 -5.10 -27.98
C4 NAG IA . 47.11 -4.48 -28.93
C5 NAG IA . 45.75 -4.42 -28.23
C6 NAG IA . 44.63 -3.80 -29.06
C7 NAG IA . 49.16 -8.23 -26.58
C8 NAG IA . 50.04 -8.63 -25.42
N2 NAG IA . 48.62 -7.00 -26.50
O3 NAG IA . 49.45 -5.24 -28.61
O4 NAG IA . 47.50 -3.15 -29.37
O5 NAG IA . 45.38 -5.76 -27.86
O6 NAG IA . 43.42 -3.77 -28.31
O7 NAG IA . 48.95 -8.98 -27.50
C1 NAG JA . 32.26 -2.90 -21.60
C2 NAG JA . 32.27 -2.89 -23.13
C3 NAG JA . 32.70 -1.54 -23.63
C4 NAG JA . 31.93 -0.39 -22.96
C5 NAG JA . 31.92 -0.54 -21.44
C6 NAG JA . 31.10 0.55 -20.73
C7 NAG JA . 32.82 -5.24 -23.58
C8 NAG JA . 33.89 -6.24 -23.92
N2 NAG JA . 33.15 -3.93 -23.63
O3 NAG JA . 32.54 -1.44 -25.06
O4 NAG JA . 32.57 0.87 -23.28
O5 NAG JA . 31.47 -1.84 -21.05
O6 NAG JA . 29.88 0.82 -21.42
O7 NAG JA . 31.74 -5.72 -23.24
C1 NAG JA . 31.79 1.77 -24.08
C2 NAG JA . 32.22 3.22 -23.79
C3 NAG JA . 31.54 4.21 -24.74
C4 NAG JA . 31.81 3.82 -26.19
C5 NAG JA . 31.30 2.39 -26.42
C6 NAG JA . 31.51 1.90 -27.86
C7 NAG JA . 32.87 4.05 -21.56
C8 NAG JA . 32.42 4.50 -20.21
N2 NAG JA . 31.93 3.61 -22.41
O3 NAG JA . 31.97 5.56 -24.46
O4 NAG JA . 31.18 4.74 -27.11
O5 NAG JA . 31.91 1.45 -25.48
O6 NAG JA . 31.01 0.57 -28.01
O7 NAG JA . 34.06 4.10 -21.87
CA CA KA . -39.99 1.54 11.32
CA CA LA . -0.28 7.32 -4.38
CA CA MA . -10.51 -23.72 -32.47
CA CA NA . 10.51 17.82 36.00
CA CA OA . 40.03 -7.47 -7.78
#